data_7ZQA
#
_entry.id   7ZQA
#
_cell.length_a   1.00
_cell.length_b   1.00
_cell.length_c   1.00
_cell.angle_alpha   90.00
_cell.angle_beta   90.00
_cell.angle_gamma   90.00
#
_symmetry.space_group_name_H-M   'P 1'
#
_entity_poly.entity_id   1
_entity_poly.type   'polypeptide(L)'
_entity_poly.pdbx_seq_one_letter_code
;MDIDPYKEFGATVELLSFLPSDFFPSVRDLLDTASALYREALESPEHCSPHHTALRQAILCWGELMTLATWVGNNLEGSM
ASAATGVRAVPGNENSLEIEELARFAVDEHNKKENALLEFVRVVKAKEQIIIHENDADTMYYLTLEAKDGGKKKLYEAKV
WVKGIMDGLNKYNFKELQEFKPVGDAGGRDPASRDLVVNYVNTNMGLKIRQLLWFHISCLTFGRETVLEYLVSFGVWIRT
PPAYRPPNAPILSTLPETTVVGGSSGGSGGSGGSGGSGGSGGSTMDIDPYKEFGATVELLSFLPSDFFPSVRDLLDTASA
LYREALESPEHCSPHHTALRQAILCWGELMTLATWVGNNLEFAGASDPASRDLVVNYVNTNMGLKIRQLLWFHISCLTFG
RETVLEYLVSFGVWIRTPPAYRPPNAPILSTLPETTVVRRRDRGRSPRRRTPSPRRRRSQSPRRRRSQSRESQC
;
_entity_poly.pdbx_strand_id   A,B,C,D,E,F,G,H,I,J,K,L,M,N,O,P,Q,R
#
# COMPACT_ATOMS: atom_id res chain seq x y z
N MET A 1 4.12 -104.65 71.03
CA MET A 1 2.85 -104.79 70.32
C MET A 1 2.21 -106.14 70.62
N ASP A 2 1.06 -106.10 71.28
CA ASP A 2 0.30 -107.30 71.65
C ASP A 2 -0.92 -107.36 70.72
N ILE A 3 -0.77 -108.06 69.63
CA ILE A 3 -1.76 -108.06 68.56
C ILE A 3 -2.73 -109.23 68.77
N ASP A 4 -4.00 -108.97 68.56
CA ASP A 4 -5.04 -109.97 68.73
C ASP A 4 -5.29 -110.67 67.40
N PRO A 5 -5.43 -112.00 67.39
CA PRO A 5 -5.64 -112.71 66.13
C PRO A 5 -6.98 -112.40 65.48
N TYR A 6 -8.03 -112.45 66.29
CA TYR A 6 -9.38 -112.13 65.84
C TYR A 6 -9.94 -111.02 66.74
N LYS A 7 -9.73 -109.79 66.33
CA LYS A 7 -10.28 -108.65 67.06
C LYS A 7 -11.26 -107.94 66.14
N GLU A 8 -10.98 -108.01 64.84
CA GLU A 8 -11.87 -107.46 63.83
C GLU A 8 -13.09 -108.33 63.60
N PHE A 9 -13.06 -109.58 64.05
CA PHE A 9 -14.18 -110.49 63.91
C PHE A 9 -15.10 -110.49 65.12
N GLY A 10 -14.96 -109.53 66.02
CA GLY A 10 -15.88 -109.40 67.13
C GLY A 10 -15.44 -110.10 68.40
N ALA A 11 -14.87 -111.29 68.26
CA ALA A 11 -14.49 -112.06 69.42
C ALA A 11 -13.20 -111.52 70.03
N THR A 12 -12.82 -112.09 71.17
CA THR A 12 -11.50 -111.90 71.77
C THR A 12 -10.92 -113.27 72.10
N VAL A 13 -9.67 -113.27 72.59
CA VAL A 13 -8.96 -114.51 72.82
C VAL A 13 -9.54 -115.26 74.01
N GLU A 14 -9.95 -114.53 75.05
CA GLU A 14 -10.56 -115.16 76.21
C GLU A 14 -11.98 -115.64 75.92
N LEU A 15 -12.62 -115.17 74.84
CA LEU A 15 -13.95 -115.63 74.52
C LEU A 15 -13.93 -117.06 74.01
N LEU A 16 -12.93 -117.43 73.22
CA LEU A 16 -12.79 -118.81 72.77
C LEU A 16 -12.25 -119.73 73.84
N SER A 17 -11.84 -119.21 74.99
CA SER A 17 -11.52 -120.08 76.11
C SER A 17 -12.75 -120.51 76.88
N PHE A 18 -13.94 -120.03 76.47
CA PHE A 18 -15.18 -120.62 76.95
C PHE A 18 -15.29 -122.07 76.49
N LEU A 19 -15.02 -122.33 75.21
CA LEU A 19 -14.90 -123.68 74.73
C LEU A 19 -13.66 -124.33 75.34
N PRO A 20 -13.71 -125.62 75.64
CA PRO A 20 -12.56 -126.27 76.29
C PRO A 20 -11.39 -126.50 75.35
N SER A 21 -10.35 -127.16 75.84
CA SER A 21 -9.17 -127.38 75.04
C SER A 21 -9.38 -128.47 74.00
N ASP A 22 -10.10 -129.53 74.38
CA ASP A 22 -10.26 -130.70 73.53
C ASP A 22 -11.55 -130.69 72.74
N PHE A 23 -12.28 -129.57 72.73
CA PHE A 23 -13.51 -129.51 71.96
C PHE A 23 -13.22 -129.42 70.46
N PHE A 24 -12.12 -128.84 70.08
CA PHE A 24 -11.86 -128.56 68.68
C PHE A 24 -11.43 -129.83 67.95
N PRO A 25 -11.90 -130.02 66.72
CA PRO A 25 -11.43 -131.15 65.92
C PRO A 25 -9.98 -130.96 65.51
N SER A 26 -9.36 -132.07 65.11
CA SER A 26 -7.96 -132.04 64.74
C SER A 26 -7.75 -131.30 63.43
N VAL A 27 -6.51 -130.85 63.22
CA VAL A 27 -6.16 -130.07 62.04
C VAL A 27 -6.28 -130.88 60.76
N ARG A 28 -6.20 -132.21 60.85
CA ARG A 28 -6.48 -133.04 59.70
C ARG A 28 -7.96 -132.96 59.34
N ASP A 29 -8.84 -132.96 60.34
CA ASP A 29 -10.27 -132.92 60.07
C ASP A 29 -10.75 -131.53 59.67
N LEU A 30 -10.08 -130.49 60.15
CA LEU A 30 -10.52 -129.13 59.86
C LEU A 30 -10.05 -128.68 58.48
N LEU A 31 -8.88 -129.12 58.05
CA LEU A 31 -8.39 -128.76 56.72
C LEU A 31 -9.17 -129.47 55.64
N ASP A 32 -9.72 -130.64 55.92
CA ASP A 32 -10.56 -131.33 54.96
C ASP A 32 -11.97 -130.76 54.89
N THR A 33 -12.38 -129.96 55.87
CA THR A 33 -13.64 -129.26 55.75
C THR A 33 -13.50 -128.07 54.81
N ALA A 34 -12.33 -127.42 54.82
CA ALA A 34 -12.08 -126.30 53.92
C ALA A 34 -11.99 -126.77 52.47
N SER A 35 -11.25 -127.86 52.23
CA SER A 35 -11.07 -128.35 50.88
C SER A 35 -12.33 -128.98 50.31
N ALA A 36 -13.23 -129.43 51.16
CA ALA A 36 -14.49 -129.98 50.66
C ALA A 36 -15.50 -128.90 50.32
N LEU A 37 -15.33 -127.69 50.85
CA LEU A 37 -16.31 -126.64 50.69
C LEU A 37 -15.77 -125.38 50.02
N TYR A 38 -14.56 -124.95 50.35
CA TYR A 38 -14.06 -123.66 49.91
C TYR A 38 -12.76 -123.75 49.13
N ARG A 39 -12.43 -124.93 48.60
CA ARG A 39 -11.21 -125.07 47.82
C ARG A 39 -11.27 -124.28 46.52
N GLU A 40 -12.46 -124.13 45.94
CA GLU A 40 -12.60 -123.30 44.75
C GLU A 40 -12.56 -121.82 45.06
N ALA A 41 -12.75 -121.44 46.31
CA ALA A 41 -12.80 -120.03 46.70
C ALA A 41 -11.57 -119.56 47.46
N LEU A 42 -10.86 -120.46 48.14
CA LEU A 42 -9.63 -120.05 48.80
C LEU A 42 -8.54 -119.78 47.77
N GLU A 43 -8.49 -120.55 46.70
CA GLU A 43 -7.52 -120.37 45.64
C GLU A 43 -7.95 -119.34 44.62
N SER A 44 -9.10 -118.71 44.82
CA SER A 44 -9.55 -117.66 43.92
C SER A 44 -8.70 -116.42 44.10
N PRO A 45 -8.53 -115.62 43.06
CA PRO A 45 -7.73 -114.39 43.18
C PRO A 45 -8.48 -113.20 43.77
N GLU A 46 -9.60 -113.42 44.45
CA GLU A 46 -10.39 -112.32 44.97
C GLU A 46 -10.32 -112.24 46.48
N HIS A 47 -10.87 -111.15 47.01
CA HIS A 47 -10.82 -110.79 48.42
C HIS A 47 -12.09 -111.20 49.15
N CYS A 48 -12.62 -112.39 48.83
CA CYS A 48 -14.03 -112.76 48.99
C CYS A 48 -14.62 -112.45 50.36
N SER A 49 -13.83 -112.59 51.41
CA SER A 49 -14.26 -112.21 52.75
C SER A 49 -13.04 -111.91 53.58
N PRO A 50 -13.18 -111.15 54.67
CA PRO A 50 -12.09 -111.06 55.64
C PRO A 50 -11.80 -112.38 56.32
N HIS A 51 -12.77 -113.30 56.36
CA HIS A 51 -12.49 -114.65 56.85
C HIS A 51 -11.65 -115.42 55.87
N HIS A 52 -11.78 -115.15 54.57
CA HIS A 52 -10.98 -115.87 53.58
C HIS A 52 -9.54 -115.45 53.64
N THR A 53 -9.28 -114.14 53.74
CA THR A 53 -7.92 -113.64 53.88
C THR A 53 -7.28 -114.12 55.18
N ALA A 54 -8.05 -114.24 56.25
CA ALA A 54 -7.52 -114.78 57.48
C ALA A 54 -7.28 -116.27 57.42
N LEU A 55 -7.99 -116.99 56.54
CA LEU A 55 -7.85 -118.43 56.48
C LEU A 55 -6.74 -118.87 55.54
N ARG A 56 -6.42 -118.08 54.53
CA ARG A 56 -5.31 -118.45 53.65
C ARG A 56 -3.97 -118.33 54.35
N GLN A 57 -3.85 -117.43 55.34
CA GLN A 57 -2.61 -117.36 56.10
C GLN A 57 -2.52 -118.52 57.08
N ALA A 58 -3.62 -118.86 57.74
CA ALA A 58 -3.60 -119.88 58.79
C ALA A 58 -3.39 -121.27 58.21
N ILE A 59 -3.80 -121.50 56.96
CA ILE A 59 -3.49 -122.77 56.31
C ILE A 59 -2.01 -122.83 55.99
N LEU A 60 -1.46 -121.75 55.44
CA LEU A 60 -0.05 -121.70 55.11
C LEU A 60 0.84 -121.57 56.35
N CYS A 61 0.30 -121.04 57.45
CA CYS A 61 1.08 -121.02 58.68
C CYS A 61 1.23 -122.42 59.25
N TRP A 62 0.21 -123.26 59.10
CA TRP A 62 0.33 -124.63 59.58
C TRP A 62 1.25 -125.46 58.71
N GLY A 63 1.29 -125.16 57.42
CA GLY A 63 2.21 -125.86 56.54
C GLY A 63 3.65 -125.49 56.81
N GLU A 64 3.92 -124.22 57.12
CA GLU A 64 5.26 -123.81 57.50
C GLU A 64 5.64 -124.38 58.85
N LEU A 65 4.70 -124.43 59.77
CA LEU A 65 5.00 -124.88 61.12
C LEU A 65 5.17 -126.39 61.19
N MET A 66 4.63 -127.13 60.22
CA MET A 66 4.86 -128.56 60.16
C MET A 66 6.16 -128.91 59.46
N THR A 67 6.61 -128.08 58.53
CA THR A 67 7.91 -128.29 57.90
C THR A 67 9.05 -128.10 58.90
N LEU A 68 8.86 -127.20 59.87
CA LEU A 68 9.81 -127.11 60.95
C LEU A 68 9.70 -128.30 61.88
N ALA A 69 8.51 -128.88 62.01
CA ALA A 69 8.34 -130.03 62.87
C ALA A 69 8.83 -131.32 62.22
N THR A 70 8.65 -131.44 60.90
CA THR A 70 9.13 -132.62 60.21
C THR A 70 10.64 -132.64 60.12
N TRP A 71 11.25 -131.46 59.96
CA TRP A 71 12.70 -131.37 59.86
C TRP A 71 13.39 -131.70 61.18
N VAL A 72 12.83 -131.21 62.29
CA VAL A 72 13.47 -131.44 63.58
C VAL A 72 13.25 -132.87 64.06
N GLY A 73 12.28 -133.58 63.49
CA GLY A 73 12.03 -134.96 63.89
C GLY A 73 13.05 -135.94 63.39
N ASN A 74 13.80 -135.58 62.34
CA ASN A 74 14.82 -136.48 61.81
C ASN A 74 16.01 -136.56 62.75
N ASN A 75 16.65 -135.43 63.03
CA ASN A 75 17.76 -135.37 63.97
C ASN A 75 17.19 -135.22 65.38
N LEU A 76 18.06 -134.91 66.35
CA LEU A 76 17.63 -134.65 67.70
C LEU A 76 17.96 -133.21 68.06
N ASP A 195 10.26 -137.18 68.15
CA ASP A 195 10.15 -137.78 69.47
C ASP A 195 9.16 -137.00 70.34
N LEU A 196 9.68 -136.28 71.32
CA LEU A 196 8.86 -135.48 72.22
C LEU A 196 8.51 -134.12 71.64
N VAL A 197 9.00 -133.79 70.45
CA VAL A 197 8.65 -132.53 69.80
C VAL A 197 7.36 -132.67 69.03
N VAL A 198 7.17 -133.82 68.36
CA VAL A 198 6.06 -134.00 67.43
C VAL A 198 4.71 -134.10 68.11
N ASN A 199 4.68 -134.29 69.43
CA ASN A 199 3.43 -134.21 70.18
C ASN A 199 3.33 -132.97 71.04
N TYR A 200 4.45 -132.30 71.32
CA TYR A 200 4.41 -131.03 72.04
C TYR A 200 3.74 -129.94 71.19
N VAL A 201 3.94 -130.00 69.88
CA VAL A 201 3.29 -129.06 68.96
C VAL A 201 1.79 -129.19 69.04
N ASN A 202 1.29 -130.42 69.19
CA ASN A 202 -0.14 -130.66 69.34
C ASN A 202 -0.68 -130.16 70.68
N THR A 203 0.18 -129.89 71.65
CA THR A 203 -0.30 -129.27 72.89
C THR A 203 -0.42 -127.76 72.73
N ASN A 204 0.65 -127.09 72.29
CA ASN A 204 0.69 -125.63 72.27
C ASN A 204 0.39 -125.05 70.89
N MET A 205 1.18 -125.42 69.88
CA MET A 205 1.03 -124.79 68.57
C MET A 205 -0.13 -125.38 67.79
N GLY A 206 -0.44 -126.66 68.02
CA GLY A 206 -1.59 -127.25 67.35
C GLY A 206 -2.91 -126.73 67.88
N LEU A 207 -2.96 -126.41 69.18
CA LEU A 207 -4.19 -125.91 69.77
C LEU A 207 -4.45 -124.48 69.33
N LYS A 208 -3.41 -123.66 69.25
CA LYS A 208 -3.58 -122.27 68.88
C LYS A 208 -3.90 -122.09 67.40
N ILE A 209 -3.68 -123.13 66.59
CA ILE A 209 -4.08 -123.09 65.18
C ILE A 209 -5.38 -123.86 64.95
N ARG A 210 -5.77 -124.73 65.87
CA ARG A 210 -7.07 -125.38 65.75
C ARG A 210 -8.20 -124.39 66.00
N GLN A 211 -8.00 -123.46 66.94
CA GLN A 211 -8.98 -122.41 67.14
C GLN A 211 -8.99 -121.42 65.98
N LEU A 212 -7.84 -121.17 65.37
CA LEU A 212 -7.80 -120.32 64.19
C LEU A 212 -8.42 -121.00 62.98
N LEU A 213 -8.49 -122.32 62.97
CA LEU A 213 -9.13 -123.03 61.89
C LEU A 213 -10.61 -123.29 62.17
N TRP A 214 -10.96 -123.54 63.42
CA TRP A 214 -12.37 -123.77 63.75
C TRP A 214 -13.17 -122.49 63.63
N PHE A 215 -12.58 -121.36 64.01
CA PHE A 215 -13.33 -120.11 64.04
C PHE A 215 -13.65 -119.61 62.65
N HIS A 216 -12.70 -119.74 61.72
CA HIS A 216 -12.91 -119.20 60.40
C HIS A 216 -13.65 -120.15 59.47
N ILE A 217 -13.59 -121.45 59.73
CA ILE A 217 -14.39 -122.40 58.95
C ILE A 217 -15.86 -122.22 59.28
N SER A 218 -16.19 -122.18 60.58
CA SER A 218 -17.58 -122.10 60.99
C SER A 218 -18.17 -120.72 60.74
N CYS A 219 -17.35 -119.67 60.78
CA CYS A 219 -17.86 -118.35 60.44
C CYS A 219 -18.13 -118.23 58.95
N LEU A 220 -17.37 -118.93 58.12
CA LEU A 220 -17.61 -118.93 56.69
C LEU A 220 -18.85 -119.72 56.34
N THR A 221 -19.21 -120.70 57.16
CA THR A 221 -20.33 -121.59 56.89
C THR A 221 -21.64 -121.05 57.47
N PHE A 222 -21.67 -120.80 58.77
CA PHE A 222 -22.89 -120.43 59.47
C PHE A 222 -22.98 -118.93 59.73
N GLY A 223 -22.23 -118.12 59.01
CA GLY A 223 -22.19 -116.70 59.26
C GLY A 223 -21.33 -116.37 60.47
N ARG A 224 -21.08 -115.08 60.68
CA ARG A 224 -20.32 -114.71 61.85
C ARG A 224 -21.19 -114.52 63.08
N GLU A 225 -22.37 -113.92 62.89
CA GLU A 225 -23.21 -113.54 64.01
C GLU A 225 -23.81 -114.75 64.73
N THR A 226 -23.89 -115.90 64.08
CA THR A 226 -24.33 -117.11 64.75
C THR A 226 -23.20 -117.85 65.43
N VAL A 227 -21.96 -117.62 65.02
CA VAL A 227 -20.83 -118.24 65.70
C VAL A 227 -20.45 -117.44 66.93
N LEU A 228 -20.54 -116.11 66.87
CA LEU A 228 -20.38 -115.31 68.07
C LEU A 228 -21.49 -115.59 69.08
N GLU A 229 -22.70 -115.85 68.59
CA GLU A 229 -23.78 -116.29 69.46
C GLU A 229 -23.53 -117.68 70.01
N TYR A 230 -22.78 -118.50 69.27
CA TYR A 230 -22.52 -119.87 69.70
C TYR A 230 -21.57 -119.92 70.89
N LEU A 231 -20.59 -119.00 70.94
CA LEU A 231 -19.60 -119.06 72.02
C LEU A 231 -20.20 -118.65 73.35
N VAL A 232 -21.12 -117.69 73.35
CA VAL A 232 -21.74 -117.26 74.59
C VAL A 232 -22.73 -118.31 75.09
N SER A 233 -23.44 -118.95 74.16
CA SER A 233 -24.35 -120.03 74.51
C SER A 233 -23.62 -121.32 74.88
N PHE A 234 -22.34 -121.44 74.55
CA PHE A 234 -21.53 -122.54 75.05
C PHE A 234 -20.92 -122.21 76.39
N GLY A 235 -20.76 -120.93 76.70
CA GLY A 235 -20.31 -120.55 78.02
C GLY A 235 -21.31 -120.88 79.11
N VAL A 236 -22.60 -120.75 78.81
CA VAL A 236 -23.62 -121.11 79.80
C VAL A 236 -23.82 -122.62 79.88
N TRP A 237 -23.29 -123.39 78.93
CA TRP A 237 -23.37 -124.83 79.02
C TRP A 237 -22.18 -125.43 79.77
N ILE A 238 -21.02 -124.80 79.70
CA ILE A 238 -19.88 -125.28 80.47
C ILE A 238 -20.05 -124.95 81.95
N ARG A 239 -20.54 -123.76 82.26
CA ARG A 239 -20.46 -123.26 83.62
C ARG A 239 -21.52 -123.83 84.54
N THR A 240 -22.58 -124.42 83.99
CA THR A 240 -23.59 -125.03 84.85
C THR A 240 -23.03 -126.33 85.44
N PRO A 241 -23.40 -126.64 86.69
CA PRO A 241 -22.91 -127.88 87.29
C PRO A 241 -23.53 -129.08 86.60
N PRO A 242 -22.86 -130.24 86.63
CA PRO A 242 -23.29 -131.38 85.82
C PRO A 242 -24.62 -132.00 86.25
N ALA A 243 -25.15 -131.66 87.43
CA ALA A 243 -26.46 -132.14 87.80
C ALA A 243 -27.57 -131.47 87.01
N TYR A 244 -27.32 -130.28 86.46
CA TYR A 244 -28.33 -129.55 85.72
C TYR A 244 -27.92 -129.25 84.28
N ARG A 245 -26.72 -129.66 83.85
CA ARG A 245 -26.49 -129.41 82.44
C ARG A 245 -27.06 -130.55 81.61
N PRO A 246 -27.54 -130.25 80.40
CA PRO A 246 -28.08 -131.31 79.56
C PRO A 246 -26.98 -132.19 79.03
N PRO A 247 -27.29 -133.42 78.60
CA PRO A 247 -26.24 -134.29 78.06
C PRO A 247 -25.72 -133.86 76.71
N ASN A 248 -26.48 -133.08 75.94
CA ASN A 248 -26.06 -132.67 74.61
C ASN A 248 -25.49 -131.25 74.64
N ALA A 249 -24.25 -131.11 74.18
CA ALA A 249 -23.67 -129.80 74.00
C ALA A 249 -24.32 -129.11 72.82
N PRO A 250 -24.33 -127.77 72.79
CA PRO A 250 -24.85 -127.08 71.61
C PRO A 250 -23.94 -127.26 70.40
N ILE A 251 -24.56 -127.48 69.24
CA ILE A 251 -23.88 -127.70 67.98
C ILE A 251 -24.41 -126.67 66.98
N LEU A 252 -23.53 -126.22 66.09
CA LEU A 252 -23.91 -125.34 64.99
C LEU A 252 -24.95 -126.02 64.11
N SER A 253 -25.83 -125.20 63.55
CA SER A 253 -27.16 -125.60 63.11
C SER A 253 -27.37 -125.22 61.65
N THR A 254 -28.65 -125.23 61.26
CA THR A 254 -29.10 -124.66 59.99
C THR A 254 -28.55 -123.25 59.79
N LEU A 255 -27.78 -123.09 58.72
CA LEU A 255 -27.09 -121.83 58.44
C LEU A 255 -28.05 -120.72 58.02
N MET A 285 -4.03 -129.70 48.69
CA MET A 285 -4.44 -128.34 48.36
C MET A 285 -3.27 -127.37 48.48
N ASP A 286 -2.90 -126.78 47.35
CA ASP A 286 -1.86 -125.76 47.35
C ASP A 286 -2.46 -124.37 47.16
N ILE A 287 -1.82 -123.39 47.79
CA ILE A 287 -2.38 -122.04 47.85
C ILE A 287 -1.25 -121.05 48.12
N ASP A 288 -1.24 -119.95 47.37
CA ASP A 288 -0.25 -118.92 47.62
C ASP A 288 -0.91 -117.74 48.31
N PRO A 289 -0.25 -117.12 49.29
CA PRO A 289 -0.93 -116.10 50.09
C PRO A 289 -1.01 -114.75 49.41
N TYR A 290 -0.38 -114.58 48.27
CA TYR A 290 -0.34 -113.29 47.59
C TYR A 290 -1.25 -113.24 46.37
N LYS A 291 -2.03 -114.28 46.11
CA LYS A 291 -2.73 -114.39 44.83
C LYS A 291 -3.85 -113.37 44.72
N GLU A 292 -4.53 -113.07 45.82
CA GLU A 292 -5.58 -112.06 45.78
C GLU A 292 -5.03 -110.66 45.67
N PHE A 293 -3.79 -110.44 46.09
CA PHE A 293 -3.13 -109.16 45.95
C PHE A 293 -2.34 -109.06 44.65
N GLY A 294 -2.46 -110.05 43.76
CA GLY A 294 -1.84 -110.01 42.46
C GLY A 294 -0.50 -110.70 42.33
N ALA A 295 0.51 -110.22 43.05
CA ALA A 295 1.90 -110.62 42.77
C ALA A 295 2.20 -111.98 43.36
N THR A 296 2.09 -113.02 42.53
CA THR A 296 2.29 -114.40 42.96
C THR A 296 3.74 -114.65 43.38
N VAL A 297 3.99 -115.86 43.90
CA VAL A 297 5.29 -116.22 44.43
C VAL A 297 6.37 -116.26 43.35
N GLU A 298 6.00 -116.55 42.11
CA GLU A 298 6.95 -116.43 41.01
C GLU A 298 7.30 -114.99 40.68
N LEU A 299 6.49 -114.02 41.09
CA LEU A 299 6.83 -112.60 40.93
C LEU A 299 7.72 -112.09 42.05
N LEU A 300 7.72 -112.73 43.21
CA LEU A 300 8.57 -112.35 44.31
C LEU A 300 9.79 -113.25 44.45
N SER A 301 9.96 -114.21 43.55
CA SER A 301 11.19 -115.00 43.55
C SER A 301 12.34 -114.26 42.90
N PHE A 302 12.05 -113.22 42.12
CA PHE A 302 13.11 -112.45 41.48
C PHE A 302 13.82 -111.54 42.46
N LEU A 303 13.14 -111.13 43.52
CA LEU A 303 13.78 -110.36 44.58
C LEU A 303 14.79 -111.25 45.29
N PRO A 304 16.04 -110.83 45.43
CA PRO A 304 17.07 -111.70 46.00
C PRO A 304 16.90 -111.85 47.49
N SER A 305 17.58 -112.87 48.04
CA SER A 305 17.39 -113.26 49.42
C SER A 305 17.92 -112.24 50.41
N ASP A 306 18.79 -111.33 49.97
CA ASP A 306 19.30 -110.26 50.81
C ASP A 306 18.63 -108.93 50.54
N PHE A 307 17.61 -108.90 49.69
CA PHE A 307 16.88 -107.66 49.47
C PHE A 307 15.98 -107.33 50.64
N PHE A 308 15.43 -108.33 51.27
CA PHE A 308 14.54 -108.08 52.39
C PHE A 308 15.36 -107.83 53.65
N PRO A 309 14.96 -106.87 54.47
CA PRO A 309 15.65 -106.62 55.74
C PRO A 309 15.38 -107.74 56.74
N SER A 310 16.06 -107.65 57.88
CA SER A 310 15.89 -108.65 58.92
C SER A 310 14.50 -108.54 59.53
N VAL A 311 14.04 -109.65 60.10
CA VAL A 311 12.63 -109.77 60.49
C VAL A 311 12.30 -108.90 61.70
N ARG A 312 13.31 -108.45 62.45
CA ARG A 312 13.04 -107.50 63.52
C ARG A 312 12.73 -106.12 62.93
N ASP A 313 13.44 -105.73 61.89
CA ASP A 313 13.21 -104.43 61.26
C ASP A 313 11.91 -104.39 60.48
N LEU A 314 11.38 -105.53 60.07
CA LEU A 314 10.04 -105.55 59.50
C LEU A 314 8.97 -105.53 60.57
N LEU A 315 9.24 -106.17 61.71
CA LEU A 315 8.29 -106.17 62.80
C LEU A 315 8.32 -104.85 63.56
N ASP A 316 9.45 -104.15 63.53
CA ASP A 316 9.50 -102.83 64.13
C ASP A 316 8.79 -101.79 63.28
N THR A 317 8.85 -101.95 61.96
CA THR A 317 8.22 -101.00 61.06
C THR A 317 6.70 -101.08 61.15
N ALA A 318 6.16 -102.28 61.33
CA ALA A 318 4.72 -102.39 61.56
C ALA A 318 4.35 -101.85 62.91
N SER A 319 5.19 -102.09 63.92
CA SER A 319 4.90 -101.61 65.27
C SER A 319 5.18 -100.13 65.44
N ALA A 320 5.79 -99.46 64.46
CA ALA A 320 6.08 -98.04 64.59
C ALA A 320 5.00 -97.16 63.98
N LEU A 321 4.71 -97.31 62.68
CA LEU A 321 3.71 -96.49 62.04
C LEU A 321 2.37 -97.18 61.81
N TYR A 322 2.22 -98.44 62.19
CA TYR A 322 0.96 -99.12 61.97
C TYR A 322 0.44 -99.86 63.20
N ARG A 323 1.00 -99.61 64.38
CA ARG A 323 0.56 -100.30 65.59
C ARG A 323 -0.84 -99.86 65.99
N GLU A 324 -1.17 -98.59 65.77
CA GLU A 324 -2.49 -98.08 66.15
C GLU A 324 -3.61 -98.59 65.27
N ALA A 325 -3.29 -99.16 64.11
CA ALA A 325 -4.31 -99.73 63.24
C ALA A 325 -4.28 -101.25 63.18
N LEU A 326 -3.16 -101.88 63.53
CA LEU A 326 -3.12 -103.33 63.56
C LEU A 326 -3.85 -103.88 64.77
N GLU A 327 -3.77 -103.19 65.89
CA GLU A 327 -4.47 -103.60 67.10
C GLU A 327 -5.91 -103.11 67.16
N SER A 328 -6.34 -102.33 66.18
CA SER A 328 -7.70 -101.83 66.17
C SER A 328 -8.68 -102.97 65.90
N PRO A 329 -9.91 -102.88 66.40
CA PRO A 329 -10.91 -103.91 66.11
C PRO A 329 -11.60 -103.74 64.77
N GLU A 330 -11.03 -102.95 63.88
CA GLU A 330 -11.54 -102.79 62.53
C GLU A 330 -10.55 -103.37 61.53
N HIS A 331 -11.05 -103.73 60.35
CA HIS A 331 -10.19 -104.31 59.33
C HIS A 331 -9.31 -103.25 58.68
N CYS A 332 -9.95 -102.24 58.09
CA CYS A 332 -9.43 -101.03 57.43
C CYS A 332 -8.77 -101.31 56.08
N SER A 333 -8.48 -102.58 55.76
CA SER A 333 -7.82 -103.02 54.53
C SER A 333 -7.69 -104.54 54.53
N PRO A 334 -7.61 -105.18 53.36
CA PRO A 334 -7.22 -106.59 53.34
C PRO A 334 -5.74 -106.81 53.58
N HIS A 335 -4.93 -105.75 53.54
CA HIS A 335 -3.52 -105.89 53.87
C HIS A 335 -3.29 -105.93 55.36
N HIS A 336 -4.16 -105.28 56.13
CA HIS A 336 -4.03 -105.33 57.58
C HIS A 336 -4.41 -106.71 58.09
N THR A 337 -5.49 -107.29 57.56
CA THR A 337 -5.95 -108.61 57.98
C THR A 337 -4.90 -109.67 57.67
N ALA A 338 -4.22 -109.55 56.55
CA ALA A 338 -3.12 -110.45 56.24
C ALA A 338 -1.87 -110.15 57.05
N LEU A 339 -1.79 -108.98 57.68
CA LEU A 339 -0.63 -108.63 58.51
C LEU A 339 -0.84 -108.91 59.97
N ARG A 340 -2.09 -109.07 60.43
CA ARG A 340 -2.33 -109.59 61.76
C ARG A 340 -1.77 -111.00 61.91
N GLN A 341 -2.08 -111.89 60.97
CA GLN A 341 -1.64 -113.27 61.05
C GLN A 341 -0.27 -113.49 60.44
N ALA A 342 0.35 -112.47 59.86
CA ALA A 342 1.74 -112.59 59.45
C ALA A 342 2.70 -112.29 60.58
N ILE A 343 2.20 -111.73 61.68
CA ILE A 343 3.01 -111.46 62.85
C ILE A 343 2.88 -112.58 63.86
N LEU A 344 1.65 -113.03 64.10
CA LEU A 344 1.42 -114.13 65.05
C LEU A 344 1.89 -115.46 64.52
N CYS A 345 2.01 -115.61 63.20
CA CYS A 345 2.64 -116.83 62.67
C CYS A 345 4.12 -116.84 62.97
N TRP A 346 4.76 -115.68 62.95
CA TRP A 346 6.15 -115.61 63.36
C TRP A 346 6.29 -115.79 64.86
N GLY A 347 5.30 -115.33 65.63
CA GLY A 347 5.34 -115.55 67.06
C GLY A 347 5.19 -117.01 67.45
N GLU A 348 4.46 -117.78 66.65
CA GLU A 348 4.38 -119.21 66.90
C GLU A 348 5.65 -119.93 66.47
N LEU A 349 6.30 -119.44 65.42
CA LEU A 349 7.56 -120.04 64.99
C LEU A 349 8.70 -119.73 65.94
N MET A 350 8.68 -118.54 66.54
CA MET A 350 9.70 -118.22 67.53
C MET A 350 9.44 -118.89 68.87
N THR A 351 8.20 -119.27 69.16
CA THR A 351 7.93 -120.03 70.37
C THR A 351 8.45 -121.46 70.24
N LEU A 352 8.37 -122.02 69.02
CA LEU A 352 8.82 -123.38 68.81
C LEU A 352 10.34 -123.46 68.74
N ALA A 353 10.98 -122.50 68.08
CA ALA A 353 12.41 -122.59 67.80
C ALA A 353 13.23 -122.42 69.06
N THR A 354 12.87 -121.44 69.90
CA THR A 354 13.60 -121.25 71.16
C THR A 354 13.25 -122.31 72.19
N TRP A 355 12.15 -123.04 71.99
CA TRP A 355 11.83 -124.16 72.87
C TRP A 355 12.80 -125.31 72.67
N VAL A 356 13.43 -125.41 71.51
CA VAL A 356 14.35 -126.50 71.22
C VAL A 356 15.57 -126.39 72.12
N GLY A 357 15.74 -127.38 72.99
CA GLY A 357 16.73 -127.35 74.04
C GLY A 357 16.16 -127.99 75.28
N VAL A 375 19.12 -126.19 65.51
CA VAL A 375 19.84 -125.18 64.73
C VAL A 375 18.86 -124.10 64.29
N ASN A 376 19.27 -122.84 64.45
CA ASN A 376 18.45 -121.69 64.04
C ASN A 376 18.68 -121.43 62.56
N TYR A 377 18.17 -122.34 61.74
CA TYR A 377 18.24 -122.21 60.30
C TYR A 377 16.97 -121.59 59.74
N VAL A 378 16.01 -121.24 60.61
CA VAL A 378 14.66 -120.90 60.18
C VAL A 378 14.62 -119.61 59.38
N ASN A 379 15.63 -118.75 59.51
CA ASN A 379 15.71 -117.57 58.67
C ASN A 379 16.05 -117.90 57.23
N THR A 380 16.68 -119.05 56.97
CA THR A 380 17.00 -119.44 55.61
C THR A 380 15.78 -119.96 54.87
N ASN A 381 14.92 -120.71 55.55
CA ASN A 381 13.77 -121.34 54.92
C ASN A 381 12.47 -120.64 55.28
N MET A 382 12.14 -120.53 56.56
CA MET A 382 10.83 -120.03 56.98
C MET A 382 10.85 -118.55 57.34
N GLY A 383 11.98 -118.02 57.81
CA GLY A 383 12.06 -116.60 58.05
C GLY A 383 12.10 -115.79 56.78
N LEU A 384 12.65 -116.35 55.71
CA LEU A 384 12.65 -115.65 54.44
C LEU A 384 11.26 -115.59 53.84
N LYS A 385 10.44 -116.63 54.03
CA LYS A 385 9.07 -116.59 53.55
C LYS A 385 8.22 -115.64 54.37
N ILE A 386 8.59 -115.42 55.63
CA ILE A 386 7.91 -114.42 56.45
C ILE A 386 8.36 -113.02 56.04
N ARG A 387 9.65 -112.86 55.75
CA ARG A 387 10.18 -111.55 55.39
C ARG A 387 9.68 -111.08 54.03
N GLN A 388 9.32 -112.01 53.14
CA GLN A 388 8.62 -111.60 51.93
C GLN A 388 7.21 -111.12 52.27
N LEU A 389 6.51 -111.86 53.12
CA LEU A 389 5.15 -111.51 53.50
C LEU A 389 5.10 -110.26 54.36
N LEU A 390 6.17 -109.95 55.08
CA LEU A 390 6.20 -108.73 55.86
C LEU A 390 6.60 -107.53 55.02
N TRP A 391 7.53 -107.71 54.08
CA TRP A 391 7.93 -106.60 53.22
C TRP A 391 6.81 -106.23 52.26
N PHE A 392 6.06 -107.22 51.79
CA PHE A 392 5.05 -106.96 50.78
C PHE A 392 3.86 -106.20 51.37
N HIS A 393 3.38 -106.64 52.52
CA HIS A 393 2.18 -106.04 53.10
C HIS A 393 2.44 -104.70 53.76
N ILE A 394 3.67 -104.44 54.21
CA ILE A 394 4.00 -103.09 54.67
C ILE A 394 4.04 -102.14 53.50
N SER A 395 4.71 -102.53 52.42
CA SER A 395 4.88 -101.66 51.26
C SER A 395 3.58 -101.47 50.48
N CYS A 396 2.62 -102.38 50.60
CA CYS A 396 1.30 -102.11 50.05
C CYS A 396 0.57 -101.06 50.87
N LEU A 397 0.88 -100.95 52.16
CA LEU A 397 0.17 -100.00 53.00
C LEU A 397 0.73 -98.59 52.87
N THR A 398 2.04 -98.43 52.82
CA THR A 398 2.62 -97.10 52.71
C THR A 398 2.62 -96.63 51.25
N PHE A 399 3.32 -97.34 50.38
CA PHE A 399 3.50 -96.89 49.00
C PHE A 399 2.31 -97.20 48.11
N GLY A 400 1.38 -98.04 48.54
CA GLY A 400 0.22 -98.33 47.73
C GLY A 400 0.24 -99.76 47.21
N ARG A 401 -0.94 -100.23 46.81
CA ARG A 401 -1.03 -101.60 46.31
C ARG A 401 -0.52 -101.71 44.90
N GLU A 402 -0.83 -100.74 44.04
CA GLU A 402 -0.44 -100.83 42.65
C GLU A 402 0.96 -100.33 42.37
N THR A 403 1.54 -99.55 43.29
CA THR A 403 2.89 -99.04 43.09
C THR A 403 3.92 -100.13 43.31
N VAL A 404 3.70 -100.99 44.31
CA VAL A 404 4.60 -102.10 44.54
C VAL A 404 4.42 -103.18 43.47
N LEU A 405 3.25 -103.23 42.82
CA LEU A 405 3.06 -104.18 41.73
C LEU A 405 3.89 -103.79 40.52
N GLU A 406 3.83 -102.52 40.11
CA GLU A 406 4.63 -102.08 38.98
C GLU A 406 6.10 -101.97 39.33
N TYR A 407 6.45 -101.94 40.61
CA TYR A 407 7.85 -102.01 41.00
C TYR A 407 8.36 -103.43 40.92
N LEU A 408 7.50 -104.41 41.21
CA LEU A 408 7.93 -105.80 41.21
C LEU A 408 8.15 -106.32 39.80
N VAL A 409 7.39 -105.83 38.83
CA VAL A 409 7.61 -106.23 37.44
C VAL A 409 8.76 -105.43 36.83
N SER A 410 9.14 -104.33 37.49
CA SER A 410 10.27 -103.55 37.02
C SER A 410 11.58 -104.00 37.65
N PHE A 411 11.53 -104.65 38.81
CA PHE A 411 12.74 -105.26 39.34
C PHE A 411 13.09 -106.49 38.53
N GLY A 412 12.09 -107.13 37.91
CA GLY A 412 12.33 -108.34 37.16
C GLY A 412 13.12 -108.11 35.89
N VAL A 413 12.97 -106.94 35.26
CA VAL A 413 13.79 -106.67 34.09
C VAL A 413 15.19 -106.24 34.51
N TRP A 414 15.38 -105.85 35.75
CA TRP A 414 16.71 -105.50 36.23
C TRP A 414 17.49 -106.71 36.70
N ILE A 415 16.86 -107.66 37.37
CA ILE A 415 17.56 -108.82 37.88
C ILE A 415 17.80 -109.87 36.81
N ARG A 416 17.07 -109.82 35.69
CA ARG A 416 17.22 -110.85 34.66
C ARG A 416 18.41 -110.54 33.76
N THR A 417 18.67 -109.27 33.53
CA THR A 417 19.71 -108.87 32.60
C THR A 417 21.08 -109.13 33.22
N PRO A 418 22.04 -109.64 32.45
CA PRO A 418 23.38 -109.90 32.98
C PRO A 418 24.11 -108.61 33.31
N PRO A 419 25.18 -108.68 34.11
CA PRO A 419 25.96 -107.47 34.40
C PRO A 419 26.62 -106.90 33.15
N ALA A 420 27.01 -105.62 33.27
CA ALA A 420 27.46 -104.74 32.19
C ALA A 420 26.39 -104.50 31.13
N TYR A 421 25.12 -104.78 31.45
CA TYR A 421 23.99 -104.39 30.61
C TYR A 421 22.85 -103.81 31.41
N ARG A 422 22.90 -103.83 32.72
CA ARG A 422 21.92 -103.22 33.58
C ARG A 422 22.53 -102.02 34.28
N PRO A 423 21.72 -101.07 34.72
CA PRO A 423 22.21 -100.00 35.58
C PRO A 423 22.79 -100.55 36.87
N PRO A 424 23.84 -99.93 37.40
CA PRO A 424 24.49 -100.50 38.60
C PRO A 424 23.66 -100.35 39.86
N ASN A 425 22.74 -99.41 39.90
CA ASN A 425 21.84 -99.26 41.04
C ASN A 425 20.54 -99.98 40.76
N ALA A 426 20.02 -100.66 41.78
CA ALA A 426 18.75 -101.34 41.68
C ALA A 426 17.61 -100.34 41.62
N PRO A 427 16.47 -100.71 41.05
CA PRO A 427 15.30 -99.83 41.10
C PRO A 427 14.79 -99.66 42.52
N ILE A 428 14.25 -98.47 42.80
CA ILE A 428 13.96 -98.03 44.15
C ILE A 428 12.46 -97.76 44.27
N LEU A 429 11.85 -98.29 45.31
CA LEU A 429 10.43 -98.05 45.61
C LEU A 429 10.36 -96.83 46.53
N SER A 430 10.01 -95.68 45.97
CA SER A 430 9.84 -94.47 46.76
C SER A 430 8.46 -93.85 46.61
N THR A 431 7.98 -93.70 45.36
CA THR A 431 6.79 -92.93 44.92
C THR A 431 6.40 -91.66 45.70
N MET B 1 18.84 -67.80 77.66
CA MET B 1 17.55 -67.13 77.48
C MET B 1 16.88 -66.81 78.81
N ASP B 2 15.83 -66.02 78.74
CA ASP B 2 15.06 -65.60 79.90
C ASP B 2 13.58 -65.82 79.62
N ILE B 3 13.23 -67.01 79.19
CA ILE B 3 11.83 -67.32 78.98
C ILE B 3 11.14 -67.51 80.33
N ASP B 4 9.83 -67.34 80.33
CA ASP B 4 9.04 -67.37 81.54
C ASP B 4 7.89 -68.35 81.33
N PRO B 5 7.65 -69.28 82.25
CA PRO B 5 6.60 -70.28 82.03
C PRO B 5 5.20 -69.72 82.19
N TYR B 6 5.04 -68.62 82.92
CA TYR B 6 3.72 -68.06 83.16
C TYR B 6 3.39 -66.88 82.26
N LYS B 7 4.37 -66.34 81.53
CA LYS B 7 4.20 -65.08 80.82
C LYS B 7 3.15 -65.17 79.73
N GLU B 8 3.03 -66.32 79.08
CA GLU B 8 1.98 -66.51 78.09
C GLU B 8 0.60 -66.60 78.73
N PHE B 9 0.51 -67.01 79.99
CA PHE B 9 -0.77 -67.18 80.66
C PHE B 9 -1.20 -65.94 81.42
N GLY B 10 -0.39 -64.88 81.43
CA GLY B 10 -0.79 -63.65 82.07
C GLY B 10 0.02 -63.32 83.31
N ALA B 11 0.33 -64.34 84.10
CA ALA B 11 1.03 -64.11 85.34
C ALA B 11 2.54 -64.12 85.11
N THR B 12 3.29 -63.90 86.19
CA THR B 12 4.74 -63.89 86.14
C THR B 12 5.22 -64.58 87.41
N VAL B 13 6.51 -64.93 87.47
CA VAL B 13 7.08 -65.57 88.65
C VAL B 13 7.04 -64.64 89.86
N GLU B 14 7.12 -63.33 89.64
CA GLU B 14 6.99 -62.38 90.74
C GLU B 14 5.58 -62.38 91.31
N LEU B 15 4.58 -62.68 90.48
CA LEU B 15 3.20 -62.75 90.95
C LEU B 15 2.90 -64.06 91.65
N LEU B 16 3.52 -65.17 91.22
CA LEU B 16 3.30 -66.44 91.88
C LEU B 16 4.09 -66.55 93.18
N SER B 17 5.22 -65.86 93.28
CA SER B 17 5.97 -65.80 94.52
C SER B 17 5.47 -64.70 95.44
N PHE B 18 4.44 -63.96 95.03
CA PHE B 18 3.80 -62.98 95.90
C PHE B 18 3.08 -63.65 97.05
N LEU B 19 2.52 -64.83 96.81
CA LEU B 19 1.94 -65.65 97.85
C LEU B 19 3.06 -66.25 98.71
N PRO B 20 2.76 -66.71 99.93
CA PRO B 20 3.81 -67.35 100.72
C PRO B 20 4.24 -68.68 100.14
N SER B 21 5.45 -69.10 100.53
CA SER B 21 6.01 -70.32 99.97
C SER B 21 5.32 -71.57 100.50
N ASP B 22 4.80 -71.51 101.71
CA ASP B 22 4.15 -72.68 102.28
C ASP B 22 2.67 -72.76 101.96
N PHE B 23 2.15 -71.84 101.15
CA PHE B 23 0.73 -71.87 100.83
C PHE B 23 0.40 -73.01 99.88
N PHE B 24 1.30 -73.32 98.96
CA PHE B 24 1.01 -74.26 97.91
C PHE B 24 0.98 -75.69 98.44
N PRO B 25 0.05 -76.53 97.97
CA PRO B 25 -0.09 -77.89 98.51
C PRO B 25 1.07 -78.80 98.14
N SER B 26 1.02 -80.04 98.61
CA SER B 26 2.10 -80.97 98.35
C SER B 26 2.08 -81.40 96.89
N VAL B 27 3.18 -82.03 96.46
CA VAL B 27 3.26 -82.47 95.07
C VAL B 27 2.34 -83.65 94.83
N ARG B 28 2.16 -84.50 95.84
CA ARG B 28 1.23 -85.62 95.72
C ARG B 28 -0.22 -85.13 95.68
N ASP B 29 -0.54 -84.10 96.47
CA ASP B 29 -1.91 -83.61 96.52
C ASP B 29 -2.33 -82.89 95.24
N LEU B 30 -1.37 -82.39 94.46
CA LEU B 30 -1.68 -81.81 93.17
C LEU B 30 -1.66 -82.84 92.06
N LEU B 31 -0.79 -83.85 92.16
CA LEU B 31 -0.83 -84.94 91.20
C LEU B 31 -2.06 -85.82 91.40
N ASP B 32 -2.59 -85.86 92.62
CA ASP B 32 -3.86 -86.54 92.83
C ASP B 32 -5.02 -85.75 92.26
N THR B 33 -4.93 -84.43 92.22
CA THR B 33 -6.03 -83.62 91.74
C THR B 33 -6.14 -83.68 90.22
N ALA B 34 -5.01 -83.64 89.52
CA ALA B 34 -5.02 -83.73 88.07
C ALA B 34 -5.42 -85.13 87.61
N SER B 35 -5.06 -86.15 88.38
CA SER B 35 -5.45 -87.51 88.08
C SER B 35 -6.89 -87.80 88.46
N ALA B 36 -7.57 -86.89 89.16
CA ALA B 36 -8.95 -87.09 89.55
C ALA B 36 -9.94 -86.36 88.64
N LEU B 37 -9.55 -85.22 88.09
CA LEU B 37 -10.48 -84.43 87.28
C LEU B 37 -10.14 -84.41 85.81
N TYR B 38 -8.85 -84.47 85.45
CA TYR B 38 -8.44 -84.25 84.07
C TYR B 38 -7.60 -85.40 83.52
N ARG B 39 -7.74 -86.60 84.07
CA ARG B 39 -7.04 -87.76 83.53
C ARG B 39 -7.54 -88.10 82.13
N GLU B 40 -8.83 -87.95 81.89
CA GLU B 40 -9.42 -88.25 80.60
C GLU B 40 -9.10 -87.20 79.55
N ALA B 41 -8.60 -86.03 79.94
CA ALA B 41 -8.28 -84.98 79.01
C ALA B 41 -6.79 -84.70 78.88
N LEU B 42 -6.00 -85.07 79.89
CA LEU B 42 -4.56 -84.90 79.77
C LEU B 42 -3.94 -85.96 78.86
N GLU B 43 -4.48 -87.17 78.87
CA GLU B 43 -3.93 -88.25 78.08
C GLU B 43 -4.48 -88.30 76.66
N SER B 44 -5.61 -87.63 76.41
CA SER B 44 -6.26 -87.75 75.12
C SER B 44 -5.50 -86.96 74.06
N PRO B 45 -5.44 -87.46 72.83
CA PRO B 45 -4.68 -86.77 71.78
C PRO B 45 -5.37 -85.54 71.23
N GLU B 46 -5.49 -84.50 72.07
CA GLU B 46 -6.04 -83.21 71.67
C GLU B 46 -5.56 -82.18 72.67
N HIS B 47 -5.36 -80.95 72.19
CA HIS B 47 -4.78 -79.92 73.04
C HIS B 47 -5.79 -79.41 74.07
N CYS B 48 -6.90 -78.85 73.58
CA CYS B 48 -8.07 -78.33 74.29
C CYS B 48 -7.81 -77.03 75.06
N SER B 49 -6.54 -76.64 75.23
CA SER B 49 -6.09 -75.48 75.99
C SER B 49 -4.58 -75.36 75.90
N PRO B 50 -4.02 -74.16 76.08
CA PRO B 50 -2.59 -74.07 76.38
C PRO B 50 -2.27 -74.51 77.79
N HIS B 51 -3.26 -74.61 78.67
CA HIS B 51 -3.01 -75.09 80.03
C HIS B 51 -2.72 -76.58 80.04
N HIS B 52 -3.40 -77.33 79.18
CA HIS B 52 -3.20 -78.77 79.15
C HIS B 52 -1.82 -79.13 78.60
N THR B 53 -1.38 -78.42 77.57
CA THR B 53 -0.05 -78.65 77.01
C THR B 53 1.04 -78.26 77.99
N ALA B 54 0.82 -77.22 78.79
CA ALA B 54 1.77 -76.87 79.83
C ALA B 54 1.69 -77.82 81.01
N LEU B 55 0.54 -78.46 81.22
CA LEU B 55 0.41 -79.40 82.32
C LEU B 55 0.95 -80.77 81.97
N ARG B 56 0.89 -81.14 80.68
CA ARG B 56 1.44 -82.43 80.27
C ARG B 56 2.95 -82.44 80.38
N GLN B 57 3.60 -81.34 80.03
CA GLN B 57 5.05 -81.27 80.14
C GLN B 57 5.52 -80.99 81.55
N ALA B 58 4.63 -80.53 82.43
CA ALA B 58 5.03 -80.29 83.82
C ALA B 58 5.03 -81.57 84.62
N ILE B 59 4.17 -82.52 84.27
CA ILE B 59 4.10 -83.77 85.03
C ILE B 59 5.27 -84.67 84.68
N LEU B 60 5.61 -84.76 83.39
CA LEU B 60 6.72 -85.60 82.97
C LEU B 60 8.06 -85.00 83.39
N CYS B 61 8.11 -83.69 83.61
CA CYS B 61 9.34 -83.08 84.11
C CYS B 61 9.59 -83.47 85.55
N TRP B 62 8.52 -83.54 86.35
CA TRP B 62 8.68 -83.92 87.75
C TRP B 62 8.96 -85.41 87.87
N GLY B 63 8.36 -86.22 87.00
CA GLY B 63 8.63 -87.65 87.02
C GLY B 63 10.05 -87.98 86.63
N GLU B 64 10.59 -87.28 85.65
CA GLU B 64 11.99 -87.45 85.29
C GLU B 64 12.92 -86.72 86.25
N LEU B 65 12.39 -85.88 87.15
CA LEU B 65 13.24 -85.28 88.17
C LEU B 65 13.40 -86.20 89.37
N MET B 66 12.31 -86.81 89.81
CA MET B 66 12.39 -87.74 90.93
C MET B 66 13.04 -89.05 90.55
N THR B 67 13.00 -89.42 89.27
CA THR B 67 13.73 -90.60 88.81
C THR B 67 15.23 -90.40 88.93
N LEU B 68 15.72 -89.19 88.68
CA LEU B 68 17.11 -88.86 88.96
C LEU B 68 17.37 -88.85 90.47
N ALA B 69 16.42 -88.35 91.26
CA ALA B 69 16.60 -88.30 92.70
C ALA B 69 16.51 -89.69 93.32
N THR B 70 15.72 -90.58 92.73
CA THR B 70 15.74 -91.98 93.17
C THR B 70 17.05 -92.65 92.74
N TRP B 71 17.57 -92.28 91.57
CA TRP B 71 18.84 -92.82 91.11
C TRP B 71 20.00 -92.32 91.96
N VAL B 72 20.05 -91.00 92.21
CA VAL B 72 21.14 -90.46 93.00
C VAL B 72 20.97 -90.78 94.49
N GLY B 73 19.76 -91.13 94.92
CA GLY B 73 19.58 -91.59 96.29
C GLY B 73 20.13 -92.99 96.50
N ASN B 74 20.12 -93.82 95.46
CA ASN B 74 20.66 -95.16 95.56
C ASN B 74 22.14 -95.21 95.17
N ASN B 75 22.49 -94.65 94.01
CA ASN B 75 23.87 -94.61 93.57
C ASN B 75 24.57 -93.42 94.25
N LEU B 76 25.51 -93.72 95.13
CA LEU B 76 26.27 -92.68 95.82
C LEU B 76 27.51 -92.29 95.04
N ASP B 195 19.07 -90.51 102.42
CA ASP B 195 18.87 -89.74 101.20
C ASP B 195 18.52 -88.30 101.52
N LEU B 196 19.52 -87.43 101.44
CA LEU B 196 19.41 -86.03 101.82
C LEU B 196 19.19 -85.10 100.65
N VAL B 197 19.18 -85.63 99.42
CA VAL B 197 19.01 -84.81 98.22
C VAL B 197 17.57 -84.31 98.10
N VAL B 198 16.62 -84.98 98.75
CA VAL B 198 15.23 -84.55 98.76
C VAL B 198 15.09 -83.21 99.49
N ASN B 199 15.90 -83.00 100.51
CA ASN B 199 15.94 -81.72 101.22
C ASN B 199 16.57 -80.61 100.38
N TYR B 200 17.16 -80.93 99.23
CA TYR B 200 17.49 -79.93 98.21
C TYR B 200 16.43 -79.83 97.14
N VAL B 201 15.86 -80.96 96.72
CA VAL B 201 14.90 -80.94 95.62
C VAL B 201 13.56 -80.37 96.10
N ASN B 202 13.04 -80.87 97.21
CA ASN B 202 11.71 -80.49 97.67
C ASN B 202 11.65 -79.11 98.31
N THR B 203 12.74 -78.35 98.30
CA THR B 203 12.72 -76.95 98.66
C THR B 203 12.98 -76.04 97.47
N ASN B 204 14.02 -76.34 96.68
CA ASN B 204 14.37 -75.49 95.54
C ASN B 204 13.52 -75.82 94.33
N MET B 205 13.56 -77.07 93.88
CA MET B 205 12.81 -77.47 92.71
C MET B 205 11.44 -78.02 93.05
N GLY B 206 11.21 -78.39 94.31
CA GLY B 206 9.87 -78.78 94.71
C GLY B 206 8.91 -77.61 94.76
N LEU B 207 9.42 -76.42 95.11
CA LEU B 207 8.55 -75.25 95.17
C LEU B 207 8.17 -74.76 93.77
N LYS B 208 9.01 -74.99 92.78
CA LYS B 208 8.70 -74.55 91.44
C LYS B 208 7.65 -75.43 90.79
N ILE B 209 7.68 -76.73 91.06
CA ILE B 209 6.69 -77.63 90.51
C ILE B 209 5.37 -77.50 91.27
N ARG B 210 5.43 -77.17 92.56
CA ARG B 210 4.23 -76.88 93.33
C ARG B 210 3.56 -75.59 92.89
N GLN B 211 4.25 -74.73 92.15
CA GLN B 211 3.65 -73.53 91.60
C GLN B 211 3.14 -73.74 90.17
N LEU B 212 3.83 -74.55 89.37
CA LEU B 212 3.30 -74.90 88.05
C LEU B 212 2.05 -75.75 88.17
N LEU B 213 2.06 -76.72 89.09
CA LEU B 213 0.92 -77.62 89.21
C LEU B 213 -0.27 -76.93 89.83
N TRP B 214 -0.06 -76.02 90.77
CA TRP B 214 -1.17 -75.31 91.38
C TRP B 214 -1.80 -74.33 90.42
N PHE B 215 -0.98 -73.66 89.60
CA PHE B 215 -1.50 -72.61 88.76
C PHE B 215 -2.30 -73.15 87.59
N HIS B 216 -1.89 -74.28 87.01
CA HIS B 216 -2.57 -74.80 85.86
C HIS B 216 -3.80 -75.62 86.22
N ILE B 217 -3.79 -76.27 87.37
CA ILE B 217 -4.98 -76.98 87.83
C ILE B 217 -6.08 -75.99 88.19
N SER B 218 -5.71 -74.92 88.89
CA SER B 218 -6.69 -73.90 89.25
C SER B 218 -7.10 -73.05 88.05
N CYS B 219 -6.27 -72.97 87.02
CA CYS B 219 -6.71 -72.31 85.78
C CYS B 219 -7.75 -73.15 85.06
N LEU B 220 -7.57 -74.47 85.06
CA LEU B 220 -8.50 -75.35 84.36
C LEU B 220 -9.79 -75.52 85.12
N THR B 221 -9.79 -75.28 86.44
CA THR B 221 -10.99 -75.46 87.25
C THR B 221 -11.81 -74.18 87.32
N PHE B 222 -11.21 -73.09 87.79
CA PHE B 222 -11.92 -71.86 88.08
C PHE B 222 -11.75 -70.81 87.00
N GLY B 223 -11.17 -71.15 85.86
CA GLY B 223 -10.96 -70.16 84.83
C GLY B 223 -9.68 -69.39 85.03
N ARG B 224 -9.06 -68.94 83.95
CA ARG B 224 -7.74 -68.33 84.04
C ARG B 224 -7.81 -66.94 84.65
N GLU B 225 -8.84 -66.17 84.29
CA GLU B 225 -8.94 -64.79 84.76
C GLU B 225 -9.32 -64.70 86.23
N THR B 226 -9.93 -65.74 86.80
CA THR B 226 -10.34 -65.69 88.19
C THR B 226 -9.17 -65.98 89.13
N VAL B 227 -8.38 -67.02 88.82
CA VAL B 227 -7.22 -67.33 89.64
C VAL B 227 -6.14 -66.26 89.47
N LEU B 228 -6.10 -65.60 88.32
CA LEU B 228 -5.13 -64.53 88.13
C LEU B 228 -5.53 -63.29 88.91
N GLU B 229 -6.82 -63.04 89.05
CA GLU B 229 -7.29 -61.98 89.94
C GLU B 229 -7.36 -62.43 91.39
N TYR B 230 -7.02 -63.68 91.67
CA TYR B 230 -6.99 -64.20 93.03
C TYR B 230 -5.63 -64.05 93.67
N LEU B 231 -4.55 -64.12 92.88
CA LEU B 231 -3.21 -63.94 93.41
C LEU B 231 -3.00 -62.53 93.94
N VAL B 232 -3.66 -61.56 93.33
CA VAL B 232 -3.64 -60.19 93.84
C VAL B 232 -4.35 -60.11 95.18
N SER B 233 -5.59 -60.63 95.24
CA SER B 233 -6.44 -60.41 96.39
C SER B 233 -5.98 -61.22 97.60
N PHE B 234 -5.53 -62.46 97.38
CA PHE B 234 -4.91 -63.19 98.48
C PHE B 234 -3.53 -62.64 98.77
N GLY B 235 -2.88 -62.05 97.80
CA GLY B 235 -1.56 -61.48 98.03
C GLY B 235 -1.62 -60.26 98.92
N VAL B 236 -2.61 -59.39 98.72
CA VAL B 236 -2.72 -58.21 99.57
C VAL B 236 -3.38 -58.53 100.90
N TRP B 237 -4.05 -59.68 101.01
CA TRP B 237 -4.73 -60.01 102.26
C TRP B 237 -3.74 -60.39 103.34
N ILE B 238 -2.74 -61.20 103.01
CA ILE B 238 -1.73 -61.58 103.99
C ILE B 238 -0.84 -60.39 104.35
N ARG B 239 -0.64 -59.44 103.42
CA ARG B 239 0.19 -58.28 103.72
C ARG B 239 -0.48 -57.30 104.66
N THR B 240 -1.80 -57.25 104.69
CA THR B 240 -2.53 -56.36 105.58
C THR B 240 -2.33 -56.78 107.03
N PRO B 241 -2.37 -55.84 107.98
CA PRO B 241 -2.29 -56.22 109.38
C PRO B 241 -3.56 -56.94 109.81
N PRO B 242 -3.48 -57.80 110.82
CA PRO B 242 -4.61 -58.71 111.09
C PRO B 242 -5.86 -58.04 111.62
N ALA B 243 -5.74 -56.86 112.22
CA ALA B 243 -6.89 -56.21 112.81
C ALA B 243 -7.79 -55.55 111.78
N TYR B 244 -7.31 -55.33 110.55
CA TYR B 244 -8.05 -54.57 109.56
C TYR B 244 -8.29 -55.35 108.27
N ARG B 245 -7.85 -56.59 108.20
CA ARG B 245 -8.15 -57.47 107.09
C ARG B 245 -9.51 -58.12 107.30
N PRO B 246 -10.08 -58.74 106.26
CA PRO B 246 -11.17 -59.68 106.51
C PRO B 246 -10.68 -60.85 107.32
N PRO B 247 -11.55 -61.44 108.16
CA PRO B 247 -11.05 -62.44 109.11
C PRO B 247 -10.69 -63.76 108.47
N ASN B 248 -11.50 -64.26 107.56
CA ASN B 248 -11.23 -65.51 106.88
C ASN B 248 -10.44 -65.27 105.61
N ALA B 249 -9.54 -66.20 105.29
CA ALA B 249 -8.72 -66.07 104.10
C ALA B 249 -9.56 -66.29 102.84
N PRO B 250 -9.26 -65.57 101.76
CA PRO B 250 -10.11 -65.68 100.57
C PRO B 250 -9.90 -66.95 99.79
N ILE B 251 -10.62 -68.03 100.10
CA ILE B 251 -10.44 -69.28 99.37
C ILE B 251 -10.92 -69.13 97.92
N LEU B 252 -10.45 -70.03 97.06
CA LEU B 252 -10.58 -69.88 95.62
C LEU B 252 -11.90 -70.37 95.08
N SER B 253 -12.60 -71.24 95.81
CA SER B 253 -13.67 -72.05 95.24
C SER B 253 -14.87 -71.22 94.78
N THR B 254 -15.49 -71.66 93.69
CA THR B 254 -16.64 -70.97 93.11
C THR B 254 -17.91 -71.62 93.63
N LEU B 255 -18.56 -70.98 94.59
CA LEU B 255 -19.82 -71.46 95.15
C LEU B 255 -20.76 -70.28 95.40
N MET B 285 -0.76 -92.52 86.67
CA MET B 285 -1.16 -91.90 85.41
C MET B 285 0.05 -91.62 84.54
N ASP B 286 0.04 -92.15 83.33
CA ASP B 286 1.09 -91.87 82.36
C ASP B 286 0.57 -90.98 81.24
N ILE B 287 1.40 -90.04 80.80
CA ILE B 287 1.08 -89.16 79.70
C ILE B 287 2.15 -89.34 78.63
N ASP B 288 1.72 -89.54 77.41
CA ASP B 288 2.63 -89.45 76.28
C ASP B 288 2.96 -87.99 76.01
N PRO B 289 4.23 -87.62 75.87
CA PRO B 289 4.59 -86.20 75.80
C PRO B 289 4.16 -85.52 74.50
N TYR B 290 4.00 -86.27 73.41
CA TYR B 290 3.55 -85.66 72.16
C TYR B 290 2.52 -86.49 71.43
N LYS B 291 1.66 -87.20 72.15
CA LYS B 291 0.51 -87.85 71.51
C LYS B 291 -0.48 -86.84 70.98
N GLU B 292 -0.51 -85.64 71.58
CA GLU B 292 -1.33 -84.57 71.04
C GLU B 292 -0.80 -84.08 69.70
N PHE B 293 0.50 -84.20 69.47
CA PHE B 293 1.13 -83.71 68.25
C PHE B 293 1.22 -84.77 67.16
N GLY B 294 0.48 -85.87 67.29
CA GLY B 294 0.39 -86.85 66.24
C GLY B 294 1.43 -87.96 66.27
N ALA B 295 2.45 -87.84 67.08
CA ALA B 295 3.49 -88.87 67.15
C ALA B 295 3.41 -89.60 68.48
N THR B 296 4.09 -90.73 68.55
CA THR B 296 4.27 -91.46 69.79
C THR B 296 5.76 -91.52 70.11
N VAL B 297 6.07 -92.01 71.31
CA VAL B 297 7.47 -92.22 71.67
C VAL B 297 8.05 -93.38 70.89
N GLU B 298 7.21 -94.33 70.46
CA GLU B 298 7.66 -95.40 69.59
C GLU B 298 8.09 -94.87 68.23
N LEU B 299 7.43 -93.83 67.73
CA LEU B 299 7.82 -93.24 66.46
C LEU B 299 9.14 -92.48 66.58
N LEU B 300 9.43 -91.91 67.75
CA LEU B 300 10.72 -91.27 67.93
C LEU B 300 11.81 -92.26 68.26
N SER B 301 11.47 -93.43 68.80
CA SER B 301 12.43 -94.51 68.93
C SER B 301 12.61 -95.29 67.64
N PHE B 302 11.74 -95.08 66.66
CA PHE B 302 11.93 -95.66 65.34
C PHE B 302 13.19 -95.14 64.68
N LEU B 303 13.51 -93.88 64.88
CA LEU B 303 14.78 -93.32 64.46
C LEU B 303 15.89 -93.88 65.34
N PRO B 304 17.12 -93.92 64.85
CA PRO B 304 18.23 -94.39 65.68
C PRO B 304 18.55 -93.41 66.79
N SER B 305 19.29 -93.90 67.78
CA SER B 305 19.54 -93.13 68.99
C SER B 305 20.52 -92.00 68.72
N ASP B 306 21.64 -92.30 68.06
CA ASP B 306 22.67 -91.30 67.82
C ASP B 306 22.41 -90.53 66.52
N PHE B 307 21.19 -90.03 66.36
CA PHE B 307 20.84 -89.18 65.24
C PHE B 307 20.52 -87.76 65.68
N PHE B 308 19.94 -87.60 66.83
CA PHE B 308 19.53 -86.30 67.30
C PHE B 308 20.76 -85.50 67.74
N PRO B 309 20.82 -84.22 67.38
CA PRO B 309 21.96 -83.39 67.79
C PRO B 309 21.91 -83.12 69.29
N SER B 310 23.05 -82.70 69.81
CA SER B 310 23.17 -82.48 71.24
C SER B 310 22.38 -81.24 71.67
N VAL B 311 22.18 -81.12 72.98
CA VAL B 311 21.43 -80.00 73.52
C VAL B 311 22.19 -78.69 73.34
N ARG B 312 23.51 -78.75 73.25
CA ARG B 312 24.31 -77.58 72.94
C ARG B 312 24.25 -77.20 71.47
N ASP B 313 23.54 -77.96 70.64
CA ASP B 313 23.27 -77.57 69.27
C ASP B 313 21.81 -77.28 69.01
N LEU B 314 20.90 -77.72 69.87
CA LEU B 314 19.48 -77.45 69.68
C LEU B 314 19.02 -76.23 70.47
N LEU B 315 19.59 -76.00 71.65
CA LEU B 315 19.23 -74.82 72.43
C LEU B 315 19.73 -73.55 71.78
N ASP B 316 20.94 -73.59 71.23
CA ASP B 316 21.43 -72.46 70.44
C ASP B 316 20.83 -72.41 69.05
N THR B 317 20.08 -73.44 68.64
CA THR B 317 19.26 -73.32 67.44
C THR B 317 17.92 -72.66 67.75
N ALA B 318 17.36 -72.97 68.93
CA ALA B 318 16.12 -72.33 69.35
C ALA B 318 16.33 -70.85 69.65
N SER B 319 17.46 -70.51 70.26
CA SER B 319 17.78 -69.11 70.54
C SER B 319 18.26 -68.35 69.31
N ALA B 320 18.43 -69.02 68.18
CA ALA B 320 18.85 -68.35 66.96
C ALA B 320 17.66 -67.95 66.10
N LEU B 321 16.61 -68.76 66.07
CA LEU B 321 15.47 -68.53 65.20
C LEU B 321 14.20 -68.16 65.95
N TYR B 322 14.05 -68.60 67.20
CA TYR B 322 12.83 -68.39 67.96
C TYR B 322 13.15 -67.92 69.37
N ARG B 323 14.06 -66.96 69.49
CA ARG B 323 14.32 -66.41 70.81
C ARG B 323 13.23 -65.45 71.23
N GLU B 324 12.74 -64.65 70.29
CA GLU B 324 11.67 -63.71 70.59
C GLU B 324 10.32 -64.41 70.72
N ALA B 325 10.14 -65.53 70.01
CA ALA B 325 8.88 -66.25 70.09
C ALA B 325 8.72 -66.96 71.42
N LEU B 326 9.80 -67.54 71.95
CA LEU B 326 9.74 -68.22 73.22
C LEU B 326 9.71 -67.28 74.40
N GLU B 327 10.11 -66.02 74.22
CA GLU B 327 10.00 -65.00 75.26
C GLU B 327 8.79 -64.10 75.05
N SER B 328 7.90 -64.47 74.15
CA SER B 328 6.75 -63.64 73.85
C SER B 328 5.76 -63.68 75.02
N PRO B 329 5.01 -62.60 75.24
CA PRO B 329 3.96 -62.61 76.26
C PRO B 329 2.69 -63.33 75.85
N GLU B 330 2.65 -63.99 74.70
CA GLU B 330 1.51 -64.79 74.31
C GLU B 330 2.01 -66.07 73.64
N HIS B 331 1.17 -67.08 73.66
CA HIS B 331 1.47 -68.33 72.98
C HIS B 331 1.06 -68.20 71.51
N CYS B 332 1.97 -68.56 70.62
CA CYS B 332 1.68 -68.52 69.19
C CYS B 332 1.15 -69.88 68.72
N SER B 333 1.93 -70.93 68.93
CA SER B 333 1.61 -72.27 68.50
C SER B 333 1.58 -73.18 69.71
N PRO B 334 0.94 -74.36 69.62
CA PRO B 334 1.08 -75.34 70.70
C PRO B 334 2.46 -75.94 70.80
N HIS B 335 3.28 -75.81 69.75
CA HIS B 335 4.69 -76.20 69.87
C HIS B 335 5.45 -75.20 70.72
N HIS B 336 5.03 -73.94 70.74
CA HIS B 336 5.72 -72.93 71.53
C HIS B 336 5.53 -73.16 73.02
N THR B 337 4.32 -73.59 73.41
CA THR B 337 4.07 -73.87 74.81
C THR B 337 4.79 -75.13 75.26
N ALA B 338 4.91 -76.12 74.38
CA ALA B 338 5.65 -77.32 74.71
C ALA B 338 7.15 -77.10 74.70
N LEU B 339 7.64 -76.14 73.91
CA LEU B 339 9.05 -75.81 73.90
C LEU B 339 9.41 -74.83 75.00
N ARG B 340 8.46 -74.04 75.49
CA ARG B 340 8.73 -73.19 76.65
C ARG B 340 8.83 -73.97 77.95
N GLN B 341 8.50 -75.25 77.94
CA GLN B 341 8.67 -76.10 79.11
C GLN B 341 9.88 -77.02 79.01
N ALA B 342 10.24 -77.49 77.82
CA ALA B 342 11.33 -78.44 77.70
C ALA B 342 12.67 -77.79 77.94
N ILE B 343 12.86 -76.55 77.46
CA ILE B 343 14.13 -75.86 77.72
C ILE B 343 14.19 -75.30 79.12
N LEU B 344 13.06 -75.24 79.82
CA LEU B 344 13.04 -74.88 81.23
C LEU B 344 13.21 -76.11 82.12
N CYS B 345 12.64 -77.24 81.71
CA CYS B 345 12.85 -78.48 82.44
C CYS B 345 14.29 -78.94 82.34
N TRP B 346 14.95 -78.67 81.22
CA TRP B 346 16.37 -78.97 81.10
C TRP B 346 17.20 -78.06 81.99
N GLY B 347 16.72 -76.85 82.27
CA GLY B 347 17.43 -75.97 83.17
C GLY B 347 17.38 -76.44 84.61
N GLU B 348 16.21 -76.90 85.05
CA GLU B 348 16.11 -77.46 86.39
C GLU B 348 16.78 -78.82 86.47
N LEU B 349 16.83 -79.56 85.36
CA LEU B 349 17.51 -80.85 85.36
C LEU B 349 19.01 -80.67 85.43
N MET B 350 19.54 -79.66 84.73
CA MET B 350 20.98 -79.43 84.74
C MET B 350 21.42 -78.83 86.08
N THR B 351 20.57 -78.02 86.70
CA THR B 351 20.93 -77.38 87.96
C THR B 351 21.06 -78.40 89.08
N LEU B 352 20.20 -79.43 89.07
CA LEU B 352 20.36 -80.54 90.00
C LEU B 352 21.61 -81.35 89.71
N ALA B 353 21.98 -81.46 88.43
CA ALA B 353 23.16 -82.24 88.06
C ALA B 353 24.44 -81.55 88.51
N THR B 354 24.54 -80.24 88.27
CA THR B 354 25.73 -79.52 88.72
C THR B 354 25.77 -79.31 90.23
N TRP B 355 24.62 -79.35 90.90
CA TRP B 355 24.64 -79.22 92.35
C TRP B 355 25.20 -80.49 93.00
N VAL B 356 24.69 -81.65 92.60
CA VAL B 356 25.19 -82.89 93.17
C VAL B 356 26.55 -83.24 92.57
N GLY B 357 26.90 -82.65 91.42
CA GLY B 357 28.27 -82.72 90.96
C GLY B 357 29.22 -81.93 91.85
N ASN B 358 28.71 -80.90 92.52
CA ASN B 358 29.44 -80.19 93.55
C ASN B 358 29.24 -80.78 94.94
N ASN B 359 28.74 -82.02 95.02
CA ASN B 359 28.50 -82.67 96.29
C ASN B 359 28.80 -84.16 96.21
N ASP B 372 31.26 -86.34 89.55
CA ASP B 372 30.90 -86.18 88.14
C ASP B 372 30.45 -87.50 87.54
N LEU B 373 30.06 -88.43 88.40
CA LEU B 373 29.51 -89.71 87.96
C LEU B 373 28.02 -89.63 87.65
N VAL B 374 27.42 -88.44 87.73
CA VAL B 374 26.03 -88.25 87.37
C VAL B 374 25.86 -87.55 86.02
N VAL B 375 26.81 -86.69 85.62
CA VAL B 375 26.66 -85.94 84.38
C VAL B 375 26.89 -86.84 83.16
N ASN B 376 27.69 -87.89 83.30
CA ASN B 376 27.79 -88.91 82.27
C ASN B 376 26.68 -89.95 82.36
N TYR B 377 25.68 -89.74 83.21
CA TYR B 377 24.48 -90.57 83.28
C TYR B 377 23.25 -89.86 82.76
N VAL B 378 23.12 -88.55 83.04
CA VAL B 378 21.96 -87.78 82.60
C VAL B 378 21.95 -87.67 81.08
N ASN B 379 23.13 -87.67 80.46
CA ASN B 379 23.22 -87.61 79.01
C ASN B 379 22.94 -88.96 78.34
N THR B 380 22.74 -90.02 79.11
CA THR B 380 22.41 -91.31 78.51
C THR B 380 20.90 -91.45 78.28
N ASN B 381 20.12 -91.27 79.33
CA ASN B 381 18.69 -91.55 79.27
C ASN B 381 17.80 -90.36 79.60
N MET B 382 18.26 -89.42 80.43
CA MET B 382 17.48 -88.21 80.62
C MET B 382 17.75 -87.22 79.49
N GLY B 383 18.99 -87.13 79.03
CA GLY B 383 19.32 -86.23 77.95
C GLY B 383 18.85 -86.70 76.60
N LEU B 384 18.64 -88.00 76.43
CA LEU B 384 18.07 -88.50 75.17
C LEU B 384 16.62 -88.07 75.02
N LYS B 385 15.86 -88.09 76.12
CA LYS B 385 14.46 -87.67 76.05
C LYS B 385 14.35 -86.17 75.81
N ILE B 386 15.29 -85.37 76.32
CA ILE B 386 15.24 -83.95 76.05
C ILE B 386 15.72 -83.65 74.64
N ARG B 387 16.68 -84.43 74.13
CA ARG B 387 17.13 -84.26 72.76
C ARG B 387 16.05 -84.62 71.76
N GLN B 388 15.15 -85.54 72.10
CA GLN B 388 14.05 -85.86 71.22
C GLN B 388 12.94 -84.82 71.31
N LEU B 389 12.68 -84.29 72.51
CA LEU B 389 11.71 -83.22 72.66
C LEU B 389 12.17 -81.94 71.99
N LEU B 390 13.46 -81.66 72.02
CA LEU B 390 13.96 -80.45 71.40
C LEU B 390 13.97 -80.56 69.89
N TRP B 391 14.40 -81.71 69.36
CA TRP B 391 14.48 -81.88 67.91
C TRP B 391 13.09 -81.92 67.28
N PHE B 392 12.12 -82.49 67.99
CA PHE B 392 10.79 -82.64 67.40
C PHE B 392 10.07 -81.30 67.34
N HIS B 393 10.18 -80.49 68.38
CA HIS B 393 9.43 -79.25 68.42
C HIS B 393 10.10 -78.13 67.64
N ILE B 394 11.42 -78.18 67.48
CA ILE B 394 12.10 -77.17 66.67
C ILE B 394 11.80 -77.41 65.20
N SER B 395 11.92 -78.66 64.75
CA SER B 395 11.67 -78.98 63.35
C SER B 395 10.20 -78.88 62.99
N CYS B 396 9.29 -79.05 63.96
CA CYS B 396 7.87 -78.87 63.65
C CYS B 396 7.52 -77.40 63.52
N LEU B 397 8.26 -76.51 64.18
CA LEU B 397 8.05 -75.09 63.96
C LEU B 397 8.62 -74.65 62.62
N THR B 398 9.78 -75.19 62.25
CA THR B 398 10.43 -74.79 61.01
C THR B 398 9.74 -75.41 59.80
N PHE B 399 9.70 -76.74 59.75
CA PHE B 399 9.26 -77.45 58.56
C PHE B 399 7.80 -77.89 58.63
N GLY B 400 7.07 -77.48 59.65
CA GLY B 400 5.70 -77.91 59.80
C GLY B 400 5.58 -79.28 60.42
N ARG B 401 4.44 -79.53 61.05
CA ARG B 401 4.24 -80.80 61.74
C ARG B 401 3.98 -81.93 60.76
N GLU B 402 3.33 -81.65 59.63
CA GLU B 402 2.99 -82.69 58.68
C GLU B 402 4.19 -83.21 57.92
N THR B 403 5.24 -82.41 57.78
CA THR B 403 6.46 -82.84 57.09
C THR B 403 7.40 -83.58 58.03
N VAL B 404 7.45 -83.20 59.31
CA VAL B 404 8.26 -83.92 60.27
C VAL B 404 7.66 -85.31 60.52
N LEU B 405 6.34 -85.37 60.66
CA LEU B 405 5.67 -86.65 60.89
C LEU B 405 5.72 -87.56 59.68
N GLU B 406 5.98 -87.03 58.49
CA GLU B 406 6.31 -87.84 57.33
C GLU B 406 7.79 -88.13 57.23
N TYR B 407 8.64 -87.28 57.79
CA TYR B 407 10.07 -87.53 57.75
C TYR B 407 10.48 -88.66 58.66
N LEU B 408 9.78 -88.81 59.79
CA LEU B 408 10.08 -89.89 60.72
C LEU B 408 9.79 -91.26 60.12
N VAL B 409 8.80 -91.33 59.23
CA VAL B 409 8.50 -92.58 58.54
C VAL B 409 9.56 -92.89 57.49
N SER B 410 9.91 -91.90 56.67
CA SER B 410 10.80 -92.14 55.54
C SER B 410 12.23 -92.40 56.00
N PHE B 411 12.69 -91.69 57.03
CA PHE B 411 14.01 -91.99 57.56
C PHE B 411 13.98 -93.25 58.41
N GLY B 412 12.83 -93.60 58.98
CA GLY B 412 12.75 -94.81 59.77
C GLY B 412 12.80 -96.07 58.92
N VAL B 413 12.34 -95.99 57.68
CA VAL B 413 12.45 -97.14 56.79
C VAL B 413 13.69 -97.08 55.89
N TRP B 414 14.30 -95.90 55.72
CA TRP B 414 15.53 -95.84 54.95
C TRP B 414 16.67 -96.51 55.70
N ILE B 415 16.72 -96.32 57.02
CA ILE B 415 17.79 -96.89 57.83
C ILE B 415 17.61 -98.38 58.03
N ARG B 416 16.45 -98.93 57.69
CA ARG B 416 16.17 -100.36 57.85
C ARG B 416 15.99 -101.05 56.51
N THR B 417 16.75 -100.63 55.51
CA THR B 417 16.87 -101.34 54.25
C THR B 417 18.30 -101.82 54.07
N PRO B 418 18.53 -102.84 53.24
CA PRO B 418 19.90 -103.16 52.86
C PRO B 418 20.50 -102.04 52.04
N PRO B 419 21.81 -101.81 52.14
CA PRO B 419 22.38 -100.59 51.55
C PRO B 419 22.40 -100.56 50.04
N ALA B 420 22.37 -101.71 49.38
CA ALA B 420 22.39 -101.73 47.93
C ALA B 420 21.04 -101.41 47.30
N TYR B 421 19.96 -101.40 48.08
CA TYR B 421 18.61 -101.28 47.54
C TYR B 421 17.88 -100.06 48.07
N ARG B 422 18.61 -99.06 48.54
CA ARG B 422 18.06 -97.80 49.01
C ARG B 422 18.74 -96.67 48.27
N PRO B 423 18.17 -95.46 48.29
CA PRO B 423 18.91 -94.29 47.81
C PRO B 423 20.18 -94.08 48.61
N PRO B 424 21.26 -93.63 47.97
CA PRO B 424 22.57 -93.65 48.65
C PRO B 424 22.71 -92.63 49.75
N ASN B 425 21.98 -91.53 49.68
CA ASN B 425 22.02 -90.50 50.70
C ASN B 425 20.77 -90.55 51.56
N ALA B 426 20.90 -90.14 52.81
CA ALA B 426 19.79 -90.22 53.74
C ALA B 426 18.74 -89.17 53.43
N PRO B 427 17.48 -89.44 53.74
CA PRO B 427 16.46 -88.39 53.65
C PRO B 427 16.70 -87.34 54.72
N ILE B 428 16.33 -86.10 54.41
CA ILE B 428 16.67 -84.95 55.23
C ILE B 428 15.60 -83.90 55.04
N LEU B 429 15.47 -83.01 56.03
CA LEU B 429 14.51 -81.93 55.99
C LEU B 429 15.13 -80.71 55.33
N SER B 430 14.40 -80.09 54.41
CA SER B 430 14.87 -78.89 53.74
C SER B 430 13.66 -78.14 53.18
N THR B 431 13.90 -76.90 52.80
CA THR B 431 12.87 -76.06 52.21
C THR B 431 13.46 -75.25 51.06
N MET C 1 13.11 -54.22 91.86
CA MET C 1 12.61 -53.41 90.76
C MET C 1 13.35 -52.08 90.67
N ASP C 2 14.08 -51.88 89.58
CA ASP C 2 14.71 -50.59 89.32
C ASP C 2 13.72 -49.64 88.66
N ILE C 3 13.92 -48.35 88.89
CA ILE C 3 12.99 -47.35 88.41
C ILE C 3 13.73 -46.01 88.36
N ASP C 4 13.56 -45.29 87.24
CA ASP C 4 14.07 -43.94 87.11
C ASP C 4 12.91 -42.99 86.83
N PRO C 5 12.93 -41.79 87.39
CA PRO C 5 11.75 -40.92 87.29
C PRO C 5 11.66 -40.08 86.03
N TYR C 6 12.72 -39.99 85.23
CA TYR C 6 12.67 -39.23 83.99
C TYR C 6 12.23 -40.07 82.81
N LYS C 7 11.98 -41.35 83.01
CA LYS C 7 11.70 -42.26 81.91
C LYS C 7 10.37 -41.94 81.25
N GLU C 8 9.38 -41.56 82.02
CA GLU C 8 8.07 -41.25 81.49
C GLU C 8 7.99 -39.87 80.85
N PHE C 9 8.96 -38.99 81.13
CA PHE C 9 8.94 -37.65 80.60
C PHE C 9 9.72 -37.51 79.30
N GLY C 10 10.37 -38.57 78.84
CA GLY C 10 11.11 -38.55 77.60
C GLY C 10 12.61 -38.65 77.76
N ALA C 11 13.14 -38.41 78.94
CA ALA C 11 14.57 -38.49 79.17
C ALA C 11 14.91 -39.81 79.84
N THR C 12 16.16 -39.96 80.22
CA THR C 12 16.63 -41.06 81.05
C THR C 12 17.36 -40.47 82.24
N VAL C 13 18.01 -41.35 83.01
CA VAL C 13 18.89 -40.85 84.07
C VAL C 13 20.30 -40.62 83.54
N GLU C 14 20.67 -41.26 82.43
CA GLU C 14 21.97 -41.06 81.82
C GLU C 14 21.97 -39.96 80.78
N LEU C 15 20.80 -39.53 80.31
CA LEU C 15 20.74 -38.31 79.51
C LEU C 15 21.05 -37.09 80.36
N LEU C 16 20.67 -37.12 81.63
CA LEU C 16 21.05 -36.07 82.57
C LEU C 16 22.47 -36.23 83.10
N SER C 17 23.20 -37.25 82.65
CA SER C 17 24.63 -37.32 82.93
C SER C 17 25.45 -36.50 81.96
N PHE C 18 24.82 -35.96 80.91
CA PHE C 18 25.50 -35.00 80.04
C PHE C 18 25.84 -33.73 80.82
N LEU C 19 24.88 -33.23 81.58
CA LEU C 19 25.12 -32.09 82.44
C LEU C 19 26.06 -32.50 83.57
N PRO C 20 27.10 -31.74 83.86
CA PRO C 20 28.02 -32.13 84.94
C PRO C 20 27.43 -31.94 86.32
N SER C 21 28.19 -32.34 87.35
CA SER C 21 27.64 -32.44 88.70
C SER C 21 27.42 -31.09 89.37
N ASP C 22 28.10 -30.04 88.92
CA ASP C 22 27.94 -28.72 89.54
C ASP C 22 27.37 -27.71 88.58
N PHE C 23 26.70 -28.16 87.52
CA PHE C 23 25.96 -27.24 86.66
C PHE C 23 24.66 -26.81 87.32
N PHE C 24 24.11 -27.64 88.16
CA PHE C 24 22.81 -27.38 88.75
C PHE C 24 22.93 -26.36 89.88
N PRO C 25 21.96 -25.46 90.02
CA PRO C 25 21.97 -24.53 91.15
C PRO C 25 21.63 -25.24 92.45
N SER C 26 21.75 -24.52 93.55
CA SER C 26 21.44 -25.11 94.84
C SER C 26 19.94 -25.27 95.00
N VAL C 27 19.56 -26.09 95.97
CA VAL C 27 18.15 -26.27 96.29
C VAL C 27 17.54 -25.03 96.88
N ARG C 28 18.36 -24.16 97.49
CA ARG C 28 17.86 -22.87 97.95
C ARG C 28 17.43 -22.01 96.78
N ASP C 29 18.20 -22.04 95.69
CA ASP C 29 17.83 -21.27 94.50
C ASP C 29 16.68 -21.91 93.73
N LEU C 30 16.63 -23.24 93.68
CA LEU C 30 15.61 -23.90 92.87
C LEU C 30 14.25 -23.86 93.55
N LEU C 31 14.21 -23.94 94.87
CA LEU C 31 12.92 -23.90 95.56
C LEU C 31 12.32 -22.50 95.57
N ASP C 32 13.14 -21.46 95.43
CA ASP C 32 12.60 -20.11 95.37
C ASP C 32 11.91 -19.83 94.05
N THR C 33 12.52 -20.26 92.94
CA THR C 33 11.93 -20.02 91.63
C THR C 33 10.80 -20.97 91.30
N ALA C 34 10.51 -21.94 92.17
CA ALA C 34 9.23 -22.62 92.12
C ALA C 34 8.18 -21.87 92.91
N SER C 35 8.55 -21.35 94.08
CA SER C 35 7.64 -20.56 94.89
C SER C 35 7.48 -19.14 94.38
N ALA C 36 8.30 -18.71 93.42
CA ALA C 36 8.09 -17.40 92.82
C ALA C 36 7.12 -17.45 91.67
N LEU C 37 7.14 -18.53 90.89
CA LEU C 37 6.32 -18.65 89.70
C LEU C 37 5.15 -19.59 89.85
N TYR C 38 5.32 -20.71 90.56
CA TYR C 38 4.31 -21.75 90.62
C TYR C 38 3.91 -22.08 92.05
N ARG C 39 3.94 -21.10 92.94
CA ARG C 39 3.45 -21.32 94.30
C ARG C 39 1.94 -21.49 94.30
N GLU C 40 1.25 -20.72 93.46
CA GLU C 40 -0.20 -20.81 93.38
C GLU C 40 -0.67 -22.05 92.64
N ALA C 41 0.22 -22.69 91.86
CA ALA C 41 -0.16 -23.87 91.11
C ALA C 41 0.16 -25.16 91.84
N LEU C 42 1.22 -25.19 92.64
CA LEU C 42 1.61 -26.43 93.31
C LEU C 42 0.67 -26.76 94.46
N GLU C 43 0.14 -25.76 95.14
CA GLU C 43 -0.81 -25.99 96.22
C GLU C 43 -2.25 -26.07 95.74
N SER C 44 -2.47 -26.06 94.42
CA SER C 44 -3.82 -26.16 93.89
C SER C 44 -4.35 -27.57 94.09
N PRO C 45 -5.68 -27.73 94.24
CA PRO C 45 -6.24 -29.07 94.46
C PRO C 45 -6.49 -29.86 93.20
N GLU C 46 -5.90 -29.48 92.06
CA GLU C 46 -6.13 -30.19 90.82
C GLU C 46 -4.79 -30.53 90.17
N HIS C 47 -4.83 -31.55 89.30
CA HIS C 47 -3.67 -31.95 88.53
C HIS C 47 -3.47 -30.96 87.40
N CYS C 48 -2.57 -30.00 87.58
CA CYS C 48 -2.34 -29.04 86.51
C CYS C 48 -1.51 -29.64 85.38
N SER C 49 -0.61 -30.56 85.69
CA SER C 49 0.31 -31.15 84.72
C SER C 49 0.93 -32.39 85.35
N PRO C 50 1.40 -33.35 84.54
CA PRO C 50 2.20 -34.44 85.09
C PRO C 50 3.52 -34.00 85.68
N HIS C 51 4.04 -32.84 85.28
CA HIS C 51 5.25 -32.31 85.91
C HIS C 51 4.95 -31.79 87.30
N HIS C 52 3.74 -31.30 87.54
CA HIS C 52 3.41 -30.76 88.86
C HIS C 52 3.27 -31.88 89.89
N THR C 53 2.71 -33.02 89.48
CA THR C 53 2.53 -34.14 90.39
C THR C 53 3.87 -34.74 90.78
N ALA C 54 4.86 -34.67 89.90
CA ALA C 54 6.21 -35.09 90.23
C ALA C 54 7.00 -34.00 90.93
N LEU C 55 6.58 -32.74 90.80
CA LEU C 55 7.29 -31.66 91.50
C LEU C 55 6.80 -31.50 92.93
N ARG C 56 5.54 -31.82 93.19
CA ARG C 56 5.04 -31.78 94.57
C ARG C 56 5.67 -32.87 95.42
N GLN C 57 6.09 -33.98 94.82
CA GLN C 57 6.77 -35.02 95.59
C GLN C 57 8.25 -34.77 95.70
N ALA C 58 8.85 -34.10 94.72
CA ALA C 58 10.27 -33.79 94.80
C ALA C 58 10.55 -32.75 95.87
N ILE C 59 9.59 -31.87 96.13
CA ILE C 59 9.75 -30.88 97.18
C ILE C 59 9.55 -31.53 98.54
N LEU C 60 8.53 -32.40 98.66
CA LEU C 60 8.26 -33.09 99.91
C LEU C 60 9.35 -34.10 100.24
N CYS C 61 10.04 -34.64 99.23
CA CYS C 61 11.18 -35.50 99.50
C CYS C 61 12.38 -34.72 100.00
N TRP C 62 12.48 -33.44 99.69
CA TRP C 62 13.58 -32.65 100.25
C TRP C 62 13.30 -32.29 101.70
N GLY C 63 12.02 -32.21 102.08
CA GLY C 63 11.70 -31.98 103.47
C GLY C 63 12.08 -33.15 104.34
N GLU C 64 11.75 -34.37 103.91
CA GLU C 64 12.08 -35.56 104.67
C GLU C 64 13.56 -35.85 104.70
N LEU C 65 14.32 -35.36 103.72
CA LEU C 65 15.77 -35.49 103.79
C LEU C 65 16.38 -34.50 104.76
N MET C 66 15.69 -33.38 105.03
CA MET C 66 16.27 -32.37 105.91
C MET C 66 15.83 -32.54 107.36
N THR C 67 14.62 -33.03 107.61
CA THR C 67 14.27 -33.38 108.98
C THR C 67 15.05 -34.59 109.46
N LEU C 68 15.47 -35.45 108.55
CA LEU C 68 16.42 -36.50 108.92
C LEU C 68 17.79 -35.90 109.18
N ALA C 69 18.16 -34.86 108.43
CA ALA C 69 19.48 -34.27 108.59
C ALA C 69 19.57 -33.42 109.85
N THR C 70 18.47 -32.81 110.27
CA THR C 70 18.51 -32.06 111.53
C THR C 70 18.46 -32.99 112.74
N TRP C 71 17.91 -34.19 112.58
CA TRP C 71 17.91 -35.11 113.72
C TRP C 71 19.24 -35.81 113.88
N VAL C 72 19.89 -36.18 112.77
CA VAL C 72 21.22 -36.77 112.88
C VAL C 72 22.24 -35.68 113.20
N GLY C 73 21.93 -34.42 112.87
CA GLY C 73 22.80 -33.31 113.21
C GLY C 73 22.68 -32.84 114.64
N ASN C 74 21.84 -33.47 115.45
CA ASN C 74 21.73 -33.13 116.86
C ASN C 74 21.95 -34.31 117.79
N ASN C 75 22.24 -35.50 117.26
CA ASN C 75 22.37 -36.71 118.06
C ASN C 75 23.61 -37.48 117.63
N LEU C 76 24.73 -36.79 117.55
CA LEU C 76 25.99 -37.39 117.13
C LEU C 76 26.55 -38.29 118.23
N ALA C 192 33.83 -31.16 114.19
CA ALA C 192 32.82 -30.75 113.23
C ALA C 192 32.02 -31.94 112.72
N SER C 193 31.50 -32.74 113.66
CA SER C 193 30.72 -33.91 113.30
C SER C 193 29.28 -33.56 112.91
N ARG C 194 28.84 -32.34 113.18
CA ARG C 194 27.52 -31.89 112.74
C ARG C 194 27.48 -31.57 111.25
N ASP C 195 28.63 -31.47 110.60
CA ASP C 195 28.72 -31.19 109.18
C ASP C 195 29.33 -32.32 108.38
N LEU C 196 29.72 -33.42 109.02
CA LEU C 196 30.23 -34.57 108.27
C LEU C 196 29.12 -35.23 107.46
N VAL C 197 27.91 -35.25 108.01
CA VAL C 197 26.77 -35.74 107.23
C VAL C 197 26.28 -34.70 106.23
N VAL C 198 26.69 -33.43 106.40
CA VAL C 198 26.25 -32.38 105.49
C VAL C 198 26.94 -32.53 104.14
N ASN C 199 28.25 -32.82 104.15
CA ASN C 199 28.96 -33.11 102.92
C ASN C 199 28.53 -34.43 102.29
N TYR C 200 27.90 -35.32 103.06
CA TYR C 200 27.30 -36.52 102.48
C TYR C 200 26.00 -36.19 101.78
N VAL C 201 25.07 -35.53 102.50
CA VAL C 201 23.71 -35.37 102.00
C VAL C 201 23.65 -34.32 100.88
N ASN C 202 24.68 -33.50 100.72
CA ASN C 202 24.72 -32.52 99.65
C ASN C 202 25.57 -32.97 98.48
N THR C 203 26.10 -34.20 98.51
CA THR C 203 26.87 -34.72 97.38
C THR C 203 26.24 -35.96 96.77
N ASN C 204 25.96 -36.98 97.57
CA ASN C 204 25.35 -38.20 97.04
C ASN C 204 23.86 -38.01 96.82
N MET C 205 23.14 -37.66 97.88
CA MET C 205 21.83 -37.04 97.71
C MET C 205 22.04 -35.56 97.42
N GLY C 206 20.95 -34.82 97.28
CA GLY C 206 21.09 -33.41 96.96
C GLY C 206 21.32 -33.19 95.48
N LEU C 207 22.42 -33.74 94.95
CA LEU C 207 22.61 -33.78 93.51
C LEU C 207 21.52 -34.59 92.81
N LYS C 208 21.02 -35.64 93.47
CA LYS C 208 19.89 -36.38 92.93
C LYS C 208 18.60 -35.59 93.01
N ILE C 209 18.51 -34.63 93.93
CA ILE C 209 17.29 -33.84 94.07
C ILE C 209 17.44 -32.46 93.42
N ARG C 210 18.67 -32.01 93.16
CA ARG C 210 18.83 -30.78 92.40
C ARG C 210 18.48 -31.01 90.95
N GLN C 211 18.95 -32.11 90.37
CA GLN C 211 18.62 -32.41 88.99
C GLN C 211 17.20 -32.88 88.82
N LEU C 212 16.53 -33.28 89.90
CA LEU C 212 15.10 -33.52 89.84
C LEU C 212 14.33 -32.21 89.92
N LEU C 213 14.88 -31.23 90.63
CA LEU C 213 14.25 -29.92 90.71
C LEU C 213 14.63 -29.05 89.52
N TRP C 214 15.83 -29.20 88.98
CA TRP C 214 16.20 -28.44 87.79
C TRP C 214 15.38 -28.88 86.60
N PHE C 215 15.12 -30.19 86.48
CA PHE C 215 14.46 -30.72 85.31
C PHE C 215 13.00 -30.29 85.27
N HIS C 216 12.26 -30.55 86.35
CA HIS C 216 10.83 -30.35 86.34
C HIS C 216 10.43 -28.89 86.31
N ILE C 217 11.24 -28.01 86.93
CA ILE C 217 10.98 -26.58 86.84
C ILE C 217 11.21 -26.10 85.40
N SER C 218 12.31 -26.53 84.79
CA SER C 218 12.57 -26.16 83.40
C SER C 218 11.67 -26.90 82.43
N CYS C 219 11.06 -28.00 82.84
CA CYS C 219 10.21 -28.75 81.93
C CYS C 219 8.83 -28.15 81.80
N LEU C 220 8.36 -27.42 82.81
CA LEU C 220 7.05 -26.79 82.74
C LEU C 220 7.12 -25.28 82.60
N THR C 221 8.32 -24.71 82.55
CA THR C 221 8.49 -23.28 82.26
C THR C 221 8.77 -23.05 80.79
N PHE C 222 9.81 -23.68 80.25
CA PHE C 222 10.21 -23.49 78.87
C PHE C 222 9.61 -24.51 77.91
N GLY C 223 8.97 -25.55 78.41
CA GLY C 223 8.41 -26.56 77.53
C GLY C 223 8.99 -27.92 77.81
N ARG C 224 8.22 -28.97 77.52
CA ARG C 224 8.67 -30.32 77.82
C ARG C 224 9.69 -30.82 76.82
N GLU C 225 9.53 -30.45 75.54
CA GLU C 225 10.47 -30.88 74.52
C GLU C 225 11.60 -29.90 74.29
N THR C 226 11.45 -28.66 74.77
CA THR C 226 12.54 -27.69 74.63
C THR C 226 13.69 -28.00 75.57
N VAL C 227 13.40 -28.50 76.76
CA VAL C 227 14.48 -28.91 77.65
C VAL C 227 15.12 -30.20 77.14
N LEU C 228 14.35 -31.05 76.45
CA LEU C 228 14.92 -32.26 75.88
C LEU C 228 15.80 -31.96 74.68
N GLU C 229 15.63 -30.80 74.05
CA GLU C 229 16.59 -30.34 73.07
C GLU C 229 17.72 -29.55 73.70
N TYR C 230 17.60 -29.20 74.97
CA TYR C 230 18.69 -28.53 75.66
C TYR C 230 19.69 -29.52 76.23
N LEU C 231 19.20 -30.69 76.66
CA LEU C 231 20.09 -31.72 77.19
C LEU C 231 21.00 -32.25 76.12
N VAL C 232 20.51 -32.33 74.88
CA VAL C 232 21.32 -32.84 73.78
C VAL C 232 22.31 -31.80 73.32
N SER C 233 21.86 -30.54 73.18
CA SER C 233 22.74 -29.48 72.73
C SER C 233 23.75 -29.07 73.78
N PHE C 234 23.51 -29.39 75.06
CA PHE C 234 24.57 -29.29 76.05
C PHE C 234 25.50 -30.47 75.96
N GLY C 235 25.00 -31.63 75.51
CA GLY C 235 25.84 -32.80 75.40
C GLY C 235 26.86 -32.72 74.28
N VAL C 236 26.67 -31.82 73.33
CA VAL C 236 27.68 -31.55 72.32
C VAL C 236 28.54 -30.35 72.69
N TRP C 237 28.12 -29.52 73.64
CA TRP C 237 28.96 -28.42 74.07
C TRP C 237 30.03 -28.91 75.03
N ILE C 238 29.63 -29.69 76.04
CA ILE C 238 30.57 -30.18 77.03
C ILE C 238 31.52 -31.24 76.47
N ARG C 239 31.21 -31.77 75.29
CA ARG C 239 31.98 -32.85 74.69
C ARG C 239 33.10 -32.38 73.76
N THR C 240 32.97 -31.21 73.15
CA THR C 240 34.01 -30.71 72.27
C THR C 240 35.26 -30.34 73.08
N PRO C 241 36.44 -30.41 72.47
CA PRO C 241 37.65 -29.99 73.15
C PRO C 241 37.65 -28.49 73.39
N PRO C 242 38.40 -27.99 74.38
CA PRO C 242 38.34 -26.56 74.70
C PRO C 242 38.91 -25.65 73.63
N ALA C 243 39.63 -26.18 72.65
CA ALA C 243 40.14 -25.33 71.57
C ALA C 243 39.03 -24.86 70.64
N TYR C 244 37.95 -25.63 70.54
CA TYR C 244 36.84 -25.28 69.66
C TYR C 244 35.52 -25.24 70.39
N ARG C 245 35.52 -25.35 71.71
CA ARG C 245 34.31 -25.16 72.48
C ARG C 245 34.07 -23.66 72.63
N PRO C 246 32.90 -23.15 72.22
CA PRO C 246 32.63 -21.73 72.39
C PRO C 246 32.51 -21.38 73.87
N PRO C 247 32.88 -20.16 74.26
CA PRO C 247 33.01 -19.87 75.69
C PRO C 247 31.68 -19.73 76.42
N ASN C 248 30.60 -19.43 75.71
CA ASN C 248 29.29 -19.32 76.33
C ASN C 248 28.59 -20.67 76.27
N ALA C 249 28.39 -21.29 77.42
CA ALA C 249 27.57 -22.49 77.50
C ALA C 249 26.13 -22.14 77.14
N PRO C 250 25.41 -23.05 76.50
CA PRO C 250 24.01 -22.77 76.17
C PRO C 250 23.15 -22.73 77.42
N ILE C 251 22.16 -21.84 77.41
CA ILE C 251 21.20 -21.71 78.49
C ILE C 251 19.80 -21.69 77.89
N LEU C 252 18.81 -21.71 78.78
CA LEU C 252 17.43 -21.68 78.32
C LEU C 252 17.04 -20.24 77.99
N SER C 253 15.89 -20.09 77.35
CA SER C 253 15.56 -18.85 76.65
C SER C 253 14.09 -18.52 76.92
N THR C 254 13.53 -17.66 76.07
CA THR C 254 12.11 -17.39 76.09
C THR C 254 11.32 -18.65 75.68
N LEU C 255 10.02 -18.61 75.96
CA LEU C 255 9.14 -19.77 75.77
C LEU C 255 8.91 -20.14 74.30
N MET C 285 7.13 -23.08 101.67
CA MET C 285 5.95 -23.49 100.91
C MET C 285 5.38 -24.79 101.46
N ASP C 286 4.09 -24.78 101.77
CA ASP C 286 3.41 -25.93 102.37
C ASP C 286 2.55 -26.62 101.32
N ILE C 287 2.86 -27.89 101.05
CA ILE C 287 2.09 -28.73 100.13
C ILE C 287 1.75 -30.01 100.87
N ASP C 288 0.46 -30.32 100.94
CA ASP C 288 0.24 -31.72 101.29
C ASP C 288 0.32 -32.56 100.02
N PRO C 289 0.94 -33.75 100.09
CA PRO C 289 1.29 -34.46 98.85
C PRO C 289 0.11 -35.03 98.10
N TYR C 290 -1.04 -35.18 98.74
CA TYR C 290 -2.23 -35.69 98.06
C TYR C 290 -3.42 -34.78 98.25
N LYS C 291 -3.20 -33.46 98.14
CA LYS C 291 -4.31 -32.53 98.01
C LYS C 291 -5.06 -32.76 96.72
N GLU C 292 -4.33 -32.94 95.63
CA GLU C 292 -4.91 -33.02 94.29
C GLU C 292 -5.63 -34.34 94.03
N PHE C 293 -5.47 -35.33 94.90
CA PHE C 293 -6.16 -36.60 94.73
C PHE C 293 -7.50 -36.65 95.46
N GLY C 294 -7.89 -35.57 96.12
CA GLY C 294 -9.16 -35.53 96.81
C GLY C 294 -9.00 -35.47 98.32
N ALA C 295 -8.03 -36.21 98.84
CA ALA C 295 -7.80 -36.27 100.26
C ALA C 295 -7.03 -35.05 100.74
N THR C 296 -6.84 -34.96 102.05
CA THR C 296 -5.86 -34.07 102.66
C THR C 296 -4.98 -34.90 103.58
N VAL C 297 -3.92 -34.28 104.09
CA VAL C 297 -3.03 -34.97 105.01
C VAL C 297 -3.71 -35.13 106.36
N GLU C 298 -4.66 -34.26 106.69
CA GLU C 298 -5.36 -34.37 107.95
C GLU C 298 -6.42 -35.47 107.93
N LEU C 299 -6.88 -35.86 106.74
CA LEU C 299 -7.84 -36.95 106.62
C LEU C 299 -7.18 -38.31 106.81
N LEU C 300 -5.95 -38.46 106.36
CA LEU C 300 -5.19 -39.68 106.54
C LEU C 300 -4.66 -39.83 107.96
N SER C 301 -4.75 -38.80 108.79
CA SER C 301 -4.33 -38.88 110.17
C SER C 301 -5.30 -39.67 111.05
N PHE C 302 -6.52 -39.92 110.57
CA PHE C 302 -7.47 -40.68 111.36
C PHE C 302 -7.11 -42.16 111.41
N LEU C 303 -6.40 -42.65 110.40
CA LEU C 303 -5.94 -44.02 110.42
C LEU C 303 -4.81 -44.16 111.46
N PRO C 304 -4.85 -45.17 112.30
CA PRO C 304 -3.87 -45.29 113.37
C PRO C 304 -2.52 -45.74 112.83
N SER C 305 -1.55 -45.87 113.75
CA SER C 305 -0.18 -46.13 113.36
C SER C 305 0.04 -47.55 112.87
N ASP C 306 -0.84 -48.48 113.20
CA ASP C 306 -0.68 -49.87 112.81
C ASP C 306 -1.66 -50.30 111.74
N PHE C 307 -2.37 -49.35 111.12
CA PHE C 307 -3.26 -49.72 110.03
C PHE C 307 -2.48 -50.01 108.76
N PHE C 308 -1.32 -49.39 108.61
CA PHE C 308 -0.61 -49.57 107.36
C PHE C 308 0.35 -50.75 107.46
N PRO C 309 0.44 -51.53 106.40
CA PRO C 309 1.42 -52.62 106.37
C PRO C 309 2.84 -52.09 106.35
N SER C 310 3.79 -53.01 106.55
CA SER C 310 5.20 -52.65 106.55
C SER C 310 5.63 -52.19 105.18
N VAL C 311 6.65 -51.34 105.15
CA VAL C 311 7.06 -50.72 103.89
C VAL C 311 7.75 -51.72 102.98
N ARG C 312 8.29 -52.80 103.53
CA ARG C 312 8.74 -53.91 102.69
C ARG C 312 7.54 -54.65 102.09
N ASP C 313 6.45 -54.74 102.84
CA ASP C 313 5.23 -55.36 102.31
C ASP C 313 4.51 -54.45 101.34
N LEU C 314 4.73 -53.14 101.39
CA LEU C 314 4.11 -52.24 100.43
C LEU C 314 4.92 -52.15 99.16
N LEU C 315 6.25 -52.16 99.28
CA LEU C 315 7.09 -52.08 98.08
C LEU C 315 7.07 -53.38 97.31
N ASP C 316 6.83 -54.51 97.99
CA ASP C 316 6.63 -55.76 97.29
C ASP C 316 5.23 -55.89 96.74
N THR C 317 4.29 -55.08 97.23
CA THR C 317 2.97 -55.05 96.62
C THR C 317 2.96 -54.18 95.37
N ALA C 318 3.78 -53.13 95.33
CA ALA C 318 3.82 -52.27 94.15
C ALA C 318 4.45 -53.01 92.97
N SER C 319 5.57 -53.67 93.19
CA SER C 319 6.19 -54.47 92.14
C SER C 319 5.74 -55.91 92.16
N ALA C 320 4.44 -56.15 92.29
CA ALA C 320 3.88 -57.47 92.02
C ALA C 320 2.64 -57.32 91.17
N LEU C 321 1.85 -56.27 91.45
CA LEU C 321 0.59 -56.09 90.74
C LEU C 321 0.80 -55.27 89.47
N TYR C 322 1.57 -54.18 89.57
CA TYR C 322 1.95 -53.38 88.40
C TYR C 322 3.41 -52.98 88.53
N ARG C 323 4.28 -53.85 88.05
CA ARG C 323 5.66 -53.49 87.77
C ARG C 323 5.83 -53.06 86.33
N GLU C 324 5.03 -53.61 85.42
CA GLU C 324 5.06 -53.19 84.03
C GLU C 324 4.48 -51.81 83.83
N ALA C 325 3.60 -51.36 84.72
CA ALA C 325 3.09 -50.00 84.62
C ALA C 325 4.05 -48.98 85.21
N LEU C 326 4.82 -49.38 86.23
CA LEU C 326 5.79 -48.48 86.83
C LEU C 326 7.08 -48.37 86.06
N GLU C 327 7.22 -49.08 84.94
CA GLU C 327 8.42 -49.02 84.13
C GLU C 327 8.20 -48.43 82.75
N SER C 328 6.95 -48.27 82.32
CA SER C 328 6.68 -47.83 80.97
C SER C 328 7.01 -46.34 80.81
N PRO C 329 7.30 -45.91 79.57
CA PRO C 329 7.46 -44.47 79.33
C PRO C 329 6.16 -43.69 79.29
N GLU C 330 5.01 -44.30 79.59
CA GLU C 330 3.76 -43.57 79.71
C GLU C 330 3.46 -43.30 81.17
N HIS C 331 2.58 -42.33 81.40
CA HIS C 331 2.16 -42.05 82.76
C HIS C 331 1.09 -43.02 83.21
N CYS C 332 0.04 -43.16 82.38
CA CYS C 332 -1.13 -44.05 82.48
C CYS C 332 -2.11 -43.63 83.57
N SER C 333 -1.71 -42.69 84.45
CA SER C 333 -2.48 -42.22 85.59
C SER C 333 -1.67 -41.14 86.31
N PRO C 334 -2.32 -40.25 87.07
CA PRO C 334 -1.56 -39.41 88.00
C PRO C 334 -1.14 -40.16 89.25
N HIS C 335 -1.71 -41.34 89.49
CA HIS C 335 -1.29 -42.13 90.64
C HIS C 335 0.06 -42.79 90.41
N HIS C 336 0.36 -43.16 89.16
CA HIS C 336 1.66 -43.74 88.88
C HIS C 336 2.75 -42.70 88.96
N THR C 337 2.47 -41.47 88.50
CA THR C 337 3.46 -40.40 88.54
C THR C 337 3.81 -40.01 89.97
N ALA C 338 2.87 -40.18 90.90
CA ALA C 338 3.20 -39.97 92.31
C ALA C 338 3.81 -41.21 92.93
N LEU C 339 3.50 -42.40 92.41
CA LEU C 339 4.02 -43.62 92.99
C LEU C 339 5.46 -43.89 92.56
N ARG C 340 5.87 -43.38 91.41
CA ARG C 340 7.26 -43.53 90.99
C ARG C 340 8.19 -42.70 91.85
N GLN C 341 7.74 -41.54 92.32
CA GLN C 341 8.58 -40.72 93.18
C GLN C 341 8.60 -41.24 94.61
N ALA C 342 7.52 -41.87 95.06
CA ALA C 342 7.45 -42.33 96.45
C ALA C 342 8.37 -43.51 96.69
N ILE C 343 8.55 -44.38 95.69
CA ILE C 343 9.48 -45.49 95.81
C ILE C 343 10.91 -44.98 95.79
N LEU C 344 11.18 -44.01 94.94
CA LEU C 344 12.53 -43.46 94.82
C LEU C 344 12.88 -42.59 96.00
N CYS C 345 11.90 -41.90 96.59
CA CYS C 345 12.18 -41.08 97.76
C CYS C 345 12.57 -41.94 98.95
N TRP C 346 11.93 -43.10 99.10
CA TRP C 346 12.36 -44.05 100.12
C TRP C 346 13.70 -44.66 99.77
N GLY C 347 14.01 -44.79 98.48
CA GLY C 347 15.27 -45.39 98.09
C GLY C 347 16.47 -44.54 98.45
N GLU C 348 16.34 -43.22 98.31
CA GLU C 348 17.42 -42.33 98.73
C GLU C 348 17.37 -42.02 100.21
N LEU C 349 16.23 -42.20 100.85
CA LEU C 349 16.15 -41.93 102.28
C LEU C 349 16.70 -43.10 103.07
N MET C 350 16.45 -44.32 102.61
CA MET C 350 17.06 -45.49 103.23
C MET C 350 18.54 -45.60 102.89
N THR C 351 18.97 -45.00 101.77
CA THR C 351 20.39 -44.97 101.44
C THR C 351 21.17 -44.13 102.45
N LEU C 352 20.57 -43.04 102.92
CA LEU C 352 21.19 -42.25 103.97
C LEU C 352 21.20 -43.01 105.29
N ALA C 353 20.17 -43.80 105.56
CA ALA C 353 20.03 -44.42 106.88
C ALA C 353 21.02 -45.54 107.10
N THR C 354 21.45 -46.24 106.05
CA THR C 354 22.49 -47.24 106.22
C THR C 354 23.85 -46.58 106.44
N TRP C 355 24.05 -45.39 105.89
CA TRP C 355 25.32 -44.71 106.07
C TRP C 355 25.43 -44.03 107.42
N VAL C 356 24.29 -43.59 107.98
CA VAL C 356 24.29 -43.00 109.32
C VAL C 356 24.71 -44.03 110.35
N GLY C 357 24.29 -45.29 110.18
CA GLY C 357 24.73 -46.37 111.04
C GLY C 357 26.20 -46.71 110.91
N ASN C 358 26.86 -46.25 109.86
CA ASN C 358 28.30 -46.47 109.70
C ASN C 358 29.03 -45.13 109.69
N VAL C 375 19.64 -47.02 116.21
CA VAL C 375 18.40 -46.35 116.55
C VAL C 375 17.66 -45.89 115.30
N ASN C 376 16.42 -46.34 115.15
CA ASN C 376 15.61 -46.04 113.97
C ASN C 376 14.56 -45.01 114.35
N TYR C 377 14.93 -43.74 114.22
CA TYR C 377 14.04 -42.59 114.19
C TYR C 377 13.23 -42.52 112.90
N VAL C 378 13.62 -43.31 111.90
CA VAL C 378 13.06 -43.19 110.55
C VAL C 378 11.63 -43.69 110.50
N ASN C 379 11.43 -44.98 110.82
CA ASN C 379 10.15 -45.63 110.61
C ASN C 379 9.07 -45.21 111.62
N THR C 380 9.40 -44.36 112.58
CA THR C 380 8.37 -43.75 113.41
C THR C 380 7.90 -42.42 112.84
N ASN C 381 8.81 -41.65 112.23
CA ASN C 381 8.47 -40.33 111.70
C ASN C 381 8.44 -40.32 110.17
N MET C 382 9.54 -40.70 109.52
CA MET C 382 9.58 -40.65 108.07
C MET C 382 8.91 -41.87 107.45
N GLY C 383 9.09 -43.03 108.06
CA GLY C 383 8.50 -44.24 107.53
C GLY C 383 6.98 -44.26 107.64
N LEU C 384 6.44 -43.62 108.68
CA LEU C 384 5.00 -43.49 108.77
C LEU C 384 4.45 -42.53 107.73
N LYS C 385 5.19 -41.45 107.44
CA LYS C 385 4.74 -40.49 106.44
C LYS C 385 4.91 -41.01 105.02
N ILE C 386 5.61 -42.12 104.83
CA ILE C 386 5.75 -42.71 103.51
C ILE C 386 4.98 -44.02 103.39
N ARG C 387 4.56 -44.63 104.50
CA ARG C 387 3.65 -45.77 104.41
C ARG C 387 2.24 -45.31 104.14
N GLN C 388 1.89 -44.08 104.53
CA GLN C 388 0.61 -43.52 104.13
C GLN C 388 0.59 -43.25 102.64
N LEU C 389 1.68 -42.72 102.11
CA LEU C 389 1.76 -42.36 100.70
C LEU C 389 1.77 -43.59 99.81
N LEU C 390 2.37 -44.68 100.27
CA LEU C 390 2.40 -45.87 99.45
C LEU C 390 1.08 -46.62 99.50
N TRP C 391 0.44 -46.68 100.68
CA TRP C 391 -0.83 -47.37 100.80
C TRP C 391 -1.92 -46.65 100.02
N PHE C 392 -1.88 -45.32 100.00
CA PHE C 392 -2.96 -44.55 99.41
C PHE C 392 -3.00 -44.70 97.90
N HIS C 393 -1.84 -44.73 97.25
CA HIS C 393 -1.82 -44.84 95.80
C HIS C 393 -2.00 -46.26 95.32
N ILE C 394 -1.59 -47.24 96.12
CA ILE C 394 -1.87 -48.63 95.78
C ILE C 394 -3.36 -48.92 95.93
N SER C 395 -3.98 -48.37 96.97
CA SER C 395 -5.43 -48.51 97.13
C SER C 395 -6.19 -47.66 96.14
N CYS C 396 -5.60 -46.58 95.63
CA CYS C 396 -6.26 -45.81 94.58
C CYS C 396 -6.22 -46.54 93.24
N LEU C 397 -5.18 -47.34 93.02
CA LEU C 397 -5.05 -48.04 91.75
C LEU C 397 -5.79 -49.36 91.75
N THR C 398 -5.81 -50.06 92.89
CA THR C 398 -6.49 -51.34 92.96
C THR C 398 -8.00 -51.18 93.05
N PHE C 399 -8.45 -50.34 93.98
CA PHE C 399 -9.88 -50.23 94.28
C PHE C 399 -10.53 -48.98 93.74
N GLY C 400 -9.78 -48.07 93.16
CA GLY C 400 -10.39 -46.87 92.63
C GLY C 400 -10.30 -45.70 93.59
N ARG C 401 -10.23 -44.49 93.04
CA ARG C 401 -10.04 -43.30 93.86
C ARG C 401 -11.30 -42.95 94.63
N GLU C 402 -12.45 -42.97 93.96
CA GLU C 402 -13.71 -42.62 94.62
C GLU C 402 -14.11 -43.64 95.67
N THR C 403 -13.64 -44.88 95.56
CA THR C 403 -13.94 -45.88 96.59
C THR C 403 -13.13 -45.62 97.84
N VAL C 404 -11.82 -45.42 97.70
CA VAL C 404 -10.97 -45.21 98.86
C VAL C 404 -11.19 -43.83 99.47
N LEU C 405 -11.70 -42.86 98.70
CA LEU C 405 -12.00 -41.57 99.28
C LEU C 405 -13.27 -41.61 100.13
N GLU C 406 -14.29 -42.33 99.67
CA GLU C 406 -15.47 -42.54 100.50
C GLU C 406 -15.26 -43.61 101.55
N TYR C 407 -14.14 -44.32 101.52
CA TYR C 407 -13.78 -45.26 102.57
C TYR C 407 -13.11 -44.54 103.74
N LEU C 408 -12.28 -43.54 103.45
CA LEU C 408 -11.62 -42.79 104.51
C LEU C 408 -12.61 -41.95 105.29
N VAL C 409 -13.72 -41.56 104.65
CA VAL C 409 -14.84 -40.99 105.37
C VAL C 409 -15.43 -42.03 106.32
N SER C 410 -15.61 -43.26 105.83
CA SER C 410 -16.22 -44.32 106.62
C SER C 410 -15.29 -44.89 107.68
N PHE C 411 -14.00 -44.59 107.65
CA PHE C 411 -13.14 -44.94 108.77
C PHE C 411 -13.15 -43.86 109.84
N GLY C 412 -13.35 -42.60 109.46
CA GLY C 412 -13.37 -41.52 110.42
C GLY C 412 -14.54 -41.61 111.38
N VAL C 413 -15.67 -42.14 110.91
CA VAL C 413 -16.80 -42.34 111.81
C VAL C 413 -16.56 -43.54 112.72
N TRP C 414 -15.69 -44.46 112.34
CA TRP C 414 -15.39 -45.62 113.15
C TRP C 414 -14.32 -45.37 114.20
N ILE C 415 -13.38 -44.46 113.93
CA ILE C 415 -12.28 -44.21 114.84
C ILE C 415 -12.58 -43.09 115.83
N ARG C 416 -13.59 -42.26 115.57
CA ARG C 416 -13.86 -41.12 116.44
C ARG C 416 -14.77 -41.53 117.60
N THR C 417 -15.67 -42.48 117.35
CA THR C 417 -16.58 -42.92 118.39
C THR C 417 -15.84 -43.71 119.46
N PRO C 418 -16.26 -43.62 120.72
CA PRO C 418 -15.60 -44.39 121.78
C PRO C 418 -15.91 -45.87 121.63
N PRO C 419 -15.15 -46.74 122.31
CA PRO C 419 -15.52 -48.16 122.33
C PRO C 419 -16.82 -48.39 123.08
N ALA C 420 -17.38 -49.58 122.87
CA ALA C 420 -18.71 -50.02 123.29
C ALA C 420 -19.82 -49.16 122.68
N TYR C 421 -19.53 -48.47 121.59
CA TYR C 421 -20.54 -47.86 120.74
C TYR C 421 -20.25 -48.06 119.26
N ARG C 422 -19.20 -48.76 118.92
CA ARG C 422 -18.75 -49.07 117.57
C ARG C 422 -18.65 -50.57 117.38
N PRO C 423 -18.87 -51.06 116.17
CA PRO C 423 -18.68 -52.49 115.91
C PRO C 423 -17.22 -52.85 116.01
N PRO C 424 -16.88 -53.93 116.73
CA PRO C 424 -15.47 -54.21 117.02
C PRO C 424 -14.67 -54.67 115.82
N ASN C 425 -15.31 -55.02 114.71
CA ASN C 425 -14.59 -55.24 113.47
C ASN C 425 -14.37 -53.93 112.75
N ALA C 426 -13.24 -53.86 112.06
CA ALA C 426 -12.86 -52.66 111.32
C ALA C 426 -13.69 -52.52 110.05
N PRO C 427 -13.77 -51.32 109.49
CA PRO C 427 -14.37 -51.19 108.16
C PRO C 427 -13.43 -51.68 107.09
N ILE C 428 -13.52 -52.97 106.74
CA ILE C 428 -12.64 -53.54 105.73
C ILE C 428 -12.91 -52.94 104.36
N LEU C 429 -11.86 -52.87 103.55
CA LEU C 429 -11.93 -52.23 102.24
C LEU C 429 -12.46 -53.21 101.20
N SER C 430 -13.39 -52.75 100.37
CA SER C 430 -14.12 -53.64 99.47
C SER C 430 -14.22 -52.98 98.11
N THR C 431 -15.05 -53.58 97.25
CA THR C 431 -15.34 -53.25 95.83
C THR C 431 -14.20 -52.66 94.98
N MET D 1 -4.17 -3.99 104.85
CA MET D 1 -4.24 -4.16 103.41
C MET D 1 -2.86 -4.15 102.78
N ASP D 2 -2.54 -5.20 102.06
CA ASP D 2 -1.24 -5.37 101.42
C ASP D 2 -1.45 -5.36 99.91
N ILE D 3 -0.99 -4.30 99.25
CA ILE D 3 -1.18 -4.12 97.82
C ILE D 3 0.15 -4.37 97.12
N ASP D 4 0.14 -5.33 96.21
CA ASP D 4 1.28 -5.62 95.36
C ASP D 4 1.29 -4.61 94.21
N PRO D 5 2.38 -3.86 94.02
CA PRO D 5 2.34 -2.73 93.07
C PRO D 5 2.27 -3.15 91.62
N TYR D 6 2.82 -4.31 91.27
CA TYR D 6 2.67 -4.89 89.94
C TYR D 6 2.18 -6.32 90.12
N LYS D 7 0.88 -6.47 90.25
CA LYS D 7 0.26 -7.79 90.30
C LYS D 7 -0.79 -7.85 89.21
N GLU D 8 -1.35 -6.70 88.87
CA GLU D 8 -2.29 -6.64 87.76
C GLU D 8 -1.59 -6.83 86.42
N PHE D 9 -0.31 -6.47 86.35
CA PHE D 9 0.44 -6.57 85.10
C PHE D 9 1.03 -7.95 84.87
N GLY D 10 0.81 -8.90 85.77
CA GLY D 10 1.28 -10.25 85.61
C GLY D 10 2.44 -10.64 86.50
N ALA D 11 3.27 -9.68 86.91
CA ALA D 11 4.44 -9.99 87.71
C ALA D 11 4.05 -10.12 89.18
N THR D 12 5.04 -10.40 90.02
CA THR D 12 4.94 -10.27 91.46
C THR D 12 6.15 -9.49 91.95
N VAL D 13 6.12 -9.11 93.22
CA VAL D 13 7.27 -8.38 93.78
C VAL D 13 8.45 -9.32 94.00
N GLU D 14 8.18 -10.61 94.24
CA GLU D 14 9.26 -11.56 94.44
C GLU D 14 9.75 -12.18 93.14
N LEU D 15 8.94 -12.19 92.09
CA LEU D 15 9.46 -12.56 90.78
C LEU D 15 10.39 -11.49 90.24
N LEU D 16 10.12 -10.23 90.56
CA LEU D 16 10.97 -9.14 90.15
C LEU D 16 12.18 -8.98 91.05
N SER D 17 12.24 -9.73 92.15
CA SER D 17 13.46 -9.83 92.94
C SER D 17 14.46 -10.82 92.37
N PHE D 18 14.15 -11.44 91.22
CA PHE D 18 15.14 -12.23 90.50
C PHE D 18 16.30 -11.36 90.06
N LEU D 19 16.00 -10.17 89.58
CA LEU D 19 17.02 -9.21 89.21
C LEU D 19 17.74 -8.77 90.48
N PRO D 20 19.05 -8.53 90.40
CA PRO D 20 19.77 -8.01 91.57
C PRO D 20 19.41 -6.56 91.82
N SER D 21 19.90 -6.05 92.95
CA SER D 21 19.61 -4.67 93.31
C SER D 21 20.34 -3.70 92.39
N ASP D 22 21.60 -3.96 92.10
CA ASP D 22 22.39 -3.09 91.23
C ASP D 22 22.38 -3.57 89.79
N PHE D 23 21.18 -3.79 89.26
CA PHE D 23 20.96 -4.03 87.84
C PHE D 23 20.15 -2.91 87.19
N PHE D 24 19.27 -2.28 87.94
CA PHE D 24 18.45 -1.21 87.41
C PHE D 24 19.29 0.03 87.19
N PRO D 25 19.02 0.80 86.14
CA PRO D 25 19.77 2.04 85.91
C PRO D 25 19.38 3.10 86.93
N SER D 26 20.10 4.22 86.89
CA SER D 26 19.85 5.29 87.82
C SER D 26 18.55 6.01 87.49
N VAL D 27 18.04 6.76 88.48
CA VAL D 27 16.81 7.51 88.27
C VAL D 27 17.04 8.65 87.30
N ARG D 28 18.26 9.19 87.27
CA ARG D 28 18.64 10.12 86.22
C ARG D 28 18.68 9.44 84.86
N ASP D 29 19.05 8.17 84.82
CA ASP D 29 19.07 7.45 83.56
C ASP D 29 17.73 6.83 83.21
N LEU D 30 16.77 6.82 84.13
CA LEU D 30 15.46 6.25 83.86
C LEU D 30 14.45 7.31 83.50
N LEU D 31 14.51 8.48 84.14
CA LEU D 31 13.56 9.54 83.85
C LEU D 31 13.83 10.15 82.47
N ASP D 32 15.10 10.20 82.07
CA ASP D 32 15.42 10.74 80.75
C ASP D 32 15.08 9.76 79.64
N THR D 33 15.10 8.46 79.93
CA THR D 33 14.63 7.49 78.95
C THR D 33 13.11 7.54 78.83
N ALA D 34 12.42 7.87 79.92
CA ALA D 34 10.96 8.02 79.87
C ALA D 34 10.56 9.26 79.10
N SER D 35 11.25 10.37 79.32
CA SER D 35 10.90 11.61 78.64
C SER D 35 11.35 11.65 77.19
N ALA D 36 12.33 10.83 76.80
CA ALA D 36 12.80 10.87 75.42
C ALA D 36 11.84 10.16 74.47
N LEU D 37 11.15 9.13 74.94
CA LEU D 37 10.24 8.39 74.08
C LEU D 37 8.78 8.71 74.36
N TYR D 38 8.37 8.69 75.62
CA TYR D 38 6.99 8.92 76.01
C TYR D 38 6.92 10.25 76.76
N ARG D 39 6.82 11.32 76.00
CA ARG D 39 6.64 12.65 76.55
C ARG D 39 5.27 13.21 76.21
N GLU D 40 4.91 13.22 74.93
CA GLU D 40 3.57 13.62 74.52
C GLU D 40 2.53 12.57 74.87
N ALA D 41 2.94 11.35 75.20
CA ALA D 41 2.02 10.33 75.67
C ALA D 41 1.90 10.30 77.18
N LEU D 42 2.85 10.91 77.90
CA LEU D 42 2.73 11.02 79.34
C LEU D 42 2.04 12.32 79.77
N GLU D 43 2.21 13.39 78.99
CA GLU D 43 1.50 14.64 79.22
C GLU D 43 0.14 14.67 78.54
N SER D 44 -0.30 13.55 77.99
CA SER D 44 -1.55 13.48 77.24
C SER D 44 -2.74 13.53 78.19
N PRO D 45 -3.85 14.11 77.77
CA PRO D 45 -5.04 14.17 78.63
C PRO D 45 -5.89 12.90 78.62
N GLU D 46 -5.36 11.80 78.10
CA GLU D 46 -6.02 10.51 78.24
C GLU D 46 -4.99 9.46 78.60
N HIS D 47 -5.45 8.40 79.23
CA HIS D 47 -4.59 7.29 79.62
C HIS D 47 -4.58 6.29 78.47
N CYS D 48 -3.43 6.17 77.80
CA CYS D 48 -3.36 5.30 76.64
C CYS D 48 -3.24 3.83 77.04
N SER D 49 -2.57 3.56 78.16
CA SER D 49 -2.30 2.21 78.60
C SER D 49 -2.28 2.20 80.12
N PRO D 50 -2.53 1.04 80.75
CA PRO D 50 -2.43 0.96 82.21
C PRO D 50 -1.01 1.10 82.74
N HIS D 51 0.01 0.96 81.89
CA HIS D 51 1.35 1.33 82.32
C HIS D 51 1.52 2.83 82.35
N HIS D 52 0.79 3.55 81.51
CA HIS D 52 0.93 5.00 81.46
C HIS D 52 0.37 5.65 82.71
N THR D 53 -0.73 5.13 83.24
CA THR D 53 -1.25 5.63 84.50
C THR D 53 -0.34 5.24 85.65
N ALA D 54 0.24 4.03 85.58
CA ALA D 54 1.14 3.58 86.64
C ALA D 54 2.46 4.32 86.61
N LEU D 55 2.94 4.69 85.43
CA LEU D 55 4.21 5.40 85.34
C LEU D 55 4.07 6.86 85.73
N ARG D 56 2.89 7.45 85.51
CA ARG D 56 2.68 8.85 85.89
C ARG D 56 2.73 9.04 87.39
N GLN D 57 2.12 8.12 88.15
CA GLN D 57 2.18 8.21 89.60
C GLN D 57 3.56 7.84 90.13
N ALA D 58 4.36 7.10 89.37
CA ALA D 58 5.68 6.73 89.84
C ALA D 58 6.68 7.85 89.64
N ILE D 59 6.52 8.66 88.59
CA ILE D 59 7.38 9.80 88.39
C ILE D 59 7.09 10.88 89.43
N LEU D 60 5.79 11.10 89.71
CA LEU D 60 5.41 12.12 90.68
C LEU D 60 5.74 11.72 92.09
N CYS D 61 5.75 10.42 92.39
CA CYS D 61 6.12 9.98 93.74
C CYS D 61 7.60 10.20 94.00
N TRP D 62 8.45 10.07 92.99
CA TRP D 62 9.86 10.39 93.17
C TRP D 62 10.06 11.90 93.31
N GLY D 63 9.16 12.69 92.73
CA GLY D 63 9.21 14.12 92.95
C GLY D 63 8.90 14.51 94.38
N GLU D 64 8.08 13.72 95.07
CA GLU D 64 7.80 14.01 96.47
C GLU D 64 8.94 13.58 97.38
N LEU D 65 9.56 12.44 97.08
CA LEU D 65 10.65 11.97 97.91
C LEU D 65 11.89 12.83 97.74
N MET D 66 12.12 13.38 96.55
CA MET D 66 13.24 14.28 96.38
C MET D 66 12.95 15.65 96.98
N THR D 67 11.67 16.03 97.06
CA THR D 67 11.35 17.28 97.75
C THR D 67 11.44 17.10 99.25
N LEU D 68 11.22 15.88 99.74
CA LEU D 68 11.28 15.63 101.17
C LEU D 68 12.71 15.42 101.65
N ALA D 69 13.55 14.81 100.81
CA ALA D 69 14.91 14.47 101.24
C ALA D 69 15.79 15.71 101.32
N THR D 70 15.67 16.62 100.35
CA THR D 70 16.43 17.86 100.41
C THR D 70 15.88 18.84 101.44
N TRP D 71 14.65 18.63 101.91
CA TRP D 71 14.12 19.47 102.99
C TRP D 71 14.84 19.20 104.29
N VAL D 72 14.99 17.92 104.66
CA VAL D 72 15.67 17.58 105.90
C VAL D 72 17.18 17.73 105.80
N GLY D 73 17.71 17.86 104.58
CA GLY D 73 19.11 18.23 104.43
C GLY D 73 19.37 19.66 104.87
N ASN D 74 18.35 20.52 104.78
CA ASN D 74 18.47 21.87 105.31
C ASN D 74 18.24 21.90 106.81
N ASN D 75 17.31 21.10 107.31
CA ASN D 75 16.94 21.12 108.71
C ASN D 75 17.18 19.78 109.40
N ASP D 195 23.04 15.44 104.03
CA ASP D 195 24.35 14.89 103.72
C ASP D 195 24.34 13.37 103.80
N LEU D 196 23.59 12.85 104.78
CA LEU D 196 23.50 11.42 105.02
C LEU D 196 22.15 10.82 104.64
N VAL D 197 21.10 11.64 104.58
CA VAL D 197 19.76 11.14 104.27
C VAL D 197 19.68 10.74 102.80
N VAL D 198 20.49 11.35 101.95
CA VAL D 198 20.52 10.97 100.54
C VAL D 198 21.16 9.59 100.38
N ASN D 199 22.07 9.23 101.28
CA ASN D 199 22.61 7.87 101.29
C ASN D 199 21.58 6.87 101.77
N TYR D 200 20.63 7.32 102.60
CA TYR D 200 19.59 6.41 103.08
C TYR D 200 18.50 6.22 102.03
N VAL D 201 18.12 7.29 101.33
CA VAL D 201 16.98 7.21 100.44
C VAL D 201 17.33 6.42 99.18
N ASN D 202 18.60 6.42 98.77
CA ASN D 202 19.00 5.73 97.55
C ASN D 202 19.21 4.25 97.76
N THR D 203 19.07 3.75 98.98
CA THR D 203 19.28 2.35 99.28
C THR D 203 17.99 1.61 99.60
N ASN D 204 17.01 2.29 100.19
CA ASN D 204 15.82 1.64 100.70
C ASN D 204 14.60 1.86 99.82
N MET D 205 14.25 3.12 99.56
CA MET D 205 13.07 3.41 98.74
C MET D 205 13.40 3.97 97.38
N GLY D 206 14.60 4.54 97.19
CA GLY D 206 15.01 4.93 95.85
C GLY D 206 15.24 3.72 94.96
N LEU D 207 15.59 2.58 95.55
CA LEU D 207 15.63 1.34 94.80
C LEU D 207 14.23 0.90 94.38
N LYS D 208 13.23 1.20 95.20
CA LYS D 208 11.87 0.79 94.90
C LYS D 208 11.30 1.57 93.74
N ILE D 209 11.63 2.85 93.64
CA ILE D 209 11.19 3.66 92.50
C ILE D 209 11.96 3.26 91.25
N ARG D 210 13.20 2.79 91.40
CA ARG D 210 13.94 2.29 90.26
C ARG D 210 13.36 0.99 89.73
N GLN D 211 12.71 0.21 90.57
CA GLN D 211 12.03 -0.99 90.09
C GLN D 211 10.75 -0.63 89.35
N LEU D 212 10.00 0.36 89.86
CA LEU D 212 8.76 0.75 89.23
C LEU D 212 9.00 1.50 87.93
N LEU D 213 10.07 2.30 87.87
CA LEU D 213 10.37 3.01 86.63
C LEU D 213 10.90 2.08 85.57
N TRP D 214 11.71 1.09 85.96
CA TRP D 214 12.28 0.17 84.98
C TRP D 214 11.22 -0.76 84.41
N PHE D 215 10.27 -1.19 85.26
CA PHE D 215 9.31 -2.18 84.83
C PHE D 215 8.31 -1.59 83.84
N HIS D 216 7.85 -0.36 84.09
CA HIS D 216 6.82 0.21 83.24
C HIS D 216 7.38 0.84 81.99
N ILE D 217 8.64 1.26 81.99
CA ILE D 217 9.27 1.70 80.76
C ILE D 217 9.49 0.52 79.82
N SER D 218 10.00 -0.59 80.37
CA SER D 218 10.21 -1.79 79.59
C SER D 218 8.93 -2.55 79.30
N CYS D 219 7.82 -2.19 79.93
CA CYS D 219 6.52 -2.64 79.48
C CYS D 219 5.96 -1.81 78.35
N LEU D 220 6.26 -0.52 78.31
CA LEU D 220 5.78 0.30 77.21
C LEU D 220 6.55 0.01 75.94
N THR D 221 7.85 -0.23 76.06
CA THR D 221 8.68 -0.42 74.89
C THR D 221 8.61 -1.85 74.37
N PHE D 222 9.08 -2.79 75.18
CA PHE D 222 9.20 -4.17 74.74
C PHE D 222 8.02 -4.99 75.28
N GLY D 223 6.82 -4.59 74.86
CA GLY D 223 5.57 -5.31 75.15
C GLY D 223 5.25 -5.59 76.62
N ARG D 224 4.19 -6.35 76.83
CA ARG D 224 3.90 -6.75 78.20
C ARG D 224 4.58 -8.07 78.53
N GLU D 225 4.40 -9.07 77.67
CA GLU D 225 4.87 -10.42 77.97
C GLU D 225 6.36 -10.60 77.73
N THR D 226 6.99 -9.73 76.93
CA THR D 226 8.40 -9.90 76.64
C THR D 226 9.26 -9.57 77.86
N VAL D 227 8.89 -8.53 78.59
CA VAL D 227 9.63 -8.24 79.81
C VAL D 227 9.25 -9.24 80.91
N LEU D 228 8.06 -9.83 80.84
CA LEU D 228 7.73 -10.90 81.77
C LEU D 228 8.50 -12.17 81.44
N GLU D 229 8.77 -12.42 80.16
CA GLU D 229 9.67 -13.50 79.79
C GLU D 229 11.12 -13.12 80.02
N TYR D 230 11.42 -11.83 80.16
CA TYR D 230 12.79 -11.42 80.43
C TYR D 230 13.17 -11.72 81.87
N LEU D 231 12.23 -11.57 82.80
CA LEU D 231 12.51 -11.84 84.19
C LEU D 231 12.70 -13.34 84.44
N VAL D 232 12.07 -14.17 83.62
CA VAL D 232 12.34 -15.59 83.66
C VAL D 232 13.67 -15.90 82.98
N SER D 233 13.96 -15.23 81.85
CA SER D 233 15.21 -15.44 81.15
C SER D 233 16.41 -14.87 81.88
N PHE D 234 16.21 -13.85 82.70
CA PHE D 234 17.26 -13.44 83.63
C PHE D 234 17.26 -14.29 84.88
N GLY D 235 16.12 -14.89 85.22
CA GLY D 235 16.04 -15.68 86.41
C GLY D 235 16.85 -16.95 86.34
N VAL D 236 17.09 -17.47 85.13
CA VAL D 236 17.96 -18.63 84.98
C VAL D 236 19.41 -18.24 84.72
N TRP D 237 19.67 -17.01 84.28
CA TRP D 237 21.05 -16.62 84.02
C TRP D 237 21.80 -16.36 85.32
N ILE D 238 21.16 -15.64 86.25
CA ILE D 238 21.80 -15.32 87.52
C ILE D 238 21.85 -16.54 88.43
N ARG D 239 21.04 -17.55 88.15
CA ARG D 239 20.89 -18.68 89.07
C ARG D 239 21.99 -19.71 88.91
N THR D 240 22.40 -19.99 87.68
CA THR D 240 23.39 -21.03 87.41
C THR D 240 24.77 -20.62 87.95
N PRO D 241 25.64 -21.58 88.23
CA PRO D 241 26.97 -21.25 88.75
C PRO D 241 27.81 -20.50 87.73
N PRO D 242 28.79 -19.73 88.18
CA PRO D 242 29.57 -18.88 87.25
C PRO D 242 30.44 -19.65 86.27
N ALA D 243 30.65 -20.95 86.48
CA ALA D 243 31.42 -21.74 85.52
C ALA D 243 30.65 -21.90 84.22
N TYR D 244 29.44 -22.42 84.31
CA TYR D 244 28.58 -22.62 83.13
C TYR D 244 27.63 -21.45 82.93
N ARG D 245 28.16 -20.23 82.94
CA ARG D 245 27.38 -19.04 82.66
C ARG D 245 27.93 -18.33 81.43
N PRO D 246 27.06 -17.91 80.51
CA PRO D 246 27.53 -17.10 79.39
C PRO D 246 27.96 -15.74 79.88
N PRO D 247 28.95 -15.13 79.23
CA PRO D 247 29.47 -13.85 79.73
C PRO D 247 28.53 -12.69 79.50
N ASN D 248 27.70 -12.80 78.47
CA ASN D 248 26.72 -11.78 78.14
C ASN D 248 25.40 -12.11 78.81
N ALA D 249 24.99 -11.25 79.75
CA ALA D 249 23.69 -11.37 80.38
C ALA D 249 22.60 -11.11 79.35
N PRO D 250 21.40 -11.68 79.54
CA PRO D 250 20.30 -11.36 78.63
C PRO D 250 19.85 -9.93 78.79
N ILE D 251 19.56 -9.28 77.68
CA ILE D 251 19.21 -7.86 77.66
C ILE D 251 18.02 -7.71 76.71
N LEU D 252 17.30 -6.61 76.87
CA LEU D 252 16.09 -6.38 76.10
C LEU D 252 16.45 -6.07 74.67
N SER D 253 16.22 -7.03 73.78
CA SER D 253 16.62 -6.91 72.38
C SER D 253 15.62 -6.09 71.58
N THR D 254 15.73 -6.19 70.25
CA THR D 254 14.84 -5.50 69.33
C THR D 254 13.39 -5.95 69.55
N LEU D 255 12.49 -4.97 69.55
CA LEU D 255 11.04 -5.13 69.73
C LEU D 255 10.40 -6.21 68.85
N MET D 285 10.14 17.52 82.69
CA MET D 285 8.87 16.88 82.41
C MET D 285 7.94 16.96 83.60
N ASP D 286 6.94 17.84 83.52
CA ASP D 286 6.02 18.09 84.62
C ASP D 286 4.63 17.62 84.20
N ILE D 287 4.23 16.47 84.71
CA ILE D 287 2.94 15.87 84.38
C ILE D 287 1.93 16.19 85.48
N ASP D 288 0.67 16.18 85.11
CA ASP D 288 -0.48 16.42 85.97
C ASP D 288 -1.11 15.10 86.35
N PRO D 289 -1.28 14.80 87.63
CA PRO D 289 -1.79 13.47 88.01
C PRO D 289 -3.27 13.25 87.68
N TYR D 290 -4.06 14.32 87.56
CA TYR D 290 -5.47 14.17 87.24
C TYR D 290 -5.76 14.40 85.78
N LYS D 291 -4.72 14.51 84.94
CA LYS D 291 -4.88 15.00 83.57
C LYS D 291 -5.69 14.04 82.71
N GLU D 292 -5.48 12.74 82.89
CA GLU D 292 -6.28 11.78 82.14
C GLU D 292 -7.65 11.56 82.77
N PHE D 293 -7.88 12.04 83.98
CA PHE D 293 -9.16 11.87 84.65
C PHE D 293 -10.09 13.04 84.44
N GLY D 294 -9.62 14.12 83.82
CA GLY D 294 -10.44 15.28 83.50
C GLY D 294 -10.16 16.51 84.31
N ALA D 295 -9.91 16.34 85.60
CA ALA D 295 -9.61 17.50 86.43
C ALA D 295 -8.15 17.91 86.26
N THR D 296 -7.81 19.04 86.85
CA THR D 296 -6.42 19.48 86.95
C THR D 296 -6.06 19.64 88.41
N VAL D 297 -4.79 19.94 88.67
CA VAL D 297 -4.39 20.28 90.03
C VAL D 297 -4.82 21.70 90.37
N GLU D 298 -5.10 22.52 89.36
CA GLU D 298 -5.65 23.84 89.62
C GLU D 298 -7.11 23.76 90.05
N LEU D 299 -7.84 22.77 89.54
CA LEU D 299 -9.24 22.63 89.87
C LEU D 299 -9.43 22.13 91.30
N LEU D 300 -8.45 21.40 91.82
CA LEU D 300 -8.48 20.95 93.20
C LEU D 300 -7.79 21.91 94.15
N SER D 301 -7.34 23.05 93.65
CA SER D 301 -6.85 24.10 94.53
C SER D 301 -7.99 24.96 95.07
N PHE D 302 -9.19 24.82 94.52
CA PHE D 302 -10.34 25.55 95.03
C PHE D 302 -10.91 24.92 96.28
N LEU D 303 -10.70 23.62 96.47
CA LEU D 303 -11.08 22.98 97.71
C LEU D 303 -10.14 23.43 98.82
N PRO D 304 -10.65 23.77 100.00
CA PRO D 304 -9.77 24.25 101.07
C PRO D 304 -8.98 23.11 101.69
N SER D 305 -8.06 23.50 102.57
CA SER D 305 -7.10 22.54 103.12
C SER D 305 -7.73 21.57 104.09
N ASP D 306 -8.86 21.93 104.72
CA ASP D 306 -9.51 21.07 105.70
C ASP D 306 -10.73 20.36 105.12
N PHE D 307 -10.94 20.44 103.82
CA PHE D 307 -12.07 19.74 103.22
C PHE D 307 -11.83 18.24 103.17
N PHE D 308 -10.60 17.84 102.99
CA PHE D 308 -10.29 16.42 102.87
C PHE D 308 -10.20 15.76 104.24
N PRO D 309 -10.52 14.47 104.32
CA PRO D 309 -10.30 13.76 105.58
C PRO D 309 -8.83 13.51 105.87
N SER D 310 -8.52 12.87 106.99
CA SER D 310 -7.15 12.52 107.28
C SER D 310 -6.69 11.39 106.37
N VAL D 311 -5.38 11.26 106.24
CA VAL D 311 -4.83 10.24 105.35
C VAL D 311 -5.00 8.85 105.95
N ARG D 312 -4.82 8.72 107.26
CA ARG D 312 -5.14 7.48 107.95
C ARG D 312 -6.63 7.21 107.91
N ASP D 313 -7.45 8.27 107.90
CA ASP D 313 -8.89 8.11 107.77
C ASP D 313 -9.31 7.80 106.35
N LEU D 314 -8.43 8.01 105.37
CA LEU D 314 -8.75 7.75 103.97
C LEU D 314 -8.23 6.41 103.48
N LEU D 315 -7.15 5.91 104.07
CA LEU D 315 -6.73 4.54 103.79
C LEU D 315 -7.74 3.54 104.33
N ASP D 316 -8.35 3.86 105.48
CA ASP D 316 -9.36 2.99 106.07
C ASP D 316 -10.62 2.94 105.23
N THR D 317 -10.91 4.01 104.50
CA THR D 317 -12.09 3.99 103.63
C THR D 317 -11.85 3.10 102.41
N ALA D 318 -10.66 3.16 101.83
CA ALA D 318 -10.37 2.30 100.69
C ALA D 318 -10.18 0.86 101.12
N SER D 319 -9.59 0.65 102.29
CA SER D 319 -9.36 -0.71 102.78
C SER D 319 -10.65 -1.42 103.17
N ALA D 320 -11.72 -0.69 103.44
CA ALA D 320 -12.99 -1.34 103.77
C ALA D 320 -13.88 -1.48 102.54
N LEU D 321 -13.97 -0.43 101.74
CA LEU D 321 -14.86 -0.44 100.58
C LEU D 321 -14.28 -1.31 99.45
N TYR D 322 -13.04 -1.04 99.05
CA TYR D 322 -12.43 -1.72 97.92
C TYR D 322 -11.14 -2.37 98.39
N ARG D 323 -11.24 -3.57 98.97
CA ARG D 323 -10.05 -4.30 99.37
C ARG D 323 -9.79 -5.48 98.46
N GLU D 324 -10.82 -6.28 98.18
CA GLU D 324 -10.66 -7.38 97.25
C GLU D 324 -10.63 -6.93 95.80
N ALA D 325 -10.95 -5.66 95.54
CA ALA D 325 -10.81 -5.10 94.20
C ALA D 325 -9.44 -4.47 93.98
N LEU D 326 -8.82 -3.96 95.04
CA LEU D 326 -7.48 -3.39 94.92
C LEU D 326 -6.39 -4.43 95.01
N GLU D 327 -6.66 -5.57 95.64
CA GLU D 327 -5.69 -6.64 95.78
C GLU D 327 -5.96 -7.77 94.80
N SER D 328 -6.42 -7.43 93.61
CA SER D 328 -6.75 -8.39 92.59
C SER D 328 -5.73 -8.34 91.47
N PRO D 329 -5.57 -9.43 90.70
CA PRO D 329 -4.71 -9.38 89.52
C PRO D 329 -5.33 -8.73 88.29
N GLU D 330 -6.44 -8.02 88.43
CA GLU D 330 -7.02 -7.24 87.34
C GLU D 330 -6.94 -5.76 87.64
N HIS D 331 -7.35 -4.96 86.66
CA HIS D 331 -7.39 -3.52 86.85
C HIS D 331 -8.77 -3.05 87.28
N CYS D 332 -9.80 -3.44 86.51
CA CYS D 332 -11.23 -3.23 86.67
C CYS D 332 -11.68 -1.79 86.44
N SER D 333 -10.73 -0.85 86.36
CA SER D 333 -10.93 0.58 86.13
C SER D 333 -9.55 1.23 86.05
N PRO D 334 -9.41 2.37 85.36
CA PRO D 334 -8.16 3.14 85.46
C PRO D 334 -7.99 3.86 86.78
N HIS D 335 -8.98 3.83 87.67
CA HIS D 335 -8.82 4.45 88.98
C HIS D 335 -8.09 3.53 89.94
N HIS D 336 -8.38 2.23 89.89
CA HIS D 336 -7.69 1.28 90.75
C HIS D 336 -6.21 1.17 90.39
N THR D 337 -5.87 1.37 89.12
CA THR D 337 -4.46 1.45 88.74
C THR D 337 -3.80 2.66 89.37
N ALA D 338 -4.50 3.79 89.38
CA ALA D 338 -3.96 5.00 89.99
C ALA D 338 -4.07 4.98 91.50
N LEU D 339 -5.05 4.26 92.05
CA LEU D 339 -5.20 4.25 93.49
C LEU D 339 -4.20 3.33 94.16
N ARG D 340 -3.79 2.24 93.49
CA ARG D 340 -2.85 1.31 94.09
C ARG D 340 -1.47 1.93 94.27
N GLN D 341 -1.09 2.89 93.41
CA GLN D 341 0.21 3.52 93.55
C GLN D 341 0.23 4.54 94.67
N ALA D 342 -0.89 5.25 94.89
CA ALA D 342 -0.93 6.26 95.94
C ALA D 342 -0.94 5.64 97.32
N ILE D 343 -1.34 4.38 97.46
CA ILE D 343 -1.18 3.67 98.72
C ILE D 343 0.30 3.47 99.02
N LEU D 344 1.04 2.94 98.06
CA LEU D 344 2.46 2.69 98.26
C LEU D 344 3.30 3.94 98.20
N CYS D 345 2.82 5.00 97.53
CA CYS D 345 3.54 6.27 97.56
C CYS D 345 3.51 6.89 98.93
N TRP D 346 2.38 6.76 99.63
CA TRP D 346 2.32 7.17 101.01
C TRP D 346 2.98 6.15 101.92
N GLY D 347 2.94 4.87 101.55
CA GLY D 347 3.53 3.85 102.38
C GLY D 347 5.05 3.89 102.37
N GLU D 348 5.64 4.17 101.20
CA GLU D 348 7.09 4.31 101.12
C GLU D 348 7.58 5.70 101.49
N LEU D 349 6.67 6.59 101.86
CA LEU D 349 7.03 7.90 102.37
C LEU D 349 6.99 7.96 103.88
N MET D 350 6.08 7.22 104.51
CA MET D 350 5.99 7.19 105.96
C MET D 350 7.16 6.46 106.60
N THR D 351 7.79 5.53 105.89
CA THR D 351 9.00 4.90 106.42
C THR D 351 10.17 5.86 106.38
N LEU D 352 10.17 6.82 105.46
CA LEU D 352 11.18 7.86 105.50
C LEU D 352 10.90 8.85 106.61
N ALA D 353 9.62 9.17 106.83
CA ALA D 353 9.26 10.08 107.91
C ALA D 353 9.46 9.44 109.27
N THR D 354 9.38 8.12 109.35
CA THR D 354 9.70 7.43 110.59
C THR D 354 11.20 7.40 110.84
N TRP D 355 11.98 7.18 109.79
CA TRP D 355 13.43 7.07 109.95
C TRP D 355 14.08 8.42 110.22
N VAL D 356 13.52 9.51 109.70
CA VAL D 356 14.17 10.81 109.83
C VAL D 356 14.09 11.33 111.25
N GLY D 357 13.13 10.84 112.05
CA GLY D 357 13.09 11.19 113.46
C GLY D 357 14.22 10.58 114.27
N ASN D 358 14.90 9.58 113.72
CA ASN D 358 15.99 8.91 114.43
C ASN D 358 17.30 9.01 113.64
N VAL D 375 8.59 19.85 113.07
CA VAL D 375 9.21 18.56 112.84
C VAL D 375 8.41 17.76 111.82
N ASN D 376 7.11 17.60 112.07
CA ASN D 376 6.22 16.87 111.18
C ASN D 376 5.46 17.87 110.31
N TYR D 377 6.17 18.43 109.34
CA TYR D 377 5.57 19.31 108.35
C TYR D 377 4.95 18.55 107.19
N VAL D 378 5.08 17.22 107.19
CA VAL D 378 4.67 16.41 106.05
C VAL D 378 3.16 16.41 105.90
N ASN D 379 2.44 16.59 107.00
CA ASN D 379 0.98 16.57 106.98
C ASN D 379 0.36 17.85 106.47
N THR D 380 1.16 18.87 106.13
CA THR D 380 0.63 20.04 105.43
C THR D 380 1.29 20.26 104.07
N ASN D 381 2.30 19.48 103.70
CA ASN D 381 2.96 19.65 102.42
C ASN D 381 2.81 18.45 101.52
N MET D 382 3.21 17.26 101.98
CA MET D 382 3.10 16.06 101.17
C MET D 382 1.81 15.30 101.45
N GLY D 383 1.41 15.25 102.72
CA GLY D 383 0.19 14.53 103.08
C GLY D 383 -1.06 15.18 102.56
N LEU D 384 -1.06 16.51 102.47
CA LEU D 384 -2.19 17.21 101.84
C LEU D 384 -2.22 16.97 100.35
N LYS D 385 -1.08 16.66 99.74
CA LYS D 385 -1.06 16.27 98.34
C LYS D 385 -1.54 14.84 98.13
N ILE D 386 -1.35 13.98 99.12
CA ILE D 386 -1.82 12.61 99.00
C ILE D 386 -3.26 12.47 99.49
N ARG D 387 -3.76 13.41 100.28
CA ARG D 387 -5.17 13.41 100.63
C ARG D 387 -6.04 13.88 99.48
N GLN D 388 -5.46 14.48 98.46
CA GLN D 388 -6.23 14.80 97.26
C GLN D 388 -6.31 13.60 96.34
N LEU D 389 -5.21 12.87 96.16
CA LEU D 389 -5.23 11.69 95.30
C LEU D 389 -6.06 10.56 95.91
N LEU D 390 -6.09 10.46 97.24
CA LEU D 390 -6.92 9.43 97.85
C LEU D 390 -8.39 9.81 97.76
N TRP D 391 -8.72 11.08 98.01
CA TRP D 391 -10.12 11.49 98.01
C TRP D 391 -10.70 11.51 96.60
N PHE D 392 -9.89 11.91 95.61
CA PHE D 392 -10.42 12.04 94.26
C PHE D 392 -10.72 10.68 93.65
N HIS D 393 -9.90 9.69 93.93
CA HIS D 393 -10.10 8.38 93.33
C HIS D 393 -11.05 7.50 94.12
N ILE D 394 -11.21 7.75 95.42
CA ILE D 394 -12.26 7.04 96.16
C ILE D 394 -13.62 7.56 95.73
N SER D 395 -13.77 8.88 95.64
CA SER D 395 -15.03 9.47 95.20
C SER D 395 -15.28 9.27 93.72
N CYS D 396 -14.24 9.01 92.93
CA CYS D 396 -14.47 8.60 91.54
C CYS D 396 -15.04 7.20 91.45
N LEU D 397 -14.80 6.36 92.44
CA LEU D 397 -15.36 5.02 92.43
C LEU D 397 -16.69 4.94 93.16
N THR D 398 -16.85 5.69 94.24
CA THR D 398 -18.07 5.61 95.01
C THR D 398 -19.21 6.38 94.35
N PHE D 399 -19.08 7.70 94.25
CA PHE D 399 -20.13 8.53 93.68
C PHE D 399 -19.92 8.78 92.20
N GLY D 400 -19.71 7.73 91.41
CA GLY D 400 -19.54 7.89 89.98
C GLY D 400 -18.26 8.57 89.54
N ARG D 401 -18.00 8.57 88.22
CA ARG D 401 -16.77 9.13 87.70
C ARG D 401 -16.90 10.61 87.35
N GLU D 402 -17.95 10.97 86.63
CA GLU D 402 -18.11 12.35 86.18
C GLU D 402 -18.98 13.18 87.10
N THR D 403 -19.64 12.54 88.09
CA THR D 403 -20.38 13.28 89.09
C THR D 403 -19.44 14.10 89.96
N VAL D 404 -18.29 13.53 90.31
CA VAL D 404 -17.29 14.30 91.04
C VAL D 404 -16.59 15.31 90.14
N LEU D 405 -16.65 15.13 88.81
CA LEU D 405 -16.08 16.14 87.93
C LEU D 405 -17.00 17.35 87.84
N GLU D 406 -18.31 17.14 87.96
CA GLU D 406 -19.23 18.26 88.01
C GLU D 406 -19.44 18.77 89.42
N TYR D 407 -19.04 18.00 90.44
CA TYR D 407 -19.14 18.49 91.81
C TYR D 407 -18.08 19.54 92.10
N LEU D 408 -16.88 19.36 91.55
CA LEU D 408 -15.81 20.32 91.80
C LEU D 408 -16.05 21.64 91.09
N VAL D 409 -16.83 21.62 90.01
CA VAL D 409 -17.24 22.87 89.37
C VAL D 409 -18.26 23.58 90.24
N SER D 410 -19.20 22.83 90.83
CA SER D 410 -20.19 23.43 91.70
C SER D 410 -19.57 23.88 93.02
N PHE D 411 -18.50 23.24 93.46
CA PHE D 411 -17.77 23.77 94.60
C PHE D 411 -16.88 24.93 94.20
N GLY D 412 -16.51 25.02 92.93
CA GLY D 412 -15.72 26.14 92.46
C GLY D 412 -16.46 27.45 92.52
N VAL D 413 -17.75 27.45 92.17
CA VAL D 413 -18.54 28.67 92.26
C VAL D 413 -19.01 28.96 93.68
N TRP D 414 -18.97 27.99 94.58
CA TRP D 414 -19.35 28.26 95.95
C TRP D 414 -18.21 28.89 96.72
N ILE D 415 -16.99 28.37 96.55
CA ILE D 415 -15.85 28.88 97.28
C ILE D 415 -15.38 30.21 96.71
N ARG D 416 -15.77 30.54 95.47
CA ARG D 416 -15.34 31.78 94.87
C ARG D 416 -16.19 32.96 95.30
N THR D 417 -17.45 32.73 95.62
CA THR D 417 -18.31 33.80 96.09
C THR D 417 -17.86 34.26 97.46
N PRO D 418 -17.88 35.57 97.73
CA PRO D 418 -17.45 36.07 99.03
C PRO D 418 -18.49 35.74 100.09
N PRO D 419 -18.14 35.85 101.37
CA PRO D 419 -19.13 35.66 102.43
C PRO D 419 -20.24 36.70 102.38
N ALA D 420 -21.35 36.35 103.01
CA ALA D 420 -22.65 37.06 103.01
C ALA D 420 -23.28 37.12 101.63
N TYR D 421 -22.81 36.29 100.69
CA TYR D 421 -23.46 36.14 99.40
C TYR D 421 -23.56 34.69 98.96
N ARG D 422 -23.02 33.76 99.74
CA ARG D 422 -23.13 32.34 99.50
C ARG D 422 -23.96 31.70 100.59
N PRO D 423 -24.57 30.55 100.34
CA PRO D 423 -25.20 29.80 101.41
C PRO D 423 -24.16 29.35 102.41
N PRO D 424 -24.52 29.26 103.70
CA PRO D 424 -23.49 29.00 104.71
C PRO D 424 -22.99 27.58 104.72
N ASN D 425 -23.75 26.64 104.20
CA ASN D 425 -23.34 25.24 104.11
C ASN D 425 -22.75 24.98 102.73
N ALA D 426 -21.60 24.31 102.71
CA ALA D 426 -20.98 23.95 101.45
C ALA D 426 -21.79 22.85 100.77
N PRO D 427 -21.74 22.77 99.44
CA PRO D 427 -22.46 21.70 98.75
C PRO D 427 -21.84 20.33 99.02
N ILE D 428 -22.66 19.39 99.45
CA ILE D 428 -22.18 18.05 99.74
C ILE D 428 -22.11 17.24 98.45
N LEU D 429 -21.42 16.11 98.50
CA LEU D 429 -21.38 15.19 97.38
C LEU D 429 -22.21 13.97 97.69
N SER D 430 -23.15 13.65 96.81
CA SER D 430 -24.01 12.49 97.00
C SER D 430 -24.50 12.04 95.63
N THR D 431 -25.32 10.99 95.64
CA THR D 431 -25.91 10.25 94.49
C THR D 431 -25.01 9.97 93.29
N MET E 1 12.31 30.63 65.84
CA MET E 1 12.01 29.36 65.20
C MET E 1 13.04 28.32 65.56
N ASP E 2 12.62 27.27 66.25
CA ASP E 2 13.49 26.19 66.69
C ASP E 2 13.14 24.95 65.89
N ILE E 3 13.76 24.83 64.74
CA ILE E 3 13.46 23.75 63.82
C ILE E 3 14.30 22.53 64.18
N ASP E 4 13.81 21.35 63.83
CA ASP E 4 14.39 20.08 64.25
C ASP E 4 14.68 19.21 63.03
N PRO E 5 15.87 18.66 62.91
CA PRO E 5 16.23 17.93 61.68
C PRO E 5 15.64 16.53 61.61
N TYR E 6 15.57 15.83 62.74
CA TYR E 6 15.11 14.44 62.73
C TYR E 6 13.63 14.29 63.01
N LYS E 7 12.94 15.36 63.44
CA LYS E 7 11.57 15.25 63.92
C LYS E 7 10.61 14.89 62.79
N GLU E 8 10.97 15.22 61.56
CA GLU E 8 10.18 14.79 60.41
C GLU E 8 10.29 13.28 60.20
N PHE E 9 11.45 12.70 60.45
CA PHE E 9 11.70 11.30 60.15
C PHE E 9 11.31 10.34 61.26
N GLY E 10 10.93 10.85 62.42
CA GLY E 10 10.44 9.98 63.48
C GLY E 10 11.19 10.10 64.78
N ALA E 11 12.51 10.23 64.72
CA ALA E 11 13.30 10.40 65.92
C ALA E 11 13.31 11.87 66.33
N THR E 12 13.91 12.15 67.47
CA THR E 12 14.12 13.52 67.92
C THR E 12 15.62 13.77 68.07
N VAL E 13 15.97 14.99 68.46
CA VAL E 13 17.37 15.30 68.70
C VAL E 13 17.85 14.67 70.00
N GLU E 14 17.03 14.71 71.04
CA GLU E 14 17.43 14.15 72.31
C GLU E 14 17.37 12.63 72.34
N LEU E 15 16.67 12.01 71.39
CA LEU E 15 16.67 10.56 71.33
C LEU E 15 17.97 10.05 70.74
N LEU E 16 18.62 10.86 69.90
CA LEU E 16 19.94 10.53 69.40
C LEU E 16 21.04 10.87 70.39
N SER E 17 20.71 11.40 71.56
CA SER E 17 21.68 11.55 72.62
C SER E 17 21.79 10.30 73.47
N PHE E 18 21.02 9.25 73.14
CA PHE E 18 21.23 7.93 73.73
C PHE E 18 22.61 7.42 73.36
N LEU E 19 22.98 7.56 72.11
CA LEU E 19 24.32 7.20 71.67
C LEU E 19 25.32 8.23 72.17
N PRO E 20 26.53 7.82 72.54
CA PRO E 20 27.52 8.78 73.00
C PRO E 20 28.10 9.56 71.83
N SER E 21 29.02 10.46 72.14
CA SER E 21 29.65 11.27 71.12
C SER E 21 30.59 10.43 70.27
N ASP E 22 31.42 9.61 70.91
CA ASP E 22 32.41 8.82 70.19
C ASP E 22 31.88 7.45 69.81
N PHE E 23 30.71 7.44 69.17
CA PHE E 23 30.17 6.23 68.57
C PHE E 23 30.08 6.34 67.06
N PHE E 24 29.82 7.50 66.55
CA PHE E 24 29.64 7.72 65.13
C PHE E 24 30.99 7.63 64.42
N PRO E 25 31.03 7.04 63.23
CA PRO E 25 32.26 7.05 62.45
C PRO E 25 32.57 8.44 61.94
N SER E 26 33.82 8.61 61.49
CA SER E 26 34.28 9.93 61.09
C SER E 26 33.60 10.39 59.80
N VAL E 27 33.74 11.68 59.52
CA VAL E 27 33.16 12.25 58.31
C VAL E 27 33.88 11.76 57.06
N ARG E 28 35.13 11.32 57.19
CA ARG E 28 35.78 10.67 56.06
C ARG E 28 35.20 9.29 55.83
N ASP E 29 35.04 8.49 56.89
CA ASP E 29 34.54 7.13 56.75
C ASP E 29 33.05 7.07 56.46
N LEU E 30 32.32 8.16 56.65
CA LEU E 30 30.89 8.16 56.33
C LEU E 30 30.64 8.55 54.88
N LEU E 31 31.43 9.47 54.34
CA LEU E 31 31.25 9.85 52.95
C LEU E 31 31.79 8.79 52.00
N ASP E 32 32.76 7.99 52.44
CA ASP E 32 33.19 6.86 51.64
C ASP E 32 32.11 5.78 51.58
N THR E 33 31.30 5.68 52.62
CA THR E 33 30.20 4.72 52.61
C THR E 33 29.08 5.17 51.69
N ALA E 34 28.78 6.48 51.70
CA ALA E 34 27.69 7.01 50.89
C ALA E 34 28.02 6.91 49.41
N SER E 35 29.25 7.25 49.03
CA SER E 35 29.63 7.19 47.62
C SER E 35 29.80 5.76 47.13
N ALA E 36 30.04 4.80 48.02
CA ALA E 36 30.22 3.43 47.57
C ALA E 36 28.90 2.75 47.28
N LEU E 37 27.85 3.10 48.02
CA LEU E 37 26.55 2.45 47.91
C LEU E 37 25.52 3.30 47.18
N TYR E 38 25.52 4.61 47.41
CA TYR E 38 24.50 5.50 46.85
C TYR E 38 25.21 6.65 46.16
N ARG E 39 25.63 6.44 44.91
CA ARG E 39 26.22 7.52 44.16
C ARG E 39 25.46 7.70 42.86
N GLU E 40 24.92 6.60 42.34
CA GLU E 40 24.05 6.69 41.18
C GLU E 40 22.66 7.15 41.55
N ALA E 41 22.32 7.14 42.84
CA ALA E 41 21.03 7.62 43.32
C ALA E 41 21.12 8.95 44.06
N LEU E 42 22.29 9.29 44.60
CA LEU E 42 22.43 10.61 45.23
C LEU E 42 22.66 11.69 44.20
N GLU E 43 23.33 11.39 43.10
CA GLU E 43 23.53 12.33 42.02
C GLU E 43 22.41 12.27 40.99
N SER E 44 21.44 11.39 41.17
CA SER E 44 20.35 11.28 40.22
C SER E 44 19.40 12.47 40.34
N PRO E 45 18.72 12.84 39.26
CA PRO E 45 17.77 13.96 39.34
C PRO E 45 16.40 13.60 39.88
N GLU E 46 16.27 12.48 40.58
CA GLU E 46 14.98 12.06 41.10
C GLU E 46 14.86 12.34 42.60
N HIS E 47 13.65 12.16 43.10
CA HIS E 47 13.27 12.39 44.49
C HIS E 47 13.13 11.08 45.27
N CYS E 48 14.09 10.16 45.08
CA CYS E 48 13.90 8.73 45.33
C CYS E 48 13.45 8.41 46.75
N SER E 49 13.87 9.20 47.73
CA SER E 49 13.42 9.02 49.11
C SER E 49 13.62 10.34 49.84
N PRO E 50 12.85 10.60 50.91
CA PRO E 50 13.13 11.80 51.72
C PRO E 50 14.41 11.70 52.50
N HIS E 51 14.98 10.50 52.66
CA HIS E 51 16.32 10.40 53.21
C HIS E 51 17.36 10.90 52.23
N HIS E 52 17.10 10.75 50.94
CA HIS E 52 18.04 11.22 49.93
C HIS E 52 18.09 12.74 49.87
N THR E 53 16.93 13.39 50.03
CA THR E 53 16.88 14.85 50.02
C THR E 53 17.57 15.42 51.24
N ALA E 54 17.44 14.76 52.38
CA ALA E 54 18.17 15.20 53.57
C ALA E 54 19.65 14.88 53.47
N LEU E 55 20.01 13.81 52.77
CA LEU E 55 21.41 13.45 52.65
C LEU E 55 22.12 14.28 51.58
N ARG E 56 21.40 14.73 50.56
CA ARG E 56 21.99 15.56 49.53
C ARG E 56 22.42 16.91 50.10
N GLN E 57 21.65 17.45 51.05
CA GLN E 57 22.01 18.72 51.66
C GLN E 57 22.96 18.54 52.83
N ALA E 58 23.03 17.36 53.44
CA ALA E 58 23.92 17.18 54.57
C ALA E 58 25.37 17.06 54.11
N ILE E 59 25.60 16.52 52.93
CA ILE E 59 26.96 16.44 52.40
C ILE E 59 27.43 17.82 51.97
N LEU E 60 26.56 18.58 51.31
CA LEU E 60 26.93 19.92 50.86
C LEU E 60 27.00 20.90 52.01
N CYS E 61 26.37 20.59 53.15
CA CYS E 61 26.58 21.42 54.33
C CYS E 61 27.99 21.24 54.88
N TRP E 62 28.48 19.99 54.89
CA TRP E 62 29.85 19.74 55.31
C TRP E 62 30.83 20.21 54.25
N GLY E 63 30.45 20.15 52.98
CA GLY E 63 31.30 20.66 51.92
C GLY E 63 31.46 22.16 51.92
N GLU E 64 30.53 22.88 52.53
CA GLU E 64 30.67 24.32 52.70
C GLU E 64 31.33 24.69 54.02
N LEU E 65 31.16 23.85 55.04
CA LEU E 65 31.77 24.13 56.33
C LEU E 65 33.27 23.89 56.30
N MET E 66 33.70 22.84 55.59
CA MET E 66 35.12 22.54 55.48
C MET E 66 35.86 23.56 54.64
N THR E 67 35.15 24.24 53.73
CA THR E 67 35.76 25.35 52.99
C THR E 67 36.05 26.52 53.93
N LEU E 68 35.13 26.80 54.85
CA LEU E 68 35.33 27.88 55.81
C LEU E 68 36.44 27.53 56.79
N ALA E 69 36.53 26.26 57.20
CA ALA E 69 37.61 25.85 58.09
C ALA E 69 38.96 25.86 57.40
N THR E 70 38.99 25.56 56.10
CA THR E 70 40.23 25.67 55.35
C THR E 70 40.59 27.13 55.11
N TRP E 71 39.59 28.00 54.97
CA TRP E 71 39.83 29.41 54.70
C TRP E 71 40.41 30.12 55.92
N VAL E 72 39.90 29.81 57.11
CA VAL E 72 40.41 30.45 58.32
C VAL E 72 41.74 29.89 58.78
N GLY E 73 42.21 28.81 58.17
CA GLY E 73 43.53 28.29 58.49
C GLY E 73 44.66 29.12 57.96
N ASN E 74 44.39 30.01 57.02
CA ASN E 74 45.40 30.87 56.41
C ASN E 74 45.38 32.27 57.01
N ASN E 75 44.23 32.94 56.94
CA ASN E 75 44.11 34.34 57.35
C ASN E 75 43.65 34.38 58.80
N LEU E 76 44.56 34.72 59.70
CA LEU E 76 44.28 34.72 61.13
C LEU E 76 44.27 36.13 61.69
N ASP E 195 44.66 25.26 62.61
CA ASP E 195 45.15 24.42 63.69
C ASP E 195 44.37 24.57 65.01
N LEU E 196 44.01 25.80 65.38
CA LEU E 196 43.16 25.99 66.55
C LEU E 196 41.67 25.93 66.21
N VAL E 197 41.33 25.74 64.94
CA VAL E 197 39.94 25.67 64.53
C VAL E 197 39.50 24.27 64.14
N VAL E 198 40.43 23.33 63.92
CA VAL E 198 40.04 21.99 63.52
C VAL E 198 39.45 21.23 64.71
N ASN E 199 40.03 21.42 65.89
CA ASN E 199 39.45 20.82 67.09
C ASN E 199 38.13 21.47 67.49
N TYR E 200 37.88 22.70 67.06
CA TYR E 200 36.56 23.30 67.28
C TYR E 200 35.54 22.73 66.31
N VAL E 201 35.91 22.61 65.03
CA VAL E 201 34.98 22.14 64.02
C VAL E 201 34.81 20.63 64.05
N ASN E 202 35.56 19.94 64.90
CA ASN E 202 35.32 18.54 65.16
C ASN E 202 34.54 18.30 66.46
N THR E 203 34.41 19.31 67.30
CA THR E 203 33.70 19.15 68.56
C THR E 203 32.24 19.57 68.44
N ASN E 204 31.99 20.79 67.97
CA ASN E 204 30.63 21.32 67.95
C ASN E 204 29.93 21.02 66.63
N MET E 205 30.47 21.53 65.53
CA MET E 205 30.17 20.98 64.22
C MET E 205 30.96 19.70 64.04
N GLY E 206 30.76 19.00 62.93
CA GLY E 206 31.45 17.73 62.88
C GLY E 206 30.58 16.70 63.56
N LEU E 207 30.76 16.58 64.89
CA LEU E 207 29.90 15.76 65.74
C LEU E 207 28.41 16.03 65.51
N LYS E 208 28.02 17.27 65.23
CA LYS E 208 26.63 17.53 64.89
C LYS E 208 26.30 17.05 63.48
N ILE E 209 27.28 17.02 62.57
CA ILE E 209 27.03 16.55 61.22
C ILE E 209 27.41 15.08 61.05
N ARG E 210 28.16 14.50 61.99
CA ARG E 210 28.37 13.05 61.99
C ARG E 210 27.09 12.32 62.34
N GLN E 211 26.22 12.93 63.14
CA GLN E 211 24.95 12.30 63.47
C GLN E 211 24.02 12.30 62.27
N LEU E 212 23.93 13.42 61.56
CA LEU E 212 23.04 13.54 60.43
C LEU E 212 23.51 12.71 59.24
N LEU E 213 24.80 12.42 59.15
CA LEU E 213 25.29 11.54 58.10
C LEU E 213 25.13 10.09 58.48
N TRP E 214 25.35 9.75 59.76
CA TRP E 214 25.15 8.39 60.21
C TRP E 214 23.68 7.99 60.15
N PHE E 215 22.78 8.94 60.40
CA PHE E 215 21.36 8.61 60.47
C PHE E 215 20.81 8.25 59.11
N HIS E 216 21.03 9.11 58.13
CA HIS E 216 20.41 8.92 56.82
C HIS E 216 21.10 7.86 55.99
N ILE E 217 22.38 7.56 56.24
CA ILE E 217 23.00 6.41 55.59
C ILE E 217 22.44 5.12 56.16
N SER E 218 22.32 5.05 57.49
CA SER E 218 21.80 3.85 58.11
C SER E 218 20.29 3.71 57.94
N CYS E 219 19.58 4.81 57.72
CA CYS E 219 18.15 4.69 57.42
C CYS E 219 17.91 4.29 55.97
N LEU E 220 18.79 4.69 55.07
CA LEU E 220 18.68 4.24 53.70
C LEU E 220 19.00 2.76 53.58
N THR E 221 20.01 2.31 54.31
CA THR E 221 20.49 0.94 54.18
C THR E 221 19.56 -0.05 54.86
N PHE E 222 19.38 0.09 56.17
CA PHE E 222 18.65 -0.89 56.96
C PHE E 222 17.19 -0.54 57.15
N GLY E 223 16.67 0.42 56.39
CA GLY E 223 15.30 0.86 56.57
C GLY E 223 15.17 1.86 57.72
N ARG E 224 14.07 2.58 57.71
CA ARG E 224 13.93 3.65 58.70
C ARG E 224 13.45 3.12 60.04
N GLU E 225 12.55 2.15 60.04
CA GLU E 225 12.01 1.67 61.31
C GLU E 225 13.00 0.82 62.07
N THR E 226 14.02 0.26 61.41
CA THR E 226 15.00 -0.55 62.12
C THR E 226 15.95 0.34 62.90
N VAL E 227 16.26 1.53 62.39
CA VAL E 227 17.12 2.45 63.12
C VAL E 227 16.41 2.98 64.36
N LEU E 228 15.10 3.20 64.27
CA LEU E 228 14.36 3.72 65.43
C LEU E 228 14.21 2.64 66.51
N GLU E 229 14.16 1.38 66.14
CA GLU E 229 14.26 0.32 67.15
C GLU E 229 15.70 0.00 67.51
N TYR E 230 16.68 0.56 66.80
CA TYR E 230 18.07 0.39 67.18
C TYR E 230 18.50 1.46 68.18
N LEU E 231 18.01 2.68 68.02
CA LEU E 231 18.34 3.76 68.95
C LEU E 231 17.74 3.50 70.33
N VAL E 232 16.61 2.79 70.38
CA VAL E 232 16.09 2.32 71.65
C VAL E 232 16.96 1.20 72.20
N SER E 233 17.37 0.28 71.33
CA SER E 233 18.14 -0.88 71.77
C SER E 233 19.57 -0.52 72.15
N PHE E 234 20.10 0.59 71.66
CA PHE E 234 21.34 1.10 72.22
C PHE E 234 21.09 1.91 73.48
N GLY E 235 19.85 2.34 73.69
CA GLY E 235 19.53 2.99 74.95
C GLY E 235 19.63 2.03 76.11
N VAL E 236 19.05 0.83 75.97
CA VAL E 236 19.06 -0.13 77.07
C VAL E 236 20.45 -0.71 77.29
N TRP E 237 21.29 -0.72 76.27
CA TRP E 237 22.66 -1.21 76.46
C TRP E 237 23.52 -0.18 77.16
N ILE E 238 23.21 1.10 76.99
CA ILE E 238 24.03 2.14 77.60
C ILE E 238 23.52 2.55 78.98
N ARG E 239 22.27 2.23 79.32
CA ARG E 239 21.73 2.63 80.61
C ARG E 239 22.11 1.66 81.72
N THR E 240 22.26 0.37 81.38
CA THR E 240 22.55 -0.65 82.39
C THR E 240 23.96 -0.47 82.94
N PRO E 241 24.19 -0.84 84.20
CA PRO E 241 25.53 -0.73 84.77
C PRO E 241 26.48 -1.70 84.08
N PRO E 242 27.79 -1.41 84.08
CA PRO E 242 28.71 -2.22 83.27
C PRO E 242 28.89 -3.64 83.76
N ALA E 243 28.52 -3.95 85.00
CA ALA E 243 28.66 -5.31 85.50
C ALA E 243 27.62 -6.26 84.93
N TYR E 244 26.59 -5.75 84.24
CA TYR E 244 25.53 -6.59 83.72
C TYR E 244 25.27 -6.41 82.23
N ARG E 245 25.87 -5.42 81.60
CA ARG E 245 25.62 -5.35 80.17
C ARG E 245 26.60 -6.23 79.42
N PRO E 246 26.22 -6.72 78.24
CA PRO E 246 27.15 -7.52 77.45
C PRO E 246 28.32 -6.67 76.99
N PRO E 247 29.49 -7.29 76.77
CA PRO E 247 30.62 -6.53 76.24
C PRO E 247 30.45 -6.18 74.78
N ASN E 248 29.55 -6.83 74.08
CA ASN E 248 29.29 -6.53 72.68
C ASN E 248 28.18 -5.48 72.56
N ALA E 249 28.42 -4.50 71.73
CA ALA E 249 27.41 -3.50 71.41
C ALA E 249 26.32 -4.13 70.56
N PRO E 250 25.09 -3.63 70.62
CA PRO E 250 24.01 -4.25 69.84
C PRO E 250 23.95 -3.74 68.41
N ILE E 251 25.03 -3.96 67.65
CA ILE E 251 25.20 -3.36 66.33
C ILE E 251 24.19 -3.94 65.33
N LEU E 252 23.89 -3.16 64.30
CA LEU E 252 22.85 -3.50 63.35
C LEU E 252 23.47 -4.00 62.05
N SER E 253 22.99 -5.13 61.58
CA SER E 253 23.52 -5.72 60.36
C SER E 253 22.47 -6.37 59.47
N THR E 254 21.19 -6.29 59.81
CA THR E 254 20.15 -6.97 59.05
C THR E 254 19.16 -5.95 58.49
N LEU E 255 18.62 -6.28 57.32
CA LEU E 255 17.61 -5.46 56.68
C LEU E 255 16.28 -5.65 57.40
N MET E 285 33.14 13.04 44.55
CA MET E 285 31.70 13.09 44.30
C MET E 285 31.15 14.49 44.58
N ASP E 286 30.42 15.05 43.61
CA ASP E 286 29.76 16.33 43.77
C ASP E 286 28.27 16.18 43.52
N ILE E 287 27.47 16.92 44.28
CA ILE E 287 26.02 16.81 44.25
C ILE E 287 25.44 18.17 43.90
N ASP E 288 24.57 18.20 42.89
CA ASP E 288 23.80 19.39 42.56
C ASP E 288 22.62 19.46 43.51
N PRO E 289 22.52 20.48 44.37
CA PRO E 289 21.43 20.52 45.35
C PRO E 289 20.07 20.83 44.75
N TYR E 290 20.01 21.29 43.51
CA TYR E 290 18.75 21.65 42.88
C TYR E 290 18.28 20.62 41.86
N LYS E 291 19.11 19.62 41.55
CA LYS E 291 18.91 18.81 40.35
C LYS E 291 17.69 17.92 40.45
N GLU E 292 17.30 17.53 41.66
CA GLU E 292 16.11 16.73 41.82
C GLU E 292 14.84 17.55 41.63
N PHE E 293 14.92 18.87 41.76
CA PHE E 293 13.77 19.74 41.64
C PHE E 293 13.56 20.25 40.22
N GLY E 294 14.58 20.19 39.38
CA GLY E 294 14.45 20.61 38.00
C GLY E 294 15.55 21.57 37.58
N ALA E 295 15.95 22.46 38.49
CA ALA E 295 16.96 23.44 38.16
C ALA E 295 18.36 22.90 38.42
N THR E 296 19.34 23.63 37.95
CA THR E 296 20.75 23.34 38.19
C THR E 296 21.37 24.51 38.93
N VAL E 297 22.65 24.35 39.29
CA VAL E 297 23.39 25.45 39.91
C VAL E 297 23.64 26.55 38.88
N GLU E 298 24.04 26.17 37.67
CA GLU E 298 24.39 27.17 36.67
C GLU E 298 23.16 27.86 36.08
N LEU E 299 21.96 27.29 36.26
CA LEU E 299 20.75 28.01 35.89
C LEU E 299 20.47 29.13 36.87
N LEU E 300 20.87 28.98 38.13
CA LEU E 300 20.69 30.01 39.13
C LEU E 300 21.90 30.92 39.25
N SER E 301 22.90 30.75 38.41
CA SER E 301 23.99 31.72 38.39
C SER E 301 23.67 32.93 37.54
N PHE E 302 22.60 32.85 36.73
CA PHE E 302 22.21 33.98 35.90
C PHE E 302 21.63 35.12 36.74
N LEU E 303 20.96 34.79 37.84
CA LEU E 303 20.45 35.82 38.73
C LEU E 303 21.62 36.50 39.44
N PRO E 304 21.65 37.83 39.46
CA PRO E 304 22.83 38.52 39.98
C PRO E 304 22.88 38.49 41.50
N SER E 305 24.01 38.95 42.03
CA SER E 305 24.24 38.88 43.47
C SER E 305 23.44 39.89 44.26
N ASP E 306 22.91 40.93 43.61
CA ASP E 306 22.06 41.89 44.28
C ASP E 306 20.59 41.59 44.09
N PHE E 307 20.25 40.37 43.69
CA PHE E 307 18.86 40.00 43.46
C PHE E 307 18.26 39.28 44.65
N PHE E 308 19.04 38.51 45.35
CA PHE E 308 18.46 37.79 46.47
C PHE E 308 18.42 38.67 47.70
N PRO E 309 17.35 38.60 48.48
CA PRO E 309 17.31 39.31 49.76
C PRO E 309 18.31 38.75 50.75
N SER E 310 18.52 39.49 51.83
CA SER E 310 19.47 39.06 52.84
C SER E 310 18.93 37.86 53.61
N VAL E 311 19.81 37.23 54.39
CA VAL E 311 19.46 35.97 55.01
C VAL E 311 18.45 36.18 56.13
N ARG E 312 18.58 37.27 56.87
CA ARG E 312 17.61 37.57 57.91
C ARG E 312 16.26 37.96 57.33
N ASP E 313 16.26 38.62 56.16
CA ASP E 313 15.00 38.89 55.49
C ASP E 313 14.41 37.64 54.87
N LEU E 314 15.23 36.63 54.60
CA LEU E 314 14.75 35.41 53.99
C LEU E 314 14.47 34.31 55.01
N LEU E 315 15.02 34.43 56.22
CA LEU E 315 14.64 33.55 57.30
C LEU E 315 13.36 34.02 57.98
N ASP E 316 13.13 35.34 58.03
CA ASP E 316 11.88 35.84 58.57
C ASP E 316 10.71 35.56 57.64
N THR E 317 10.97 35.44 56.34
CA THR E 317 9.93 35.03 55.41
C THR E 317 9.54 33.57 55.64
N ALA E 318 10.49 32.75 56.09
CA ALA E 318 10.21 31.34 56.35
C ALA E 318 9.31 31.18 57.57
N SER E 319 9.71 31.75 58.71
CA SER E 319 8.99 31.56 59.96
C SER E 319 7.65 32.28 59.98
N ALA E 320 7.43 33.24 59.08
CA ALA E 320 6.12 33.88 58.98
C ALA E 320 5.18 33.10 58.07
N LEU E 321 5.67 32.64 56.93
CA LEU E 321 4.82 31.89 56.01
C LEU E 321 4.68 30.43 56.43
N TYR E 322 5.80 29.72 56.54
CA TYR E 322 5.81 28.28 56.76
C TYR E 322 6.50 27.99 58.09
N ARG E 323 5.74 27.96 59.15
CA ARG E 323 6.26 27.56 60.45
C ARG E 323 5.51 26.37 61.03
N GLU E 324 4.20 26.32 60.87
CA GLU E 324 3.45 25.14 61.28
C GLU E 324 3.68 23.96 60.34
N ALA E 325 4.21 24.19 59.15
CA ALA E 325 4.52 23.10 58.24
C ALA E 325 5.98 22.68 58.31
N LEU E 326 6.87 23.58 58.72
CA LEU E 326 8.27 23.20 58.87
C LEU E 326 8.50 22.47 60.18
N GLU E 327 7.89 22.94 61.26
CA GLU E 327 8.05 22.32 62.57
C GLU E 327 7.24 21.05 62.73
N SER E 328 6.35 20.74 61.80
CA SER E 328 5.52 19.55 61.91
C SER E 328 6.34 18.30 61.62
N PRO E 329 5.93 17.15 62.13
CA PRO E 329 6.65 15.91 61.83
C PRO E 329 6.28 15.26 60.50
N GLU E 330 5.62 15.98 59.60
CA GLU E 330 5.35 15.47 58.27
C GLU E 330 6.26 16.16 57.26
N HIS E 331 6.45 15.49 56.12
CA HIS E 331 7.26 16.04 55.05
C HIS E 331 6.49 17.13 54.30
N CYS E 332 5.34 16.76 53.73
CA CYS E 332 4.35 17.55 52.99
C CYS E 332 4.84 18.03 51.62
N SER E 333 6.14 17.86 51.32
CA SER E 333 6.78 18.26 50.08
C SER E 333 8.23 17.81 50.10
N PRO E 334 8.89 17.71 48.95
CA PRO E 334 10.36 17.63 48.97
C PRO E 334 11.02 18.97 49.20
N HIS E 335 10.27 20.07 49.15
CA HIS E 335 10.87 21.38 49.39
C HIS E 335 11.01 21.66 50.87
N HIS E 336 10.08 21.17 51.70
CA HIS E 336 10.19 21.39 53.14
C HIS E 336 11.36 20.63 53.72
N THR E 337 11.60 19.41 53.23
CA THR E 337 12.74 18.63 53.70
C THR E 337 14.05 19.28 53.28
N ALA E 338 14.09 19.85 52.09
CA ALA E 338 15.27 20.58 51.65
C ALA E 338 15.39 21.95 52.30
N LEU E 339 14.32 22.44 52.94
CA LEU E 339 14.37 23.74 53.59
C LEU E 339 14.75 23.63 55.05
N ARG E 340 14.46 22.50 55.70
CA ARG E 340 14.88 22.32 57.07
C ARG E 340 16.39 22.21 57.17
N GLN E 341 17.05 21.64 56.16
CA GLN E 341 18.50 21.51 56.21
C GLN E 341 19.21 22.82 55.87
N ALA E 342 18.63 23.62 54.99
CA ALA E 342 19.26 24.89 54.61
C ALA E 342 19.21 25.88 55.76
N ILE E 343 18.18 25.81 56.59
CA ILE E 343 18.11 26.69 57.75
C ILE E 343 19.11 26.24 58.81
N LEU E 344 19.20 24.93 59.04
CA LEU E 344 20.10 24.41 60.06
C LEU E 344 21.56 24.51 59.64
N CYS E 345 21.84 24.46 58.34
CA CYS E 345 23.21 24.66 57.89
C CYS E 345 23.63 26.11 58.07
N TRP E 346 22.68 27.04 58.03
CA TRP E 346 23.00 28.42 58.35
C TRP E 346 23.18 28.61 59.85
N GLY E 347 22.55 27.76 60.67
CA GLY E 347 22.78 27.81 62.10
C GLY E 347 24.18 27.40 62.48
N GLU E 348 24.79 26.50 61.71
CA GLU E 348 26.15 26.06 61.99
C GLU E 348 27.18 27.01 61.41
N LEU E 349 26.85 27.69 60.32
CA LEU E 349 27.79 28.62 59.73
C LEU E 349 27.92 29.89 60.56
N MET E 350 26.79 30.39 61.08
CA MET E 350 26.85 31.57 61.93
C MET E 350 27.40 31.25 63.32
N THR E 351 27.30 29.99 63.75
CA THR E 351 27.93 29.61 65.01
C THR E 351 29.44 29.58 64.87
N LEU E 352 29.95 29.04 63.77
CA LEU E 352 31.39 28.99 63.55
C LEU E 352 31.96 30.37 63.29
N ALA E 353 31.22 31.21 62.56
CA ALA E 353 31.71 32.56 62.24
C ALA E 353 31.75 33.43 63.49
N THR E 354 30.91 33.16 64.48
CA THR E 354 30.95 33.91 65.72
C THR E 354 32.20 33.55 66.52
N TRP E 355 32.51 32.26 66.63
CA TRP E 355 33.66 31.84 67.42
C TRP E 355 34.98 32.17 66.74
N VAL E 356 34.99 32.24 65.40
CA VAL E 356 36.19 32.68 64.70
C VAL E 356 36.49 34.14 65.01
N GLY E 357 35.44 34.95 65.17
CA GLY E 357 35.62 36.31 65.65
C GLY E 357 35.71 36.43 67.16
N ASN E 358 36.25 35.41 67.82
CA ASN E 358 36.41 35.41 69.26
C ASN E 358 37.69 34.68 69.66
N VAL E 375 36.20 38.18 58.15
CA VAL E 375 35.22 37.15 58.49
C VAL E 375 33.85 37.63 58.03
N ASN E 376 33.82 38.85 57.50
CA ASN E 376 32.63 39.38 56.87
C ASN E 376 32.54 39.00 55.39
N TYR E 377 33.26 37.96 54.98
CA TYR E 377 33.20 37.43 53.63
C TYR E 377 32.22 36.27 53.51
N VAL E 378 31.63 35.84 54.63
CA VAL E 378 30.74 34.68 54.66
C VAL E 378 29.52 34.93 53.80
N ASN E 379 28.99 36.15 53.83
CA ASN E 379 27.81 36.52 53.06
C ASN E 379 28.13 36.98 51.63
N THR E 380 29.34 36.69 51.13
CA THR E 380 29.61 36.87 49.72
C THR E 380 30.37 35.71 49.10
N ASN E 381 30.69 34.67 49.86
CA ASN E 381 31.21 33.42 49.32
C ASN E 381 30.38 32.22 49.70
N MET E 382 29.87 32.16 50.93
CA MET E 382 29.06 31.05 51.39
C MET E 382 27.63 31.43 51.73
N GLY E 383 27.39 32.67 52.15
CA GLY E 383 26.03 33.08 52.43
C GLY E 383 25.21 33.30 51.18
N LEU E 384 25.88 33.58 50.06
CA LEU E 384 25.19 33.70 48.78
C LEU E 384 24.62 32.36 48.34
N LYS E 385 25.33 31.26 48.63
CA LYS E 385 24.79 29.93 48.34
C LYS E 385 23.60 29.60 49.23
N ILE E 386 23.57 30.14 50.45
CA ILE E 386 22.40 29.97 51.29
C ILE E 386 21.28 30.89 50.83
N ARG E 387 21.62 32.08 50.33
CA ARG E 387 20.60 32.99 49.82
C ARG E 387 19.95 32.46 48.55
N GLN E 388 20.67 31.68 47.76
CA GLN E 388 20.05 31.06 46.59
C GLN E 388 19.17 29.90 47.00
N LEU E 389 19.62 29.09 47.96
CA LEU E 389 18.86 27.91 48.35
C LEU E 389 17.62 28.29 49.14
N LEU E 390 17.69 29.34 49.94
CA LEU E 390 16.51 29.78 50.67
C LEU E 390 15.52 30.48 49.76
N TRP E 391 16.01 31.17 48.72
CA TRP E 391 15.11 31.82 47.78
C TRP E 391 14.38 30.81 46.92
N PHE E 392 15.08 29.76 46.49
CA PHE E 392 14.50 28.83 45.53
C PHE E 392 13.41 27.97 46.17
N HIS E 393 13.56 27.62 47.43
CA HIS E 393 12.59 26.75 48.07
C HIS E 393 11.41 27.50 48.66
N ILE E 394 11.61 28.77 49.02
CA ILE E 394 10.47 29.58 49.43
C ILE E 394 9.61 29.91 48.22
N SER E 395 10.25 30.20 47.09
CA SER E 395 9.50 30.49 45.87
C SER E 395 8.87 29.25 45.27
N CYS E 396 9.43 28.07 45.55
CA CYS E 396 8.81 26.83 45.08
C CYS E 396 7.54 26.52 45.85
N LEU E 397 7.43 26.99 47.09
CA LEU E 397 6.21 26.78 47.86
C LEU E 397 5.20 27.90 47.66
N THR E 398 5.67 29.12 47.40
CA THR E 398 4.76 30.25 47.30
C THR E 398 4.08 30.29 45.93
N PHE E 399 4.85 30.11 44.87
CA PHE E 399 4.33 30.23 43.51
C PHE E 399 4.24 28.90 42.78
N GLY E 400 4.58 27.79 43.43
CA GLY E 400 4.65 26.52 42.76
C GLY E 400 6.03 26.23 42.22
N ARG E 401 6.25 24.96 41.87
CA ARG E 401 7.57 24.57 41.38
C ARG E 401 7.74 24.87 39.90
N GLU E 402 6.70 24.65 39.09
CA GLU E 402 6.82 24.86 37.65
C GLU E 402 6.95 26.34 37.30
N THR E 403 6.30 27.21 38.07
CA THR E 403 6.30 28.64 37.78
C THR E 403 7.69 29.24 37.99
N VAL E 404 8.37 28.86 39.07
CA VAL E 404 9.69 29.41 39.31
C VAL E 404 10.73 28.81 38.37
N LEU E 405 10.54 27.56 37.92
CA LEU E 405 11.44 27.02 36.92
C LEU E 405 11.18 27.64 35.56
N GLU E 406 9.95 28.03 35.28
CA GLU E 406 9.65 28.75 34.05
C GLU E 406 10.11 30.19 34.10
N TYR E 407 10.15 30.79 35.29
CA TYR E 407 10.65 32.15 35.41
C TYR E 407 12.16 32.21 35.27
N LEU E 408 12.85 31.13 35.65
CA LEU E 408 14.31 31.14 35.61
C LEU E 408 14.84 31.14 34.18
N VAL E 409 14.10 30.59 33.23
CA VAL E 409 14.53 30.69 31.84
C VAL E 409 14.14 32.05 31.27
N SER E 410 13.17 32.74 31.88
CA SER E 410 12.78 34.06 31.41
C SER E 410 13.65 35.15 31.97
N PHE E 411 14.32 34.91 33.10
CA PHE E 411 15.39 35.79 33.54
C PHE E 411 16.67 35.53 32.77
N GLY E 412 16.82 34.34 32.19
CA GLY E 412 18.03 34.04 31.45
C GLY E 412 18.12 34.79 30.14
N VAL E 413 16.99 34.92 29.43
CA VAL E 413 16.99 35.71 28.19
C VAL E 413 16.96 37.20 28.46
N TRP E 414 16.71 37.61 29.70
CA TRP E 414 16.72 39.02 30.05
C TRP E 414 18.12 39.48 30.45
N ILE E 415 18.76 38.72 31.35
CA ILE E 415 20.07 39.12 31.86
C ILE E 415 21.18 38.89 30.85
N ARG E 416 20.93 38.13 29.79
CA ARG E 416 21.96 37.89 28.78
C ARG E 416 21.95 38.92 27.68
N THR E 417 20.80 39.55 27.41
CA THR E 417 20.77 40.62 26.43
C THR E 417 21.47 41.85 26.99
N PRO E 418 22.25 42.56 26.17
CA PRO E 418 22.95 43.74 26.65
C PRO E 418 21.99 44.88 26.91
N PRO E 419 22.42 45.92 27.63
CA PRO E 419 21.58 47.11 27.76
C PRO E 419 21.36 47.81 26.43
N ALA E 420 20.33 48.67 26.42
CA ALA E 420 19.73 49.30 25.24
C ALA E 420 19.15 48.29 24.25
N TYR E 421 18.90 47.07 24.71
CA TYR E 421 18.10 46.11 23.97
C TYR E 421 17.12 45.35 24.84
N ARG E 422 17.21 45.45 26.15
CA ARG E 422 16.30 44.78 27.05
C ARG E 422 15.38 45.80 27.71
N PRO E 423 14.16 45.39 28.08
CA PRO E 423 13.31 46.25 28.89
C PRO E 423 13.95 46.52 30.24
N PRO E 424 13.85 47.76 30.75
CA PRO E 424 14.55 48.08 32.00
C PRO E 424 13.95 47.44 33.23
N ASN E 425 12.73 46.92 33.15
CA ASN E 425 12.07 46.31 34.29
C ASN E 425 12.24 44.80 34.19
N ALA E 426 12.72 44.19 35.28
CA ALA E 426 12.98 42.76 35.30
C ALA E 426 11.67 41.98 35.28
N PRO E 427 11.66 40.76 34.73
CA PRO E 427 10.40 39.99 34.64
C PRO E 427 9.95 39.42 35.98
N ILE E 428 9.17 40.19 36.72
CA ILE E 428 8.74 39.91 38.09
C ILE E 428 8.00 38.57 38.20
N LEU E 429 8.23 37.85 39.30
CA LEU E 429 7.45 36.65 39.61
C LEU E 429 6.03 37.02 40.01
N SER E 430 5.06 36.39 39.38
CA SER E 430 3.64 36.64 39.63
C SER E 430 2.94 35.31 39.93
N THR E 431 1.60 35.38 39.97
CA THR E 431 0.69 34.26 40.28
C THR E 431 1.01 33.60 41.62
N MET F 1 39.64 -50.67 43.66
CA MET F 1 38.41 -50.09 44.18
C MET F 1 38.70 -49.21 45.38
N ASP F 2 38.25 -47.96 45.31
CA ASP F 2 38.43 -47.00 46.40
C ASP F 2 37.09 -46.36 46.70
N ILE F 3 36.56 -46.61 47.88
CA ILE F 3 35.25 -46.14 48.30
C ILE F 3 35.41 -45.13 49.43
N ASP F 4 34.62 -44.07 49.37
CA ASP F 4 34.51 -43.15 50.50
C ASP F 4 33.27 -43.51 51.30
N PRO F 5 33.37 -43.66 52.62
CA PRO F 5 32.21 -44.11 53.39
C PRO F 5 31.14 -43.05 53.54
N TYR F 6 31.50 -41.77 53.44
CA TYR F 6 30.51 -40.71 53.53
C TYR F 6 29.87 -40.37 52.20
N LYS F 7 30.41 -40.89 51.10
CA LYS F 7 30.06 -40.38 49.77
C LYS F 7 28.62 -40.71 49.39
N GLU F 8 28.05 -41.77 49.95
CA GLU F 8 26.63 -42.02 49.72
C GLU F 8 25.74 -41.10 50.54
N PHE F 9 26.28 -40.49 51.59
CA PHE F 9 25.49 -39.59 52.43
C PHE F 9 25.57 -38.15 51.97
N GLY F 10 26.57 -37.78 51.19
CA GLY F 10 26.63 -36.46 50.60
C GLY F 10 27.97 -35.79 50.80
N ALA F 11 28.57 -35.96 51.97
CA ALA F 11 29.89 -35.41 52.19
C ALA F 11 30.95 -36.35 51.63
N THR F 12 32.14 -35.82 51.44
CA THR F 12 33.27 -36.61 50.99
C THR F 12 34.31 -36.69 52.11
N VAL F 13 35.42 -37.36 51.82
CA VAL F 13 36.49 -37.45 52.80
C VAL F 13 37.29 -36.14 52.86
N GLU F 14 37.17 -35.29 51.85
CA GLU F 14 37.85 -34.00 51.86
C GLU F 14 36.93 -32.85 52.21
N LEU F 15 35.61 -33.00 52.05
CA LEU F 15 34.69 -32.01 52.58
C LEU F 15 34.67 -32.08 54.10
N LEU F 16 34.78 -33.28 54.65
CA LEU F 16 34.86 -33.47 56.09
C LEU F 16 36.25 -33.15 56.63
N SER F 17 37.23 -32.99 55.77
CA SER F 17 38.56 -32.55 56.17
C SER F 17 38.66 -31.04 56.39
N PHE F 18 37.54 -30.31 56.27
CA PHE F 18 37.51 -28.91 56.69
C PHE F 18 37.77 -28.78 58.18
N LEU F 19 37.16 -29.66 58.97
CA LEU F 19 37.38 -29.67 60.40
C LEU F 19 38.82 -30.11 60.68
N PRO F 20 39.44 -29.56 61.71
CA PRO F 20 40.85 -29.89 61.97
C PRO F 20 41.04 -31.26 62.60
N SER F 21 42.27 -31.55 63.02
CA SER F 21 42.61 -32.88 63.49
C SER F 21 41.93 -33.19 64.83
N ASP F 22 42.10 -32.32 65.82
CA ASP F 22 41.62 -32.58 67.17
C ASP F 22 40.34 -31.84 67.50
N PHE F 23 39.47 -31.61 66.51
CA PHE F 23 38.15 -31.06 66.81
C PHE F 23 37.20 -32.15 67.27
N PHE F 24 37.37 -33.36 66.78
CA PHE F 24 36.47 -34.45 67.12
C PHE F 24 36.72 -34.90 68.55
N PRO F 25 35.67 -35.19 69.30
CA PRO F 25 35.85 -35.66 70.68
C PRO F 25 36.43 -37.06 70.71
N SER F 26 36.78 -37.50 71.91
CA SER F 26 37.37 -38.82 72.07
C SER F 26 36.34 -39.90 71.78
N VAL F 27 36.83 -41.08 71.42
CA VAL F 27 35.95 -42.17 70.98
C VAL F 27 35.10 -42.67 72.14
N ARG F 28 35.60 -42.57 73.37
CA ARG F 28 34.77 -42.91 74.52
C ARG F 28 33.68 -41.88 74.77
N ASP F 29 33.93 -40.62 74.39
CA ASP F 29 32.89 -39.61 74.54
C ASP F 29 31.81 -39.74 73.49
N LEU F 30 32.16 -40.24 72.31
CA LEU F 30 31.16 -40.42 71.27
C LEU F 30 30.40 -41.73 71.42
N LEU F 31 31.04 -42.75 71.99
CA LEU F 31 30.35 -44.02 72.17
C LEU F 31 29.30 -43.93 73.27
N ASP F 32 29.56 -43.14 74.31
CA ASP F 32 28.57 -42.95 75.35
C ASP F 32 27.45 -42.02 74.92
N THR F 33 27.70 -41.15 73.93
CA THR F 33 26.64 -40.29 73.42
C THR F 33 25.69 -41.08 72.54
N ALA F 34 26.23 -42.02 71.76
CA ALA F 34 25.37 -42.90 70.97
C ALA F 34 24.62 -43.86 71.86
N SER F 35 25.26 -44.35 72.91
CA SER F 35 24.62 -45.30 73.82
C SER F 35 23.54 -44.65 74.67
N ALA F 36 23.61 -43.33 74.88
CA ALA F 36 22.60 -42.67 75.68
C ALA F 36 21.37 -42.34 74.86
N LEU F 37 21.56 -41.90 73.62
CA LEU F 37 20.44 -41.45 72.81
C LEU F 37 19.87 -42.55 71.94
N TYR F 38 20.70 -43.46 71.42
CA TYR F 38 20.26 -44.53 70.52
C TYR F 38 20.78 -45.84 71.06
N ARG F 39 20.02 -46.44 71.97
CA ARG F 39 20.36 -47.74 72.54
C ARG F 39 19.40 -48.82 72.08
N GLU F 40 18.09 -48.57 72.17
CA GLU F 40 17.08 -49.46 71.63
C GLU F 40 16.74 -49.13 70.19
N ALA F 41 17.60 -48.38 69.51
CA ALA F 41 17.49 -48.13 68.08
C ALA F 41 18.64 -48.72 67.29
N LEU F 42 19.86 -48.65 67.85
CA LEU F 42 20.98 -49.37 67.23
C LEU F 42 20.82 -50.86 67.39
N GLU F 43 20.35 -51.30 68.56
CA GLU F 43 20.14 -52.72 68.81
C GLU F 43 18.82 -53.24 68.27
N SER F 44 17.99 -52.37 67.72
CA SER F 44 16.69 -52.81 67.24
C SER F 44 16.86 -53.59 65.95
N PRO F 45 16.08 -54.65 65.75
CA PRO F 45 16.25 -55.49 64.55
C PRO F 45 15.48 -54.97 63.33
N GLU F 46 15.75 -53.72 62.96
CA GLU F 46 15.17 -53.16 61.76
C GLU F 46 16.05 -52.04 61.24
N HIS F 47 16.00 -51.81 59.94
CA HIS F 47 16.69 -50.68 59.33
C HIS F 47 15.92 -49.42 59.68
N CYS F 48 16.34 -48.74 60.75
CA CYS F 48 15.66 -47.51 61.13
C CYS F 48 16.02 -46.37 60.19
N SER F 49 17.26 -46.34 59.73
CA SER F 49 17.76 -45.28 58.87
C SER F 49 19.03 -45.77 58.20
N PRO F 50 19.45 -45.15 57.09
CA PRO F 50 20.76 -45.49 56.53
C PRO F 50 21.93 -45.08 57.42
N HIS F 51 21.74 -44.12 58.32
CA HIS F 51 22.79 -43.78 59.26
C HIS F 51 22.92 -44.83 60.36
N HIS F 52 21.82 -45.47 60.73
CA HIS F 52 21.87 -46.53 61.73
C HIS F 52 22.65 -47.72 61.22
N THR F 53 22.54 -48.00 59.93
CA THR F 53 23.28 -49.12 59.33
C THR F 53 24.78 -48.84 59.31
N ALA F 54 25.17 -47.60 59.00
CA ALA F 54 26.58 -47.27 58.98
C ALA F 54 27.16 -47.09 60.36
N LEU F 55 26.35 -46.68 61.33
CA LEU F 55 26.86 -46.49 62.68
C LEU F 55 27.03 -47.81 63.40
N ARG F 56 26.23 -48.82 63.06
CA ARG F 56 26.36 -50.13 63.68
C ARG F 56 27.70 -50.77 63.32
N GLN F 57 28.10 -50.69 62.05
CA GLN F 57 29.37 -51.28 61.65
C GLN F 57 30.55 -50.48 62.16
N ALA F 58 30.41 -49.16 62.28
CA ALA F 58 31.51 -48.34 62.80
C ALA F 58 31.72 -48.58 64.28
N ILE F 59 30.68 -48.98 65.00
CA ILE F 59 30.82 -49.31 66.41
C ILE F 59 31.53 -50.65 66.56
N LEU F 60 31.13 -51.64 65.76
CA LEU F 60 31.74 -52.96 65.83
C LEU F 60 33.16 -52.96 65.27
N CYS F 61 33.46 -52.03 64.36
CA CYS F 61 34.81 -51.96 63.83
C CYS F 61 35.78 -51.45 64.87
N TRP F 62 35.35 -50.53 65.74
CA TRP F 62 36.22 -50.07 66.80
C TRP F 62 36.40 -51.14 67.86
N GLY F 63 35.41 -52.00 68.05
CA GLY F 63 35.57 -53.14 68.95
C GLY F 63 36.55 -54.16 68.41
N GLU F 64 36.50 -54.41 67.09
CA GLU F 64 37.44 -55.31 66.45
C GLU F 64 38.78 -54.64 66.17
N LEU F 65 38.92 -53.34 66.44
CA LEU F 65 40.19 -52.66 66.31
C LEU F 65 40.92 -52.52 67.62
N MET F 66 40.20 -52.36 68.72
CA MET F 66 40.84 -52.31 70.03
C MET F 66 41.24 -53.69 70.51
N THR F 67 40.46 -54.72 70.16
CA THR F 67 40.75 -56.07 70.60
C THR F 67 42.01 -56.60 69.93
N LEU F 68 42.31 -56.14 68.72
CA LEU F 68 43.60 -56.42 68.13
C LEU F 68 44.71 -55.69 68.88
N ALA F 69 44.51 -54.40 69.14
CA ALA F 69 45.54 -53.59 69.77
C ALA F 69 45.72 -53.94 71.24
N THR F 70 44.70 -54.48 71.88
CA THR F 70 44.88 -55.00 73.23
C THR F 70 45.73 -56.26 73.20
N TRP F 71 45.56 -57.09 72.18
CA TRP F 71 46.29 -58.36 72.09
C TRP F 71 47.77 -58.14 71.84
N VAL F 72 48.13 -57.14 71.03
CA VAL F 72 49.55 -56.88 70.79
C VAL F 72 50.21 -56.30 72.05
N GLY F 73 49.43 -55.63 72.89
CA GLY F 73 49.97 -54.96 74.07
C GLY F 73 50.52 -55.89 75.13
N ASN F 74 50.10 -57.16 75.14
CA ASN F 74 50.58 -58.11 76.13
C ASN F 74 51.05 -59.41 75.50
N ASN F 75 51.29 -59.44 74.20
CA ASN F 75 51.81 -60.62 73.51
C ASN F 75 52.92 -60.22 72.55
N LEU F 76 53.87 -59.42 73.07
CA LEU F 76 55.01 -58.91 72.29
C LEU F 76 55.91 -60.01 71.73
N ASP F 195 50.93 -50.45 74.66
CA ASP F 195 51.77 -49.45 75.31
C ASP F 195 52.46 -48.56 74.29
N LEU F 196 53.11 -49.20 73.31
CA LEU F 196 53.76 -48.51 72.21
C LEU F 196 52.87 -48.41 70.98
N VAL F 197 51.71 -49.06 71.00
CA VAL F 197 50.79 -49.07 69.87
C VAL F 197 49.61 -48.13 70.10
N VAL F 198 49.31 -47.75 71.35
CA VAL F 198 48.21 -46.86 71.65
C VAL F 198 48.50 -45.45 71.15
N ASN F 199 49.77 -45.04 71.17
CA ASN F 199 50.16 -43.80 70.53
C ASN F 199 50.11 -43.85 69.02
N TYR F 200 49.93 -45.04 68.42
CA TYR F 200 49.80 -45.17 66.98
C TYR F 200 48.36 -45.36 66.52
N VAL F 201 47.57 -46.18 67.21
CA VAL F 201 46.21 -46.44 66.75
C VAL F 201 45.34 -45.20 66.97
N ASN F 202 45.59 -44.44 68.04
CA ASN F 202 44.84 -43.22 68.27
C ASN F 202 45.28 -42.09 67.35
N THR F 203 46.41 -42.22 66.67
CA THR F 203 46.91 -41.19 65.78
C THR F 203 46.46 -41.42 64.33
N ASN F 204 46.41 -42.68 63.89
CA ASN F 204 46.03 -42.99 62.52
C ASN F 204 44.67 -43.66 62.42
N MET F 205 44.43 -44.73 63.17
CA MET F 205 43.17 -45.45 63.07
C MET F 205 42.07 -44.77 63.86
N GLY F 206 42.39 -44.30 65.07
CA GLY F 206 41.37 -43.71 65.92
C GLY F 206 40.88 -42.37 65.42
N LEU F 207 41.69 -41.68 64.62
CA LEU F 207 41.25 -40.43 64.03
C LEU F 207 40.21 -40.69 62.94
N LYS F 208 40.28 -41.83 62.26
CA LYS F 208 39.29 -42.13 61.24
C LYS F 208 37.99 -42.63 61.85
N ILE F 209 38.06 -43.32 62.99
CA ILE F 209 36.85 -43.81 63.65
C ILE F 209 36.10 -42.65 64.29
N ARG F 210 36.83 -41.68 64.86
CA ARG F 210 36.20 -40.51 65.44
C ARG F 210 35.51 -39.63 64.40
N GLN F 211 35.94 -39.71 63.14
CA GLN F 211 35.22 -39.01 62.08
C GLN F 211 33.93 -39.73 61.70
N LEU F 212 33.94 -41.07 61.70
CA LEU F 212 32.74 -41.82 61.38
C LEU F 212 31.69 -41.71 62.47
N LEU F 213 32.12 -41.79 63.73
CA LEU F 213 31.16 -41.74 64.83
C LEU F 213 30.57 -40.35 64.97
N TRP F 214 31.37 -39.30 64.75
CA TRP F 214 30.85 -37.95 64.86
C TRP F 214 29.88 -37.64 63.73
N PHE F 215 30.17 -38.13 62.53
CA PHE F 215 29.35 -37.75 61.38
C PHE F 215 27.99 -38.40 61.41
N HIS F 216 27.91 -39.64 61.91
CA HIS F 216 26.64 -40.33 61.90
C HIS F 216 25.82 -40.11 63.17
N ILE F 217 26.45 -39.67 64.25
CA ILE F 217 25.66 -39.24 65.40
C ILE F 217 25.00 -37.90 65.12
N SER F 218 25.78 -36.95 64.60
CA SER F 218 25.25 -35.62 64.35
C SER F 218 24.28 -35.59 63.18
N CYS F 219 24.43 -36.49 62.21
CA CYS F 219 23.41 -36.59 61.17
C CYS F 219 22.16 -37.28 61.67
N LEU F 220 22.27 -38.12 62.69
CA LEU F 220 21.09 -38.70 63.30
C LEU F 220 20.40 -37.68 64.19
N THR F 221 21.18 -36.92 64.94
CA THR F 221 20.63 -35.97 65.90
C THR F 221 20.06 -34.75 65.20
N PHE F 222 20.87 -34.11 64.36
CA PHE F 222 20.53 -32.81 63.81
C PHE F 222 20.04 -32.89 62.37
N GLY F 223 19.85 -34.08 61.83
CA GLY F 223 19.51 -34.22 60.43
C GLY F 223 20.75 -34.19 59.56
N ARG F 224 20.57 -34.58 58.30
CA ARG F 224 21.72 -34.67 57.41
C ARG F 224 22.12 -33.30 56.87
N GLU F 225 21.15 -32.52 56.41
CA GLU F 225 21.46 -31.25 55.74
C GLU F 225 21.97 -30.20 56.70
N THR F 226 21.68 -30.34 58.00
CA THR F 226 22.26 -29.41 58.96
C THR F 226 23.74 -29.69 59.17
N VAL F 227 24.16 -30.95 59.05
CA VAL F 227 25.59 -31.25 59.13
C VAL F 227 26.29 -30.90 57.83
N LEU F 228 25.61 -31.07 56.69
CA LEU F 228 26.22 -30.68 55.43
C LEU F 228 26.32 -29.17 55.28
N GLU F 229 25.46 -28.41 55.97
CA GLU F 229 25.69 -26.98 56.09
C GLU F 229 26.69 -26.66 57.18
N TYR F 230 26.91 -27.58 58.12
CA TYR F 230 27.82 -27.31 59.22
C TYR F 230 29.26 -27.33 58.76
N LEU F 231 29.60 -28.25 57.86
CA LEU F 231 30.98 -28.37 57.38
C LEU F 231 31.39 -27.16 56.56
N VAL F 232 30.46 -26.57 55.82
CA VAL F 232 30.75 -25.34 55.10
C VAL F 232 30.83 -24.18 56.07
N SER F 233 29.98 -24.17 57.09
CA SER F 233 30.00 -23.10 58.09
C SER F 233 31.24 -23.18 58.96
N PHE F 234 31.74 -24.38 59.24
CA PHE F 234 33.03 -24.48 59.90
C PHE F 234 34.16 -24.28 58.91
N GLY F 235 33.95 -24.65 57.65
CA GLY F 235 34.99 -24.51 56.65
C GLY F 235 35.30 -23.08 56.29
N VAL F 236 34.41 -22.14 56.59
CA VAL F 236 34.72 -20.74 56.40
C VAL F 236 35.28 -20.14 57.70
N TRP F 237 34.90 -20.69 58.85
CA TRP F 237 35.39 -20.18 60.11
C TRP F 237 36.88 -20.47 60.30
N ILE F 238 37.29 -21.71 60.02
CA ILE F 238 38.68 -22.11 60.22
C ILE F 238 39.60 -21.46 59.19
N ARG F 239 39.06 -20.99 58.07
CA ARG F 239 39.90 -20.45 57.01
C ARG F 239 40.14 -18.95 57.12
N THR F 240 39.30 -18.23 57.85
CA THR F 240 39.52 -16.80 58.04
C THR F 240 40.76 -16.57 58.89
N PRO F 241 41.44 -15.44 58.71
CA PRO F 241 42.60 -15.15 59.54
C PRO F 241 42.18 -14.90 60.98
N PRO F 242 43.09 -15.13 61.95
CA PRO F 242 42.69 -15.00 63.36
C PRO F 242 42.41 -13.57 63.79
N ALA F 243 42.83 -12.57 63.03
CA ALA F 243 42.53 -11.20 63.38
C ALA F 243 41.06 -10.87 63.18
N TYR F 244 40.40 -11.56 62.25
CA TYR F 244 38.98 -11.35 61.98
C TYR F 244 38.16 -12.60 62.27
N ARG F 245 38.77 -13.59 62.90
CA ARG F 245 38.05 -14.79 63.31
C ARG F 245 37.24 -14.48 64.57
N PRO F 246 35.94 -14.77 64.59
CA PRO F 246 35.18 -14.56 65.81
C PRO F 246 35.63 -15.51 66.89
N PRO F 247 35.58 -15.10 68.16
CA PRO F 247 36.16 -15.94 69.22
C PRO F 247 35.33 -17.18 69.52
N ASN F 248 34.02 -17.14 69.29
CA ASN F 248 33.27 -18.36 69.40
C ASN F 248 33.45 -19.20 68.14
N ALA F 249 33.12 -20.47 68.26
CA ALA F 249 33.20 -21.40 67.16
C ALA F 249 31.80 -21.73 66.66
N PRO F 250 31.68 -22.28 65.46
CA PRO F 250 30.39 -22.84 65.06
C PRO F 250 30.08 -24.12 65.79
N ILE F 251 29.37 -24.04 66.90
CA ILE F 251 28.89 -25.24 67.57
C ILE F 251 27.53 -25.60 66.99
N LEU F 252 27.12 -26.85 67.18
CA LEU F 252 25.83 -27.29 66.68
C LEU F 252 24.72 -26.73 67.57
N SER F 253 23.62 -26.35 66.94
CA SER F 253 22.58 -25.56 67.59
C SER F 253 21.55 -26.46 68.24
N THR F 254 20.43 -25.86 68.63
CA THR F 254 19.24 -26.62 69.01
C THR F 254 18.74 -27.41 67.81
N LEU F 255 18.37 -28.67 68.06
CA LEU F 255 17.94 -29.64 67.06
C LEU F 255 16.87 -29.18 66.07
N MET F 285 27.84 -51.96 75.63
CA MET F 285 26.84 -51.98 74.57
C MET F 285 27.17 -53.03 73.52
N ASP F 286 26.21 -53.88 73.18
CA ASP F 286 26.41 -54.96 72.23
C ASP F 286 25.53 -54.73 71.01
N ILE F 287 26.12 -54.89 69.83
CA ILE F 287 25.45 -54.66 68.56
C ILE F 287 25.53 -55.93 67.74
N ASP F 288 24.39 -56.40 67.25
CA ASP F 288 24.36 -57.55 66.36
C ASP F 288 24.43 -57.04 64.93
N PRO F 289 25.41 -57.46 64.13
CA PRO F 289 25.61 -56.84 62.82
C PRO F 289 24.60 -57.28 61.78
N TYR F 290 24.03 -58.47 61.95
CA TYR F 290 23.11 -59.04 60.98
C TYR F 290 21.67 -58.98 61.42
N LYS F 291 21.39 -58.42 62.60
CA LYS F 291 20.05 -58.51 63.18
C LYS F 291 19.03 -57.70 62.41
N GLU F 292 19.45 -56.63 61.73
CA GLU F 292 18.50 -55.87 60.95
C GLU F 292 18.13 -56.56 59.65
N PHE F 293 18.96 -57.48 59.17
CA PHE F 293 18.70 -58.19 57.94
C PHE F 293 17.89 -59.45 58.14
N GLY F 294 17.66 -59.85 59.38
CA GLY F 294 16.89 -61.03 59.68
C GLY F 294 17.69 -62.27 60.00
N ALA F 295 18.88 -62.12 60.57
CA ALA F 295 19.68 -63.28 60.93
C ALA F 295 20.47 -62.97 62.19
N THR F 296 20.53 -63.93 63.10
CA THR F 296 21.33 -63.80 64.30
C THR F 296 22.77 -64.16 63.93
N VAL F 297 23.74 -63.58 64.65
CA VAL F 297 25.15 -63.92 64.45
C VAL F 297 25.40 -65.38 64.81
N GLU F 298 24.59 -65.95 65.71
CA GLU F 298 24.69 -67.38 66.01
C GLU F 298 24.12 -68.25 64.90
N LEU F 299 23.23 -67.70 64.06
CA LEU F 299 22.74 -68.46 62.91
C LEU F 299 23.82 -68.63 61.87
N LEU F 300 24.75 -67.70 61.79
CA LEU F 300 25.90 -67.81 60.90
C LEU F 300 27.07 -68.55 61.54
N SER F 301 26.95 -68.95 62.80
CA SER F 301 28.01 -69.70 63.44
C SER F 301 27.95 -71.19 63.12
N PHE F 302 26.86 -71.66 62.51
CA PHE F 302 26.78 -73.07 62.14
C PHE F 302 27.63 -73.37 60.92
N LEU F 303 27.87 -72.38 60.08
CA LEU F 303 28.73 -72.57 58.92
C LEU F 303 30.18 -72.71 59.39
N PRO F 304 30.89 -73.75 58.97
CA PRO F 304 32.22 -74.02 59.54
C PRO F 304 33.25 -73.03 59.07
N SER F 305 34.45 -73.15 59.66
CA SER F 305 35.49 -72.14 59.51
C SER F 305 36.09 -72.11 58.11
N ASP F 306 36.00 -73.21 57.37
CA ASP F 306 36.52 -73.29 56.01
C ASP F 306 35.41 -73.27 54.96
N PHE F 307 34.30 -72.62 55.27
CA PHE F 307 33.21 -72.49 54.31
C PHE F 307 33.30 -71.20 53.51
N PHE F 308 33.76 -70.18 54.09
CA PHE F 308 33.86 -68.91 53.38
C PHE F 308 35.18 -68.85 52.62
N PRO F 309 35.20 -68.19 51.46
CA PRO F 309 36.46 -68.02 50.74
C PRO F 309 37.43 -67.08 51.43
N SER F 310 38.61 -66.90 50.86
CA SER F 310 39.59 -66.01 51.45
C SER F 310 39.15 -64.56 51.29
N VAL F 311 39.80 -63.67 52.04
CA VAL F 311 39.38 -62.28 52.04
C VAL F 311 39.80 -61.60 50.75
N ARG F 312 40.86 -62.09 50.09
CA ARG F 312 41.21 -61.58 48.78
C ARG F 312 40.22 -62.04 47.73
N ASP F 313 39.63 -63.22 47.92
CA ASP F 313 38.66 -63.73 46.97
C ASP F 313 37.28 -63.11 47.14
N LEU F 314 37.04 -62.47 48.29
CA LEU F 314 35.75 -61.84 48.53
C LEU F 314 35.73 -60.38 48.08
N LEU F 315 36.86 -59.68 48.21
CA LEU F 315 36.92 -58.31 47.71
C LEU F 315 36.93 -58.29 46.19
N ASP F 316 37.59 -59.27 45.58
CA ASP F 316 37.58 -59.36 44.12
C ASP F 316 36.22 -59.80 43.62
N THR F 317 35.47 -60.58 44.41
CA THR F 317 34.09 -60.86 44.06
C THR F 317 33.23 -59.61 44.19
N ALA F 318 33.54 -58.75 45.15
CA ALA F 318 32.79 -57.51 45.30
C ALA F 318 33.16 -56.51 44.22
N SER F 319 34.45 -56.31 43.98
CA SER F 319 34.89 -55.27 43.04
C SER F 319 34.64 -55.63 41.59
N ALA F 320 34.38 -56.90 41.29
CA ALA F 320 34.00 -57.26 39.93
C ALA F 320 32.50 -57.20 39.74
N LEU F 321 31.74 -57.71 40.69
CA LEU F 321 30.29 -57.68 40.59
C LEU F 321 29.73 -56.29 40.87
N TYR F 322 30.19 -55.65 41.94
CA TYR F 322 29.61 -54.39 42.41
C TYR F 322 30.74 -53.38 42.61
N ARG F 323 31.12 -52.69 41.54
CA ARG F 323 32.06 -51.60 41.62
C ARG F 323 31.41 -50.25 41.41
N GLU F 324 30.60 -50.12 40.36
CA GLU F 324 29.87 -48.88 40.13
C GLU F 324 28.74 -48.71 41.14
N ALA F 325 28.22 -49.81 41.67
CA ALA F 325 27.16 -49.71 42.66
C ALA F 325 27.71 -49.38 44.04
N LEU F 326 28.88 -49.91 44.38
CA LEU F 326 29.48 -49.62 45.68
C LEU F 326 30.03 -48.20 45.74
N GLU F 327 30.66 -47.75 44.65
CA GLU F 327 31.21 -46.40 44.59
C GLU F 327 30.19 -45.35 44.22
N SER F 328 28.92 -45.73 44.07
CA SER F 328 27.87 -44.78 43.75
C SER F 328 27.63 -43.83 44.91
N PRO F 329 27.19 -42.61 44.63
CA PRO F 329 26.76 -41.70 45.70
C PRO F 329 25.36 -41.96 46.24
N GLU F 330 24.76 -43.09 45.94
CA GLU F 330 23.44 -43.46 46.43
C GLU F 330 23.56 -44.67 47.35
N HIS F 331 22.58 -44.83 48.22
CA HIS F 331 22.56 -46.01 49.10
C HIS F 331 22.18 -47.25 48.31
N CYS F 332 20.97 -47.25 47.75
CA CYS F 332 20.38 -48.20 46.79
C CYS F 332 20.27 -49.65 47.29
N SER F 333 20.68 -49.94 48.54
CA SER F 333 20.43 -51.17 49.28
C SER F 333 20.82 -50.98 50.73
N PRO F 334 20.15 -51.66 51.66
CA PRO F 334 20.67 -51.72 53.04
C PRO F 334 21.90 -52.58 53.15
N HIS F 335 22.15 -53.48 52.19
CA HIS F 335 23.41 -54.23 52.19
C HIS F 335 24.53 -53.39 51.62
N HIS F 336 24.25 -52.57 50.61
CA HIS F 336 25.26 -51.71 50.00
C HIS F 336 25.77 -50.68 50.99
N THR F 337 24.92 -50.23 51.92
CA THR F 337 25.36 -49.32 52.96
C THR F 337 26.30 -50.03 53.93
N ALA F 338 25.96 -51.25 54.32
CA ALA F 338 26.79 -52.00 55.26
C ALA F 338 28.00 -52.63 54.60
N LEU F 339 27.99 -52.82 53.28
CA LEU F 339 29.15 -53.42 52.62
C LEU F 339 30.29 -52.42 52.45
N ARG F 340 29.97 -51.14 52.28
CA ARG F 340 31.03 -50.14 52.17
C ARG F 340 31.77 -49.97 53.49
N GLN F 341 31.07 -50.13 54.62
CA GLN F 341 31.75 -50.06 55.90
C GLN F 341 32.57 -51.31 56.17
N ALA F 342 32.13 -52.46 55.67
CA ALA F 342 32.85 -53.70 55.92
C ALA F 342 34.15 -53.76 55.14
N ILE F 343 34.21 -53.10 53.98
CA ILE F 343 35.43 -53.10 53.19
C ILE F 343 36.47 -52.19 53.82
N LEU F 344 36.07 -50.98 54.20
CA LEU F 344 37.01 -50.03 54.77
C LEU F 344 37.41 -50.38 56.18
N CYS F 345 36.58 -51.16 56.90
CA CYS F 345 37.00 -51.64 58.21
C CYS F 345 38.11 -52.66 58.08
N TRP F 346 38.04 -53.51 57.05
CA TRP F 346 39.10 -54.48 56.82
C TRP F 346 40.36 -53.80 56.31
N GLY F 347 40.20 -52.76 55.49
CA GLY F 347 41.36 -52.08 54.95
C GLY F 347 42.15 -51.32 56.00
N GLU F 348 41.46 -50.72 56.95
CA GLU F 348 42.14 -50.02 58.04
C GLU F 348 42.76 -51.02 59.01
N LEU F 349 42.08 -52.13 59.24
CA LEU F 349 42.58 -53.14 60.18
C LEU F 349 43.78 -53.89 59.61
N MET F 350 43.92 -53.93 58.29
CA MET F 350 45.10 -54.56 57.70
C MET F 350 46.31 -53.63 57.77
N THR F 351 46.09 -52.31 57.73
CA THR F 351 47.20 -51.37 57.89
C THR F 351 47.81 -51.44 59.29
N LEU F 352 47.00 -51.76 60.30
CA LEU F 352 47.57 -52.01 61.62
C LEU F 352 48.34 -53.33 61.64
N ALA F 353 47.89 -54.31 60.87
CA ALA F 353 48.60 -55.59 60.82
C ALA F 353 49.91 -55.46 60.06
N THR F 354 49.92 -54.71 58.97
CA THR F 354 51.15 -54.46 58.23
C THR F 354 51.98 -53.34 58.81
N TRP F 355 51.54 -52.74 59.92
CA TRP F 355 52.40 -51.79 60.63
C TRP F 355 53.50 -52.51 61.38
N VAL F 356 53.26 -53.73 61.81
CA VAL F 356 54.25 -54.49 62.56
C VAL F 356 55.25 -55.14 61.61
N VAL F 375 52.27 -64.93 64.86
CA VAL F 375 52.66 -63.59 64.44
C VAL F 375 51.52 -62.96 63.63
N ASN F 376 50.76 -63.80 62.90
CA ASN F 376 49.66 -63.36 62.06
C ASN F 376 48.45 -64.24 62.40
N TYR F 377 47.73 -63.87 63.44
CA TYR F 377 46.53 -64.59 63.85
C TYR F 377 45.26 -63.89 63.41
N VAL F 378 45.41 -62.77 62.70
CA VAL F 378 44.29 -61.87 62.43
C VAL F 378 43.27 -62.53 61.52
N ASN F 379 43.73 -63.37 60.60
CA ASN F 379 42.83 -64.08 59.70
C ASN F 379 42.20 -65.31 60.33
N THR F 380 42.49 -65.61 61.60
CA THR F 380 41.87 -66.74 62.28
C THR F 380 40.62 -66.35 63.05
N ASN F 381 40.64 -65.21 63.73
CA ASN F 381 39.45 -64.77 64.45
C ASN F 381 39.06 -63.34 64.13
N MET F 382 40.01 -62.44 63.95
CA MET F 382 39.69 -61.04 63.67
C MET F 382 39.18 -60.89 62.25
N GLY F 383 39.90 -61.44 61.28
CA GLY F 383 39.47 -61.38 59.90
C GLY F 383 38.48 -62.45 59.50
N LEU F 384 38.20 -63.39 60.39
CA LEU F 384 37.16 -64.37 60.11
C LEU F 384 35.78 -63.74 60.15
N LYS F 385 35.58 -62.80 61.07
CA LYS F 385 34.30 -62.09 61.15
C LYS F 385 34.11 -61.13 60.01
N ILE F 386 35.19 -60.69 59.36
CA ILE F 386 35.05 -59.93 58.12
C ILE F 386 34.60 -60.85 56.99
N ARG F 387 35.10 -62.09 57.00
CA ARG F 387 34.76 -63.04 55.94
C ARG F 387 33.29 -63.45 56.02
N GLN F 388 32.77 -63.60 57.24
CA GLN F 388 31.34 -63.85 57.38
C GLN F 388 30.53 -62.62 56.98
N LEU F 389 31.03 -61.43 57.31
CA LEU F 389 30.32 -60.21 56.97
C LEU F 389 30.41 -59.90 55.49
N LEU F 390 31.51 -60.28 54.84
CA LEU F 390 31.61 -60.06 53.40
C LEU F 390 30.80 -61.08 52.62
N TRP F 391 30.79 -62.34 53.08
CA TRP F 391 30.06 -63.38 52.36
C TRP F 391 28.56 -63.18 52.48
N PHE F 392 28.11 -62.70 53.64
CA PHE F 392 26.67 -62.58 53.87
C PHE F 392 26.06 -61.47 53.03
N HIS F 393 26.80 -60.39 52.81
CA HIS F 393 26.26 -59.25 52.07
C HIS F 393 26.45 -59.37 50.58
N ILE F 394 27.47 -60.10 50.14
CA ILE F 394 27.57 -60.39 48.71
C ILE F 394 26.48 -61.36 48.29
N SER F 395 26.27 -62.42 49.09
CA SER F 395 25.23 -63.39 48.77
C SER F 395 23.83 -62.88 49.04
N CYS F 396 23.68 -61.81 49.83
CA CYS F 396 22.37 -61.18 49.90
C CYS F 396 22.06 -60.40 48.63
N LEU F 397 23.10 -59.90 47.96
CA LEU F 397 22.92 -59.12 46.75
C LEU F 397 22.94 -60.00 45.50
N THR F 398 23.87 -60.97 45.45
CA THR F 398 23.97 -61.86 44.30
C THR F 398 22.73 -62.74 44.20
N PHE F 399 22.47 -63.52 45.25
CA PHE F 399 21.26 -64.30 45.35
C PHE F 399 20.19 -63.43 46.02
N GLY F 400 19.09 -64.04 46.43
CA GLY F 400 18.05 -63.28 47.07
C GLY F 400 18.41 -62.87 48.49
N ARG F 401 17.57 -62.01 49.06
CA ARG F 401 17.72 -61.68 50.48
C ARG F 401 17.16 -62.78 51.35
N GLU F 402 16.04 -63.38 50.94
CA GLU F 402 15.49 -64.52 51.66
C GLU F 402 16.12 -65.83 51.23
N THR F 403 16.64 -65.90 50.01
CA THR F 403 17.23 -67.13 49.49
C THR F 403 18.50 -67.52 50.24
N VAL F 404 19.17 -66.56 50.88
CA VAL F 404 20.25 -66.90 51.79
C VAL F 404 19.72 -67.15 53.20
N LEU F 405 18.63 -66.52 53.60
CA LEU F 405 18.07 -66.75 54.93
C LEU F 405 17.36 -68.08 55.06
N GLU F 406 17.00 -68.73 53.96
CA GLU F 406 16.61 -70.13 54.01
C GLU F 406 17.79 -71.06 53.84
N TYR F 407 18.90 -70.56 53.33
CA TYR F 407 20.08 -71.41 53.16
C TYR F 407 20.71 -71.72 54.51
N LEU F 408 20.69 -70.77 55.43
CA LEU F 408 21.31 -71.01 56.73
C LEU F 408 20.47 -71.94 57.59
N VAL F 409 19.15 -71.95 57.37
CA VAL F 409 18.31 -72.94 58.04
C VAL F 409 18.55 -74.32 57.44
N SER F 410 18.68 -74.39 56.11
CA SER F 410 18.94 -75.66 55.47
C SER F 410 20.36 -76.15 55.70
N PHE F 411 21.30 -75.23 55.89
CA PHE F 411 22.62 -75.64 56.37
C PHE F 411 22.56 -75.98 57.85
N GLY F 412 21.64 -75.36 58.58
CA GLY F 412 21.56 -75.58 60.02
C GLY F 412 21.12 -76.98 60.37
N VAL F 413 20.21 -77.55 59.58
CA VAL F 413 19.82 -78.93 59.80
C VAL F 413 20.81 -79.92 59.22
N TRP F 414 21.74 -79.48 58.39
CA TRP F 414 22.72 -80.36 57.79
C TRP F 414 23.96 -80.49 58.64
N ILE F 415 24.46 -79.36 59.16
CA ILE F 415 25.70 -79.36 59.92
C ILE F 415 25.53 -79.94 61.31
N ARG F 416 24.30 -80.10 61.79
CA ARG F 416 24.05 -80.59 63.14
C ARG F 416 23.81 -82.08 63.20
N THR F 417 23.31 -82.69 62.12
CA THR F 417 23.18 -84.14 62.09
C THR F 417 24.57 -84.77 62.07
N PRO F 418 24.78 -85.85 62.81
CA PRO F 418 26.11 -86.45 62.92
C PRO F 418 26.51 -87.12 61.62
N PRO F 419 27.80 -87.44 61.46
CA PRO F 419 28.21 -88.21 60.28
C PRO F 419 27.60 -89.60 60.28
N ALA F 420 27.59 -90.19 59.08
CA ALA F 420 26.89 -91.43 58.72
C ALA F 420 25.39 -91.35 58.91
N TYR F 421 24.84 -90.13 58.96
CA TYR F 421 23.41 -89.93 58.87
C TYR F 421 23.05 -88.75 57.99
N ARG F 422 24.03 -88.01 57.48
CA ARG F 422 23.81 -86.90 56.58
C ARG F 422 24.16 -87.31 55.17
N PRO F 423 23.60 -86.64 54.16
CA PRO F 423 24.12 -86.80 52.81
C PRO F 423 25.52 -86.21 52.73
N PRO F 424 26.40 -86.78 51.91
CA PRO F 424 27.78 -86.29 51.87
C PRO F 424 27.94 -84.98 51.13
N ASN F 425 26.92 -84.54 50.40
CA ASN F 425 26.94 -83.29 49.66
C ASN F 425 26.32 -82.20 50.54
N ALA F 426 27.09 -81.17 50.83
CA ALA F 426 26.57 -80.02 51.55
C ALA F 426 25.59 -79.27 50.66
N PRO F 427 24.60 -78.58 51.25
CA PRO F 427 23.65 -77.83 50.44
C PRO F 427 24.32 -76.68 49.70
N ILE F 428 23.91 -76.50 48.45
CA ILE F 428 24.54 -75.55 47.54
C ILE F 428 23.65 -74.32 47.45
N LEU F 429 24.25 -73.15 47.64
CA LEU F 429 23.51 -71.91 47.53
C LEU F 429 23.22 -71.61 46.07
N SER F 430 21.94 -71.68 45.70
CA SER F 430 21.55 -71.56 44.30
C SER F 430 20.40 -70.58 44.13
N THR F 431 19.83 -70.54 42.93
CA THR F 431 18.73 -69.67 42.50
C THR F 431 19.05 -68.19 42.70
N MET G 1 39.38 1.37 27.72
CA MET G 1 38.35 0.55 28.34
C MET G 1 38.74 0.13 29.75
N ASP G 2 37.85 0.40 30.71
CA ASP G 2 38.06 0.04 32.10
C ASP G 2 36.84 -0.74 32.56
N ILE G 3 36.99 -2.05 32.72
CA ILE G 3 35.90 -2.92 33.11
C ILE G 3 36.05 -3.28 34.58
N ASP G 4 34.93 -3.44 35.25
CA ASP G 4 34.85 -3.86 36.65
C ASP G 4 34.54 -5.35 36.69
N PRO G 5 35.26 -6.14 37.50
CA PRO G 5 35.02 -7.58 37.48
C PRO G 5 33.74 -8.00 38.17
N TYR G 6 33.27 -7.22 39.15
CA TYR G 6 32.10 -7.60 39.93
C TYR G 6 30.84 -6.88 39.50
N LYS G 7 30.91 -6.05 38.45
CA LYS G 7 29.81 -5.14 38.13
C LYS G 7 28.57 -5.88 37.66
N GLU G 8 28.74 -6.99 36.95
CA GLU G 8 27.59 -7.74 36.48
C GLU G 8 26.93 -8.56 37.58
N PHE G 9 27.54 -8.66 38.76
CA PHE G 9 26.94 -9.40 39.86
C PHE G 9 26.23 -8.51 40.87
N GLY G 10 26.60 -7.24 40.96
CA GLY G 10 25.90 -6.34 41.83
C GLY G 10 26.76 -5.74 42.92
N ALA G 11 28.08 -5.78 42.73
CA ALA G 11 29.02 -5.16 43.64
C ALA G 11 30.06 -4.43 42.83
N THR G 12 30.71 -3.46 43.46
CA THR G 12 31.78 -2.73 42.80
C THR G 12 33.11 -3.07 43.48
N VAL G 13 34.20 -2.74 42.77
CA VAL G 13 35.52 -2.98 43.32
C VAL G 13 35.83 -1.98 44.43
N GLU G 14 35.10 -0.86 44.48
CA GLU G 14 35.20 0.06 45.59
C GLU G 14 34.37 -0.41 46.78
N LEU G 15 33.31 -1.18 46.53
CA LEU G 15 32.49 -1.72 47.61
C LEU G 15 33.18 -2.86 48.32
N LEU G 16 34.06 -3.59 47.65
CA LEU G 16 34.86 -4.62 48.30
C LEU G 16 36.10 -4.05 48.97
N SER G 17 36.28 -2.74 48.95
CA SER G 17 37.32 -2.12 49.76
C SER G 17 36.86 -1.85 51.17
N PHE G 18 35.61 -2.20 51.50
CA PHE G 18 35.17 -2.22 52.89
C PHE G 18 35.99 -3.24 53.69
N LEU G 19 36.18 -4.41 53.11
CA LEU G 19 36.97 -5.44 53.76
C LEU G 19 38.43 -5.03 53.75
N PRO G 20 39.18 -5.33 54.82
CA PRO G 20 40.61 -5.00 54.83
C PRO G 20 41.39 -5.88 53.86
N SER G 21 42.65 -5.50 53.67
CA SER G 21 43.49 -6.22 52.72
C SER G 21 43.90 -7.60 53.24
N ASP G 22 43.84 -7.82 54.55
CA ASP G 22 44.20 -9.11 55.13
C ASP G 22 43.01 -9.84 55.73
N PHE G 23 41.80 -9.53 55.26
CA PHE G 23 40.63 -10.29 55.67
C PHE G 23 40.50 -11.58 54.87
N PHE G 24 40.95 -11.58 53.64
CA PHE G 24 40.77 -12.73 52.78
C PHE G 24 41.76 -13.82 53.14
N PRO G 25 41.37 -15.09 52.97
CA PRO G 25 42.30 -16.19 53.26
C PRO G 25 43.41 -16.27 52.21
N SER G 26 44.32 -17.20 52.45
CA SER G 26 45.38 -17.44 51.48
C SER G 26 44.80 -18.10 50.23
N VAL G 27 45.59 -18.09 49.16
CA VAL G 27 45.11 -18.58 47.87
C VAL G 27 44.93 -20.09 47.91
N ARG G 28 45.75 -20.79 48.71
CA ARG G 28 45.62 -22.23 48.83
C ARG G 28 44.33 -22.62 49.54
N ASP G 29 43.94 -21.86 50.56
CA ASP G 29 42.71 -22.16 51.28
C ASP G 29 41.48 -21.84 50.46
N LEU G 30 41.58 -20.95 49.47
CA LEU G 30 40.45 -20.69 48.58
C LEU G 30 40.38 -21.73 47.46
N LEU G 31 41.52 -22.24 47.01
CA LEU G 31 41.49 -23.27 45.98
C LEU G 31 41.01 -24.60 46.55
N ASP G 32 41.40 -24.91 47.79
CA ASP G 32 40.96 -26.14 48.42
C ASP G 32 39.48 -26.13 48.76
N THR G 33 38.88 -24.95 48.93
CA THR G 33 37.45 -24.87 49.15
C THR G 33 36.69 -25.20 47.88
N ALA G 34 37.15 -24.68 46.74
CA ALA G 34 36.53 -25.00 45.47
C ALA G 34 36.76 -26.45 45.08
N SER G 35 37.94 -26.99 45.41
CA SER G 35 38.22 -28.39 45.12
C SER G 35 37.39 -29.32 45.99
N ALA G 36 36.97 -28.87 47.16
CA ALA G 36 36.18 -29.73 48.05
C ALA G 36 34.70 -29.58 47.84
N LEU G 37 34.23 -28.41 47.39
CA LEU G 37 32.81 -28.15 47.23
C LEU G 37 32.37 -28.21 45.78
N TYR G 38 33.09 -27.56 44.88
CA TYR G 38 32.65 -27.38 43.50
C TYR G 38 33.69 -27.87 42.52
N ARG G 39 34.28 -29.03 42.77
CA ARG G 39 35.24 -29.56 41.81
C ARG G 39 34.53 -30.05 40.55
N GLU G 40 33.48 -30.85 40.72
CA GLU G 40 32.80 -31.44 39.58
C GLU G 40 31.97 -30.43 38.80
N ALA G 41 31.69 -29.27 39.36
CA ALA G 41 30.94 -28.26 38.61
C ALA G 41 31.84 -27.43 37.71
N LEU G 42 33.11 -27.28 38.07
CA LEU G 42 34.06 -26.53 37.25
C LEU G 42 34.71 -27.39 36.18
N GLU G 43 34.39 -28.68 36.10
CA GLU G 43 34.85 -29.51 35.00
C GLU G 43 33.78 -29.75 33.94
N SER G 44 32.52 -29.78 34.36
CA SER G 44 31.40 -30.19 33.52
C SER G 44 31.16 -29.19 32.40
N PRO G 45 30.82 -29.67 31.19
CA PRO G 45 30.61 -28.78 30.05
C PRO G 45 29.23 -28.11 30.06
N GLU G 46 28.98 -27.32 31.11
CA GLU G 46 27.79 -26.50 31.18
C GLU G 46 28.10 -25.34 32.11
N HIS G 47 27.99 -24.12 31.60
CA HIS G 47 28.13 -22.92 32.42
C HIS G 47 26.86 -22.78 33.24
N CYS G 48 26.80 -23.51 34.35
CA CYS G 48 25.56 -23.67 35.11
C CYS G 48 25.18 -22.42 35.87
N SER G 49 26.10 -21.48 36.06
CA SER G 49 25.81 -20.21 36.69
C SER G 49 26.87 -19.22 36.25
N PRO G 50 26.55 -17.94 36.15
CA PRO G 50 27.57 -16.95 35.77
C PRO G 50 28.66 -16.74 36.80
N HIS G 51 28.52 -17.27 38.01
CA HIS G 51 29.65 -17.33 38.92
C HIS G 51 30.60 -18.45 38.53
N HIS G 52 30.07 -19.56 38.03
CA HIS G 52 30.91 -20.64 37.55
C HIS G 52 31.67 -20.22 36.30
N THR G 53 31.07 -19.39 35.46
CA THR G 53 31.74 -18.94 34.25
C THR G 53 32.90 -18.01 34.59
N ALA G 54 32.79 -17.25 35.68
CA ALA G 54 33.85 -16.35 36.07
C ALA G 54 34.84 -16.97 37.05
N LEU G 55 34.45 -18.02 37.77
CA LEU G 55 35.38 -18.66 38.68
C LEU G 55 36.45 -19.47 37.96
N ARG G 56 36.16 -19.95 36.77
CA ARG G 56 37.15 -20.70 36.02
C ARG G 56 38.27 -19.80 35.54
N GLN G 57 37.93 -18.63 34.98
CA GLN G 57 38.95 -17.69 34.56
C GLN G 57 39.63 -16.98 35.71
N ALA G 58 39.11 -17.08 36.93
CA ALA G 58 39.84 -16.60 38.09
C ALA G 58 40.84 -17.64 38.59
N ILE G 59 40.60 -18.92 38.31
CA ILE G 59 41.52 -19.97 38.70
C ILE G 59 42.63 -20.11 37.67
N LEU G 60 42.26 -20.09 36.38
CA LEU G 60 43.24 -20.26 35.32
C LEU G 60 44.14 -19.04 35.18
N CYS G 61 43.68 -17.87 35.61
CA CYS G 61 44.57 -16.71 35.67
C CYS G 61 45.63 -16.90 36.73
N TRP G 62 45.29 -17.52 37.86
CA TRP G 62 46.30 -17.81 38.86
C TRP G 62 47.22 -18.92 38.40
N GLY G 63 46.75 -19.79 37.52
CA GLY G 63 47.61 -20.79 36.94
C GLY G 63 48.64 -20.22 35.99
N GLU G 64 48.41 -19.02 35.47
CA GLU G 64 49.40 -18.38 34.61
C GLU G 64 50.26 -17.39 35.36
N LEU G 65 49.74 -16.80 36.44
CA LEU G 65 50.54 -15.88 37.25
C LEU G 65 51.58 -16.60 38.07
N MET G 66 51.35 -17.88 38.38
CA MET G 66 52.32 -18.64 39.16
C MET G 66 53.36 -19.33 38.29
N THR G 67 53.04 -19.64 37.03
CA THR G 67 54.09 -20.09 36.12
C THR G 67 54.96 -18.93 35.67
N LEU G 68 54.42 -17.72 35.67
CA LEU G 68 55.26 -16.56 35.39
C LEU G 68 56.12 -16.21 36.58
N ALA G 69 55.60 -16.36 37.80
CA ALA G 69 56.37 -16.04 38.99
C ALA G 69 57.45 -17.08 39.24
N THR G 70 57.22 -18.33 38.84
CA THR G 70 58.24 -19.36 38.99
C THR G 70 59.37 -19.18 37.97
N TRP G 71 59.05 -18.67 36.79
CA TRP G 71 60.04 -18.54 35.74
C TRP G 71 61.01 -17.39 36.01
N VAL G 72 60.53 -16.29 36.58
CA VAL G 72 61.44 -15.22 36.94
C VAL G 72 62.12 -15.46 38.28
N GLY G 73 61.66 -16.45 39.04
CA GLY G 73 62.23 -16.75 40.34
C GLY G 73 63.63 -17.33 40.29
N ASN G 74 64.03 -17.84 39.14
CA ASN G 74 65.39 -18.35 38.94
C ASN G 74 66.14 -17.63 37.84
N ASN G 75 65.46 -17.18 36.79
CA ASN G 75 66.10 -16.42 35.72
C ASN G 75 65.97 -14.94 36.04
N LEU G 76 66.81 -14.48 36.95
CA LEU G 76 66.76 -13.10 37.43
C LEU G 76 67.20 -12.09 36.37
N ASP G 195 62.48 -14.49 45.08
CA ASP G 195 62.33 -14.03 46.46
C ASP G 195 61.69 -12.65 46.50
N LEU G 196 62.13 -11.77 45.61
CA LEU G 196 61.61 -10.42 45.50
C LEU G 196 60.37 -10.35 44.61
N VAL G 197 60.03 -11.45 43.92
CA VAL G 197 58.84 -11.47 43.09
C VAL G 197 57.63 -12.03 43.86
N VAL G 198 57.84 -12.81 44.92
CA VAL G 198 56.71 -13.44 45.60
C VAL G 198 56.11 -12.55 46.66
N ASN G 199 56.90 -11.66 47.26
CA ASN G 199 56.32 -10.66 48.15
C ASN G 199 55.73 -9.49 47.36
N TYR G 200 55.99 -9.42 46.06
CA TYR G 200 55.31 -8.46 45.21
C TYR G 200 54.03 -9.03 44.61
N VAL G 201 54.07 -10.29 44.19
CA VAL G 201 52.86 -10.95 43.67
C VAL G 201 51.83 -11.09 44.78
N ASN G 202 52.27 -11.50 45.97
CA ASN G 202 51.36 -11.54 47.11
C ASN G 202 51.37 -10.23 47.88
N THR G 203 51.27 -9.12 47.16
CA THR G 203 50.92 -7.85 47.76
C THR G 203 49.81 -7.14 46.99
N ASN G 204 49.89 -7.14 45.66
CA ASN G 204 48.82 -6.59 44.84
C ASN G 204 48.44 -7.43 43.64
N MET G 205 49.31 -8.33 43.16
CA MET G 205 48.93 -9.19 42.06
C MET G 205 48.06 -10.35 42.53
N GLY G 206 48.39 -10.92 43.68
CA GLY G 206 47.60 -11.98 44.26
C GLY G 206 46.52 -11.52 45.19
N LEU G 207 46.55 -10.25 45.60
CA LEU G 207 45.49 -9.75 46.46
C LEU G 207 44.21 -9.54 45.70
N LYS G 208 44.31 -9.23 44.41
CA LYS G 208 43.11 -9.10 43.59
C LYS G 208 42.51 -10.46 43.29
N ILE G 209 43.34 -11.49 43.13
CA ILE G 209 42.84 -12.83 42.90
C ILE G 209 42.19 -13.39 44.15
N ARG G 210 42.70 -13.04 45.33
CA ARG G 210 42.06 -13.46 46.57
C ARG G 210 40.71 -12.78 46.75
N GLN G 211 40.58 -11.53 46.34
CA GLN G 211 39.27 -10.88 46.33
C GLN G 211 38.35 -11.54 45.31
N LEU G 212 38.91 -11.97 44.18
CA LEU G 212 38.11 -12.60 43.15
C LEU G 212 37.74 -14.02 43.51
N LEU G 213 38.62 -14.74 44.19
CA LEU G 213 38.29 -16.11 44.57
C LEU G 213 37.33 -16.14 45.77
N TRP G 214 37.49 -15.20 46.71
CA TRP G 214 36.61 -15.18 47.87
C TRP G 214 35.19 -14.80 47.47
N PHE G 215 35.05 -13.90 46.51
CA PHE G 215 33.72 -13.36 46.20
C PHE G 215 32.88 -14.39 45.46
N HIS G 216 33.51 -15.20 44.62
CA HIS G 216 32.72 -16.10 43.79
C HIS G 216 32.40 -17.40 44.52
N ILE G 217 33.28 -17.87 45.39
CA ILE G 217 32.97 -19.04 46.20
C ILE G 217 31.88 -18.72 47.21
N SER G 218 31.95 -17.54 47.82
CA SER G 218 30.95 -17.15 48.80
C SER G 218 29.60 -16.87 48.14
N CYS G 219 29.60 -16.43 46.88
CA CYS G 219 28.35 -16.34 46.14
C CYS G 219 27.84 -17.70 45.69
N LEU G 220 28.73 -18.68 45.56
CA LEU G 220 28.28 -19.98 45.10
C LEU G 220 27.64 -20.77 46.23
N THR G 221 28.21 -20.71 47.43
CA THR G 221 27.63 -21.44 48.55
C THR G 221 26.46 -20.68 49.16
N PHE G 222 26.72 -19.48 49.67
CA PHE G 222 25.72 -18.73 50.41
C PHE G 222 24.76 -17.96 49.53
N GLY G 223 24.83 -18.09 48.22
CA GLY G 223 24.03 -17.28 47.34
C GLY G 223 24.63 -15.90 47.12
N ARG G 224 24.20 -15.25 46.04
CA ARG G 224 24.76 -13.96 45.72
C ARG G 224 24.21 -12.86 46.61
N GLU G 225 22.91 -12.90 46.89
CA GLU G 225 22.25 -11.83 47.63
C GLU G 225 22.70 -11.76 49.08
N THR G 226 23.18 -12.87 49.65
CA THR G 226 23.66 -12.85 51.03
C THR G 226 25.00 -12.15 51.13
N VAL G 227 25.86 -12.32 50.12
CA VAL G 227 27.17 -11.68 50.14
C VAL G 227 27.02 -10.17 49.94
N LEU G 228 26.08 -9.75 49.11
CA LEU G 228 25.87 -8.32 48.89
C LEU G 228 25.33 -7.60 50.10
N GLU G 229 24.70 -8.31 51.04
CA GLU G 229 24.40 -7.76 52.34
C GLU G 229 25.50 -8.03 53.36
N TYR G 230 26.43 -8.94 53.07
CA TYR G 230 27.51 -9.20 54.00
C TYR G 230 28.58 -8.12 53.92
N LEU G 231 28.86 -7.63 52.70
CA LEU G 231 29.83 -6.56 52.54
C LEU G 231 29.36 -5.25 53.15
N VAL G 232 28.06 -5.07 53.27
CA VAL G 232 27.51 -3.90 53.95
C VAL G 232 27.50 -4.13 55.46
N SER G 233 27.20 -5.36 55.89
CA SER G 233 27.23 -5.69 57.31
C SER G 233 28.66 -5.67 57.86
N PHE G 234 29.64 -5.99 57.03
CA PHE G 234 31.03 -5.70 57.39
C PHE G 234 31.34 -4.22 57.27
N GLY G 235 30.60 -3.50 56.42
CA GLY G 235 30.86 -2.09 56.24
C GLY G 235 30.45 -1.22 57.40
N VAL G 236 29.61 -1.74 58.30
CA VAL G 236 29.30 -1.04 59.54
C VAL G 236 30.12 -1.56 60.71
N TRP G 237 30.73 -2.74 60.59
CA TRP G 237 31.52 -3.24 61.71
C TRP G 237 32.90 -2.61 61.73
N ILE G 238 33.56 -2.55 60.57
CA ILE G 238 34.90 -1.97 60.51
C ILE G 238 34.86 -0.45 60.60
N ARG G 239 33.69 0.15 60.41
CA ARG G 239 33.57 1.60 60.42
C ARG G 239 33.35 2.17 61.82
N THR G 240 32.73 1.41 62.72
CA THR G 240 32.52 1.88 64.07
C THR G 240 33.84 1.88 64.84
N PRO G 241 34.00 2.80 65.79
CA PRO G 241 35.23 2.84 66.60
C PRO G 241 35.36 1.61 67.48
N PRO G 242 36.58 1.25 67.89
CA PRO G 242 36.77 -0.01 68.62
C PRO G 242 36.14 -0.04 70.00
N ALA G 243 35.82 1.12 70.58
CA ALA G 243 35.18 1.13 71.88
C ALA G 243 33.74 0.66 71.84
N TYR G 244 33.10 0.72 70.67
CA TYR G 244 31.69 0.37 70.56
C TYR G 244 31.43 -0.65 69.46
N ARG G 245 32.43 -1.45 69.09
CA ARG G 245 32.10 -2.50 68.16
C ARG G 245 32.32 -3.86 68.80
N PRO G 246 31.49 -4.85 68.47
CA PRO G 246 31.64 -6.16 69.09
C PRO G 246 32.89 -6.86 68.57
N PRO G 247 33.54 -7.68 69.40
CA PRO G 247 34.71 -8.42 68.92
C PRO G 247 34.36 -9.53 67.96
N ASN G 248 33.10 -9.98 67.95
CA ASN G 248 32.64 -10.93 66.94
C ASN G 248 32.51 -10.20 65.62
N ALA G 249 33.47 -10.39 64.74
CA ALA G 249 33.34 -9.87 63.39
C ALA G 249 32.21 -10.60 62.67
N PRO G 250 31.49 -9.93 61.77
CA PRO G 250 30.40 -10.61 61.05
C PRO G 250 30.94 -11.65 60.10
N ILE G 251 30.22 -12.76 59.99
CA ILE G 251 30.69 -13.93 59.26
C ILE G 251 29.49 -14.59 58.61
N LEU G 252 29.75 -15.43 57.62
CA LEU G 252 28.70 -16.06 56.83
C LEU G 252 28.53 -17.50 57.30
N SER G 253 27.31 -17.82 57.76
CA SER G 253 27.00 -19.19 58.14
C SER G 253 25.57 -19.57 57.74
N THR G 254 24.91 -18.77 56.91
CA THR G 254 23.49 -18.97 56.64
C THR G 254 23.27 -20.13 55.66
N LEU G 255 23.85 -20.02 54.47
CA LEU G 255 23.70 -20.93 53.32
C LEU G 255 22.23 -21.07 52.90
N MET G 285 43.64 -29.84 40.38
CA MET G 285 42.44 -29.65 39.57
C MET G 285 42.75 -28.95 38.27
N ASP G 286 42.36 -29.57 37.15
CA ASP G 286 42.45 -28.93 35.84
C ASP G 286 41.09 -28.40 35.44
N ILE G 287 41.08 -27.27 34.74
CA ILE G 287 39.86 -26.66 34.24
C ILE G 287 40.10 -26.28 32.79
N ASP G 288 39.29 -26.82 31.90
CA ASP G 288 39.33 -26.35 30.52
C ASP G 288 38.59 -25.02 30.43
N PRO G 289 39.22 -23.98 29.89
CA PRO G 289 38.62 -22.64 29.97
C PRO G 289 37.42 -22.44 29.08
N TYR G 290 37.22 -23.27 28.05
CA TYR G 290 36.02 -23.12 27.24
C TYR G 290 35.37 -24.44 26.87
N LYS G 291 35.52 -25.49 27.68
CA LYS G 291 34.76 -26.71 27.48
C LYS G 291 33.28 -26.51 27.73
N GLU G 292 32.93 -25.51 28.55
CA GLU G 292 31.53 -25.14 28.74
C GLU G 292 30.92 -24.58 27.47
N PHE G 293 31.74 -24.01 26.59
CA PHE G 293 31.24 -23.43 25.35
C PHE G 293 31.25 -24.42 24.19
N GLY G 294 31.87 -25.58 24.36
CA GLY G 294 31.81 -26.61 23.36
C GLY G 294 33.17 -27.08 22.87
N ALA G 295 34.09 -26.15 22.70
CA ALA G 295 35.41 -26.47 22.19
C ALA G 295 36.36 -26.81 23.33
N THR G 296 37.32 -27.67 23.06
CA THR G 296 38.36 -27.98 24.03
C THR G 296 39.65 -27.27 23.65
N VAL G 297 40.62 -27.33 24.54
CA VAL G 297 41.87 -26.62 24.31
C VAL G 297 42.71 -27.33 23.26
N GLU G 298 42.62 -28.66 23.18
CA GLU G 298 43.33 -29.39 22.14
C GLU G 298 42.61 -29.34 20.81
N LEU G 299 41.31 -29.03 20.80
CA LEU G 299 40.62 -28.77 19.55
C LEU G 299 41.09 -27.48 18.91
N LEU G 300 41.54 -26.54 19.72
CA LEU G 300 41.96 -25.23 19.27
C LEU G 300 43.47 -25.13 19.11
N SER G 301 44.20 -26.17 19.47
CA SER G 301 45.64 -26.20 19.27
C SER G 301 46.03 -26.46 17.82
N PHE G 302 45.08 -26.85 16.96
CA PHE G 302 45.40 -27.08 15.56
C PHE G 302 45.67 -25.77 14.83
N LEU G 303 45.11 -24.67 15.30
CA LEU G 303 45.39 -23.38 14.72
C LEU G 303 46.85 -23.01 15.00
N PRO G 304 47.56 -22.48 14.02
CA PRO G 304 48.97 -22.11 14.25
C PRO G 304 49.09 -20.88 15.13
N SER G 305 50.32 -20.57 15.51
CA SER G 305 50.55 -19.46 16.44
C SER G 305 50.35 -18.12 15.76
N ASP G 306 50.51 -18.04 14.45
CA ASP G 306 50.38 -16.80 13.72
C ASP G 306 49.00 -16.62 13.11
N PHE G 307 48.06 -17.49 13.44
CA PHE G 307 46.69 -17.29 12.97
C PHE G 307 46.00 -16.18 13.73
N PHE G 308 46.35 -16.01 14.99
CA PHE G 308 45.66 -15.05 15.83
C PHE G 308 46.21 -13.64 15.62
N PRO G 309 45.37 -12.63 15.77
CA PRO G 309 45.87 -11.26 15.78
C PRO G 309 46.66 -10.98 17.05
N SER G 310 47.37 -9.88 17.05
CA SER G 310 48.15 -9.48 18.22
C SER G 310 47.20 -9.08 19.35
N VAL G 311 47.75 -9.07 20.57
CA VAL G 311 46.91 -8.89 21.75
C VAL G 311 46.39 -7.46 21.83
N ARG G 312 47.14 -6.49 21.34
CA ARG G 312 46.64 -5.11 21.27
C ARG G 312 45.57 -4.98 20.20
N ASP G 313 45.65 -5.78 19.13
CA ASP G 313 44.62 -5.74 18.11
C ASP G 313 43.33 -6.40 18.55
N LEU G 314 43.37 -7.26 19.55
CA LEU G 314 42.16 -7.90 20.04
C LEU G 314 41.53 -7.13 21.19
N LEU G 315 42.33 -6.43 21.98
CA LEU G 315 41.78 -5.55 22.99
C LEU G 315 41.08 -4.36 22.36
N ASP G 316 41.67 -3.81 21.29
CA ASP G 316 41.05 -2.71 20.57
C ASP G 316 39.91 -3.17 19.67
N THR G 317 39.76 -4.46 19.43
CA THR G 317 38.61 -4.94 18.68
C THR G 317 37.38 -5.04 19.58
N ALA G 318 37.54 -5.57 20.78
CA ALA G 318 36.42 -5.64 21.71
C ALA G 318 36.06 -4.26 22.24
N SER G 319 37.05 -3.37 22.37
CA SER G 319 36.77 -2.03 22.87
C SER G 319 36.05 -1.21 21.82
N ALA G 320 36.35 -1.41 20.55
CA ALA G 320 35.67 -0.67 19.50
C ALA G 320 34.28 -1.21 19.25
N LEU G 321 34.16 -2.53 19.16
CA LEU G 321 32.87 -3.14 18.83
C LEU G 321 31.87 -3.02 19.96
N TYR G 322 32.12 -3.69 21.08
CA TYR G 322 31.19 -3.69 22.21
C TYR G 322 31.93 -3.37 23.50
N ARG G 323 32.02 -2.07 23.78
CA ARG G 323 32.39 -1.55 25.08
C ARG G 323 31.19 -1.11 25.88
N GLU G 324 30.04 -0.91 25.21
CA GLU G 324 28.80 -0.63 25.91
C GLU G 324 28.25 -1.88 26.59
N ALA G 325 28.64 -3.06 26.13
CA ALA G 325 28.19 -4.30 26.74
C ALA G 325 29.17 -4.87 27.74
N LEU G 326 30.47 -4.67 27.54
CA LEU G 326 31.45 -5.19 28.50
C LEU G 326 31.53 -4.35 29.76
N GLU G 327 31.04 -3.11 29.74
CA GLU G 327 30.99 -2.28 30.92
C GLU G 327 29.60 -2.17 31.49
N SER G 328 28.63 -2.83 30.89
CA SER G 328 27.26 -2.81 31.37
C SER G 328 27.13 -3.70 32.61
N PRO G 329 26.27 -3.33 33.56
CA PRO G 329 26.19 -4.08 34.82
C PRO G 329 25.36 -5.34 34.76
N GLU G 330 25.08 -5.88 33.57
CA GLU G 330 24.44 -7.17 33.45
C GLU G 330 25.31 -8.08 32.60
N HIS G 331 24.91 -9.36 32.53
CA HIS G 331 25.75 -10.37 31.90
C HIS G 331 25.65 -10.29 30.38
N CYS G 332 24.44 -10.51 29.86
CA CYS G 332 23.98 -10.47 28.46
C CYS G 332 24.47 -11.64 27.61
N SER G 333 25.44 -12.43 28.10
CA SER G 333 26.00 -13.61 27.45
C SER G 333 27.01 -14.27 28.37
N PRO G 334 27.23 -15.59 28.26
CA PRO G 334 28.36 -16.19 28.97
C PRO G 334 29.69 -15.88 28.34
N HIS G 335 29.71 -15.50 27.06
CA HIS G 335 30.96 -15.00 26.48
C HIS G 335 31.29 -13.63 27.03
N HIS G 336 30.28 -12.81 27.26
CA HIS G 336 30.50 -11.48 27.83
C HIS G 336 31.00 -11.58 29.27
N THR G 337 30.57 -12.59 30.01
CA THR G 337 31.11 -12.83 31.34
C THR G 337 32.56 -13.25 31.26
N ALA G 338 32.88 -14.20 30.39
CA ALA G 338 34.23 -14.73 30.30
C ALA G 338 35.20 -13.73 29.68
N LEU G 339 34.71 -12.85 28.81
CA LEU G 339 35.58 -11.88 28.19
C LEU G 339 35.99 -10.78 29.16
N ARG G 340 35.20 -10.53 30.21
CA ARG G 340 35.56 -9.51 31.18
C ARG G 340 36.78 -9.91 31.99
N GLN G 341 36.80 -11.14 32.51
CA GLN G 341 37.98 -11.58 33.25
C GLN G 341 39.14 -11.96 32.34
N ALA G 342 38.88 -12.20 31.06
CA ALA G 342 39.98 -12.49 30.15
C ALA G 342 40.81 -11.25 29.88
N ILE G 343 40.20 -10.07 29.95
CA ILE G 343 40.94 -8.84 29.74
C ILE G 343 41.68 -8.45 31.01
N LEU G 344 41.02 -8.58 32.16
CA LEU G 344 41.67 -8.26 33.43
C LEU G 344 42.78 -9.23 33.77
N CYS G 345 42.71 -10.46 33.27
CA CYS G 345 43.83 -11.38 33.42
C CYS G 345 45.04 -10.90 32.64
N TRP G 346 44.82 -10.26 31.49
CA TRP G 346 45.93 -9.69 30.75
C TRP G 346 46.47 -8.44 31.42
N GLY G 347 45.64 -7.73 32.18
CA GLY G 347 46.13 -6.62 32.96
C GLY G 347 47.08 -7.05 34.04
N GLU G 348 46.85 -8.21 34.64
CA GLU G 348 47.74 -8.69 35.70
C GLU G 348 49.05 -9.19 35.11
N LEU G 349 49.01 -9.77 33.91
CA LEU G 349 50.24 -10.23 33.28
C LEU G 349 51.09 -9.09 32.77
N MET G 350 50.49 -7.93 32.49
CA MET G 350 51.26 -6.79 31.99
C MET G 350 51.68 -5.83 33.08
N THR G 351 50.92 -5.73 34.18
CA THR G 351 51.39 -4.96 35.33
C THR G 351 52.57 -5.65 36.00
N LEU G 352 52.63 -6.97 35.93
CA LEU G 352 53.76 -7.70 36.49
C LEU G 352 54.98 -7.58 35.60
N ALA G 353 54.82 -7.86 34.30
CA ALA G 353 55.97 -7.94 33.40
C ALA G 353 56.61 -6.59 33.14
N THR G 354 55.85 -5.51 33.31
CA THR G 354 56.47 -4.18 33.33
C THR G 354 57.32 -4.01 34.56
N TRP G 355 56.83 -4.48 35.71
CA TRP G 355 57.58 -4.35 36.95
C TRP G 355 58.76 -5.33 37.01
N VAL G 356 58.66 -6.47 36.32
CA VAL G 356 59.78 -7.41 36.26
C VAL G 356 60.97 -6.76 35.56
N GLY G 357 60.71 -5.97 34.51
CA GLY G 357 61.75 -5.21 33.85
C GLY G 357 62.37 -4.11 34.70
N ASN G 358 61.71 -3.73 35.79
CA ASN G 358 62.27 -2.74 36.71
C ASN G 358 62.43 -3.32 38.10
N VAL G 375 63.68 -11.01 27.36
CA VAL G 375 62.98 -10.88 28.63
C VAL G 375 61.47 -10.89 28.39
N ASN G 376 61.06 -10.53 27.19
CA ASN G 376 59.64 -10.49 26.83
C ASN G 376 59.27 -11.79 26.13
N TYR G 377 59.32 -12.87 26.90
CA TYR G 377 58.86 -14.17 26.44
C TYR G 377 57.38 -14.40 26.73
N VAL G 378 56.75 -13.47 27.46
CA VAL G 378 55.37 -13.63 27.90
C VAL G 378 54.42 -13.67 26.70
N ASN G 379 54.76 -12.97 25.62
CA ASN G 379 53.97 -13.04 24.41
C ASN G 379 54.19 -14.35 23.66
N THR G 380 55.26 -15.09 23.95
CA THR G 380 55.52 -16.33 23.22
C THR G 380 54.66 -17.47 23.72
N ASN G 381 54.47 -17.61 25.02
CA ASN G 381 53.68 -18.72 25.54
C ASN G 381 52.47 -18.28 26.36
N MET G 382 52.61 -17.27 27.21
CA MET G 382 51.46 -16.81 27.98
C MET G 382 50.59 -15.84 27.19
N GLY G 383 51.19 -15.12 26.24
CA GLY G 383 50.41 -14.26 25.38
C GLY G 383 49.59 -15.01 24.35
N LEU G 384 49.92 -16.28 24.10
CA LEU G 384 49.12 -17.07 23.18
C LEU G 384 47.79 -17.46 23.80
N LYS G 385 47.81 -17.89 25.06
CA LYS G 385 46.59 -18.36 25.71
C LYS G 385 45.60 -17.24 25.96
N ILE G 386 46.08 -16.00 26.07
CA ILE G 386 45.16 -14.88 26.07
C ILE G 386 44.65 -14.60 24.66
N ARG G 387 45.54 -14.70 23.66
CA ARG G 387 45.14 -14.47 22.28
C ARG G 387 44.23 -15.57 21.76
N GLN G 388 44.41 -16.81 22.24
CA GLN G 388 43.46 -17.86 21.90
C GLN G 388 42.10 -17.60 22.54
N LEU G 389 42.08 -16.98 23.71
CA LEU G 389 40.83 -16.73 24.40
C LEU G 389 40.18 -15.42 23.93
N LEU G 390 41.00 -14.42 23.60
CA LEU G 390 40.44 -13.17 23.11
C LEU G 390 39.89 -13.33 21.71
N TRP G 391 40.52 -14.15 20.87
CA TRP G 391 39.98 -14.37 19.54
C TRP G 391 38.71 -15.19 19.59
N PHE G 392 38.65 -16.16 20.51
CA PHE G 392 37.53 -17.09 20.52
C PHE G 392 36.25 -16.42 21.00
N HIS G 393 36.32 -15.72 22.13
CA HIS G 393 35.12 -15.08 22.68
C HIS G 393 34.66 -13.88 21.87
N ILE G 394 35.56 -13.27 21.11
CA ILE G 394 35.12 -12.23 20.18
C ILE G 394 34.40 -12.86 18.99
N SER G 395 34.97 -13.94 18.45
CA SER G 395 34.36 -14.60 17.30
C SER G 395 33.08 -15.33 17.65
N CYS G 396 32.88 -15.71 18.91
CA CYS G 396 31.59 -16.26 19.31
C CYS G 396 30.51 -15.19 19.40
N LEU G 397 30.89 -13.93 19.53
CA LEU G 397 29.90 -12.86 19.56
C LEU G 397 29.76 -12.15 18.22
N THR G 398 30.80 -12.15 17.39
CA THR G 398 30.67 -11.55 16.07
C THR G 398 29.92 -12.48 15.13
N PHE G 399 30.10 -13.79 15.28
CA PHE G 399 29.57 -14.76 14.33
C PHE G 399 28.63 -15.79 14.93
N GLY G 400 28.59 -15.93 16.23
CA GLY G 400 27.83 -16.98 16.87
C GLY G 400 28.74 -18.08 17.41
N ARG G 401 28.13 -18.94 18.23
CA ARG G 401 28.92 -20.02 18.82
C ARG G 401 29.13 -21.15 17.82
N GLU G 402 28.08 -21.59 17.14
CA GLU G 402 28.20 -22.74 16.26
C GLU G 402 28.90 -22.39 14.96
N THR G 403 28.91 -21.11 14.58
CA THR G 403 29.58 -20.72 13.34
C THR G 403 31.09 -20.74 13.49
N VAL G 404 31.60 -20.51 14.71
CA VAL G 404 33.01 -20.71 14.96
C VAL G 404 33.30 -22.13 15.43
N LEU G 405 32.29 -22.84 15.94
CA LEU G 405 32.51 -24.23 16.33
C LEU G 405 32.61 -25.14 15.11
N GLU G 406 31.79 -24.90 14.10
CA GLU G 406 31.94 -25.62 12.85
C GLU G 406 33.08 -25.09 12.00
N TYR G 407 33.64 -23.93 12.35
CA TYR G 407 34.81 -23.42 11.66
C TYR G 407 36.08 -24.10 12.16
N LEU G 408 36.12 -24.43 13.45
CA LEU G 408 37.33 -25.03 14.01
C LEU G 408 37.49 -26.47 13.57
N VAL G 409 36.40 -27.16 13.27
CA VAL G 409 36.50 -28.48 12.66
C VAL G 409 37.01 -28.37 11.23
N SER G 410 36.49 -27.40 10.47
CA SER G 410 36.87 -27.23 9.07
C SER G 410 38.27 -26.66 8.91
N PHE G 411 38.79 -25.95 9.91
CA PHE G 411 40.21 -25.63 9.90
C PHE G 411 41.03 -26.85 10.28
N GLY G 412 40.44 -27.78 11.04
CA GLY G 412 41.18 -28.93 11.50
C GLY G 412 41.57 -29.87 10.38
N VAL G 413 40.68 -30.08 9.41
CA VAL G 413 41.03 -30.93 8.29
C VAL G 413 41.91 -30.21 7.28
N TRP G 414 41.98 -28.88 7.33
CA TRP G 414 42.82 -28.15 6.40
C TRP G 414 44.27 -28.13 6.87
N ILE G 415 44.49 -27.92 8.17
CA ILE G 415 45.84 -27.82 8.69
C ILE G 415 46.51 -29.18 8.79
N ARG G 416 45.72 -30.26 8.82
CA ARG G 416 46.30 -31.58 9.03
C ARG G 416 46.78 -32.23 7.74
N THR G 417 46.13 -31.93 6.62
CA THR G 417 46.58 -32.52 5.36
C THR G 417 47.90 -31.88 4.93
N PRO G 418 48.80 -32.66 4.34
CA PRO G 418 50.10 -32.11 3.94
C PRO G 418 49.94 -31.17 2.76
N PRO G 419 50.95 -30.34 2.48
CA PRO G 419 50.90 -29.48 1.29
C PRO G 419 50.90 -30.27 -0.01
N ALA G 420 50.49 -29.58 -1.07
CA ALA G 420 50.14 -30.11 -2.40
C ALA G 420 48.98 -31.11 -2.34
N TYR G 421 48.19 -31.07 -1.27
CA TYR G 421 46.93 -31.81 -1.20
C TYR G 421 45.84 -30.98 -0.56
N ARG G 422 46.14 -29.77 -0.13
CA ARG G 422 45.19 -28.84 0.45
C ARG G 422 44.98 -27.67 -0.51
N PRO G 423 43.87 -26.96 -0.39
CA PRO G 423 43.77 -25.66 -1.06
C PRO G 423 44.81 -24.71 -0.50
N PRO G 424 45.38 -23.84 -1.34
CA PRO G 424 46.48 -22.99 -0.87
C PRO G 424 46.04 -21.87 0.05
N ASN G 425 44.75 -21.59 0.13
CA ASN G 425 44.22 -20.55 1.02
C ASN G 425 43.48 -21.18 2.18
N ALA G 426 43.67 -20.59 3.37
CA ALA G 426 43.03 -21.08 4.57
C ALA G 426 41.53 -20.80 4.53
N PRO G 427 40.72 -21.55 5.30
CA PRO G 427 39.29 -21.24 5.36
C PRO G 427 39.03 -19.92 6.07
N ILE G 428 37.97 -19.24 5.65
CA ILE G 428 37.68 -17.88 6.07
C ILE G 428 36.40 -17.89 6.90
N LEU G 429 36.48 -17.36 8.11
CA LEU G 429 35.33 -17.28 9.00
C LEU G 429 34.51 -16.05 8.65
N SER G 430 33.29 -16.27 8.17
CA SER G 430 32.37 -15.17 7.89
C SER G 430 30.94 -15.70 7.94
N THR G 431 30.00 -14.77 7.82
CA THR G 431 28.55 -15.00 7.78
C THR G 431 28.01 -15.76 8.99
N MET H 1 40.60 -67.71 6.18
CA MET H 1 39.56 -66.68 6.10
C MET H 1 40.17 -65.31 5.83
N ASP H 2 39.68 -64.65 4.79
CA ASP H 2 40.09 -63.29 4.45
C ASP H 2 38.95 -62.34 4.77
N ILE H 3 39.29 -61.18 5.31
CA ILE H 3 38.30 -60.29 5.92
C ILE H 3 38.70 -58.84 5.65
N ASP H 4 37.74 -58.07 5.17
CA ASP H 4 37.88 -56.67 4.81
C ASP H 4 37.44 -55.80 5.98
N PRO H 5 38.21 -54.77 6.34
CA PRO H 5 37.89 -54.02 7.57
C PRO H 5 36.67 -53.15 7.46
N TYR H 6 36.40 -52.55 6.30
CA TYR H 6 35.29 -51.63 6.16
C TYR H 6 34.45 -51.90 4.93
N LYS H 7 34.38 -53.16 4.50
CA LYS H 7 33.44 -53.55 3.46
C LYS H 7 32.01 -53.40 3.92
N GLU H 8 31.76 -53.53 5.22
CA GLU H 8 30.45 -53.26 5.79
C GLU H 8 30.08 -51.79 5.68
N PHE H 9 31.07 -50.89 5.69
CA PHE H 9 30.79 -49.47 5.63
C PHE H 9 30.62 -48.96 4.20
N GLY H 10 30.90 -49.78 3.21
CA GLY H 10 30.70 -49.38 1.83
C GLY H 10 31.97 -49.31 1.03
N ALA H 11 33.03 -48.79 1.63
CA ALA H 11 34.31 -48.72 0.95
C ALA H 11 34.99 -50.08 0.94
N THR H 12 36.02 -50.19 0.11
CA THR H 12 36.90 -51.36 0.09
C THR H 12 38.33 -50.87 0.27
N VAL H 13 39.27 -51.80 0.41
CA VAL H 13 40.65 -51.41 0.67
C VAL H 13 41.30 -50.81 -0.57
N GLU H 14 40.91 -51.29 -1.76
CA GLU H 14 41.44 -50.67 -2.97
C GLU H 14 40.83 -49.31 -3.25
N LEU H 15 39.71 -48.98 -2.62
CA LEU H 15 39.17 -47.62 -2.72
C LEU H 15 39.95 -46.65 -1.86
N LEU H 16 40.62 -47.13 -0.81
CA LEU H 16 41.38 -46.25 0.05
C LEU H 16 42.85 -46.17 -0.32
N SER H 17 43.36 -47.13 -1.08
CA SER H 17 44.66 -46.96 -1.71
C SER H 17 44.56 -46.22 -3.03
N PHE H 18 43.33 -45.96 -3.49
CA PHE H 18 43.08 -45.09 -4.64
C PHE H 18 43.55 -43.67 -4.35
N LEU H 19 43.39 -43.20 -3.12
CA LEU H 19 44.02 -41.98 -2.65
C LEU H 19 45.51 -42.23 -2.46
N PRO H 20 46.35 -41.19 -2.51
CA PRO H 20 47.78 -41.40 -2.36
C PRO H 20 48.16 -41.81 -0.94
N SER H 21 49.37 -42.34 -0.82
CA SER H 21 49.80 -42.93 0.45
C SER H 21 50.08 -41.88 1.51
N ASP H 22 50.57 -40.70 1.11
CA ASP H 22 50.92 -39.67 2.07
C ASP H 22 49.89 -38.56 2.14
N PHE H 23 48.65 -38.83 1.71
CA PHE H 23 47.59 -37.86 1.92
C PHE H 23 47.14 -37.85 3.37
N PHE H 24 47.11 -39.02 4.00
CA PHE H 24 46.52 -39.15 5.32
C PHE H 24 47.40 -38.52 6.38
N PRO H 25 46.82 -37.87 7.39
CA PRO H 25 47.63 -37.29 8.46
C PRO H 25 48.23 -38.37 9.35
N SER H 26 49.16 -37.94 10.19
CA SER H 26 49.85 -38.87 11.07
C SER H 26 48.90 -39.35 12.17
N VAL H 27 49.34 -40.42 12.86
CA VAL H 27 48.52 -40.98 13.93
C VAL H 27 48.46 -40.05 15.13
N ARG H 28 49.50 -39.23 15.32
CA ARG H 28 49.46 -38.27 16.41
C ARG H 28 48.49 -37.12 16.13
N ASP H 29 48.15 -36.89 14.86
CA ASP H 29 47.14 -35.89 14.53
C ASP H 29 45.75 -36.49 14.43
N LEU H 30 45.65 -37.76 14.09
CA LEU H 30 44.33 -38.40 14.01
C LEU H 30 43.85 -38.86 15.38
N LEU H 31 44.76 -39.18 16.30
CA LEU H 31 44.31 -39.50 17.65
C LEU H 31 43.94 -38.24 18.43
N ASP H 32 44.64 -37.13 18.18
CA ASP H 32 44.25 -35.87 18.80
C ASP H 32 42.98 -35.31 18.20
N THR H 33 42.63 -35.71 16.98
CA THR H 33 41.34 -35.31 16.43
C THR H 33 40.20 -36.06 17.09
N ALA H 34 40.43 -37.32 17.47
CA ALA H 34 39.38 -38.11 18.09
C ALA H 34 39.09 -37.61 19.51
N SER H 35 40.13 -37.43 20.31
CA SER H 35 39.96 -37.00 21.69
C SER H 35 39.43 -35.58 21.80
N ALA H 36 39.65 -34.75 20.79
CA ALA H 36 39.09 -33.41 20.80
C ALA H 36 37.62 -33.43 20.40
N LEU H 37 37.26 -34.29 19.45
CA LEU H 37 35.89 -34.31 18.93
C LEU H 37 35.02 -35.30 19.70
N TYR H 38 35.45 -36.56 19.78
CA TYR H 38 34.66 -37.63 20.36
C TYR H 38 35.46 -38.27 21.50
N ARG H 39 35.31 -37.74 22.69
CA ARG H 39 35.86 -38.37 23.86
C ARG H 39 34.78 -38.79 24.84
N GLU H 40 33.72 -38.00 24.96
CA GLU H 40 32.56 -38.37 25.74
C GLU H 40 31.67 -39.38 25.02
N ALA H 41 31.92 -39.63 23.74
CA ALA H 41 31.14 -40.60 22.99
C ALA H 41 31.89 -41.90 22.75
N LEU H 42 33.22 -41.88 22.72
CA LEU H 42 33.96 -43.13 22.62
C LEU H 42 34.00 -43.84 23.96
N GLU H 43 34.31 -43.11 25.03
CA GLU H 43 34.39 -43.69 26.36
C GLU H 43 33.02 -43.98 26.98
N SER H 44 31.94 -43.54 26.36
CA SER H 44 30.61 -43.77 26.88
C SER H 44 30.25 -45.26 26.76
N PRO H 45 29.40 -45.77 27.65
CA PRO H 45 29.02 -47.18 27.59
C PRO H 45 27.94 -47.52 26.58
N GLU H 46 27.67 -46.67 25.60
CA GLU H 46 26.67 -46.94 24.58
C GLU H 46 27.29 -46.83 23.21
N HIS H 47 27.21 -47.91 22.42
CA HIS H 47 27.66 -47.85 21.04
C HIS H 47 26.65 -47.05 20.22
N CYS H 48 26.92 -45.76 20.02
CA CYS H 48 25.92 -44.89 19.42
C CYS H 48 25.86 -45.05 17.90
N SER H 49 26.96 -45.42 17.27
CA SER H 49 27.02 -45.60 15.84
C SER H 49 27.94 -46.77 15.50
N PRO H 50 27.75 -47.40 14.33
CA PRO H 50 28.68 -48.47 13.93
C PRO H 50 30.09 -48.00 13.64
N HIS H 51 30.31 -46.71 13.40
CA HIS H 51 31.69 -46.23 13.30
C HIS H 51 32.34 -46.16 14.65
N HIS H 52 31.56 -45.94 15.71
CA HIS H 52 32.12 -45.81 17.05
C HIS H 52 32.69 -47.12 17.54
N THR H 53 32.05 -48.24 17.20
CA THR H 53 32.56 -49.54 17.61
C THR H 53 33.84 -49.88 16.88
N ALA H 54 33.91 -49.60 15.58
CA ALA H 54 35.12 -49.85 14.82
C ALA H 54 36.23 -48.87 15.13
N LEU H 55 35.93 -47.75 15.79
CA LEU H 55 36.95 -46.78 16.15
C LEU H 55 37.52 -47.06 17.54
N ARG H 56 36.74 -47.67 18.42
CA ARG H 56 37.27 -48.08 19.72
C ARG H 56 38.28 -49.20 19.57
N GLN H 57 38.06 -50.11 18.61
CA GLN H 57 39.03 -51.17 18.38
C GLN H 57 40.27 -50.65 17.68
N ALA H 58 40.12 -49.66 16.81
CA ALA H 58 41.26 -49.15 16.06
C ALA H 58 42.22 -48.38 16.96
N ILE H 59 41.70 -47.70 17.97
CA ILE H 59 42.54 -47.01 18.94
C ILE H 59 43.26 -48.02 19.82
N LEU H 60 42.53 -49.03 20.30
CA LEU H 60 43.12 -50.08 21.12
C LEU H 60 44.04 -50.99 20.33
N CYS H 61 43.88 -51.08 19.01
CA CYS H 61 44.84 -51.83 18.21
C CYS H 61 46.17 -51.10 18.14
N TRP H 62 46.13 -49.78 18.01
CA TRP H 62 47.36 -49.00 18.00
C TRP H 62 47.98 -48.92 19.39
N GLY H 63 47.15 -49.05 20.43
CA GLY H 63 47.69 -49.09 21.78
C GLY H 63 48.40 -50.41 22.08
N GLU H 64 47.81 -51.52 21.63
CA GLU H 64 48.46 -52.81 21.81
C GLU H 64 49.66 -52.99 20.90
N LEU H 65 49.67 -52.33 19.74
CA LEU H 65 50.78 -52.50 18.82
C LEU H 65 51.98 -51.66 19.23
N MET H 66 51.74 -50.45 19.72
CA MET H 66 52.86 -49.59 20.11
C MET H 66 53.52 -50.06 21.39
N THR H 67 52.77 -50.73 22.26
CA THR H 67 53.36 -51.30 23.47
C THR H 67 54.33 -52.42 23.12
N LEU H 68 54.01 -53.21 22.10
CA LEU H 68 54.97 -54.16 21.57
C LEU H 68 56.13 -53.44 20.89
N ALA H 69 55.87 -52.28 20.27
CA ALA H 69 56.92 -51.58 19.52
C ALA H 69 57.96 -50.99 20.45
N THR H 70 57.54 -50.43 21.59
CA THR H 70 58.53 -49.98 22.56
C THR H 70 59.16 -51.13 23.32
N TRP H 71 58.52 -52.30 23.34
CA TRP H 71 59.13 -53.45 24.00
C TRP H 71 60.30 -53.99 23.19
N VAL H 72 60.09 -54.17 21.87
CA VAL H 72 61.10 -54.79 21.03
C VAL H 72 62.29 -53.87 20.84
N GLY H 73 62.11 -52.56 21.01
CA GLY H 73 63.21 -51.64 21.04
C GLY H 73 63.94 -51.55 22.36
N ASN H 74 63.64 -52.43 23.30
CA ASN H 74 64.34 -52.47 24.58
C ASN H 74 65.23 -53.69 24.71
N ASN H 75 65.49 -54.38 23.61
CA ASN H 75 66.37 -55.56 23.58
C ASN H 75 66.83 -55.82 22.16
N LEU H 76 68.02 -56.41 22.05
CA LEU H 76 68.55 -56.88 20.77
C LEU H 76 69.62 -57.94 21.00
N ASP H 195 67.24 -50.04 16.15
CA ASP H 195 65.87 -49.56 16.23
C ASP H 195 65.23 -49.49 14.85
N LEU H 196 65.35 -50.58 14.10
CA LEU H 196 64.76 -50.66 12.77
C LEU H 196 63.36 -51.26 12.81
N VAL H 197 62.53 -50.74 13.72
CA VAL H 197 61.15 -51.18 13.85
C VAL H 197 60.15 -50.05 13.64
N VAL H 198 60.46 -48.85 14.12
CA VAL H 198 59.51 -47.74 14.00
C VAL H 198 59.47 -47.19 12.58
N ASN H 199 60.54 -47.37 11.80
CA ASN H 199 60.47 -47.10 10.38
C ASN H 199 59.87 -48.27 9.60
N TYR H 200 59.68 -49.42 10.24
CA TYR H 200 58.94 -50.51 9.64
C TYR H 200 57.46 -50.47 10.01
N VAL H 201 57.16 -50.06 11.24
CA VAL H 201 55.77 -50.06 11.69
C VAL H 201 54.97 -48.97 10.98
N ASN H 202 55.51 -47.75 10.94
CA ASN H 202 54.80 -46.65 10.31
C ASN H 202 54.74 -46.74 8.78
N THR H 203 55.53 -47.63 8.17
CA THR H 203 55.39 -47.84 6.74
C THR H 203 54.32 -48.88 6.43
N ASN H 204 54.39 -50.04 7.09
CA ASN H 204 53.45 -51.12 6.84
C ASN H 204 52.24 -51.07 7.76
N MET H 205 52.44 -51.18 9.08
CA MET H 205 51.32 -51.21 9.99
C MET H 205 50.75 -49.82 10.24
N GLY H 206 51.57 -48.78 10.14
CA GLY H 206 51.11 -47.44 10.45
C GLY H 206 50.19 -46.87 9.39
N LEU H 207 50.45 -47.19 8.13
CA LEU H 207 49.58 -46.73 7.05
C LEU H 207 48.23 -47.41 7.08
N LYS H 208 48.18 -48.65 7.60
CA LYS H 208 46.89 -49.33 7.72
C LYS H 208 46.04 -48.72 8.82
N ILE H 209 46.65 -48.14 9.85
CA ILE H 209 45.88 -47.52 10.91
C ILE H 209 45.48 -46.10 10.51
N ARG H 210 46.35 -45.40 9.78
CA ARG H 210 46.06 -44.03 9.37
C ARG H 210 44.89 -43.97 8.41
N GLN H 211 44.69 -45.00 7.59
CA GLN H 211 43.50 -45.05 6.76
C GLN H 211 42.28 -45.37 7.59
N LEU H 212 42.41 -46.30 8.54
CA LEU H 212 41.27 -46.72 9.35
C LEU H 212 40.85 -45.63 10.33
N LEU H 213 41.79 -44.80 10.78
CA LEU H 213 41.45 -43.72 11.69
C LEU H 213 40.82 -42.55 10.94
N TRP H 214 41.42 -42.16 9.81
CA TRP H 214 40.91 -41.04 9.03
C TRP H 214 39.53 -41.32 8.44
N PHE H 215 39.26 -42.58 8.11
CA PHE H 215 37.98 -42.93 7.50
C PHE H 215 36.85 -42.79 8.52
N HIS H 216 37.04 -43.34 9.71
CA HIS H 216 35.95 -43.34 10.69
C HIS H 216 35.77 -41.98 11.33
N ILE H 217 36.83 -41.19 11.45
CA ILE H 217 36.69 -39.84 11.96
C ILE H 217 35.96 -38.96 10.96
N SER H 218 36.32 -39.06 9.68
CA SER H 218 35.59 -38.34 8.65
C SER H 218 34.24 -38.98 8.34
N CYS H 219 33.97 -40.18 8.84
CA CYS H 219 32.62 -40.72 8.73
C CYS H 219 31.68 -40.12 9.77
N LEU H 220 32.21 -39.60 10.86
CA LEU H 220 31.37 -39.03 11.90
C LEU H 220 31.24 -37.52 11.80
N THR H 221 32.27 -36.83 11.31
CA THR H 221 32.18 -35.39 11.13
C THR H 221 31.37 -35.05 9.90
N PHE H 222 31.87 -35.42 8.72
CA PHE H 222 31.27 -35.04 7.45
C PHE H 222 30.43 -36.18 6.87
N GLY H 223 29.49 -36.69 7.66
CA GLY H 223 28.57 -37.70 7.18
C GLY H 223 29.17 -39.05 6.83
N ARG H 224 28.32 -40.01 6.49
CA ARG H 224 28.77 -41.37 6.19
C ARG H 224 29.11 -41.59 4.73
N GLU H 225 28.35 -40.99 3.82
CA GLU H 225 28.55 -41.21 2.40
C GLU H 225 29.21 -40.05 1.70
N THR H 226 29.31 -38.89 2.35
CA THR H 226 30.03 -37.77 1.77
C THR H 226 31.52 -38.04 1.72
N VAL H 227 32.04 -38.76 2.72
CA VAL H 227 33.43 -39.22 2.67
C VAL H 227 33.60 -40.31 1.62
N LEU H 228 32.55 -41.10 1.36
CA LEU H 228 32.61 -42.12 0.32
C LEU H 228 32.66 -41.50 -1.07
N GLU H 229 31.90 -40.43 -1.29
CA GLU H 229 32.02 -39.68 -2.52
C GLU H 229 33.25 -38.77 -2.54
N TYR H 230 33.89 -38.56 -1.40
CA TYR H 230 35.12 -37.78 -1.39
C TYR H 230 36.29 -38.58 -1.93
N LEU H 231 36.33 -39.89 -1.66
CA LEU H 231 37.39 -40.73 -2.21
C LEU H 231 37.30 -40.84 -3.72
N VAL H 232 36.08 -40.80 -4.26
CA VAL H 232 35.89 -40.82 -5.71
C VAL H 232 36.26 -39.48 -6.32
N SER H 233 35.87 -38.39 -5.67
CA SER H 233 36.10 -37.07 -6.25
C SER H 233 37.57 -36.67 -6.15
N PHE H 234 38.17 -36.86 -4.98
CA PHE H 234 39.57 -36.48 -4.81
C PHE H 234 40.49 -37.50 -5.45
N GLY H 235 40.08 -38.76 -5.54
CA GLY H 235 40.96 -39.78 -6.06
C GLY H 235 41.25 -39.62 -7.53
N VAL H 236 40.26 -39.17 -8.31
CA VAL H 236 40.49 -38.86 -9.72
C VAL H 236 41.12 -37.49 -9.92
N TRP H 237 41.24 -36.69 -8.87
CA TRP H 237 41.78 -35.36 -9.03
C TRP H 237 43.30 -35.36 -9.16
N ILE H 238 43.98 -36.32 -8.52
CA ILE H 238 45.42 -36.45 -8.75
C ILE H 238 45.67 -36.97 -10.15
N ARG H 239 44.82 -37.89 -10.62
CA ARG H 239 45.06 -38.63 -11.84
C ARG H 239 44.65 -37.88 -13.09
N THR H 240 44.12 -36.70 -12.97
CA THR H 240 43.97 -35.85 -14.14
C THR H 240 45.23 -35.02 -14.32
N PRO H 241 45.57 -34.61 -15.55
CA PRO H 241 46.72 -33.73 -15.73
C PRO H 241 46.44 -32.36 -15.15
N PRO H 242 47.47 -31.63 -14.70
CA PRO H 242 47.22 -30.44 -13.87
C PRO H 242 46.63 -29.27 -14.62
N ALA H 243 46.70 -29.24 -15.94
CA ALA H 243 46.16 -28.12 -16.71
C ALA H 243 44.69 -28.28 -17.02
N TYR H 244 44.06 -29.39 -16.61
CA TYR H 244 42.67 -29.66 -16.96
C TYR H 244 41.83 -30.06 -15.77
N ARG H 245 42.38 -29.98 -14.56
CA ARG H 245 41.69 -30.25 -13.32
C ARG H 245 41.21 -28.95 -12.70
N PRO H 246 40.39 -29.01 -11.65
CA PRO H 246 40.21 -27.83 -10.81
C PRO H 246 41.54 -27.41 -10.20
N PRO H 247 41.73 -26.12 -9.99
CA PRO H 247 43.09 -25.63 -9.65
C PRO H 247 43.51 -25.96 -8.24
N ASN H 248 42.58 -26.03 -7.29
CA ASN H 248 42.89 -26.38 -5.92
C ASN H 248 42.24 -27.71 -5.57
N ALA H 249 42.87 -28.44 -4.64
CA ALA H 249 42.48 -29.81 -4.35
C ALA H 249 41.11 -29.86 -3.67
N PRO H 250 40.33 -30.90 -3.92
CA PRO H 250 39.04 -31.05 -3.24
C PRO H 250 39.25 -31.37 -1.76
N ILE H 251 38.68 -30.53 -0.92
CA ILE H 251 38.67 -30.76 0.52
C ILE H 251 37.23 -31.08 0.90
N LEU H 252 37.07 -31.73 2.04
CA LEU H 252 35.75 -32.07 2.56
C LEU H 252 35.47 -31.19 3.76
N SER H 253 34.32 -30.52 3.74
CA SER H 253 34.01 -29.52 4.75
C SER H 253 32.51 -29.31 4.79
N THR H 254 32.06 -28.65 5.86
CA THR H 254 30.66 -28.28 6.02
C THR H 254 30.56 -26.79 6.30
N MET H 285 43.41 -40.62 27.27
CA MET H 285 42.14 -41.25 26.92
C MET H 285 42.25 -42.75 26.97
N ASP H 286 41.43 -43.38 27.81
CA ASP H 286 41.36 -44.83 27.88
C ASP H 286 39.96 -45.33 27.55
N ILE H 287 39.90 -46.47 26.88
CA ILE H 287 38.65 -47.09 26.48
C ILE H 287 38.78 -48.58 26.68
N ASP H 288 37.73 -49.17 27.23
CA ASP H 288 37.64 -50.61 27.34
C ASP H 288 36.67 -51.15 26.30
N PRO H 289 37.07 -52.15 25.52
CA PRO H 289 36.25 -52.59 24.39
C PRO H 289 35.06 -53.45 24.80
N TYR H 290 34.84 -53.65 26.10
CA TYR H 290 33.69 -54.39 26.57
C TYR H 290 32.58 -53.49 27.07
N LYS H 291 32.85 -52.19 27.22
CA LYS H 291 31.98 -51.29 27.99
C LYS H 291 30.64 -51.09 27.31
N GLU H 292 30.63 -51.02 25.98
CA GLU H 292 29.39 -50.85 25.25
C GLU H 292 28.50 -52.09 25.32
N PHE H 293 29.06 -53.25 25.64
CA PHE H 293 28.29 -54.48 25.76
C PHE H 293 27.88 -54.79 27.19
N GLY H 294 28.52 -54.19 28.18
CA GLY H 294 28.10 -54.36 29.56
C GLY H 294 29.20 -54.75 30.51
N ALA H 295 30.13 -55.60 30.05
CA ALA H 295 31.23 -56.00 30.89
C ALA H 295 32.32 -54.94 30.90
N THR H 296 33.30 -55.13 31.77
CA THR H 296 34.52 -54.33 31.81
C THR H 296 35.73 -55.26 31.71
N VAL H 297 36.92 -54.66 31.74
CA VAL H 297 38.14 -55.46 31.79
C VAL H 297 38.27 -56.11 33.16
N GLU H 298 37.74 -55.46 34.19
CA GLU H 298 37.77 -56.02 35.55
C GLU H 298 36.91 -57.27 35.64
N LEU H 299 35.77 -57.29 34.96
CA LEU H 299 34.88 -58.45 35.02
C LEU H 299 35.35 -59.59 34.14
N LEU H 300 36.13 -59.32 33.09
CA LEU H 300 36.76 -60.39 32.34
C LEU H 300 37.98 -60.95 33.04
N SER H 301 38.70 -60.11 33.79
CA SER H 301 39.82 -60.59 34.59
C SER H 301 39.37 -61.25 35.88
N PHE H 302 38.06 -61.20 36.18
CA PHE H 302 37.51 -61.92 37.32
C PHE H 302 37.60 -63.42 37.12
N LEU H 303 37.58 -63.87 35.87
CA LEU H 303 37.81 -65.26 35.50
C LEU H 303 39.31 -65.56 35.51
N PRO H 304 39.70 -66.83 35.63
CA PRO H 304 41.13 -67.14 35.60
C PRO H 304 41.75 -66.89 34.23
N SER H 305 43.08 -66.79 34.24
CA SER H 305 43.80 -66.46 33.01
C SER H 305 43.87 -67.67 32.08
N ASP H 306 44.18 -68.84 32.61
CA ASP H 306 44.29 -70.04 31.76
C ASP H 306 42.97 -70.80 31.68
N PHE H 307 41.89 -70.08 31.42
CA PHE H 307 40.59 -70.66 31.14
C PHE H 307 40.21 -70.51 29.69
N PHE H 308 40.58 -69.38 29.09
CA PHE H 308 40.21 -69.08 27.72
C PHE H 308 40.99 -70.00 26.78
N PRO H 309 40.37 -70.41 25.67
CA PRO H 309 41.05 -71.31 24.73
C PRO H 309 42.21 -70.61 24.03
N SER H 310 42.98 -71.41 23.30
CA SER H 310 44.06 -70.88 22.50
C SER H 310 43.50 -69.99 21.39
N VAL H 311 44.35 -69.08 20.90
CA VAL H 311 43.94 -68.12 19.90
C VAL H 311 43.66 -68.82 18.58
N ARG H 312 44.32 -69.95 18.32
CA ARG H 312 44.05 -70.72 17.11
C ARG H 312 42.67 -71.36 17.15
N ASP H 313 42.23 -71.80 18.32
CA ASP H 313 40.92 -72.45 18.41
C ASP H 313 39.79 -71.44 18.32
N LEU H 314 40.01 -70.23 18.85
CA LEU H 314 38.97 -69.21 18.76
C LEU H 314 38.89 -68.64 17.35
N LEU H 315 40.02 -68.53 16.66
CA LEU H 315 39.98 -68.13 15.27
C LEU H 315 39.44 -69.24 14.38
N ASP H 316 39.57 -70.49 14.82
CA ASP H 316 38.96 -71.60 14.10
C ASP H 316 37.45 -71.58 14.27
N THR H 317 36.98 -71.20 15.47
CA THR H 317 35.55 -71.25 15.76
C THR H 317 34.79 -70.18 14.99
N ALA H 318 35.40 -69.02 14.77
CA ALA H 318 34.78 -68.01 13.93
C ALA H 318 34.79 -68.41 12.47
N SER H 319 35.88 -69.03 12.02
CA SER H 319 35.98 -69.41 10.61
C SER H 319 35.13 -70.62 10.28
N ALA H 320 34.75 -71.42 11.27
CA ALA H 320 33.94 -72.60 11.02
C ALA H 320 32.46 -72.39 11.31
N LEU H 321 32.10 -71.33 12.00
CA LEU H 321 30.71 -71.13 12.35
C LEU H 321 30.18 -69.76 11.99
N TYR H 322 30.99 -68.71 12.11
CA TYR H 322 30.52 -67.36 11.84
C TYR H 322 31.24 -66.69 10.68
N ARG H 323 32.00 -67.47 9.90
CA ARG H 323 32.43 -67.02 8.58
C ARG H 323 31.20 -66.80 7.70
N GLU H 324 31.35 -65.87 6.74
CA GLU H 324 30.37 -65.34 5.77
C GLU H 324 29.38 -64.39 6.47
N ALA H 325 29.39 -64.35 7.79
CA ALA H 325 28.82 -63.24 8.52
C ALA H 325 29.86 -62.20 8.90
N LEU H 326 31.12 -62.62 9.04
CA LEU H 326 32.25 -61.71 9.16
C LEU H 326 32.79 -61.28 7.82
N GLU H 327 32.13 -61.64 6.73
CA GLU H 327 32.48 -61.16 5.41
C GLU H 327 31.31 -60.52 4.67
N SER H 328 30.12 -60.54 5.24
CA SER H 328 28.97 -59.88 4.64
C SER H 328 29.15 -58.37 4.68
N PRO H 329 28.51 -57.63 3.76
CA PRO H 329 28.65 -56.17 3.78
C PRO H 329 27.72 -55.46 4.75
N GLU H 330 27.14 -56.19 5.71
CA GLU H 330 26.24 -55.61 6.68
C GLU H 330 26.92 -55.49 8.05
N HIS H 331 26.28 -54.73 8.92
CA HIS H 331 26.72 -54.58 10.31
C HIS H 331 25.94 -55.48 11.24
N CYS H 332 25.69 -56.72 10.80
CA CYS H 332 24.64 -57.65 11.26
C CYS H 332 24.36 -57.66 12.76
N SER H 333 25.41 -57.55 13.56
CA SER H 333 25.29 -57.30 14.99
C SER H 333 26.40 -56.35 15.38
N PRO H 334 26.27 -55.64 16.50
CA PRO H 334 27.40 -54.84 16.99
C PRO H 334 28.57 -55.67 17.45
N HIS H 335 28.38 -56.95 17.76
CA HIS H 335 29.52 -57.81 18.04
C HIS H 335 30.31 -58.12 16.79
N HIS H 336 29.64 -58.14 15.63
CA HIS H 336 30.32 -58.46 14.39
C HIS H 336 31.31 -57.39 14.00
N THR H 337 30.98 -56.12 14.25
CA THR H 337 31.90 -55.03 13.96
C THR H 337 33.10 -55.07 14.89
N ALA H 338 32.89 -55.48 16.14
CA ALA H 338 34.00 -55.63 17.05
C ALA H 338 34.82 -56.88 16.75
N LEU H 339 34.16 -57.92 16.24
CA LEU H 339 34.88 -59.15 15.91
C LEU H 339 35.64 -59.03 14.61
N ARG H 340 35.17 -58.20 13.68
CA ARG H 340 35.88 -58.00 12.42
C ARG H 340 37.24 -57.34 12.65
N GLN H 341 37.29 -56.29 13.47
CA GLN H 341 38.54 -55.61 13.74
C GLN H 341 39.42 -56.35 14.75
N ALA H 342 38.86 -57.28 15.51
CA ALA H 342 39.69 -58.03 16.45
C ALA H 342 40.50 -59.11 15.77
N ILE H 343 40.02 -59.62 14.63
CA ILE H 343 40.79 -60.58 13.87
C ILE H 343 41.91 -59.87 13.13
N LEU H 344 41.62 -58.71 12.55
CA LEU H 344 42.64 -57.94 11.83
C LEU H 344 43.66 -57.34 12.78
N CYS H 345 43.28 -57.06 14.02
CA CYS H 345 44.26 -56.56 14.99
C CYS H 345 45.23 -57.67 15.40
N TRP H 346 44.77 -58.91 15.42
CA TRP H 346 45.68 -60.02 15.64
C TRP H 346 46.50 -60.32 14.41
N GLY H 347 45.95 -60.07 13.22
CA GLY H 347 46.69 -60.32 12.00
C GLY H 347 47.81 -59.33 11.79
N GLU H 348 47.54 -58.04 12.03
CA GLU H 348 48.57 -57.03 11.91
C GLU H 348 49.64 -57.18 12.99
N LEU H 349 49.25 -57.63 14.18
CA LEU H 349 50.21 -57.75 15.27
C LEU H 349 51.12 -58.96 15.06
N MET H 350 50.57 -60.05 14.51
CA MET H 350 51.39 -61.22 14.25
C MET H 350 52.31 -61.04 13.06
N THR H 351 52.00 -60.11 12.15
CA THR H 351 52.92 -59.79 11.07
C THR H 351 54.15 -59.08 11.63
N LEU H 352 53.97 -58.25 12.64
CA LEU H 352 55.09 -57.63 13.34
C LEU H 352 55.92 -58.69 14.07
N ALA H 353 55.25 -59.66 14.69
CA ALA H 353 55.97 -60.70 15.43
C ALA H 353 56.71 -61.64 14.49
N THR H 354 56.12 -61.98 13.34
CA THR H 354 56.85 -62.74 12.34
C THR H 354 57.81 -61.90 11.53
N TRP H 355 57.81 -60.57 11.70
CA TRP H 355 58.90 -59.79 11.13
C TRP H 355 60.12 -59.85 12.05
N VAL H 356 59.94 -59.53 13.33
CA VAL H 356 61.04 -59.60 14.29
C VAL H 356 61.44 -61.03 14.62
N GLY H 357 60.61 -62.01 14.26
CA GLY H 357 61.00 -63.41 14.39
C GLY H 357 61.94 -63.89 13.32
N ASN H 358 62.06 -63.14 12.22
CA ASN H 358 62.96 -63.53 11.15
C ASN H 358 64.32 -62.84 11.30
N ASN H 359 64.31 -61.52 11.31
CA ASN H 359 65.53 -60.72 11.44
C ASN H 359 65.44 -59.86 12.70
N LEU H 360 66.40 -58.96 12.86
CA LEU H 360 66.47 -58.10 14.03
C LEU H 360 65.40 -57.02 14.00
N ASP H 372 64.27 -66.33 20.12
CA ASP H 372 62.90 -66.10 19.67
C ASP H 372 61.98 -65.84 20.86
N LEU H 373 62.26 -64.76 21.58
CA LEU H 373 61.45 -64.38 22.73
C LEU H 373 60.16 -63.69 22.33
N VAL H 374 60.04 -63.25 21.08
CA VAL H 374 58.94 -62.40 20.68
C VAL H 374 57.61 -63.15 20.59
N VAL H 375 57.63 -64.47 20.46
CA VAL H 375 56.39 -65.23 20.58
C VAL H 375 56.06 -65.51 22.03
N ASN H 376 57.03 -65.36 22.92
CA ASN H 376 56.80 -65.56 24.34
C ASN H 376 56.38 -64.27 25.05
N TYR H 377 56.65 -63.11 24.45
CA TYR H 377 56.16 -61.87 25.03
C TYR H 377 54.75 -61.57 24.58
N VAL H 378 54.44 -61.90 23.33
CA VAL H 378 53.14 -61.55 22.75
C VAL H 378 52.04 -62.40 23.36
N ASN H 379 52.25 -63.71 23.45
CA ASN H 379 51.22 -64.63 23.92
C ASN H 379 50.87 -64.48 25.39
N THR H 380 51.67 -63.77 26.17
CA THR H 380 51.33 -63.48 27.56
C THR H 380 50.67 -62.12 27.71
N ASN H 381 51.32 -61.07 27.22
CA ASN H 381 50.79 -59.73 27.38
C ASN H 381 49.67 -59.44 26.39
N MET H 382 49.97 -59.52 25.10
CA MET H 382 49.00 -59.19 24.07
C MET H 382 48.15 -60.38 23.66
N GLY H 383 48.62 -61.61 23.87
CA GLY H 383 47.85 -62.77 23.48
C GLY H 383 46.69 -63.02 24.42
N LEU H 384 46.90 -62.77 25.71
CA LEU H 384 45.80 -62.92 26.67
C LEU H 384 44.76 -61.82 26.50
N LYS H 385 45.19 -60.64 26.07
CA LYS H 385 44.24 -59.56 25.83
C LYS H 385 43.36 -59.82 24.63
N ILE H 386 43.82 -60.65 23.69
CA ILE H 386 43.01 -60.96 22.51
C ILE H 386 42.28 -62.29 22.67
N ARG H 387 42.71 -63.16 23.60
CA ARG H 387 41.96 -64.38 23.85
C ARG H 387 40.69 -64.09 24.63
N GLN H 388 40.70 -63.08 25.49
CA GLN H 388 39.46 -62.65 26.12
C GLN H 388 38.56 -61.93 25.13
N LEU H 389 39.15 -61.17 24.22
CA LEU H 389 38.36 -60.41 23.25
C LEU H 389 37.77 -61.30 22.18
N LEU H 390 38.45 -62.38 21.82
CA LEU H 390 37.88 -63.31 20.86
C LEU H 390 36.83 -64.21 21.52
N TRP H 391 37.06 -64.60 22.78
CA TRP H 391 36.12 -65.49 23.45
C TRP H 391 34.83 -64.77 23.79
N PHE H 392 34.91 -63.50 24.17
CA PHE H 392 33.73 -62.79 24.63
C PHE H 392 32.78 -62.52 23.48
N HIS H 393 33.31 -62.17 22.31
CA HIS H 393 32.44 -61.83 21.19
C HIS H 393 31.86 -63.06 20.54
N ILE H 394 32.62 -64.16 20.50
CA ILE H 394 32.10 -65.41 19.93
C ILE H 394 30.98 -65.96 20.80
N SER H 395 31.15 -65.91 22.12
CA SER H 395 30.15 -66.46 23.01
C SER H 395 28.91 -65.56 23.11
N CYS H 396 29.06 -64.27 22.83
CA CYS H 396 27.91 -63.38 22.96
C CYS H 396 26.97 -63.45 21.77
N LEU H 397 27.44 -63.88 20.60
CA LEU H 397 26.54 -64.13 19.48
C LEU H 397 26.33 -65.62 19.24
N THR H 398 26.84 -66.48 20.10
CA THR H 398 26.46 -67.89 20.09
C THR H 398 25.35 -68.14 21.11
N PHE H 399 25.59 -67.78 22.36
CA PHE H 399 24.68 -68.04 23.46
C PHE H 399 23.88 -66.81 23.89
N GLY H 400 24.00 -65.71 23.18
CA GLY H 400 23.32 -64.49 23.60
C GLY H 400 24.19 -63.68 24.53
N ARG H 401 24.00 -62.36 24.57
CA ARG H 401 24.91 -61.52 25.36
C ARG H 401 24.63 -61.66 26.84
N GLU H 402 23.36 -61.69 27.24
CA GLU H 402 23.01 -61.72 28.65
C GLU H 402 23.32 -63.07 29.30
N THR H 403 23.49 -64.13 28.51
CA THR H 403 23.87 -65.40 29.10
C THR H 403 25.36 -65.43 29.43
N VAL H 404 26.18 -64.70 28.67
CA VAL H 404 27.60 -64.65 28.98
C VAL H 404 27.86 -63.81 30.22
N LEU H 405 27.13 -62.70 30.38
CA LEU H 405 27.32 -61.84 31.53
C LEU H 405 26.83 -62.48 32.83
N GLU H 406 25.90 -63.43 32.75
CA GLU H 406 25.55 -64.25 33.90
C GLU H 406 26.32 -65.56 33.93
N TYR H 407 27.18 -65.80 32.93
CA TYR H 407 28.14 -66.90 33.06
C TYR H 407 29.42 -66.44 33.69
N LEU H 408 29.82 -65.19 33.43
CA LEU H 408 31.04 -64.65 34.01
C LEU H 408 30.92 -64.48 35.52
N VAL H 409 29.77 -64.01 35.98
CA VAL H 409 29.56 -63.84 37.42
C VAL H 409 29.21 -65.14 38.12
N SER H 410 28.89 -66.19 37.38
CA SER H 410 28.60 -67.48 37.97
C SER H 410 29.82 -68.40 37.97
N PHE H 411 30.56 -68.45 36.87
CA PHE H 411 31.81 -69.21 36.87
C PHE H 411 32.87 -68.50 37.68
N GLY H 412 32.79 -67.18 37.80
CA GLY H 412 33.76 -66.45 38.59
C GLY H 412 33.66 -66.80 40.07
N VAL H 413 32.45 -66.80 40.62
CA VAL H 413 32.27 -67.18 42.02
C VAL H 413 32.33 -68.68 42.23
N TRP H 414 32.24 -69.48 41.17
CA TRP H 414 32.35 -70.92 41.32
C TRP H 414 33.77 -71.33 41.68
N ILE H 415 34.77 -70.58 41.22
CA ILE H 415 36.14 -70.87 41.61
C ILE H 415 36.55 -70.14 42.88
N ARG H 416 35.75 -69.17 43.34
CA ARG H 416 36.05 -68.55 44.63
C ARG H 416 35.68 -69.45 45.78
N THR H 417 34.59 -70.20 45.65
CA THR H 417 34.10 -71.03 46.74
C THR H 417 35.06 -72.19 47.00
N PRO H 418 35.18 -72.63 48.26
CA PRO H 418 36.00 -73.79 48.55
C PRO H 418 35.37 -75.05 47.97
N PRO H 419 36.17 -76.04 47.60
CA PRO H 419 35.64 -77.16 46.81
C PRO H 419 34.75 -78.12 47.58
N ALA H 420 34.71 -78.04 48.91
CA ALA H 420 33.85 -78.94 49.66
C ALA H 420 32.39 -78.50 49.61
N TYR H 421 32.14 -77.22 49.40
CA TYR H 421 30.79 -76.66 49.35
C TYR H 421 30.50 -76.07 47.98
N ARG H 422 31.43 -76.22 47.05
CA ARG H 422 31.26 -75.86 45.66
C ARG H 422 30.27 -76.80 45.01
N PRO H 423 29.63 -76.38 43.91
CA PRO H 423 28.99 -77.34 43.02
C PRO H 423 30.00 -78.32 42.45
N PRO H 424 29.58 -79.53 42.08
CA PRO H 424 30.56 -80.56 41.71
C PRO H 424 31.26 -80.32 40.38
N ASN H 425 30.65 -79.55 39.48
CA ASN H 425 31.21 -79.34 38.15
C ASN H 425 30.96 -77.90 37.71
N ALA H 426 31.84 -77.42 36.83
CA ALA H 426 31.80 -76.02 36.41
C ALA H 426 30.58 -75.74 35.55
N PRO H 427 30.00 -74.55 35.67
CA PRO H 427 28.73 -74.28 34.95
C PRO H 427 28.94 -73.83 33.52
N ILE H 428 29.46 -74.74 32.68
CA ILE H 428 29.87 -74.41 31.32
C ILE H 428 28.66 -74.07 30.46
N LEU H 429 28.92 -73.31 29.40
CA LEU H 429 27.86 -72.85 28.53
C LEU H 429 27.36 -73.97 27.63
N SER H 430 26.06 -73.92 27.32
CA SER H 430 25.43 -74.94 26.50
C SER H 430 24.16 -74.36 25.90
N THR H 431 23.73 -74.96 24.79
CA THR H 431 22.50 -74.54 24.13
C THR H 431 21.40 -75.55 24.36
N MET I 1 30.22 25.60 -3.74
CA MET I 1 28.85 25.19 -3.46
C MET I 1 28.23 26.07 -2.39
N ASP I 2 27.11 26.69 -2.71
CA ASP I 2 26.37 27.49 -1.74
C ASP I 2 25.63 26.57 -0.78
N ILE I 3 25.61 26.96 0.49
CA ILE I 3 24.91 26.18 1.52
C ILE I 3 24.50 27.15 2.63
N ASP I 4 23.26 27.05 3.06
CA ASP I 4 22.69 27.98 4.04
C ASP I 4 22.32 27.22 5.30
N PRO I 5 22.84 27.61 6.47
CA PRO I 5 22.59 26.82 7.68
C PRO I 5 21.22 27.02 8.28
N TYR I 6 20.54 28.14 8.01
CA TYR I 6 19.24 28.39 8.60
C TYR I 6 18.09 28.09 7.66
N LYS I 7 18.35 27.88 6.37
CA LYS I 7 17.30 27.84 5.36
C LYS I 7 16.39 26.63 5.49
N GLU I 8 16.86 25.55 6.10
CA GLU I 8 15.99 24.41 6.33
C GLU I 8 15.02 24.63 7.48
N PHE I 9 15.29 25.61 8.35
CA PHE I 9 14.44 25.86 9.49
C PHE I 9 13.36 26.89 9.21
N GLY I 10 13.59 27.79 8.27
CA GLY I 10 12.60 28.78 7.92
C GLY I 10 13.20 30.17 7.76
N ALA I 11 14.20 30.47 8.56
CA ALA I 11 14.89 31.74 8.42
C ALA I 11 15.97 31.64 7.35
N THR I 12 16.53 32.77 6.99
CA THR I 12 17.71 32.83 6.14
C THR I 12 18.86 33.42 6.94
N VAL I 13 20.02 33.52 6.29
CA VAL I 13 21.12 34.26 6.91
C VAL I 13 20.86 35.75 6.82
N GLU I 14 20.05 36.20 5.85
CA GLU I 14 19.69 37.60 5.75
C GLU I 14 18.77 38.02 6.89
N LEU I 15 17.86 37.13 7.31
CA LEU I 15 16.99 37.43 8.42
C LEU I 15 17.73 37.47 9.74
N LEU I 16 18.84 36.74 9.85
CA LEU I 16 19.62 36.79 11.08
C LEU I 16 20.58 37.96 11.11
N SER I 17 20.76 38.66 9.99
CA SER I 17 21.48 39.93 9.97
C SER I 17 20.55 41.11 10.13
N PHE I 18 19.27 40.87 10.37
CA PHE I 18 18.31 41.95 10.54
C PHE I 18 18.49 42.63 11.89
N LEU I 19 18.69 41.85 12.94
CA LEU I 19 19.00 42.38 14.25
C LEU I 19 20.41 42.96 14.25
N PRO I 20 20.75 43.85 15.18
CA PRO I 20 22.09 44.44 15.18
C PRO I 20 23.18 43.44 15.54
N SER I 21 24.42 43.90 15.41
CA SER I 21 25.56 43.03 15.68
C SER I 21 25.68 42.73 17.17
N ASP I 22 25.73 43.76 17.99
CA ASP I 22 25.88 43.58 19.43
C ASP I 22 24.56 43.39 20.16
N PHE I 23 23.74 42.45 19.66
CA PHE I 23 22.55 42.03 20.37
C PHE I 23 22.69 40.64 20.94
N PHE I 24 23.26 39.72 20.17
CA PHE I 24 23.41 38.34 20.59
C PHE I 24 24.38 38.26 21.76
N PRO I 25 24.17 37.33 22.69
CA PRO I 25 25.07 37.20 23.84
C PRO I 25 26.45 36.76 23.40
N SER I 26 27.45 37.23 24.15
CA SER I 26 28.82 36.78 23.91
C SER I 26 28.92 35.29 24.17
N VAL I 27 29.74 34.60 23.39
CA VAL I 27 29.65 33.15 23.44
C VAL I 27 30.51 32.63 24.60
N ARG I 28 29.96 32.77 25.79
CA ARG I 28 30.42 32.06 26.98
C ARG I 28 29.21 31.50 27.70
N ASP I 29 28.11 32.26 27.68
CA ASP I 29 26.89 31.83 28.34
C ASP I 29 25.87 31.22 27.40
N LEU I 30 26.06 31.36 26.09
CA LEU I 30 25.25 30.57 25.17
C LEU I 30 25.60 29.10 25.27
N LEU I 31 26.87 28.77 25.51
CA LEU I 31 27.21 27.41 25.87
C LEU I 31 26.72 27.07 27.26
N ASP I 32 26.77 28.03 28.18
CA ASP I 32 26.29 27.79 29.54
C ASP I 32 24.78 27.74 29.63
N THR I 33 24.07 28.27 28.63
CA THR I 33 22.62 28.11 28.62
C THR I 33 22.23 26.70 28.20
N ALA I 34 22.88 26.19 27.15
CA ALA I 34 22.61 24.82 26.71
C ALA I 34 23.13 23.80 27.70
N SER I 35 24.20 24.13 28.42
CA SER I 35 24.70 23.25 29.47
C SER I 35 23.78 23.21 30.68
N ALA I 36 22.97 24.25 30.86
CA ALA I 36 22.07 24.31 32.01
C ALA I 36 20.65 23.86 31.68
N LEU I 37 20.26 23.87 30.41
CA LEU I 37 18.87 23.58 30.04
C LEU I 37 18.69 22.15 29.58
N TYR I 38 19.43 21.74 28.54
CA TYR I 38 19.28 20.40 27.97
C TYR I 38 20.65 19.82 27.61
N ARG I 39 21.59 19.88 28.56
CA ARG I 39 22.84 19.14 28.42
C ARG I 39 22.60 17.65 28.33
N GLU I 40 21.64 17.14 29.10
CA GLU I 40 21.30 15.73 29.06
C GLU I 40 20.52 15.33 27.82
N ALA I 41 20.04 16.28 27.02
CA ALA I 41 19.37 15.97 25.77
C ALA I 41 20.28 16.10 24.57
N LEU I 42 21.32 16.93 24.65
CA LEU I 42 22.31 16.98 23.59
C LEU I 42 23.21 15.76 23.62
N GLU I 43 23.59 15.32 24.81
CA GLU I 43 24.46 14.16 24.98
C GLU I 43 23.71 12.84 24.92
N SER I 44 22.40 12.86 24.68
CA SER I 44 21.63 11.64 24.56
C SER I 44 21.94 10.95 23.23
N PRO I 45 21.65 9.65 23.12
CA PRO I 45 21.77 8.97 21.82
C PRO I 45 20.61 9.22 20.87
N GLU I 46 19.76 10.21 21.11
CA GLU I 46 18.65 10.54 20.24
C GLU I 46 18.90 11.87 19.55
N HIS I 47 18.26 12.03 18.39
CA HIS I 47 18.28 13.31 17.68
C HIS I 47 16.84 13.81 17.57
N CYS I 48 16.17 13.88 18.74
CA CYS I 48 14.72 14.04 18.84
C CYS I 48 14.18 15.31 18.19
N SER I 49 15.01 16.32 17.96
CA SER I 49 14.56 17.46 17.19
C SER I 49 15.65 17.88 16.22
N PRO I 50 15.29 18.44 15.06
CA PRO I 50 16.31 18.88 14.10
C PRO I 50 17.13 20.07 14.56
N HIS I 51 16.70 20.78 15.61
CA HIS I 51 17.58 21.78 16.19
C HIS I 51 18.68 21.12 17.02
N HIS I 52 18.42 19.93 17.56
CA HIS I 52 19.41 19.26 18.38
C HIS I 52 20.56 18.74 17.55
N THR I 53 20.27 18.23 16.35
CA THR I 53 21.31 17.73 15.46
C THR I 53 22.19 18.86 14.95
N ALA I 54 21.62 20.03 14.73
CA ALA I 54 22.40 21.18 14.31
C ALA I 54 23.14 21.82 15.47
N LEU I 55 22.67 21.62 16.70
CA LEU I 55 23.35 22.22 17.84
C LEU I 55 24.55 21.39 18.30
N ARG I 56 24.52 20.08 18.05
CA ARG I 56 25.66 19.25 18.39
C ARG I 56 26.84 19.48 17.47
N GLN I 57 26.62 20.08 16.30
CA GLN I 57 27.73 20.43 15.42
C GLN I 57 28.25 21.83 15.71
N ALA I 58 27.36 22.77 15.97
CA ALA I 58 27.78 24.16 16.19
C ALA I 58 28.54 24.32 17.50
N ILE I 59 28.24 23.49 18.49
CA ILE I 59 29.05 23.48 19.70
C ILE I 59 30.42 22.89 19.41
N LEU I 60 30.46 21.79 18.65
CA LEU I 60 31.72 21.14 18.35
C LEU I 60 32.53 21.92 17.32
N CYS I 61 31.86 22.68 16.45
CA CYS I 61 32.61 23.53 15.53
C CYS I 61 33.26 24.70 16.25
N TRP I 62 32.65 25.16 17.34
CA TRP I 62 33.31 26.16 18.17
C TRP I 62 34.49 25.55 18.91
N GLY I 63 34.34 24.31 19.37
CA GLY I 63 35.46 23.62 19.99
C GLY I 63 36.54 23.26 19.00
N GLU I 64 36.16 22.98 17.74
CA GLU I 64 37.14 22.74 16.69
C GLU I 64 37.80 24.02 16.21
N LEU I 65 37.29 25.18 16.61
CA LEU I 65 37.82 26.47 16.17
C LEU I 65 38.81 27.06 17.16
N MET I 66 38.49 27.01 18.45
CA MET I 66 39.35 27.64 19.46
C MET I 66 40.65 26.90 19.67
N THR I 67 40.70 25.59 19.40
CA THR I 67 41.96 24.88 19.47
C THR I 67 42.91 25.30 18.35
N LEU I 68 42.36 25.70 17.20
CA LEU I 68 43.20 26.25 16.14
C LEU I 68 43.69 27.64 16.50
N ALA I 69 42.85 28.44 17.17
CA ALA I 69 43.25 29.80 17.50
C ALA I 69 44.26 29.84 18.64
N THR I 70 44.19 28.89 19.57
CA THR I 70 45.18 28.87 20.64
C THR I 70 46.52 28.31 20.17
N TRP I 71 46.49 27.45 19.15
CA TRP I 71 47.75 26.91 18.64
C TRP I 71 48.53 27.97 17.88
N VAL I 72 47.84 28.79 17.08
CA VAL I 72 48.50 29.98 16.52
C VAL I 72 48.55 31.11 17.52
N GLY I 73 47.89 30.99 18.66
CA GLY I 73 48.13 31.91 19.76
C GLY I 73 49.48 31.70 20.40
N ASN I 74 49.90 30.43 20.51
CA ASN I 74 51.22 30.15 21.06
C ASN I 74 52.33 30.49 20.09
N ASN I 75 52.06 30.40 18.80
CA ASN I 75 53.06 30.71 17.78
C ASN I 75 52.77 32.06 17.12
N ASP I 195 47.91 39.07 20.43
CA ASP I 195 48.36 38.06 19.48
C ASP I 195 47.61 38.17 18.16
N LEU I 196 46.49 38.89 18.19
CA LEU I 196 45.62 39.22 17.05
C LEU I 196 44.95 38.02 16.38
N VAL I 197 45.15 36.82 16.90
CA VAL I 197 44.58 35.63 16.29
C VAL I 197 43.39 35.08 17.09
N VAL I 198 43.24 35.49 18.34
CA VAL I 198 42.00 35.19 19.07
C VAL I 198 41.08 36.40 19.00
N ASN I 199 41.66 37.60 18.88
CA ASN I 199 40.90 38.83 18.73
C ASN I 199 40.19 38.93 17.40
N TYR I 200 40.58 38.13 16.41
CA TYR I 200 39.98 38.13 15.09
C TYR I 200 38.81 37.14 14.98
N VAL I 201 38.79 36.11 15.83
CA VAL I 201 37.71 35.13 15.78
C VAL I 201 36.39 35.76 16.20
N ASN I 202 36.41 36.63 17.22
CA ASN I 202 35.18 37.26 17.67
C ASN I 202 34.69 38.35 16.71
N THR I 203 35.54 38.80 15.78
CA THR I 203 35.11 39.80 14.81
C THR I 203 34.14 39.20 13.80
N ASN I 204 34.54 38.12 13.14
CA ASN I 204 33.73 37.57 12.06
C ASN I 204 33.54 36.06 12.16
N MET I 205 34.49 35.36 12.78
CA MET I 205 34.39 33.91 12.82
C MET I 205 33.45 33.44 13.92
N GLY I 206 33.48 34.10 15.07
CA GLY I 206 32.63 33.75 16.19
C GLY I 206 31.30 34.43 16.22
N LEU I 207 31.15 35.51 15.43
CA LEU I 207 29.85 36.16 15.31
C LEU I 207 28.85 35.25 14.60
N LYS I 208 29.34 34.41 13.68
CA LYS I 208 28.45 33.43 13.06
C LYS I 208 28.03 32.36 14.06
N ILE I 209 28.91 32.00 14.98
CA ILE I 209 28.57 30.99 15.97
C ILE I 209 27.69 31.58 17.06
N ARG I 210 27.83 32.87 17.34
CA ARG I 210 26.93 33.54 18.28
C ARG I 210 25.51 33.60 17.73
N GLN I 211 25.36 33.80 16.43
CA GLN I 211 24.04 33.78 15.82
C GLN I 211 23.50 32.36 15.76
N LEU I 212 24.36 31.39 15.45
CA LEU I 212 23.90 30.01 15.27
C LEU I 212 23.53 29.36 16.58
N LEU I 213 24.18 29.76 17.68
CA LEU I 213 23.82 29.21 18.98
C LEU I 213 22.58 29.88 19.53
N TRP I 214 22.45 31.20 19.34
CA TRP I 214 21.29 31.92 19.86
C TRP I 214 20.00 31.48 19.17
N PHE I 215 20.08 31.21 17.86
CA PHE I 215 18.88 30.89 17.12
C PHE I 215 18.34 29.53 17.49
N HIS I 216 19.21 28.59 17.83
CA HIS I 216 18.75 27.23 18.13
C HIS I 216 18.36 27.05 19.58
N ILE I 217 18.99 27.79 20.49
CA ILE I 217 18.55 27.78 21.89
C ILE I 217 17.16 28.40 22.00
N SER I 218 16.95 29.51 21.30
CA SER I 218 15.64 30.15 21.29
C SER I 218 14.61 29.36 20.52
N CYS I 219 15.03 28.54 19.56
CA CYS I 219 14.09 27.66 18.88
C CYS I 219 13.65 26.52 19.79
N LEU I 220 14.57 26.00 20.61
CA LEU I 220 14.21 24.88 21.47
C LEU I 220 13.46 25.35 22.70
N THR I 221 13.71 26.56 23.16
CA THR I 221 13.05 27.05 24.36
C THR I 221 11.65 27.58 24.04
N PHE I 222 11.56 28.51 23.09
CA PHE I 222 10.33 29.24 22.85
C PHE I 222 9.61 28.80 21.58
N GLY I 223 10.03 27.71 20.96
CA GLY I 223 9.41 27.27 19.73
C GLY I 223 10.05 27.90 18.51
N ARG I 224 9.79 27.30 17.35
CA ARG I 224 10.39 27.79 16.12
C ARG I 224 9.63 28.96 15.53
N GLU I 225 8.30 28.84 15.42
CA GLU I 225 7.51 29.89 14.79
C GLU I 225 7.43 31.15 15.63
N THR I 226 7.63 31.05 16.95
CA THR I 226 7.61 32.24 17.78
C THR I 226 8.86 33.08 17.58
N VAL I 227 10.02 32.44 17.51
CA VAL I 227 11.25 33.20 17.34
C VAL I 227 11.42 33.66 15.89
N LEU I 228 10.75 33.01 14.93
CA LEU I 228 10.78 33.52 13.56
C LEU I 228 9.96 34.79 13.42
N GLU I 229 8.91 34.95 14.21
CA GLU I 229 8.19 36.21 14.26
C GLU I 229 8.82 37.19 15.24
N TYR I 230 9.76 36.73 16.07
CA TYR I 230 10.48 37.65 16.93
C TYR I 230 11.59 38.36 16.18
N LEU I 231 12.24 37.67 15.23
CA LEU I 231 13.29 38.28 14.43
C LEU I 231 12.75 39.42 13.58
N VAL I 232 11.51 39.31 13.13
CA VAL I 232 10.90 40.39 12.38
C VAL I 232 10.49 41.54 13.29
N SER I 233 9.90 41.21 14.44
CA SER I 233 9.33 42.25 15.30
C SER I 233 10.40 43.05 16.02
N PHE I 234 11.53 42.43 16.36
CA PHE I 234 12.64 43.21 16.88
C PHE I 234 13.30 44.03 15.79
N GLY I 235 13.27 43.55 14.55
CA GLY I 235 13.94 44.26 13.48
C GLY I 235 13.23 45.55 13.11
N VAL I 236 11.90 45.52 13.05
CA VAL I 236 11.17 46.75 12.77
C VAL I 236 11.15 47.66 13.98
N TRP I 237 11.34 47.12 15.19
CA TRP I 237 11.34 47.97 16.37
C TRP I 237 12.60 48.80 16.45
N ILE I 238 13.76 48.22 16.10
CA ILE I 238 15.01 48.94 16.16
C ILE I 238 15.20 49.88 14.97
N ARG I 239 14.31 49.81 13.98
CA ARG I 239 14.44 50.65 12.80
C ARG I 239 13.47 51.83 12.78
N THR I 240 12.36 51.77 13.51
CA THR I 240 11.47 52.91 13.63
C THR I 240 12.14 54.02 14.46
N PRO I 241 11.67 55.26 14.32
CA PRO I 241 12.20 56.34 15.17
C PRO I 241 11.81 56.14 16.61
N PRO I 242 12.55 56.75 17.56
CA PRO I 242 12.32 56.41 18.98
C PRO I 242 10.98 56.89 19.52
N ALA I 243 10.51 58.06 19.10
CA ALA I 243 9.28 58.60 19.66
C ALA I 243 8.03 57.90 19.12
N TYR I 244 8.15 57.16 18.03
CA TYR I 244 7.00 56.55 17.38
C TYR I 244 7.12 55.03 17.36
N ARG I 245 7.68 54.46 18.41
CA ARG I 245 7.79 53.02 18.59
C ARG I 245 7.34 52.69 20.01
N PRO I 246 7.09 51.42 20.31
CA PRO I 246 6.88 51.03 21.69
C PRO I 246 8.10 51.35 22.53
N PRO I 247 7.93 51.67 23.81
CA PRO I 247 9.04 52.25 24.58
C PRO I 247 10.12 51.25 24.93
N ASN I 248 9.79 49.97 25.01
CA ASN I 248 10.73 48.93 25.36
C ASN I 248 10.70 47.82 24.31
N ALA I 249 11.84 47.16 24.14
CA ALA I 249 12.02 46.18 23.09
C ALA I 249 11.16 44.94 23.32
N PRO I 250 10.60 44.36 22.26
CA PRO I 250 9.68 43.22 22.44
C PRO I 250 10.41 41.92 22.77
N ILE I 251 10.68 41.74 24.07
CA ILE I 251 11.60 40.68 24.52
C ILE I 251 10.99 39.29 24.27
N LEU I 252 11.87 38.29 24.22
CA LEU I 252 11.53 36.96 23.73
C LEU I 252 10.81 36.11 24.76
N SER I 253 10.88 36.49 26.04
CA SER I 253 10.44 35.60 27.12
C SER I 253 8.95 35.37 27.13
N THR I 254 8.56 34.12 27.29
CA THR I 254 7.16 33.74 27.46
C THR I 254 6.89 33.62 28.96
N LEU I 255 5.96 34.43 29.45
CA LEU I 255 5.69 34.52 30.88
C LEU I 255 4.28 35.02 31.11
N MET I 285 30.93 19.45 29.17
CA MET I 285 29.98 18.91 28.21
C MET I 285 30.71 18.35 26.99
N ASP I 286 30.85 17.04 26.93
CA ASP I 286 31.43 16.38 25.77
C ASP I 286 30.31 15.79 24.92
N ILE I 287 30.38 16.01 23.61
CA ILE I 287 29.37 15.54 22.68
C ILE I 287 30.05 14.70 21.62
N ASP I 288 29.63 13.45 21.49
CA ASP I 288 30.02 12.67 20.34
C ASP I 288 29.26 13.18 19.13
N PRO I 289 29.94 13.52 18.03
CA PRO I 289 29.25 14.16 16.91
C PRO I 289 28.30 13.24 16.16
N TYR I 290 28.43 11.92 16.31
CA TYR I 290 27.50 10.99 15.69
C TYR I 290 27.10 9.89 16.65
N LYS I 291 26.88 10.23 17.92
CA LYS I 291 26.32 9.25 18.85
C LYS I 291 24.88 8.93 18.52
N GLU I 292 24.12 9.91 18.03
CA GLU I 292 22.73 9.67 17.67
C GLU I 292 22.58 8.91 16.36
N PHE I 293 23.65 8.77 15.59
CA PHE I 293 23.65 7.97 14.38
C PHE I 293 24.14 6.55 14.63
N GLY I 294 24.24 6.13 15.88
CA GLY I 294 24.62 4.77 16.20
C GLY I 294 26.09 4.58 16.45
N ALA I 295 26.94 5.15 15.60
CA ALA I 295 28.37 4.95 15.74
C ALA I 295 28.94 5.75 16.90
N THR I 296 30.19 5.48 17.23
CA THR I 296 30.93 6.25 18.23
C THR I 296 32.22 6.77 17.60
N VAL I 297 32.89 7.67 18.33
CA VAL I 297 34.13 8.24 17.85
C VAL I 297 35.23 7.18 17.83
N GLU I 298 35.20 6.25 18.78
CA GLU I 298 36.15 5.15 18.79
C GLU I 298 35.94 4.20 17.61
N LEU I 299 34.70 4.06 17.16
CA LEU I 299 34.42 3.17 16.04
C LEU I 299 34.93 3.74 14.72
N LEU I 300 34.98 5.06 14.60
CA LEU I 300 35.54 5.66 13.40
C LEU I 300 37.06 5.74 13.44
N SER I 301 37.65 5.57 14.62
CA SER I 301 39.10 5.43 14.73
C SER I 301 39.53 3.98 14.67
N PHE I 302 38.59 3.05 14.69
CA PHE I 302 38.88 1.64 14.45
C PHE I 302 39.43 1.44 13.05
N LEU I 303 38.89 2.16 12.07
CA LEU I 303 39.44 2.22 10.73
C LEU I 303 40.79 2.92 10.76
N PRO I 304 41.68 2.64 9.81
CA PRO I 304 42.98 3.31 9.81
C PRO I 304 42.86 4.78 9.48
N SER I 305 43.84 5.55 9.94
CA SER I 305 43.78 7.01 9.81
C SER I 305 43.94 7.45 8.36
N ASP I 306 44.79 6.78 7.61
CA ASP I 306 44.95 7.07 6.19
C ASP I 306 44.07 6.17 5.31
N PHE I 307 42.80 6.07 5.66
CA PHE I 307 41.83 5.36 4.85
C PHE I 307 40.83 6.29 4.20
N PHE I 308 40.36 7.29 4.95
CA PHE I 308 39.34 8.19 4.45
C PHE I 308 39.92 9.09 3.37
N PRO I 309 39.19 9.35 2.30
CA PRO I 309 39.69 10.21 1.22
C PRO I 309 39.80 11.65 1.68
N SER I 310 40.49 12.44 0.86
CA SER I 310 40.79 13.82 1.22
C SER I 310 39.52 14.66 1.24
N VAL I 311 39.62 15.86 1.84
CA VAL I 311 38.47 16.73 1.91
C VAL I 311 38.16 17.33 0.56
N ARG I 312 39.15 17.37 -0.34
CA ARG I 312 38.97 18.01 -1.64
C ARG I 312 38.05 17.20 -2.53
N ASP I 313 38.11 15.87 -2.46
CA ASP I 313 37.22 15.03 -3.24
C ASP I 313 36.11 14.41 -2.41
N LEU I 314 36.08 14.66 -1.11
CA LEU I 314 34.89 14.28 -0.34
C LEU I 314 33.77 15.27 -0.57
N LEU I 315 34.11 16.56 -0.67
CA LEU I 315 33.10 17.55 -1.00
C LEU I 315 32.67 17.43 -2.45
N ASP I 316 33.55 16.93 -3.31
CA ASP I 316 33.18 16.73 -4.71
C ASP I 316 32.17 15.61 -4.88
N THR I 317 32.22 14.58 -4.02
CA THR I 317 31.17 13.58 -4.03
C THR I 317 29.87 14.14 -3.47
N ALA I 318 29.96 15.07 -2.52
CA ALA I 318 28.76 15.77 -2.06
C ALA I 318 28.25 16.73 -3.14
N SER I 319 29.15 17.42 -3.82
CA SER I 319 28.76 18.37 -4.85
C SER I 319 28.33 17.70 -6.15
N ALA I 320 28.51 16.39 -6.29
CA ALA I 320 28.06 15.70 -7.48
C ALA I 320 26.79 14.89 -7.27
N LEU I 321 26.47 14.50 -6.04
CA LEU I 321 25.27 13.74 -5.77
C LEU I 321 24.24 14.55 -5.00
N TYR I 322 24.59 15.01 -3.80
CA TYR I 322 23.67 15.73 -2.92
C TYR I 322 23.98 17.23 -2.99
N ARG I 323 23.56 17.85 -4.08
CA ARG I 323 23.61 19.31 -4.16
C ARG I 323 22.22 19.91 -4.02
N GLU I 324 21.25 19.39 -4.78
CA GLU I 324 19.88 19.85 -4.65
C GLU I 324 19.25 19.41 -3.34
N ALA I 325 19.75 18.33 -2.73
CA ALA I 325 19.23 17.91 -1.45
C ALA I 325 19.77 18.78 -0.32
N LEU I 326 21.05 19.15 -0.38
CA LEU I 326 21.63 19.96 0.68
C LEU I 326 21.21 21.43 0.57
N GLU I 327 20.99 21.92 -0.64
CA GLU I 327 20.53 23.29 -0.81
C GLU I 327 19.02 23.42 -0.71
N SER I 328 18.30 22.33 -0.49
CA SER I 328 16.85 22.41 -0.36
C SER I 328 16.47 22.97 1.00
N PRO I 329 15.31 23.63 1.11
CA PRO I 329 14.85 24.10 2.41
C PRO I 329 14.16 23.04 3.26
N GLU I 330 14.29 21.77 2.94
CA GLU I 330 13.77 20.70 3.78
C GLU I 330 14.92 19.94 4.42
N HIS I 331 14.62 19.28 5.54
CA HIS I 331 15.65 18.50 6.22
C HIS I 331 15.95 17.21 5.49
N CYS I 332 14.91 16.39 5.29
CA CYS I 332 14.82 15.14 4.52
C CYS I 332 15.54 13.96 5.16
N SER I 333 16.36 14.19 6.20
CA SER I 333 17.14 13.19 6.92
C SER I 333 17.87 13.85 8.07
N PRO I 334 18.17 13.12 9.15
CA PRO I 334 19.13 13.63 10.13
C PRO I 334 20.55 13.68 9.61
N HIS I 335 20.88 12.90 8.57
CA HIS I 335 22.21 12.96 8.00
C HIS I 335 22.43 14.25 7.21
N HIS I 336 21.37 14.77 6.59
CA HIS I 336 21.51 15.97 5.77
C HIS I 336 21.79 17.18 6.63
N THR I 337 21.02 17.36 7.71
CA THR I 337 21.20 18.51 8.58
C THR I 337 22.48 18.44 9.39
N ALA I 338 23.06 17.25 9.55
CA ALA I 338 24.40 17.16 10.11
C ALA I 338 25.47 17.37 9.07
N LEU I 339 25.13 17.21 7.79
CA LEU I 339 26.07 17.43 6.71
C LEU I 339 26.10 18.87 6.23
N ARG I 340 25.00 19.61 6.42
CA ARG I 340 24.99 21.01 6.06
C ARG I 340 25.91 21.81 6.96
N GLN I 341 25.91 21.51 8.26
CA GLN I 341 26.86 22.18 9.16
C GLN I 341 28.27 21.63 9.01
N ALA I 342 28.43 20.40 8.51
CA ALA I 342 29.75 19.81 8.39
C ALA I 342 30.58 20.45 7.29
N ILE I 343 29.94 21.05 6.29
CA ILE I 343 30.67 21.76 5.25
C ILE I 343 31.01 23.16 5.72
N LEU I 344 30.06 23.84 6.38
CA LEU I 344 30.31 25.18 6.89
C LEU I 344 31.29 25.18 8.05
N CYS I 345 31.37 24.08 8.79
CA CYS I 345 32.39 23.97 9.82
C CYS I 345 33.78 23.87 9.20
N TRP I 346 33.89 23.17 8.07
CA TRP I 346 35.15 23.16 7.34
C TRP I 346 35.36 24.44 6.56
N GLY I 347 34.27 25.07 6.13
CA GLY I 347 34.40 26.33 5.42
C GLY I 347 34.87 27.45 6.32
N GLU I 348 34.28 27.57 7.51
CA GLU I 348 34.72 28.58 8.46
C GLU I 348 36.08 28.27 9.03
N LEU I 349 36.47 26.99 9.04
CA LEU I 349 37.82 26.63 9.49
C LEU I 349 38.86 27.01 8.44
N MET I 350 38.51 26.90 7.16
CA MET I 350 39.48 27.17 6.10
C MET I 350 39.76 28.66 5.97
N THR I 351 38.76 29.51 6.19
CA THR I 351 38.98 30.96 6.11
C THR I 351 39.81 31.49 7.26
N LEU I 352 39.89 30.76 8.37
CA LEU I 352 40.83 31.15 9.42
C LEU I 352 42.24 30.68 9.11
N ALA I 353 42.37 29.49 8.53
CA ALA I 353 43.69 28.92 8.26
C ALA I 353 44.41 29.68 7.16
N THR I 354 43.68 30.12 6.14
CA THR I 354 44.22 30.99 5.11
C THR I 354 44.17 32.46 5.48
N TRP I 355 44.01 32.76 6.76
CA TRP I 355 44.15 34.12 7.27
C TRP I 355 45.38 34.29 8.16
N VAL I 356 45.66 33.31 9.02
CA VAL I 356 46.77 33.46 9.95
C VAL I 356 48.10 33.28 9.22
N GLY I 357 48.13 32.57 8.10
CA GLY I 357 49.35 32.45 7.32
C GLY I 357 49.46 33.60 6.36
N ASN I 358 48.31 34.19 6.04
CA ASN I 358 48.27 35.29 5.09
C ASN I 358 48.76 36.59 5.72
N ASN I 359 48.39 36.85 6.96
CA ASN I 359 48.76 38.09 7.63
C ASN I 359 50.09 37.97 8.38
N LEU I 360 50.21 36.97 9.25
CA LEU I 360 51.46 36.76 9.97
C LEU I 360 52.50 36.08 9.08
N LEU I 373 53.95 26.78 9.17
CA LEU I 373 52.98 26.12 8.31
C LEU I 373 51.76 25.67 9.11
N VAL I 374 50.68 26.46 9.03
CA VAL I 374 49.45 26.10 9.72
C VAL I 374 48.63 25.12 8.89
N VAL I 375 48.93 25.00 7.59
CA VAL I 375 48.19 24.08 6.73
C VAL I 375 48.53 22.63 7.09
N ASN I 376 49.74 22.40 7.60
CA ASN I 376 50.09 21.07 8.08
C ASN I 376 49.34 20.73 9.36
N TYR I 377 49.20 21.71 10.26
CA TYR I 377 48.61 21.44 11.56
C TYR I 377 47.10 21.21 11.46
N VAL I 378 46.43 21.94 10.57
CA VAL I 378 44.98 21.81 10.45
C VAL I 378 44.63 20.51 9.72
N ASN I 379 45.53 20.00 8.89
CA ASN I 379 45.25 18.81 8.10
C ASN I 379 45.70 17.52 8.76
N THR I 380 46.12 17.57 10.03
CA THR I 380 46.42 16.35 10.77
C THR I 380 45.67 16.22 12.07
N ASN I 381 45.05 17.30 12.57
CA ASN I 381 44.22 17.24 13.77
C ASN I 381 42.76 17.52 13.43
N MET I 382 42.48 18.66 12.81
CA MET I 382 41.13 19.03 12.47
C MET I 382 40.71 18.56 11.09
N GLY I 383 41.67 18.31 10.20
CA GLY I 383 41.32 17.75 8.90
C GLY I 383 40.93 16.29 9.00
N LEU I 384 41.46 15.57 9.99
CA LEU I 384 41.12 14.17 10.15
C LEU I 384 39.72 14.00 10.72
N LYS I 385 39.28 14.93 11.56
CA LYS I 385 37.94 14.83 12.13
C LYS I 385 36.87 15.21 11.11
N ILE I 386 37.21 16.08 10.15
CA ILE I 386 36.27 16.44 9.10
C ILE I 386 36.22 15.36 8.03
N ARG I 387 37.36 14.70 7.79
CA ARG I 387 37.43 13.66 6.77
C ARG I 387 36.58 12.45 7.12
N GLN I 388 36.40 12.16 8.41
CA GLN I 388 35.54 11.05 8.77
C GLN I 388 34.11 11.47 9.04
N LEU I 389 33.89 12.73 9.41
CA LEU I 389 32.52 13.20 9.59
C LEU I 389 31.83 13.38 8.24
N LEU I 390 32.56 13.80 7.22
CA LEU I 390 32.01 13.86 5.88
C LEU I 390 31.80 12.46 5.31
N TRP I 391 32.76 11.57 5.54
CA TRP I 391 32.70 10.22 4.96
C TRP I 391 31.59 9.40 5.59
N PHE I 392 31.32 9.60 6.88
CA PHE I 392 30.30 8.81 7.54
C PHE I 392 28.90 9.19 7.07
N HIS I 393 28.69 10.45 6.76
CA HIS I 393 27.37 10.90 6.35
C HIS I 393 27.10 10.72 4.87
N ILE I 394 28.12 10.85 4.03
CA ILE I 394 27.95 10.58 2.61
C ILE I 394 27.67 9.10 2.38
N SER I 395 28.38 8.23 3.09
CA SER I 395 28.17 6.80 2.93
C SER I 395 26.83 6.36 3.50
N CYS I 396 26.35 7.01 4.56
CA CYS I 396 25.01 6.68 5.05
C CYS I 396 23.92 7.24 4.15
N LEU I 397 24.22 8.32 3.43
CA LEU I 397 23.25 8.86 2.48
C LEU I 397 23.24 8.08 1.17
N THR I 398 24.27 7.30 0.89
CA THR I 398 24.35 6.50 -0.31
C THR I 398 23.90 5.06 -0.07
N PHE I 399 24.57 4.36 0.83
CA PHE I 399 24.36 2.94 1.03
C PHE I 399 23.45 2.63 2.22
N GLY I 400 22.80 3.65 2.77
CA GLY I 400 21.98 3.45 3.95
C GLY I 400 22.81 3.53 5.23
N ARG I 401 22.11 3.75 6.34
CA ARG I 401 22.82 3.90 7.61
C ARG I 401 23.26 2.56 8.15
N GLU I 402 22.37 1.58 8.17
CA GLU I 402 22.73 0.26 8.70
C GLU I 402 23.32 -0.65 7.63
N THR I 403 24.28 -0.12 6.91
CA THR I 403 25.25 -0.85 6.11
C THR I 403 26.65 -0.32 6.36
N VAL I 404 26.76 0.99 6.65
CA VAL I 404 28.05 1.56 6.99
C VAL I 404 28.47 1.14 8.38
N LEU I 405 27.52 1.01 9.31
CA LEU I 405 27.86 0.63 10.66
C LEU I 405 28.39 -0.80 10.75
N GLU I 406 27.91 -1.69 9.88
CA GLU I 406 28.52 -3.00 9.78
C GLU I 406 29.78 -2.99 8.94
N TYR I 407 30.01 -1.92 8.18
CA TYR I 407 31.22 -1.85 7.38
C TYR I 407 32.43 -1.48 8.23
N LEU I 408 32.25 -0.63 9.24
CA LEU I 408 33.36 -0.33 10.15
C LEU I 408 33.73 -1.53 10.99
N VAL I 409 32.76 -2.39 11.31
CA VAL I 409 33.05 -3.64 11.98
C VAL I 409 33.76 -4.60 11.04
N SER I 410 33.32 -4.66 9.78
CA SER I 410 33.91 -5.59 8.83
C SER I 410 35.30 -5.15 8.41
N PHE I 411 35.44 -3.89 8.01
CA PHE I 411 36.75 -3.40 7.60
C PHE I 411 37.68 -3.22 8.78
N GLY I 412 37.13 -3.08 9.98
CA GLY I 412 37.94 -3.01 11.16
C GLY I 412 38.64 -4.32 11.44
N VAL I 413 37.87 -5.41 11.59
CA VAL I 413 38.46 -6.71 11.92
C VAL I 413 39.16 -7.35 10.74
N TRP I 414 38.98 -6.82 9.53
CA TRP I 414 39.71 -7.37 8.38
C TRP I 414 41.18 -7.03 8.48
N ILE I 415 41.51 -5.79 8.86
CA ILE I 415 42.91 -5.37 8.92
C ILE I 415 43.60 -5.83 10.20
N ARG I 416 42.85 -6.28 11.21
CA ARG I 416 43.50 -6.81 12.40
C ARG I 416 44.02 -8.23 12.19
N THR I 417 43.41 -8.98 11.29
CA THR I 417 43.80 -10.36 11.06
C THR I 417 45.15 -10.39 10.34
N PRO I 418 45.89 -11.50 10.45
CA PRO I 418 47.08 -11.66 9.63
C PRO I 418 46.70 -11.81 8.16
N PRO I 419 47.60 -11.46 7.24
CA PRO I 419 47.18 -11.38 5.83
C PRO I 419 46.92 -12.72 5.18
N ALA I 420 47.51 -13.79 5.69
CA ALA I 420 47.32 -15.11 5.09
C ALA I 420 46.03 -15.78 5.54
N TYR I 421 45.29 -15.19 6.47
CA TYR I 421 44.09 -15.82 7.01
C TYR I 421 42.87 -14.92 6.88
N ARG I 422 42.93 -13.94 5.99
CA ARG I 422 41.84 -13.06 5.63
C ARG I 422 41.59 -13.14 4.13
N PRO I 423 40.38 -12.86 3.66
CA PRO I 423 40.16 -12.77 2.21
C PRO I 423 40.96 -11.62 1.63
N PRO I 424 41.48 -11.78 0.41
CA PRO I 424 42.52 -10.86 -0.07
C PRO I 424 42.00 -9.49 -0.47
N ASN I 425 40.71 -9.36 -0.77
CA ASN I 425 40.14 -8.09 -1.18
C ASN I 425 39.42 -7.45 0.01
N ALA I 426 39.62 -6.15 0.18
CA ALA I 426 38.97 -5.41 1.24
C ALA I 426 37.46 -5.33 0.95
N PRO I 427 36.61 -5.38 1.98
CA PRO I 427 35.17 -5.47 1.71
C PRO I 427 34.54 -4.11 1.41
N ILE I 428 34.83 -3.58 0.22
CA ILE I 428 34.47 -2.19 -0.10
C ILE I 428 32.97 -2.04 -0.27
N LEU I 429 32.49 -0.81 -0.07
CA LEU I 429 31.06 -0.51 -0.12
C LEU I 429 30.59 -0.49 -1.56
N SER I 430 29.47 -1.16 -1.84
CA SER I 430 28.90 -1.15 -3.17
C SER I 430 27.42 -1.52 -3.07
N THR I 431 26.70 -1.25 -4.16
CA THR I 431 25.32 -1.70 -4.30
C THR I 431 25.13 -2.30 -5.69
N MET J 1 19.98 43.64 -3.38
CA MET J 1 18.71 43.24 -3.96
C MET J 1 18.68 43.49 -5.46
N ASP J 2 18.17 42.52 -6.21
CA ASP J 2 18.09 42.58 -7.66
C ASP J 2 16.64 42.31 -8.04
N ILE J 3 15.85 43.38 -8.11
CA ILE J 3 14.43 43.28 -8.40
C ILE J 3 14.20 43.65 -9.85
N ASP J 4 13.43 42.81 -10.56
CA ASP J 4 13.11 42.93 -11.97
C ASP J 4 11.71 43.50 -12.13
N PRO J 5 11.51 44.48 -13.01
CA PRO J 5 10.18 45.08 -13.13
C PRO J 5 9.18 44.17 -13.82
N TYR J 6 9.60 43.49 -14.88
CA TYR J 6 8.71 42.79 -15.77
C TYR J 6 8.53 41.32 -15.41
N LYS J 7 9.25 40.83 -14.40
CA LYS J 7 9.39 39.40 -14.16
C LYS J 7 8.08 38.76 -13.74
N GLU J 8 7.21 39.50 -13.07
CA GLU J 8 5.90 38.96 -12.72
C GLU J 8 4.95 38.95 -13.90
N PHE J 9 5.22 39.75 -14.93
CA PHE J 9 4.37 39.82 -16.11
C PHE J 9 4.77 38.84 -17.20
N GLY J 10 5.79 38.03 -16.97
CA GLY J 10 6.23 37.05 -17.92
C GLY J 10 7.46 37.44 -18.72
N ALA J 11 7.67 38.72 -18.95
CA ALA J 11 8.85 39.18 -19.66
C ALA J 11 10.00 39.36 -18.68
N THR J 12 11.20 39.56 -19.22
CA THR J 12 12.37 39.94 -18.45
C THR J 12 12.94 41.22 -19.03
N VAL J 13 14.01 41.72 -18.41
CA VAL J 13 14.70 42.89 -18.93
C VAL J 13 15.46 42.52 -20.20
N GLU J 14 16.14 41.38 -20.20
CA GLU J 14 16.92 40.98 -21.37
C GLU J 14 16.03 40.54 -22.53
N LEU J 15 14.77 40.21 -22.27
CA LEU J 15 13.83 40.02 -23.37
C LEU J 15 13.48 41.35 -24.02
N LEU J 16 13.46 42.43 -23.24
CA LEU J 16 13.22 43.76 -23.76
C LEU J 16 14.48 44.45 -24.26
N SER J 17 15.60 43.74 -24.29
CA SER J 17 16.77 44.18 -25.03
C SER J 17 16.71 43.75 -26.49
N PHE J 18 15.68 42.98 -26.86
CA PHE J 18 15.47 42.63 -28.26
C PHE J 18 15.12 43.86 -29.08
N LEU J 19 14.19 44.66 -28.58
CA LEU J 19 13.89 45.92 -29.22
C LEU J 19 15.07 46.88 -29.07
N PRO J 20 15.32 47.71 -30.07
CA PRO J 20 16.46 48.64 -29.99
C PRO J 20 16.23 49.72 -28.95
N SER J 21 17.28 50.51 -28.71
CA SER J 21 17.22 51.54 -27.70
C SER J 21 16.37 52.72 -28.14
N ASP J 22 16.14 52.89 -29.44
CA ASP J 22 15.37 54.01 -29.95
C ASP J 22 14.11 53.56 -30.68
N PHE J 23 13.67 52.32 -30.47
CA PHE J 23 12.39 51.89 -31.01
C PHE J 23 11.25 52.53 -30.25
N PHE J 24 11.44 52.77 -28.97
CA PHE J 24 10.36 53.27 -28.13
C PHE J 24 10.07 54.73 -28.45
N PRO J 25 8.80 55.14 -28.46
CA PRO J 25 8.47 56.53 -28.76
C PRO J 25 8.89 57.45 -27.63
N SER J 26 8.78 58.75 -27.90
CA SER J 26 9.18 59.73 -26.91
C SER J 26 8.20 59.72 -25.74
N VAL J 27 8.72 60.06 -24.56
CA VAL J 27 7.97 59.92 -23.32
C VAL J 27 6.79 60.88 -23.27
N ARG J 28 6.85 61.98 -24.01
CA ARG J 28 5.68 62.84 -24.15
C ARG J 28 4.57 62.16 -24.95
N ASP J 29 4.94 61.25 -25.85
CA ASP J 29 3.95 60.55 -26.65
C ASP J 29 3.39 59.31 -25.97
N LEU J 30 4.11 58.74 -25.00
CA LEU J 30 3.59 57.56 -24.30
C LEU J 30 2.45 57.95 -23.36
N LEU J 31 2.71 58.87 -22.44
CA LEU J 31 1.72 59.25 -21.46
C LEU J 31 0.59 60.10 -22.05
N ASP J 32 0.77 60.64 -23.25
CA ASP J 32 -0.36 61.21 -23.97
C ASP J 32 -1.35 60.13 -24.36
N THR J 33 -0.85 58.96 -24.76
CA THR J 33 -1.72 57.82 -25.04
C THR J 33 -2.29 57.24 -23.75
N ALA J 34 -1.54 57.33 -22.65
CA ALA J 34 -2.07 56.87 -21.37
C ALA J 34 -3.20 57.77 -20.88
N SER J 35 -3.06 59.07 -21.08
CA SER J 35 -4.14 59.99 -20.73
C SER J 35 -5.24 60.02 -21.78
N ALA J 36 -5.02 59.41 -22.95
CA ALA J 36 -6.05 59.42 -23.99
C ALA J 36 -7.15 58.43 -23.66
N LEU J 37 -6.81 57.16 -23.52
CA LEU J 37 -7.81 56.12 -23.36
C LEU J 37 -7.69 55.36 -22.05
N TYR J 38 -6.89 55.85 -21.10
CA TYR J 38 -6.81 55.20 -19.80
C TYR J 38 -6.85 56.17 -18.64
N ARG J 39 -7.11 57.46 -18.89
CA ARG J 39 -7.11 58.44 -17.80
C ARG J 39 -8.28 58.23 -16.86
N GLU J 40 -9.45 57.90 -17.40
CA GLU J 40 -10.62 57.67 -16.55
C GLU J 40 -10.57 56.34 -15.82
N ALA J 41 -9.60 55.47 -16.13
CA ALA J 41 -9.46 54.20 -15.43
C ALA J 41 -8.19 54.11 -14.59
N LEU J 42 -7.17 54.91 -14.90
CA LEU J 42 -6.04 55.02 -13.99
C LEU J 42 -6.44 55.73 -12.71
N GLU J 43 -7.17 56.83 -12.84
CA GLU J 43 -7.55 57.66 -11.70
C GLU J 43 -8.66 57.05 -10.85
N SER J 44 -9.21 55.90 -11.23
CA SER J 44 -10.26 55.27 -10.48
C SER J 44 -9.72 54.70 -9.17
N PRO J 45 -10.57 54.54 -8.15
CA PRO J 45 -10.09 53.99 -6.88
C PRO J 45 -10.03 52.47 -6.85
N GLU J 46 -10.02 51.81 -8.01
CA GLU J 46 -9.91 50.37 -8.08
C GLU J 46 -8.61 49.98 -8.77
N HIS J 47 -8.21 48.73 -8.61
CA HIS J 47 -7.02 48.22 -9.28
C HIS J 47 -7.31 47.90 -10.74
N CYS J 48 -8.24 46.95 -10.95
CA CYS J 48 -8.80 46.44 -12.20
C CYS J 48 -7.83 45.58 -13.01
N SER J 49 -6.53 45.58 -12.66
CA SER J 49 -5.45 44.88 -13.35
C SER J 49 -4.14 45.11 -12.61
N PRO J 50 -3.17 44.21 -12.72
CA PRO J 50 -1.83 44.51 -12.20
C PRO J 50 -1.07 45.50 -13.05
N HIS J 51 -1.50 45.75 -14.28
CA HIS J 51 -0.79 46.71 -15.12
C HIS J 51 -1.10 48.13 -14.72
N HIS J 52 -2.34 48.41 -14.30
CA HIS J 52 -2.71 49.74 -13.86
C HIS J 52 -1.97 50.12 -12.59
N THR J 53 -1.81 49.17 -11.66
CA THR J 53 -1.03 49.41 -10.47
C THR J 53 0.44 49.64 -10.78
N ALA J 54 0.95 48.97 -11.81
CA ALA J 54 2.31 49.23 -12.24
C ALA J 54 2.41 50.53 -13.02
N LEU J 55 1.32 50.95 -13.67
CA LEU J 55 1.35 52.15 -14.50
C LEU J 55 1.12 53.42 -13.70
N ARG J 56 0.44 53.33 -12.55
CA ARG J 56 0.25 54.52 -11.73
C ARG J 56 1.57 54.96 -11.12
N GLN J 57 2.34 54.03 -10.59
CA GLN J 57 3.64 54.40 -10.02
C GLN J 57 4.73 54.50 -11.05
N ALA J 58 4.44 54.27 -12.32
CA ALA J 58 5.42 54.53 -13.36
C ALA J 58 5.37 55.97 -13.85
N ILE J 59 4.20 56.59 -13.83
CA ILE J 59 4.08 57.99 -14.19
C ILE J 59 4.58 58.87 -13.06
N LEU J 60 4.23 58.53 -11.83
CA LEU J 60 4.67 59.29 -10.66
C LEU J 60 6.15 59.15 -10.42
N CYS J 61 6.77 58.07 -10.88
CA CYS J 61 8.22 57.98 -10.83
C CYS J 61 8.84 58.89 -11.87
N TRP J 62 8.14 59.14 -12.97
CA TRP J 62 8.65 60.06 -13.97
C TRP J 62 8.43 61.51 -13.56
N GLY J 63 7.35 61.79 -12.84
CA GLY J 63 7.10 63.15 -12.38
C GLY J 63 8.13 63.63 -11.37
N GLU J 64 8.63 62.72 -10.52
CA GLU J 64 9.69 63.09 -9.60
C GLU J 64 11.04 63.13 -10.30
N LEU J 65 11.20 62.40 -11.39
CA LEU J 65 12.47 62.41 -12.10
C LEU J 65 12.63 63.70 -12.89
N MET J 66 11.55 64.20 -13.48
CA MET J 66 11.61 65.49 -14.14
C MET J 66 11.61 66.64 -13.16
N THR J 67 11.11 66.45 -11.95
CA THR J 67 11.23 67.48 -10.92
C THR J 67 12.68 67.66 -10.52
N LEU J 68 13.41 66.55 -10.40
CA LEU J 68 14.84 66.63 -10.13
C LEU J 68 15.62 67.11 -11.34
N ALA J 69 15.10 66.91 -12.54
CA ALA J 69 15.83 67.30 -13.75
C ALA J 69 15.79 68.82 -13.93
N THR J 70 14.61 69.42 -13.89
CA THR J 70 14.50 70.85 -14.12
C THR J 70 14.97 71.69 -12.94
N TRP J 71 15.17 71.08 -11.77
CA TRP J 71 15.68 71.84 -10.64
C TRP J 71 17.15 72.16 -10.83
N VAL J 72 17.94 71.20 -11.32
CA VAL J 72 19.36 71.43 -11.55
C VAL J 72 19.57 72.39 -12.70
N GLY J 73 18.64 72.42 -13.67
CA GLY J 73 18.76 73.31 -14.81
C GLY J 73 18.64 74.78 -14.47
N ASN J 74 18.02 75.11 -13.34
CA ASN J 74 17.98 76.49 -12.87
C ASN J 74 18.75 76.70 -11.58
N ASN J 75 19.31 75.64 -10.98
CA ASN J 75 20.14 75.79 -9.79
C ASN J 75 21.55 75.25 -10.00
N LEU J 76 21.97 75.09 -11.25
CA LEU J 76 23.35 74.80 -11.59
C LEU J 76 23.66 75.26 -13.01
N ASP J 195 22.74 72.33 -18.09
CA ASP J 195 22.24 72.43 -19.47
C ASP J 195 22.29 71.08 -20.17
N LEU J 196 23.27 70.26 -19.80
CA LEU J 196 23.41 68.91 -20.35
C LEU J 196 22.73 67.86 -19.48
N VAL J 197 21.98 68.27 -18.45
CA VAL J 197 21.36 67.30 -17.57
C VAL J 197 20.16 66.64 -18.23
N VAL J 198 19.53 67.32 -19.20
CA VAL J 198 18.42 66.69 -19.91
C VAL J 198 18.90 65.74 -20.97
N ASN J 199 20.16 65.87 -21.42
CA ASN J 199 20.71 64.92 -22.36
C ASN J 199 21.15 63.64 -21.68
N TYR J 200 21.39 63.67 -20.37
CA TYR J 200 21.81 62.46 -19.68
C TYR J 200 20.61 61.61 -19.27
N VAL J 201 19.59 62.25 -18.69
CA VAL J 201 18.44 61.52 -18.17
C VAL J 201 17.64 60.85 -19.28
N ASN J 202 17.65 61.42 -20.49
CA ASN J 202 16.90 60.84 -21.60
C ASN J 202 17.54 59.57 -22.13
N THR J 203 18.85 59.42 -21.98
CA THR J 203 19.55 58.27 -22.52
C THR J 203 19.87 57.21 -21.47
N ASN J 204 19.71 57.53 -20.19
CA ASN J 204 19.97 56.54 -19.15
C ASN J 204 18.76 56.28 -18.27
N MET J 205 18.13 57.33 -17.73
CA MET J 205 17.01 57.12 -16.84
C MET J 205 15.68 57.11 -17.58
N GLY J 206 15.49 58.04 -18.51
CA GLY J 206 14.25 58.08 -19.27
C GLY J 206 14.08 56.94 -20.25
N LEU J 207 15.18 56.29 -20.63
CA LEU J 207 15.07 55.14 -21.51
C LEU J 207 14.48 53.94 -20.77
N LYS J 208 14.73 53.83 -19.46
CA LYS J 208 14.10 52.78 -18.68
C LYS J 208 12.66 53.11 -18.33
N ILE J 209 12.29 54.39 -18.32
CA ILE J 209 10.89 54.75 -18.14
C ILE J 209 10.14 54.52 -19.46
N ARG J 210 10.81 54.74 -20.59
CA ARG J 210 10.16 54.54 -21.88
C ARG J 210 9.87 53.08 -22.15
N GLN J 211 10.69 52.16 -21.64
CA GLN J 211 10.37 50.75 -21.75
C GLN J 211 9.21 50.39 -20.83
N LEU J 212 9.22 50.92 -19.61
CA LEU J 212 8.19 50.58 -18.64
C LEU J 212 6.86 51.20 -19.01
N LEU J 213 6.86 52.32 -19.73
CA LEU J 213 5.62 52.93 -20.16
C LEU J 213 5.09 52.27 -21.43
N TRP J 214 5.98 51.89 -22.34
CA TRP J 214 5.53 51.24 -23.57
C TRP J 214 5.00 49.86 -23.29
N PHE J 215 5.62 49.13 -22.36
CA PHE J 215 5.23 47.75 -22.11
C PHE J 215 3.86 47.68 -21.44
N HIS J 216 3.58 48.60 -20.54
CA HIS J 216 2.33 48.55 -19.79
C HIS J 216 1.16 49.17 -20.54
N ILE J 217 1.42 50.12 -21.43
CA ILE J 217 0.36 50.62 -22.29
C ILE J 217 0.00 49.56 -23.32
N SER J 218 1.00 48.89 -23.90
CA SER J 218 0.74 47.84 -24.86
C SER J 218 0.34 46.53 -24.21
N CYS J 219 0.39 46.42 -22.89
CA CYS J 219 -0.22 45.28 -22.21
C CYS J 219 -1.70 45.49 -21.95
N LEU J 220 -2.11 46.73 -21.68
CA LEU J 220 -3.52 46.98 -21.41
C LEU J 220 -4.34 46.97 -22.69
N THR J 221 -3.75 47.30 -23.82
CA THR J 221 -4.51 47.43 -25.05
C THR J 221 -4.54 46.12 -25.83
N PHE J 222 -3.39 45.66 -26.29
CA PHE J 222 -3.34 44.44 -27.08
C PHE J 222 -3.04 43.23 -26.22
N GLY J 223 -3.76 43.04 -25.12
CA GLY J 223 -3.54 41.89 -24.26
C GLY J 223 -2.19 41.81 -23.57
N ARG J 224 -2.00 40.82 -22.70
CA ARG J 224 -0.68 40.62 -22.13
C ARG J 224 0.12 39.62 -22.94
N GLU J 225 -0.53 38.61 -23.50
CA GLU J 225 0.20 37.56 -24.18
C GLU J 225 0.61 37.96 -25.60
N THR J 226 -0.13 38.87 -26.24
CA THR J 226 0.20 39.25 -27.60
C THR J 226 1.45 40.11 -27.66
N VAL J 227 1.61 41.02 -26.70
CA VAL J 227 2.85 41.79 -26.61
C VAL J 227 4.01 40.92 -26.15
N LEU J 228 3.73 39.79 -25.49
CA LEU J 228 4.79 38.84 -25.21
C LEU J 228 5.20 38.09 -26.46
N GLU J 229 4.26 37.79 -27.35
CA GLU J 229 4.60 37.22 -28.64
C GLU J 229 5.15 38.26 -29.59
N TYR J 230 4.96 39.54 -29.29
CA TYR J 230 5.47 40.60 -30.15
C TYR J 230 6.98 40.74 -30.00
N LEU J 231 7.49 40.52 -28.79
CA LEU J 231 8.92 40.67 -28.56
C LEU J 231 9.71 39.57 -29.24
N VAL J 232 9.14 38.37 -29.32
CA VAL J 232 9.81 37.28 -30.03
C VAL J 232 9.74 37.52 -31.54
N SER J 233 8.60 38.00 -32.02
CA SER J 233 8.46 38.28 -33.46
C SER J 233 9.29 39.47 -33.89
N PHE J 234 9.47 40.46 -33.00
CA PHE J 234 10.46 41.49 -33.28
C PHE J 234 11.86 40.95 -33.09
N GLY J 235 12.02 39.93 -32.26
CA GLY J 235 13.34 39.37 -32.01
C GLY J 235 13.93 38.68 -33.21
N VAL J 236 13.09 38.09 -34.07
CA VAL J 236 13.61 37.49 -35.29
C VAL J 236 13.72 38.50 -36.41
N TRP J 237 13.06 39.65 -36.32
CA TRP J 237 13.14 40.63 -37.38
C TRP J 237 14.41 41.46 -37.29
N ILE J 238 14.87 41.74 -36.07
CA ILE J 238 16.09 42.52 -35.89
C ILE J 238 17.33 41.65 -35.96
N ARG J 239 17.19 40.33 -35.96
CA ARG J 239 18.33 39.44 -35.97
C ARG J 239 18.68 38.91 -37.34
N THR J 240 17.72 38.85 -38.27
CA THR J 240 18.00 38.43 -39.62
C THR J 240 18.85 39.48 -40.33
N PRO J 241 19.75 39.07 -41.22
CA PRO J 241 20.57 40.04 -41.92
C PRO J 241 19.74 40.90 -42.86
N PRO J 242 20.17 42.13 -43.15
CA PRO J 242 19.31 43.08 -43.88
C PRO J 242 19.09 42.74 -45.35
N ALA J 243 19.69 41.68 -45.88
CA ALA J 243 19.38 41.26 -47.23
C ALA J 243 18.10 40.45 -47.30
N TYR J 244 17.71 39.80 -46.21
CA TYR J 244 16.54 38.92 -46.21
C TYR J 244 15.48 39.33 -45.21
N ARG J 245 15.56 40.55 -44.64
CA ARG J 245 14.44 40.84 -43.76
C ARG J 245 13.33 41.56 -44.52
N PRO J 246 12.09 41.36 -44.13
CA PRO J 246 11.01 42.18 -44.66
C PRO J 246 11.15 43.62 -44.16
N PRO J 247 10.88 44.60 -45.02
CA PRO J 247 11.21 45.99 -44.65
C PRO J 247 10.26 46.58 -43.62
N ASN J 248 9.11 45.98 -43.39
CA ASN J 248 8.17 46.45 -42.39
C ASN J 248 8.42 45.79 -41.05
N ALA J 249 8.50 46.59 -40.00
CA ALA J 249 8.56 46.06 -38.65
C ALA J 249 7.23 45.41 -38.29
N PRO J 250 7.23 44.30 -37.54
CA PRO J 250 5.97 43.56 -37.33
C PRO J 250 5.07 44.20 -36.27
N ILE J 251 4.57 45.40 -36.59
CA ILE J 251 4.02 46.30 -35.58
C ILE J 251 2.67 45.78 -35.06
N LEU J 252 2.27 46.32 -33.91
CA LEU J 252 1.04 45.88 -33.24
C LEU J 252 -0.18 46.33 -34.06
N SER J 253 -1.09 45.39 -34.28
CA SER J 253 -2.29 45.64 -35.08
C SER J 253 -3.50 45.41 -34.20
N THR J 254 -4.68 45.31 -34.82
CA THR J 254 -5.91 44.98 -34.12
C THR J 254 -5.80 43.64 -33.39
N LEU J 255 -6.60 43.50 -32.33
CA LEU J 255 -6.52 42.37 -31.40
C LEU J 255 -6.82 41.03 -32.04
N MET J 285 -3.45 64.83 -16.00
CA MET J 285 -3.53 63.55 -15.30
C MET J 285 -2.77 63.61 -13.99
N ASP J 286 -3.48 63.85 -12.90
CA ASP J 286 -2.91 63.95 -11.56
C ASP J 286 -3.28 62.67 -10.80
N ILE J 287 -2.46 61.65 -10.97
CA ILE J 287 -2.73 60.31 -10.45
C ILE J 287 -2.17 60.21 -9.03
N ASP J 288 -2.94 59.61 -8.13
CA ASP J 288 -2.51 59.40 -6.76
C ASP J 288 -2.02 57.98 -6.56
N PRO J 289 -0.83 57.77 -5.98
CA PRO J 289 -0.36 56.40 -5.77
C PRO J 289 -1.13 55.68 -4.70
N TYR J 290 -1.76 56.40 -3.78
CA TYR J 290 -2.72 55.85 -2.84
C TYR J 290 -4.08 56.27 -3.37
N LYS J 291 -4.62 55.48 -4.24
CA LYS J 291 -6.01 55.69 -4.63
C LYS J 291 -6.79 54.40 -4.59
N GLU J 292 -6.17 53.28 -4.94
CA GLU J 292 -6.85 52.00 -4.93
C GLU J 292 -6.74 51.29 -3.59
N PHE J 293 -5.76 51.66 -2.77
CA PHE J 293 -5.56 50.99 -1.50
C PHE J 293 -6.47 51.52 -0.41
N GLY J 294 -6.93 52.76 -0.53
CA GLY J 294 -7.91 53.30 0.39
C GLY J 294 -7.50 54.65 0.96
N ALA J 295 -6.22 54.80 1.28
CA ALA J 295 -5.72 56.06 1.80
C ALA J 295 -5.57 57.06 0.67
N THR J 296 -5.38 58.33 1.04
CA THR J 296 -5.08 59.40 0.11
C THR J 296 -3.77 60.05 0.51
N VAL J 297 -3.28 60.95 -0.34
CA VAL J 297 -1.99 61.57 -0.06
C VAL J 297 -2.13 62.64 1.00
N GLU J 298 -3.25 63.36 1.03
CA GLU J 298 -3.45 64.34 2.09
C GLU J 298 -3.76 63.69 3.43
N LEU J 299 -4.18 62.43 3.43
CA LEU J 299 -4.33 61.70 4.68
C LEU J 299 -2.97 61.34 5.27
N LEU J 300 -1.96 61.18 4.43
CA LEU J 300 -0.60 60.90 4.88
C LEU J 300 0.21 62.16 5.12
N SER J 301 -0.40 63.33 4.99
CA SER J 301 0.28 64.55 5.41
C SER J 301 0.11 64.83 6.89
N PHE J 302 -0.74 64.07 7.58
CA PHE J 302 -0.86 64.20 9.02
C PHE J 302 0.35 63.61 9.73
N LEU J 303 0.99 62.62 9.11
CA LEU J 303 2.20 62.05 9.69
C LEU J 303 3.33 63.06 9.59
N PRO J 304 4.16 63.18 10.63
CA PRO J 304 5.24 64.18 10.60
C PRO J 304 6.37 63.86 9.64
N SER J 305 7.39 64.71 9.63
CA SER J 305 8.51 64.51 8.71
C SER J 305 9.38 63.35 9.16
N ASP J 306 9.62 63.23 10.46
CA ASP J 306 10.50 62.19 10.98
C ASP J 306 9.75 61.02 11.60
N PHE J 307 8.50 60.80 11.20
CA PHE J 307 7.80 59.61 11.67
C PHE J 307 8.30 58.38 10.94
N PHE J 308 8.61 58.50 9.68
CA PHE J 308 9.03 57.37 8.87
C PHE J 308 10.50 57.08 9.13
N PRO J 309 10.89 55.81 9.10
CA PRO J 309 12.31 55.47 9.18
C PRO J 309 13.06 55.92 7.93
N SER J 310 14.38 55.90 8.02
CA SER J 310 15.22 56.29 6.91
C SER J 310 15.09 55.28 5.77
N VAL J 311 15.39 55.74 4.56
CA VAL J 311 15.13 54.95 3.36
C VAL J 311 16.08 53.77 3.25
N ARG J 312 17.21 53.81 3.96
CA ARG J 312 18.03 52.62 4.07
C ARG J 312 17.34 51.55 4.90
N ASP J 313 16.73 51.94 6.02
CA ASP J 313 16.07 50.99 6.89
C ASP J 313 14.76 50.47 6.29
N LEU J 314 14.13 51.24 5.42
CA LEU J 314 12.92 50.76 4.76
C LEU J 314 13.27 49.81 3.61
N LEU J 315 14.41 50.01 2.97
CA LEU J 315 14.84 49.09 1.93
C LEU J 315 15.37 47.80 2.55
N ASP J 316 16.03 47.90 3.70
CA ASP J 316 16.56 46.70 4.35
C ASP J 316 15.46 45.88 5.01
N THR J 317 14.35 46.52 5.37
CA THR J 317 13.21 45.78 5.90
C THR J 317 12.56 44.93 4.82
N ALA J 318 12.29 45.53 3.67
CA ALA J 318 11.68 44.78 2.57
C ALA J 318 12.63 43.73 2.01
N SER J 319 13.93 43.97 2.09
CA SER J 319 14.89 42.96 1.71
C SER J 319 14.95 41.84 2.74
N ALA J 320 14.59 42.12 3.99
CA ALA J 320 14.68 41.10 5.03
C ALA J 320 13.56 40.10 4.94
N LEU J 321 12.32 40.55 5.09
CA LEU J 321 11.19 39.63 5.19
C LEU J 321 10.35 39.53 3.93
N TYR J 322 10.72 40.20 2.84
CA TYR J 322 9.92 40.13 1.63
C TYR J 322 10.71 39.88 0.35
N ARG J 323 12.03 39.71 0.42
CA ARG J 323 12.80 39.43 -0.79
C ARG J 323 12.57 38.03 -1.32
N GLU J 324 12.00 37.14 -0.53
CA GLU J 324 11.64 35.81 -1.01
C GLU J 324 10.37 35.84 -1.85
N ALA J 325 9.58 36.90 -1.76
CA ALA J 325 8.37 37.03 -2.53
C ALA J 325 8.32 38.26 -3.40
N LEU J 326 9.28 39.17 -3.28
CA LEU J 326 9.31 40.32 -4.18
C LEU J 326 9.96 39.96 -5.50
N GLU J 327 10.98 39.12 -5.48
CA GLU J 327 11.68 38.70 -6.69
C GLU J 327 11.06 37.45 -7.31
N SER J 328 9.87 37.11 -6.94
CA SER J 328 9.24 35.95 -7.54
C SER J 328 8.36 36.37 -8.71
N PRO J 329 8.19 35.54 -9.73
CA PRO J 329 7.34 35.91 -10.86
C PRO J 329 5.85 35.84 -10.62
N GLU J 330 5.38 35.73 -9.39
CA GLU J 330 3.96 35.85 -9.10
C GLU J 330 3.67 37.25 -8.58
N HIS J 331 2.44 37.72 -8.84
CA HIS J 331 2.06 39.04 -8.35
C HIS J 331 1.86 39.01 -6.84
N CYS J 332 1.06 38.05 -6.36
CA CYS J 332 0.91 37.59 -4.99
C CYS J 332 0.17 38.55 -4.05
N SER J 333 -0.02 39.81 -4.47
CA SER J 333 -0.80 40.86 -3.81
C SER J 333 -0.78 42.12 -4.68
N PRO J 334 -1.76 43.01 -4.53
CA PRO J 334 -1.60 44.35 -5.15
C PRO J 334 -0.51 45.18 -4.52
N HIS J 335 -0.12 44.91 -3.27
CA HIS J 335 0.93 45.69 -2.65
C HIS J 335 2.31 45.28 -3.12
N HIS J 336 2.49 44.02 -3.51
CA HIS J 336 3.80 43.58 -3.98
C HIS J 336 4.15 44.20 -5.32
N THR J 337 3.15 44.36 -6.20
CA THR J 337 3.38 45.04 -7.46
C THR J 337 3.67 46.52 -7.24
N ALA J 338 3.04 47.12 -6.24
CA ALA J 338 3.32 48.51 -5.94
C ALA J 338 4.66 48.68 -5.26
N LEU J 339 5.05 47.72 -4.43
CA LEU J 339 6.33 47.81 -3.75
C LEU J 339 7.49 47.50 -4.70
N ARG J 340 7.23 46.73 -5.76
CA ARG J 340 8.28 46.42 -6.72
C ARG J 340 8.68 47.67 -7.49
N GLN J 341 7.72 48.54 -7.83
CA GLN J 341 8.05 49.73 -8.59
C GLN J 341 8.66 50.81 -7.71
N ALA J 342 8.34 50.84 -6.42
CA ALA J 342 8.85 51.88 -5.55
C ALA J 342 10.34 51.68 -5.25
N ILE J 343 10.79 50.43 -5.23
CA ILE J 343 12.20 50.17 -4.96
C ILE J 343 13.05 50.54 -6.17
N LEU J 344 12.56 50.23 -7.36
CA LEU J 344 13.29 50.57 -8.58
C LEU J 344 13.25 52.06 -8.87
N CYS J 345 12.22 52.76 -8.38
CA CYS J 345 12.17 54.20 -8.53
C CYS J 345 13.25 54.88 -7.70
N TRP J 346 13.52 54.35 -6.51
CA TRP J 346 14.58 54.93 -5.70
C TRP J 346 15.96 54.59 -6.24
N GLY J 347 16.09 53.44 -6.90
CA GLY J 347 17.36 53.09 -7.50
C GLY J 347 17.75 53.98 -8.65
N GLU J 348 16.76 54.59 -9.32
CA GLU J 348 17.02 55.52 -10.39
C GLU J 348 17.16 56.95 -9.90
N LEU J 349 16.47 57.31 -8.82
CA LEU J 349 16.63 58.64 -8.26
C LEU J 349 18.00 58.80 -7.61
N MET J 350 18.47 57.76 -6.94
CA MET J 350 19.80 57.81 -6.35
C MET J 350 20.89 57.67 -7.40
N THR J 351 20.59 57.06 -8.54
CA THR J 351 21.57 57.01 -9.62
C THR J 351 21.77 58.39 -10.22
N LEU J 352 20.70 59.15 -10.39
CA LEU J 352 20.82 60.53 -10.86
C LEU J 352 21.43 61.42 -9.79
N ALA J 353 21.24 61.09 -8.51
CA ALA J 353 21.71 61.97 -7.45
C ALA J 353 23.23 61.93 -7.32
N THR J 354 23.83 60.75 -7.48
CA THR J 354 25.29 60.68 -7.47
C THR J 354 25.92 61.23 -8.74
N TRP J 355 25.14 61.41 -9.80
CA TRP J 355 25.66 61.99 -11.04
C TRP J 355 25.92 63.47 -10.80
N VAL J 356 27.18 63.81 -10.58
CA VAL J 356 27.58 65.17 -10.23
C VAL J 356 28.51 65.76 -11.28
N VAL J 375 24.30 69.53 -0.59
CA VAL J 375 23.79 69.92 -1.90
C VAL J 375 22.72 68.95 -2.36
N ASN J 376 22.60 67.83 -1.65
CA ASN J 376 21.65 66.78 -1.98
C ASN J 376 20.40 66.98 -1.13
N TYR J 377 19.39 67.58 -1.74
CA TYR J 377 18.13 67.87 -1.07
C TYR J 377 17.07 66.81 -1.36
N VAL J 378 17.44 65.74 -2.08
CA VAL J 378 16.45 64.77 -2.54
C VAL J 378 15.85 63.98 -1.38
N ASN J 379 16.50 63.96 -0.23
CA ASN J 379 15.98 63.33 0.98
C ASN J 379 15.29 64.33 1.90
N THR J 380 14.86 65.46 1.37
CA THR J 380 14.10 66.45 2.12
C THR J 380 12.69 66.64 1.60
N ASN J 381 12.49 66.56 0.29
CA ASN J 381 11.17 66.70 -0.31
C ASN J 381 10.81 65.61 -1.29
N MET J 382 11.78 64.86 -1.79
CA MET J 382 11.54 63.79 -2.75
C MET J 382 11.71 62.41 -2.15
N GLY J 383 12.70 62.23 -1.26
CA GLY J 383 12.83 60.99 -0.54
C GLY J 383 11.80 60.79 0.54
N LEU J 384 11.15 61.87 0.96
CA LEU J 384 10.05 61.74 1.90
C LEU J 384 8.85 61.07 1.26
N LYS J 385 8.62 61.32 -0.02
CA LYS J 385 7.54 60.65 -0.72
C LYS J 385 7.87 59.20 -1.00
N ILE J 386 9.15 58.87 -1.20
CA ILE J 386 9.54 57.48 -1.38
C ILE J 386 9.44 56.74 -0.05
N ARG J 387 9.78 57.42 1.05
CA ARG J 387 9.65 56.81 2.37
C ARG J 387 8.20 56.59 2.76
N GLN J 388 7.26 57.35 2.18
CA GLN J 388 5.86 57.09 2.43
C GLN J 388 5.38 55.87 1.66
N LEU J 389 5.83 55.70 0.41
CA LEU J 389 5.47 54.51 -0.35
C LEU J 389 6.06 53.25 0.27
N LEU J 390 7.27 53.34 0.80
CA LEU J 390 7.87 52.17 1.39
C LEU J 390 7.27 51.85 2.76
N TRP J 391 6.89 52.87 3.54
CA TRP J 391 6.29 52.59 4.83
C TRP J 391 4.87 52.05 4.68
N PHE J 392 4.11 52.60 3.74
CA PHE J 392 2.70 52.24 3.61
C PHE J 392 2.54 50.82 3.09
N HIS J 393 3.40 50.41 2.17
CA HIS J 393 3.24 49.10 1.55
C HIS J 393 3.91 48.00 2.34
N ILE J 394 4.93 48.30 3.14
CA ILE J 394 5.43 47.30 4.07
C ILE J 394 4.41 47.04 5.17
N SER J 395 3.84 48.11 5.72
CA SER J 395 2.87 47.96 6.80
C SER J 395 1.55 47.40 6.31
N CYS J 396 1.20 47.62 5.05
CA CYS J 396 0.04 46.94 4.48
C CYS J 396 0.28 45.45 4.35
N LEU J 397 1.51 45.05 4.06
CA LEU J 397 1.81 43.64 3.93
C LEU J 397 2.00 42.98 5.28
N THR J 398 2.60 43.68 6.23
CA THR J 398 2.89 43.11 7.53
C THR J 398 1.63 43.04 8.38
N PHE J 399 1.01 44.19 8.64
CA PHE J 399 -0.13 44.24 9.55
C PHE J 399 -1.46 44.01 8.84
N GLY J 400 -1.59 44.49 7.62
CA GLY J 400 -2.85 44.36 6.91
C GLY J 400 -3.29 45.69 6.32
N ARG J 401 -4.11 45.66 5.27
CA ARG J 401 -4.53 46.92 4.66
C ARG J 401 -5.57 47.62 5.51
N GLU J 402 -6.42 46.87 6.20
CA GLU J 402 -7.43 47.50 7.03
C GLU J 402 -6.82 48.08 8.29
N THR J 403 -5.85 47.37 8.88
CA THR J 403 -5.29 47.75 10.17
C THR J 403 -4.47 49.04 10.07
N VAL J 404 -3.71 49.19 8.99
CA VAL J 404 -2.98 50.44 8.81
C VAL J 404 -3.91 51.56 8.37
N LEU J 405 -5.08 51.26 7.82
CA LEU J 405 -6.00 52.33 7.44
C LEU J 405 -6.71 52.88 8.66
N GLU J 406 -7.12 52.01 9.58
CA GLU J 406 -7.67 52.47 10.85
C GLU J 406 -6.59 53.02 11.77
N TYR J 407 -5.31 52.79 11.47
CA TYR J 407 -4.24 53.44 12.20
C TYR J 407 -4.16 54.92 11.87
N LEU J 408 -4.25 55.25 10.57
CA LEU J 408 -4.02 56.61 10.13
C LEU J 408 -5.18 57.54 10.44
N VAL J 409 -6.37 57.00 10.69
CA VAL J 409 -7.45 57.82 11.22
C VAL J 409 -7.22 58.09 12.70
N SER J 410 -6.78 57.08 13.44
CA SER J 410 -6.48 57.25 14.85
C SER J 410 -5.23 58.08 15.07
N PHE J 411 -4.29 58.08 14.12
CA PHE J 411 -3.23 59.07 14.14
C PHE J 411 -3.73 60.43 13.72
N GLY J 412 -4.80 60.49 12.94
CA GLY J 412 -5.30 61.77 12.45
C GLY J 412 -5.88 62.63 13.54
N VAL J 413 -6.45 62.01 14.58
CA VAL J 413 -6.95 62.78 15.70
C VAL J 413 -5.88 63.07 16.73
N TRP J 414 -4.79 62.30 16.75
CA TRP J 414 -3.75 62.53 17.74
C TRP J 414 -2.89 63.73 17.36
N ILE J 415 -2.48 63.83 16.10
CA ILE J 415 -1.60 64.90 15.69
C ILE J 415 -2.35 66.21 15.52
N ARG J 416 -3.67 66.15 15.28
CA ARG J 416 -4.42 67.37 15.04
C ARG J 416 -4.69 68.16 16.31
N THR J 417 -4.93 67.47 17.43
CA THR J 417 -5.21 68.16 18.68
C THR J 417 -3.95 68.84 19.20
N PRO J 418 -4.07 70.07 19.71
CA PRO J 418 -2.90 70.80 20.19
C PRO J 418 -2.37 70.17 21.46
N PRO J 419 -1.11 70.46 21.84
CA PRO J 419 -0.55 69.86 23.06
C PRO J 419 -1.25 70.35 24.32
N ALA J 420 -0.95 69.63 25.41
CA ALA J 420 -1.62 69.66 26.71
C ALA J 420 -3.09 69.20 26.63
N TYR J 421 -3.47 68.54 25.55
CA TYR J 421 -4.75 67.85 25.46
C TYR J 421 -4.64 66.47 24.84
N ARG J 422 -3.53 66.13 24.23
CA ARG J 422 -3.28 64.81 23.68
C ARG J 422 -2.49 63.98 24.67
N PRO J 423 -2.57 62.65 24.58
CA PRO J 423 -1.62 61.82 25.31
C PRO J 423 -0.21 62.02 24.75
N PRO J 424 0.81 61.87 25.58
CA PRO J 424 2.18 62.18 25.12
C PRO J 424 2.73 61.10 24.19
N ASN J 425 2.21 59.90 24.30
CA ASN J 425 2.67 58.79 23.47
C ASN J 425 1.93 58.76 22.14
N ALA J 426 2.62 58.30 21.11
CA ALA J 426 2.01 58.15 19.80
C ALA J 426 1.02 56.99 19.82
N PRO J 427 -0.06 57.07 19.06
CA PRO J 427 -1.02 55.97 19.02
C PRO J 427 -0.49 54.79 18.22
N ILE J 428 0.25 53.91 18.89
CA ILE J 428 1.22 53.03 18.22
C ILE J 428 0.52 51.98 17.37
N LEU J 429 1.27 51.44 16.42
CA LEU J 429 0.77 50.46 15.45
C LEU J 429 1.24 49.07 15.86
N SER J 430 0.29 48.16 16.04
CA SER J 430 0.59 46.79 16.41
C SER J 430 -0.52 45.90 15.85
N THR J 431 -0.61 44.68 16.37
CA THR J 431 -1.60 43.66 16.00
C THR J 431 -1.56 43.30 14.52
N MET K 1 29.14 5.30 -41.73
CA MET K 1 27.89 5.78 -41.13
C MET K 1 27.63 7.23 -41.50
N ASP K 2 26.65 7.44 -42.38
CA ASP K 2 26.26 8.78 -42.82
C ASP K 2 25.05 9.17 -41.98
N ILE K 3 25.30 9.83 -40.88
CA ILE K 3 24.27 10.17 -39.92
C ILE K 3 23.73 11.56 -40.27
N ASP K 4 22.49 11.80 -39.91
CA ASP K 4 21.83 13.06 -40.24
C ASP K 4 21.65 13.89 -38.99
N PRO K 5 21.97 15.18 -39.02
CA PRO K 5 21.83 16.00 -37.81
C PRO K 5 20.39 16.20 -37.40
N TYR K 6 19.46 16.15 -38.35
CA TYR K 6 18.05 16.29 -38.07
C TYR K 6 17.28 15.43 -39.07
N LYS K 7 16.89 14.24 -38.64
CA LYS K 7 16.12 13.34 -39.47
C LYS K 7 14.86 12.97 -38.69
N GLU K 8 15.00 12.95 -37.37
CA GLU K 8 13.87 12.67 -36.49
C GLU K 8 12.89 13.82 -36.43
N PHE K 9 13.32 15.03 -36.79
CA PHE K 9 12.46 16.19 -36.66
C PHE K 9 11.59 16.39 -37.90
N GLY K 10 12.09 16.01 -39.06
CA GLY K 10 11.28 16.09 -40.26
C GLY K 10 12.04 16.64 -41.45
N ALA K 11 12.96 17.54 -41.19
CA ALA K 11 13.77 18.11 -42.25
C ALA K 11 14.85 17.12 -42.67
N THR K 12 15.57 17.46 -43.74
CA THR K 12 16.79 16.79 -44.14
C THR K 12 17.84 17.86 -44.37
N VAL K 13 19.06 17.45 -44.69
CA VAL K 13 20.16 18.40 -44.79
C VAL K 13 20.03 19.27 -46.03
N GLU K 14 19.66 18.67 -47.17
CA GLU K 14 19.50 19.48 -48.37
C GLU K 14 18.21 20.29 -48.36
N LEU K 15 17.28 19.97 -47.46
CA LEU K 15 16.07 20.79 -47.36
C LEU K 15 16.37 22.14 -46.74
N LEU K 16 17.44 22.23 -45.95
CA LEU K 16 17.93 23.51 -45.46
C LEU K 16 19.00 24.10 -46.38
N SER K 17 19.17 23.56 -47.57
CA SER K 17 19.87 24.25 -48.63
C SER K 17 18.93 25.10 -49.46
N PHE K 18 17.63 25.10 -49.13
CA PHE K 18 16.72 26.09 -49.68
C PHE K 18 17.11 27.48 -49.22
N LEU K 19 17.41 27.61 -47.93
CA LEU K 19 17.85 28.88 -47.39
C LEU K 19 19.27 29.16 -47.85
N PRO K 20 19.61 30.42 -48.11
CA PRO K 20 20.96 30.74 -48.55
C PRO K 20 21.97 30.63 -47.42
N SER K 21 23.25 30.81 -47.76
CA SER K 21 24.31 30.62 -46.78
C SER K 21 24.38 31.75 -45.77
N ASP K 22 23.79 32.90 -46.07
CA ASP K 22 23.88 34.07 -45.20
C ASP K 22 22.52 34.51 -44.68
N PHE K 23 21.50 33.65 -44.81
CA PHE K 23 20.20 33.98 -44.23
C PHE K 23 20.22 33.86 -42.72
N PHE K 24 21.03 32.95 -42.19
CA PHE K 24 21.01 32.64 -40.79
C PHE K 24 21.61 33.79 -39.97
N PRO K 25 21.07 34.07 -38.79
CA PRO K 25 21.69 35.07 -37.92
C PRO K 25 23.02 34.59 -37.40
N SER K 26 23.79 35.53 -36.87
CA SER K 26 25.11 35.21 -36.38
C SER K 26 25.03 34.32 -35.15
N VAL K 27 26.11 33.56 -34.92
CA VAL K 27 26.12 32.61 -33.82
C VAL K 27 26.20 33.34 -32.48
N ARG K 28 26.69 34.58 -32.46
CA ARG K 28 26.59 35.39 -31.25
C ARG K 28 25.15 35.75 -30.95
N ASP K 29 24.37 36.07 -31.98
CA ASP K 29 22.98 36.47 -31.77
C ASP K 29 22.08 35.29 -31.48
N LEU K 30 22.42 34.10 -31.99
CA LEU K 30 21.55 32.95 -31.79
C LEU K 30 21.65 32.40 -30.38
N LEU K 31 22.80 32.56 -29.73
CA LEU K 31 22.92 32.13 -28.34
C LEU K 31 22.28 33.13 -27.39
N ASP K 32 22.18 34.39 -27.79
CA ASP K 32 21.47 35.38 -26.98
C ASP K 32 19.99 35.11 -26.96
N THR K 33 19.44 34.57 -28.05
CA THR K 33 18.03 34.25 -28.11
C THR K 33 17.70 33.06 -27.23
N ALA K 34 18.61 32.08 -27.15
CA ALA K 34 18.41 30.95 -26.24
C ALA K 34 18.47 31.39 -24.79
N SER K 35 19.48 32.18 -24.44
CA SER K 35 19.66 32.59 -23.05
C SER K 35 18.66 33.63 -22.59
N ALA K 36 17.91 34.25 -23.51
CA ALA K 36 16.88 35.19 -23.12
C ALA K 36 15.48 34.61 -23.15
N LEU K 37 15.31 33.41 -23.67
CA LEU K 37 14.01 32.75 -23.72
C LEU K 37 14.00 31.38 -23.09
N TYR K 38 15.10 30.62 -23.23
CA TYR K 38 15.15 29.23 -22.79
C TYR K 38 16.36 28.98 -21.92
N ARG K 39 16.70 29.93 -21.06
CA ARG K 39 17.85 29.72 -20.19
C ARG K 39 17.51 28.75 -19.06
N GLU K 40 16.39 28.97 -18.38
CA GLU K 40 16.01 28.11 -17.26
C GLU K 40 15.49 26.76 -17.72
N ALA K 41 15.07 26.65 -18.99
CA ALA K 41 14.61 25.37 -19.49
C ALA K 41 15.75 24.51 -20.00
N LEU K 42 16.81 25.13 -20.51
CA LEU K 42 17.97 24.37 -20.95
C LEU K 42 18.90 24.04 -19.79
N GLU K 43 18.94 24.87 -18.76
CA GLU K 43 19.73 24.61 -17.57
C GLU K 43 18.95 23.82 -16.52
N SER K 44 17.96 23.11 -16.91
CA SER K 44 17.10 22.31 -16.07
C SER K 44 17.48 20.84 -16.18
N PRO K 45 17.33 20.06 -15.11
CA PRO K 45 17.63 18.62 -15.17
C PRO K 45 16.48 17.77 -15.70
N GLU K 46 15.89 18.20 -16.80
CA GLU K 46 14.82 17.46 -17.46
C GLU K 46 14.97 17.62 -18.97
N HIS K 47 14.37 16.70 -19.71
CA HIS K 47 14.42 16.79 -21.16
C HIS K 47 13.48 17.89 -21.67
N CYS K 48 12.19 17.76 -21.35
CA CYS K 48 11.06 18.66 -21.61
C CYS K 48 10.64 18.72 -23.07
N SER K 49 11.46 18.16 -23.97
CA SER K 49 11.29 18.18 -25.42
C SER K 49 12.42 17.37 -26.05
N PRO K 50 12.25 16.88 -27.28
CA PRO K 50 13.40 16.34 -28.02
C PRO K 50 14.27 17.41 -28.64
N HIS K 51 13.88 18.68 -28.54
CA HIS K 51 14.67 19.77 -29.09
C HIS K 51 15.70 20.30 -28.13
N HIS K 52 15.40 20.30 -26.83
CA HIS K 52 16.37 20.77 -25.85
C HIS K 52 17.56 19.83 -25.75
N THR K 53 17.31 18.52 -25.90
CA THR K 53 18.40 17.56 -25.93
C THR K 53 19.27 17.74 -27.15
N ALA K 54 18.68 18.14 -28.28
CA ALA K 54 19.46 18.45 -29.44
C ALA K 54 20.14 19.81 -29.33
N LEU K 55 19.63 20.68 -28.47
CA LEU K 55 20.18 22.04 -28.36
C LEU K 55 21.24 22.15 -27.28
N ARG K 56 21.16 21.33 -26.23
CA ARG K 56 22.20 21.36 -25.21
C ARG K 56 23.52 20.85 -25.76
N GLN K 57 23.47 19.79 -26.56
CA GLN K 57 24.68 19.26 -27.19
C GLN K 57 25.15 20.09 -28.37
N ALA K 58 24.32 21.00 -28.89
CA ALA K 58 24.73 21.87 -29.97
C ALA K 58 25.34 23.17 -29.48
N ILE K 59 25.02 23.58 -28.25
CA ILE K 59 25.63 24.78 -27.69
C ILE K 59 27.05 24.47 -27.23
N LEU K 60 27.24 23.34 -26.56
CA LEU K 60 28.57 22.95 -26.09
C LEU K 60 29.47 22.55 -27.23
N CYS K 61 28.90 22.09 -28.34
CA CYS K 61 29.72 21.79 -29.52
C CYS K 61 30.31 23.06 -30.11
N TRP K 62 29.60 24.19 -29.99
CA TRP K 62 30.20 25.46 -30.34
C TRP K 62 31.18 25.90 -29.28
N GLY K 63 31.00 25.45 -28.04
CA GLY K 63 31.96 25.78 -26.99
C GLY K 63 33.29 25.10 -27.19
N GLU K 64 33.29 23.83 -27.61
CA GLU K 64 34.54 23.13 -27.88
C GLU K 64 35.18 23.61 -29.16
N LEU K 65 34.40 24.06 -30.13
CA LEU K 65 34.97 24.52 -31.38
C LEU K 65 35.66 25.87 -31.23
N MET K 66 35.22 26.68 -30.27
CA MET K 66 35.83 27.99 -30.11
C MET K 66 37.05 27.95 -29.20
N THR K 67 37.06 27.08 -28.19
CA THR K 67 38.26 26.98 -27.37
C THR K 67 39.38 26.25 -28.09
N LEU K 68 39.04 25.44 -29.10
CA LEU K 68 40.07 24.90 -29.97
C LEU K 68 40.57 25.97 -30.93
N ALA K 69 39.67 26.82 -31.40
CA ALA K 69 40.08 27.88 -32.32
C ALA K 69 40.84 28.99 -31.60
N THR K 70 40.57 29.18 -30.31
CA THR K 70 41.29 30.21 -29.56
C THR K 70 42.72 29.80 -29.29
N TRP K 71 42.95 28.50 -29.04
CA TRP K 71 44.29 28.04 -28.75
C TRP K 71 45.17 28.05 -30.00
N VAL K 72 44.62 27.64 -31.14
CA VAL K 72 45.40 27.66 -32.37
C VAL K 72 45.58 29.11 -32.85
N GLY K 73 44.72 30.02 -32.42
CA GLY K 73 44.95 31.43 -32.66
C GLY K 73 46.07 32.02 -31.84
N ASN K 74 46.60 31.28 -30.86
CA ASN K 74 47.74 31.73 -30.08
C ASN K 74 48.99 30.91 -30.31
N ASN K 75 48.90 29.79 -31.02
CA ASN K 75 50.00 28.85 -31.21
C ASN K 75 50.14 28.49 -32.68
N LEU K 76 50.23 29.53 -33.52
CA LEU K 76 50.33 29.38 -34.98
C LEU K 76 51.58 28.63 -35.42
N ASP K 195 46.13 35.24 -39.03
CA ASP K 195 45.12 34.55 -38.25
C ASP K 195 43.99 34.07 -39.16
N LEU K 196 44.29 33.03 -39.93
CA LEU K 196 43.36 32.51 -40.94
C LEU K 196 42.55 31.33 -40.43
N VAL K 197 42.36 31.24 -39.12
CA VAL K 197 41.50 30.21 -38.55
C VAL K 197 40.15 30.78 -38.09
N VAL K 198 40.10 32.03 -37.64
CA VAL K 198 38.85 32.59 -37.15
C VAL K 198 37.92 32.98 -38.28
N ASN K 199 38.42 33.12 -39.51
CA ASN K 199 37.60 33.34 -40.68
C ASN K 199 37.51 32.10 -41.56
N TYR K 200 38.01 30.96 -41.08
CA TYR K 200 37.81 29.69 -41.76
C TYR K 200 36.67 28.91 -41.14
N VAL K 201 36.61 28.82 -39.81
CA VAL K 201 35.54 28.05 -39.18
C VAL K 201 34.22 28.78 -39.26
N ASN K 202 34.24 30.10 -39.48
CA ASN K 202 33.00 30.84 -39.65
C ASN K 202 32.39 30.64 -41.03
N THR K 203 33.12 30.04 -41.96
CA THR K 203 32.60 29.78 -43.29
C THR K 203 32.38 28.30 -43.58
N ASN K 204 32.91 27.40 -42.77
CA ASN K 204 32.70 25.98 -42.98
C ASN K 204 32.00 25.30 -41.82
N MET K 205 32.43 25.55 -40.58
CA MET K 205 31.86 24.87 -39.44
C MET K 205 30.94 25.74 -38.60
N GLY K 206 31.11 27.06 -38.63
CA GLY K 206 30.15 27.93 -37.97
C GLY K 206 28.81 27.92 -38.67
N LEU K 207 28.80 27.75 -39.99
CA LEU K 207 27.55 27.70 -40.74
C LEU K 207 26.77 26.44 -40.41
N LYS K 208 27.46 25.30 -40.26
CA LYS K 208 26.80 24.07 -39.85
C LYS K 208 26.30 24.13 -38.43
N ILE K 209 26.88 24.99 -37.59
CA ILE K 209 26.33 25.25 -36.27
C ILE K 209 25.16 26.20 -36.37
N ARG K 210 25.28 27.24 -37.21
CA ARG K 210 24.22 28.23 -37.35
C ARG K 210 22.97 27.64 -37.99
N GLN K 211 23.12 26.62 -38.83
CA GLN K 211 21.95 25.87 -39.27
C GLN K 211 21.36 25.07 -38.13
N LEU K 212 22.22 24.50 -37.28
CA LEU K 212 21.75 23.67 -36.18
C LEU K 212 21.20 24.50 -35.04
N LEU K 213 21.70 25.72 -34.87
CA LEU K 213 21.16 26.57 -33.82
C LEU K 213 19.83 27.18 -34.24
N TRP K 214 19.75 27.68 -35.49
CA TRP K 214 18.54 28.32 -35.96
C TRP K 214 17.38 27.36 -36.08
N PHE K 215 17.66 26.09 -36.43
CA PHE K 215 16.57 25.15 -36.61
C PHE K 215 15.96 24.75 -35.28
N HIS K 216 16.74 24.71 -34.22
CA HIS K 216 16.22 24.28 -32.93
C HIS K 216 15.71 25.44 -32.08
N ILE K 217 16.19 26.66 -32.30
CA ILE K 217 15.59 27.82 -31.65
C ILE K 217 14.20 28.06 -32.22
N SER K 218 14.04 27.91 -33.53
CA SER K 218 12.78 28.26 -34.18
C SER K 218 11.69 27.23 -33.90
N CYS K 219 12.03 25.95 -33.91
CA CYS K 219 11.04 24.93 -33.57
C CYS K 219 10.68 24.93 -32.08
N LEU K 220 11.54 25.50 -31.24
CA LEU K 220 11.13 25.65 -29.84
C LEU K 220 10.15 26.81 -29.68
N THR K 221 10.34 27.89 -30.43
CA THR K 221 9.46 29.04 -30.32
C THR K 221 8.16 28.82 -31.09
N PHE K 222 8.27 28.54 -32.38
CA PHE K 222 7.11 28.52 -33.27
C PHE K 222 6.56 27.13 -33.49
N GLY K 223 7.08 26.11 -32.82
CA GLY K 223 6.65 24.76 -33.08
C GLY K 223 7.37 24.15 -34.27
N ARG K 224 7.36 22.83 -34.33
CA ARG K 224 8.14 22.16 -35.38
C ARG K 224 7.45 22.23 -36.72
N GLU K 225 6.13 22.04 -36.76
CA GLU K 225 5.43 21.98 -38.02
C GLU K 225 5.31 23.34 -38.69
N THR K 226 5.49 24.42 -37.96
CA THR K 226 5.53 25.73 -38.59
C THR K 226 6.84 25.95 -39.32
N VAL K 227 7.95 25.52 -38.71
CA VAL K 227 9.25 25.67 -39.35
C VAL K 227 9.36 24.73 -40.55
N LEU K 228 8.79 23.54 -40.46
CA LEU K 228 8.83 22.61 -41.57
C LEU K 228 7.98 23.09 -42.75
N GLU K 229 6.98 23.92 -42.49
CA GLU K 229 6.26 24.60 -43.56
C GLU K 229 6.90 25.94 -43.92
N TYR K 230 7.78 26.45 -43.07
CA TYR K 230 8.47 27.69 -43.39
C TYR K 230 9.59 27.45 -44.38
N LEU K 231 10.27 26.31 -44.25
CA LEU K 231 11.38 25.98 -45.13
C LEU K 231 10.92 25.70 -46.54
N VAL K 232 9.67 25.27 -46.72
CA VAL K 232 9.12 25.12 -48.05
C VAL K 232 8.78 26.48 -48.65
N SER K 233 8.18 27.36 -47.84
CA SER K 233 7.76 28.66 -48.33
C SER K 233 8.94 29.57 -48.63
N PHE K 234 10.06 29.39 -47.93
CA PHE K 234 11.27 30.09 -48.33
C PHE K 234 11.87 29.47 -49.57
N GLY K 235 11.65 28.19 -49.80
CA GLY K 235 12.13 27.55 -51.00
C GLY K 235 11.46 28.10 -52.25
N VAL K 236 10.17 28.41 -52.15
CA VAL K 236 9.45 28.98 -53.29
C VAL K 236 9.87 30.42 -53.52
N TRP K 237 10.12 31.17 -52.44
CA TRP K 237 10.53 32.56 -52.58
C TRP K 237 11.92 32.68 -53.17
N ILE K 238 12.83 31.78 -52.82
CA ILE K 238 14.20 31.91 -53.29
C ILE K 238 14.36 31.41 -54.72
N ARG K 239 13.40 30.64 -55.24
CA ARG K 239 13.55 30.07 -56.56
C ARG K 239 12.86 30.87 -57.65
N THR K 240 11.94 31.77 -57.29
CA THR K 240 11.28 32.60 -58.26
C THR K 240 12.27 33.62 -58.84
N PRO K 241 12.10 34.01 -60.10
CA PRO K 241 13.01 34.98 -60.70
C PRO K 241 12.82 36.35 -60.07
N PRO K 242 13.86 37.19 -60.05
CA PRO K 242 13.79 38.49 -59.37
C PRO K 242 13.06 39.59 -60.15
N ALA K 243 11.91 39.24 -60.70
CA ALA K 243 10.97 40.21 -61.24
C ALA K 243 9.55 39.95 -60.81
N TYR K 244 9.22 38.72 -60.41
CA TYR K 244 7.92 38.38 -59.85
C TYR K 244 8.03 37.97 -58.40
N ARG K 245 9.22 37.93 -57.83
CA ARG K 245 9.29 37.64 -56.41
C ARG K 245 8.93 38.89 -55.61
N PRO K 246 8.27 38.73 -54.47
CA PRO K 246 7.91 39.88 -53.66
C PRO K 246 9.14 40.48 -53.02
N PRO K 247 9.12 41.76 -52.65
CA PRO K 247 10.31 42.37 -52.07
C PRO K 247 10.63 41.89 -50.66
N ASN K 248 9.65 41.35 -49.95
CA ASN K 248 9.87 40.87 -48.59
C ASN K 248 10.03 39.36 -48.61
N ALA K 249 11.14 38.88 -48.07
CA ALA K 249 11.30 37.46 -47.82
C ALA K 249 10.30 37.03 -46.74
N PRO K 250 9.81 35.79 -46.78
CA PRO K 250 8.91 35.32 -45.72
C PRO K 250 9.65 35.21 -44.40
N ILE K 251 9.09 35.84 -43.38
CA ILE K 251 9.67 35.82 -42.05
C ILE K 251 8.80 34.91 -41.20
N LEU K 252 9.37 34.45 -40.09
CA LEU K 252 8.65 33.54 -39.20
C LEU K 252 7.56 34.30 -38.45
N SER K 253 6.34 33.76 -38.50
CA SER K 253 5.15 34.43 -37.99
C SER K 253 5.05 34.32 -36.49
N THR K 254 3.87 34.58 -35.94
CA THR K 254 3.66 34.51 -34.50
C THR K 254 3.64 33.05 -34.04
N LEU K 255 3.42 32.87 -32.74
CA LEU K 255 3.63 31.58 -32.07
C LEU K 255 2.57 30.51 -32.40
N MET K 285 26.01 31.54 -19.80
CA MET K 285 25.20 30.36 -19.59
C MET K 285 26.03 29.09 -19.72
N ASP K 286 26.04 28.28 -18.67
CA ASP K 286 26.70 26.98 -18.70
C ASP K 286 25.67 25.87 -18.70
N ILE K 287 25.95 24.80 -19.44
CA ILE K 287 25.00 23.72 -19.66
C ILE K 287 25.71 22.41 -19.38
N ASP K 288 25.20 21.65 -18.43
CA ASP K 288 25.73 20.34 -18.14
C ASP K 288 25.07 19.34 -19.09
N PRO K 289 25.82 18.65 -19.94
CA PRO K 289 25.21 17.75 -20.92
C PRO K 289 24.70 16.45 -20.32
N TYR K 290 24.98 16.17 -19.05
CA TYR K 290 24.50 14.96 -18.39
C TYR K 290 23.38 15.22 -17.40
N LYS K 291 23.07 16.48 -17.11
CA LYS K 291 22.21 16.81 -15.99
C LYS K 291 20.76 16.39 -16.23
N GLU K 292 20.36 16.25 -17.49
CA GLU K 292 19.04 15.71 -17.77
C GLU K 292 18.98 14.20 -17.59
N PHE K 293 20.12 13.51 -17.76
CA PHE K 293 20.14 12.06 -17.65
C PHE K 293 20.32 11.58 -16.23
N GLY K 294 20.86 12.41 -15.35
CA GLY K 294 20.99 12.04 -13.95
C GLY K 294 22.39 12.30 -13.44
N ALA K 295 23.38 12.06 -14.28
CA ALA K 295 24.76 12.29 -13.88
C ALA K 295 25.11 13.77 -14.01
N THR K 296 26.30 14.11 -13.53
CA THR K 296 26.86 15.44 -13.71
C THR K 296 28.18 15.32 -14.44
N VAL K 297 28.81 16.46 -14.69
CA VAL K 297 30.14 16.45 -15.28
C VAL K 297 31.18 16.02 -14.24
N GLU K 298 31.04 16.50 -13.02
CA GLU K 298 31.99 16.16 -11.98
C GLU K 298 31.80 14.75 -11.44
N LEU K 299 30.64 14.13 -11.68
CA LEU K 299 30.48 12.73 -11.30
C LEU K 299 31.26 11.81 -12.24
N LEU K 300 31.47 12.24 -13.48
CA LEU K 300 32.27 11.49 -14.44
C LEU K 300 33.72 11.90 -14.44
N SER K 301 34.12 12.82 -13.56
CA SER K 301 35.54 13.14 -13.43
C SER K 301 36.27 12.12 -12.57
N PHE K 302 35.55 11.33 -11.78
CA PHE K 302 36.18 10.33 -10.94
C PHE K 302 36.67 9.13 -11.74
N LEU K 303 36.09 8.88 -12.91
CA LEU K 303 36.69 7.94 -13.83
C LEU K 303 38.00 8.53 -14.34
N PRO K 304 39.07 7.74 -14.41
CA PRO K 304 40.36 8.27 -14.83
C PRO K 304 40.40 8.51 -16.33
N SER K 305 41.52 9.09 -16.78
CA SER K 305 41.68 9.49 -18.17
C SER K 305 42.03 8.32 -19.09
N ASP K 306 42.12 7.10 -18.57
CA ASP K 306 42.35 5.93 -19.41
C ASP K 306 41.32 4.85 -19.21
N PHE K 307 40.24 5.15 -18.47
CA PHE K 307 39.17 4.18 -18.32
C PHE K 307 38.38 4.04 -19.61
N PHE K 308 38.27 5.10 -20.36
CA PHE K 308 37.48 5.11 -21.58
C PHE K 308 38.28 4.51 -22.73
N PRO K 309 37.62 3.78 -23.63
CA PRO K 309 38.28 3.37 -24.87
C PRO K 309 38.48 4.54 -25.80
N SER K 310 39.19 4.28 -26.89
CA SER K 310 39.52 5.34 -27.84
C SER K 310 38.27 5.79 -28.59
N VAL K 311 38.41 6.89 -29.34
CA VAL K 311 37.26 7.47 -30.01
C VAL K 311 36.83 6.58 -31.17
N ARG K 312 37.80 5.98 -31.86
CA ARG K 312 37.49 5.08 -32.97
C ARG K 312 36.83 3.81 -32.49
N ASP K 313 37.18 3.35 -31.29
CA ASP K 313 36.55 2.15 -30.74
C ASP K 313 35.18 2.44 -30.17
N LEU K 314 34.85 3.70 -29.94
CA LEU K 314 33.50 4.07 -29.51
C LEU K 314 32.60 4.39 -30.68
N LEU K 315 33.16 4.92 -31.77
CA LEU K 315 32.36 5.16 -32.97
C LEU K 315 32.04 3.86 -33.69
N ASP K 316 32.99 2.92 -33.69
CA ASP K 316 32.74 1.62 -34.32
C ASP K 316 31.76 0.79 -33.52
N THR K 317 31.59 1.08 -32.23
CA THR K 317 30.60 0.35 -31.44
C THR K 317 29.19 0.77 -31.79
N ALA K 318 28.94 2.08 -31.86
CA ALA K 318 27.61 2.55 -32.23
C ALA K 318 27.29 2.26 -33.69
N SER K 319 28.31 2.21 -34.54
CA SER K 319 28.10 1.86 -35.94
C SER K 319 27.81 0.38 -36.13
N ALA K 320 28.13 -0.45 -35.15
CA ALA K 320 27.90 -1.88 -35.26
C ALA K 320 26.69 -2.34 -34.45
N LEU K 321 26.48 -1.77 -33.27
CA LEU K 321 25.37 -2.21 -32.43
C LEU K 321 24.04 -1.70 -32.96
N TYR K 322 23.88 -0.39 -33.04
CA TYR K 322 22.60 0.22 -33.40
C TYR K 322 22.79 1.38 -34.37
N ARG K 323 23.51 1.14 -35.48
CA ARG K 323 23.49 2.11 -36.56
C ARG K 323 22.12 2.24 -37.20
N GLU K 324 21.37 1.14 -37.30
CA GLU K 324 20.04 1.16 -37.91
C GLU K 324 19.06 1.99 -37.08
N ALA K 325 19.29 2.07 -35.77
CA ALA K 325 18.46 2.93 -34.92
C ALA K 325 18.97 4.35 -34.86
N LEU K 326 20.26 4.58 -35.12
CA LEU K 326 20.79 5.93 -35.11
C LEU K 326 20.37 6.69 -36.36
N GLU K 327 20.39 6.02 -37.50
CA GLU K 327 19.96 6.61 -38.77
C GLU K 327 18.46 6.48 -39.00
N SER K 328 17.68 6.25 -37.95
CA SER K 328 16.24 6.14 -38.08
C SER K 328 15.64 7.52 -38.36
N PRO K 329 14.47 7.58 -39.00
CA PRO K 329 13.80 8.87 -39.17
C PRO K 329 12.98 9.29 -37.96
N GLU K 330 13.19 8.66 -36.81
CA GLU K 330 12.52 9.06 -35.59
C GLU K 330 13.43 8.72 -34.42
N HIS K 331 13.48 9.63 -33.44
CA HIS K 331 14.35 9.44 -32.29
C HIS K 331 13.71 8.45 -31.32
N CYS K 332 14.49 7.44 -30.94
CA CYS K 332 13.96 6.37 -30.11
C CYS K 332 14.07 6.65 -28.63
N SER K 333 15.00 7.51 -28.22
CA SER K 333 15.30 7.75 -26.82
C SER K 333 16.07 9.05 -26.71
N PRO K 334 16.09 9.68 -25.53
CA PRO K 334 16.94 10.87 -25.35
C PRO K 334 18.43 10.57 -25.42
N HIS K 335 18.84 9.32 -25.25
CA HIS K 335 20.22 8.95 -25.57
C HIS K 335 20.43 8.93 -27.08
N HIS K 336 19.42 8.47 -27.83
CA HIS K 336 19.55 8.44 -29.28
C HIS K 336 19.53 9.83 -29.88
N THR K 337 18.82 10.77 -29.25
CA THR K 337 18.86 12.14 -29.72
C THR K 337 20.20 12.78 -29.42
N ALA K 338 20.77 12.48 -28.25
CA ALA K 338 22.03 13.06 -27.83
C ALA K 338 23.24 12.32 -28.35
N LEU K 339 23.07 11.16 -28.98
CA LEU K 339 24.22 10.46 -29.54
C LEU K 339 24.51 10.88 -30.96
N ARG K 340 23.50 11.34 -31.71
CA ARG K 340 23.76 11.82 -33.05
C ARG K 340 24.51 13.16 -33.02
N GLN K 341 24.26 13.99 -32.01
CA GLN K 341 24.96 15.25 -31.92
C GLN K 341 26.38 15.07 -31.41
N ALA K 342 26.64 14.00 -30.65
CA ALA K 342 27.99 13.75 -30.18
C ALA K 342 28.87 13.17 -31.28
N ILE K 343 28.28 12.45 -32.23
CA ILE K 343 29.05 11.90 -33.33
C ILE K 343 29.44 12.99 -34.32
N LEU K 344 28.51 13.90 -34.62
CA LEU K 344 28.81 14.97 -35.56
C LEU K 344 29.76 16.00 -34.99
N CYS K 345 29.75 16.19 -33.67
CA CYS K 345 30.67 17.13 -33.04
C CYS K 345 32.11 16.63 -33.13
N TRP K 346 32.31 15.33 -33.13
CA TRP K 346 33.64 14.80 -33.41
C TRP K 346 33.96 14.88 -34.89
N GLY K 347 32.94 14.85 -35.75
CA GLY K 347 33.19 15.04 -37.17
C GLY K 347 33.62 16.44 -37.51
N GLU K 348 33.18 17.42 -36.72
CA GLU K 348 33.60 18.80 -36.95
C GLU K 348 34.99 19.06 -36.40
N LEU K 349 35.32 18.45 -35.26
CA LEU K 349 36.61 18.71 -34.61
C LEU K 349 37.74 18.08 -35.40
N MET K 350 37.55 16.87 -35.91
CA MET K 350 38.57 16.25 -36.74
C MET K 350 38.64 16.85 -38.13
N THR K 351 37.62 17.60 -38.54
CA THR K 351 37.73 18.37 -39.78
C THR K 351 38.61 19.60 -39.57
N LEU K 352 38.55 20.20 -38.39
CA LEU K 352 39.37 21.37 -38.11
C LEU K 352 40.82 20.99 -37.87
N ALA K 353 41.06 19.93 -37.11
CA ALA K 353 42.43 19.51 -36.80
C ALA K 353 43.14 18.97 -38.03
N THR K 354 42.39 18.40 -38.98
CA THR K 354 43.00 17.99 -40.24
C THR K 354 43.31 19.19 -41.12
N TRP K 355 42.45 20.22 -41.09
CA TRP K 355 42.74 21.42 -41.86
C TRP K 355 43.87 22.23 -41.22
N VAL K 356 43.95 22.22 -39.89
CA VAL K 356 45.05 22.90 -39.20
C VAL K 356 46.38 22.22 -39.50
N GLY K 357 46.36 20.89 -39.63
CA GLY K 357 47.52 20.15 -40.09
C GLY K 357 47.88 20.39 -41.55
N ASN K 358 47.00 21.01 -42.32
CA ASN K 358 47.30 21.35 -43.70
C ASN K 358 47.56 22.85 -43.83
N VAL K 375 48.20 20.30 -31.88
CA VAL K 375 47.15 19.80 -32.76
C VAL K 375 46.85 18.35 -32.39
N ASN K 376 47.81 17.72 -31.72
CA ASN K 376 47.66 16.36 -31.22
C ASN K 376 47.15 16.32 -29.79
N TYR K 377 46.58 17.43 -29.30
CA TYR K 377 45.98 17.49 -27.99
C TYR K 377 44.46 17.46 -28.06
N VAL K 378 43.90 17.38 -29.27
CA VAL K 378 42.46 17.36 -29.43
C VAL K 378 41.86 16.08 -28.87
N ASN K 379 42.63 15.01 -28.77
CA ASN K 379 42.18 13.83 -28.04
C ASN K 379 42.33 14.02 -26.53
N THR K 380 43.28 14.84 -26.11
CA THR K 380 43.52 15.04 -24.69
C THR K 380 42.46 15.95 -24.08
N ASN K 381 42.31 17.16 -24.62
CA ASN K 381 41.37 18.12 -24.04
C ASN K 381 39.96 17.95 -24.60
N MET K 382 39.82 17.87 -25.91
CA MET K 382 38.51 17.81 -26.53
C MET K 382 38.00 16.38 -26.68
N GLY K 383 38.89 15.44 -26.99
CA GLY K 383 38.46 14.07 -27.23
C GLY K 383 38.06 13.35 -25.97
N LEU K 384 38.66 13.71 -24.84
CA LEU K 384 38.26 13.11 -23.57
C LEU K 384 36.88 13.56 -23.16
N LYS K 385 36.44 14.73 -23.60
CA LYS K 385 35.05 15.11 -23.38
C LYS K 385 34.13 14.35 -24.33
N ILE K 386 34.64 13.98 -25.50
CA ILE K 386 33.85 13.17 -26.42
C ILE K 386 33.79 11.73 -25.94
N ARG K 387 34.94 11.18 -25.52
CA ARG K 387 34.97 9.82 -24.99
C ARG K 387 34.19 9.69 -23.69
N GLN K 388 34.07 10.78 -22.92
CA GLN K 388 33.13 10.77 -21.81
C GLN K 388 31.70 10.73 -22.31
N LEU K 389 31.41 11.51 -23.35
CA LEU K 389 30.04 11.61 -23.83
C LEU K 389 29.67 10.40 -24.68
N LEU K 390 30.64 9.78 -25.36
CA LEU K 390 30.33 8.62 -26.17
C LEU K 390 30.16 7.38 -25.32
N TRP K 391 31.01 7.20 -24.32
CA TRP K 391 30.91 6.02 -23.46
C TRP K 391 29.64 6.04 -22.62
N PHE K 392 29.20 7.23 -22.22
CA PHE K 392 28.07 7.30 -21.31
C PHE K 392 26.76 6.95 -22.00
N HIS K 393 26.57 7.43 -23.23
CA HIS K 393 25.32 7.15 -23.92
C HIS K 393 25.27 5.75 -24.50
N ILE K 394 26.42 5.18 -24.85
CA ILE K 394 26.44 3.80 -25.29
C ILE K 394 26.13 2.87 -24.13
N SER K 395 26.69 3.17 -22.96
CA SER K 395 26.42 2.35 -21.79
C SER K 395 25.02 2.54 -21.25
N CYS K 396 24.39 3.69 -21.50
CA CYS K 396 22.98 3.84 -21.16
C CYS K 396 22.08 3.04 -22.10
N LEU K 397 22.51 2.88 -23.34
CA LEU K 397 21.69 2.14 -24.30
C LEU K 397 21.92 0.64 -24.19
N THR K 398 23.14 0.23 -23.88
CA THR K 398 23.44 -1.20 -23.76
C THR K 398 22.91 -1.77 -22.46
N PHE K 399 23.39 -1.24 -21.33
CA PHE K 399 23.06 -1.80 -20.03
C PHE K 399 21.81 -1.18 -19.43
N GLY K 400 21.71 0.13 -19.44
CA GLY K 400 20.55 0.82 -18.93
C GLY K 400 21.01 2.08 -18.20
N ARG K 401 20.12 3.07 -18.16
CA ARG K 401 20.45 4.32 -17.49
C ARG K 401 20.49 4.12 -15.98
N GLU K 402 19.57 3.32 -15.45
CA GLU K 402 19.53 3.06 -14.02
C GLU K 402 20.74 2.26 -13.55
N THR K 403 21.28 1.42 -14.43
CA THR K 403 22.43 0.61 -14.06
C THR K 403 23.70 1.44 -14.01
N VAL K 404 23.96 2.22 -15.06
CA VAL K 404 25.23 2.93 -15.16
C VAL K 404 25.28 4.12 -14.20
N LEU K 405 24.13 4.67 -13.80
CA LEU K 405 24.16 5.69 -12.75
C LEU K 405 24.42 5.07 -11.40
N GLU K 406 23.89 3.87 -11.16
CA GLU K 406 24.25 3.11 -9.98
C GLU K 406 25.69 2.64 -10.07
N TYR K 407 26.18 2.34 -11.28
CA TYR K 407 27.56 1.90 -11.44
C TYR K 407 28.53 3.04 -11.20
N LEU K 408 28.18 4.24 -11.62
CA LEU K 408 29.09 5.38 -11.48
C LEU K 408 29.23 5.84 -10.04
N VAL K 409 28.26 5.51 -9.20
CA VAL K 409 28.40 5.75 -7.76
C VAL K 409 29.46 4.82 -7.18
N SER K 410 29.39 3.54 -7.53
CA SER K 410 30.29 2.54 -6.95
C SER K 410 31.72 2.69 -7.46
N PHE K 411 31.92 3.29 -8.63
CA PHE K 411 33.28 3.62 -9.03
C PHE K 411 33.82 4.80 -8.23
N GLY K 412 32.93 5.66 -7.76
CA GLY K 412 33.37 6.83 -7.01
C GLY K 412 33.95 6.48 -5.66
N VAL K 413 33.47 5.40 -5.04
CA VAL K 413 34.04 4.95 -3.78
C VAL K 413 35.25 4.05 -3.98
N TRP K 414 35.49 3.58 -5.20
CA TRP K 414 36.66 2.76 -5.47
C TRP K 414 37.87 3.61 -5.78
N ILE K 415 37.69 4.63 -6.64
CA ILE K 415 38.81 5.48 -7.03
C ILE K 415 39.18 6.46 -5.93
N ARG K 416 38.32 6.68 -4.94
CA ARG K 416 38.63 7.63 -3.89
C ARG K 416 39.43 6.98 -2.75
N THR K 417 39.24 5.69 -2.53
CA THR K 417 40.01 5.01 -1.49
C THR K 417 41.46 4.89 -1.93
N PRO K 418 42.41 5.02 -1.02
CA PRO K 418 43.82 4.85 -1.37
C PRO K 418 44.13 3.39 -1.66
N PRO K 419 45.27 3.10 -2.28
CA PRO K 419 45.68 1.70 -2.43
C PRO K 419 45.98 1.06 -1.09
N ALA K 420 46.04 -0.28 -1.11
CA ALA K 420 46.10 -1.18 0.04
C ALA K 420 44.88 -1.05 0.96
N TYR K 421 43.79 -0.46 0.46
CA TYR K 421 42.52 -0.49 1.14
C TYR K 421 41.38 -0.75 0.18
N ARG K 422 41.65 -0.84 -1.13
CA ARG K 422 40.68 -1.21 -2.14
C ARG K 422 41.10 -2.51 -2.79
N PRO K 423 40.15 -3.29 -3.31
CA PRO K 423 40.51 -4.42 -4.16
C PRO K 423 41.23 -3.95 -5.40
N PRO K 424 42.29 -4.65 -5.84
CA PRO K 424 43.08 -4.14 -6.96
C PRO K 424 42.37 -4.22 -8.30
N ASN K 425 41.37 -5.06 -8.43
CA ASN K 425 40.57 -5.09 -9.65
C ASN K 425 39.56 -3.96 -9.65
N ALA K 426 39.18 -3.54 -10.84
CA ALA K 426 38.21 -2.47 -10.99
C ALA K 426 36.80 -2.97 -10.73
N PRO K 427 35.87 -2.07 -10.40
CA PRO K 427 34.46 -2.47 -10.37
C PRO K 427 33.92 -2.64 -11.77
N ILE K 428 33.99 -3.86 -12.31
CA ILE K 428 33.59 -4.11 -13.68
C ILE K 428 32.09 -3.87 -13.87
N LEU K 429 31.75 -3.22 -14.98
CA LEU K 429 30.36 -2.98 -15.34
C LEU K 429 29.83 -4.17 -16.13
N SER K 430 28.65 -4.65 -15.74
CA SER K 430 28.03 -5.79 -16.41
C SER K 430 26.54 -5.77 -16.13
N THR K 431 25.83 -6.66 -16.82
CA THR K 431 24.37 -6.93 -16.77
C THR K 431 23.42 -5.74 -16.62
N MET L 1 32.40 -35.23 -46.24
CA MET L 1 30.98 -35.33 -46.50
C MET L 1 30.66 -34.90 -47.93
N ASP L 2 29.59 -35.45 -48.50
CA ASP L 2 29.12 -35.08 -49.83
C ASP L 2 27.71 -34.52 -49.71
N ILE L 3 27.56 -33.22 -49.95
CA ILE L 3 26.31 -32.51 -49.76
C ILE L 3 25.71 -32.23 -51.12
N ASP L 4 24.42 -32.52 -51.27
CA ASP L 4 23.70 -32.27 -52.50
C ASP L 4 22.86 -31.02 -52.33
N PRO L 5 23.08 -29.95 -53.11
CA PRO L 5 22.36 -28.70 -52.85
C PRO L 5 20.93 -28.68 -53.33
N TYR L 6 20.40 -29.78 -53.87
CA TYR L 6 19.01 -29.88 -54.29
C TYR L 6 18.25 -30.85 -53.42
N LYS L 7 18.96 -31.50 -52.49
CA LYS L 7 18.46 -32.71 -51.83
C LYS L 7 17.25 -32.41 -50.95
N GLU L 8 17.22 -31.24 -50.31
CA GLU L 8 16.08 -30.90 -49.48
C GLU L 8 14.89 -30.42 -50.28
N PHE L 9 15.05 -30.18 -51.58
CA PHE L 9 13.96 -29.75 -52.44
C PHE L 9 13.33 -30.87 -53.22
N GLY L 10 13.82 -32.09 -53.07
CA GLY L 10 13.29 -33.24 -53.80
C GLY L 10 14.07 -33.59 -55.04
N ALA L 11 14.90 -32.71 -55.54
CA ALA L 11 15.68 -32.94 -56.75
C ALA L 11 17.05 -33.48 -56.39
N THR L 12 17.68 -34.13 -57.35
CA THR L 12 19.05 -34.61 -57.22
C THR L 12 19.94 -33.90 -58.22
N VAL L 13 21.25 -34.06 -58.06
CA VAL L 13 22.18 -33.43 -58.99
C VAL L 13 22.23 -34.16 -60.32
N GLU L 14 21.80 -35.42 -60.36
CA GLU L 14 21.74 -36.15 -61.62
C GLU L 14 20.39 -36.03 -62.29
N LEU L 15 19.36 -35.57 -61.58
CA LEU L 15 18.13 -35.19 -62.23
C LEU L 15 18.24 -33.83 -62.90
N LEU L 16 19.16 -32.98 -62.44
CA LEU L 16 19.38 -31.71 -63.11
C LEU L 16 20.27 -31.87 -64.34
N SER L 17 21.23 -32.78 -64.31
CA SER L 17 22.04 -33.07 -65.48
C SER L 17 21.37 -34.07 -66.41
N PHE L 18 20.13 -34.47 -66.12
CA PHE L 18 19.29 -35.16 -67.08
C PHE L 18 19.07 -34.31 -68.32
N LEU L 19 18.90 -33.00 -68.14
CA LEU L 19 18.70 -32.06 -69.22
C LEU L 19 20.02 -31.87 -69.97
N PRO L 20 19.99 -31.30 -71.18
CA PRO L 20 21.25 -30.99 -71.85
C PRO L 20 22.02 -29.90 -71.15
N SER L 21 23.31 -29.82 -71.47
CA SER L 21 24.17 -28.84 -70.83
C SER L 21 23.89 -27.43 -71.30
N ASP L 22 23.47 -27.28 -72.56
CA ASP L 22 23.29 -25.96 -73.16
C ASP L 22 21.87 -25.44 -73.02
N PHE L 23 21.00 -26.13 -72.29
CA PHE L 23 19.63 -25.66 -72.16
C PHE L 23 19.55 -24.47 -71.22
N PHE L 24 20.35 -24.48 -70.16
CA PHE L 24 20.24 -23.47 -69.12
C PHE L 24 20.74 -22.12 -69.64
N PRO L 25 20.09 -21.02 -69.25
CA PRO L 25 20.51 -19.71 -69.75
C PRO L 25 21.83 -19.25 -69.17
N SER L 26 22.32 -18.11 -69.64
CA SER L 26 23.58 -17.59 -69.13
C SER L 26 23.38 -17.03 -67.72
N VAL L 27 24.51 -16.78 -67.05
CA VAL L 27 24.44 -16.21 -65.71
C VAL L 27 23.98 -14.77 -65.75
N ARG L 28 24.22 -14.07 -66.87
CA ARG L 28 23.74 -12.70 -66.98
C ARG L 28 22.24 -12.64 -67.21
N ASP L 29 21.70 -13.59 -67.97
CA ASP L 29 20.25 -13.62 -68.17
C ASP L 29 19.52 -14.10 -66.93
N LEU L 30 20.18 -14.87 -66.07
CA LEU L 30 19.54 -15.40 -64.89
C LEU L 30 19.68 -14.48 -63.69
N LEU L 31 20.78 -13.75 -63.57
CA LEU L 31 20.93 -12.83 -62.45
C LEU L 31 20.04 -11.61 -62.60
N ASP L 32 19.88 -11.12 -63.83
CA ASP L 32 18.94 -10.02 -64.06
C ASP L 32 17.50 -10.48 -64.06
N THR L 33 17.25 -11.79 -64.15
CA THR L 33 15.89 -12.29 -63.99
C THR L 33 15.48 -12.26 -62.52
N ALA L 34 16.37 -12.72 -61.64
CA ALA L 34 16.07 -12.71 -60.21
C ALA L 34 16.04 -11.30 -59.65
N SER L 35 16.83 -10.39 -60.22
CA SER L 35 16.81 -9.01 -59.79
C SER L 35 15.58 -8.28 -60.31
N ALA L 36 15.01 -8.71 -61.42
CA ALA L 36 13.81 -8.05 -61.92
C ALA L 36 12.57 -8.43 -61.12
N LEU L 37 12.60 -9.56 -60.42
CA LEU L 37 11.42 -10.08 -59.75
C LEU L 37 11.55 -10.16 -58.25
N TYR L 38 12.75 -10.43 -57.71
CA TYR L 38 12.89 -10.72 -56.30
C TYR L 38 13.95 -9.85 -55.62
N ARG L 39 14.35 -8.74 -56.23
CA ARG L 39 15.27 -7.81 -55.57
C ARG L 39 14.64 -7.17 -54.35
N GLU L 40 13.33 -6.97 -54.37
CA GLU L 40 12.62 -6.53 -53.18
C GLU L 40 12.37 -7.66 -52.18
N ALA L 41 12.70 -8.89 -52.55
CA ALA L 41 12.51 -10.04 -51.67
C ALA L 41 13.81 -10.73 -51.29
N LEU L 42 14.82 -10.71 -52.15
CA LEU L 42 16.11 -11.27 -51.76
C LEU L 42 16.88 -10.33 -50.84
N GLU L 43 16.57 -9.05 -50.86
CA GLU L 43 17.20 -8.09 -49.95
C GLU L 43 16.40 -7.91 -48.67
N SER L 44 15.27 -8.58 -48.53
CA SER L 44 14.42 -8.40 -47.36
C SER L 44 15.04 -9.09 -46.15
N PRO L 45 14.76 -8.61 -44.93
CA PRO L 45 15.32 -9.25 -43.74
C PRO L 45 14.58 -10.49 -43.26
N GLU L 46 13.76 -11.09 -44.12
CA GLU L 46 13.09 -12.33 -43.78
C GLU L 46 13.41 -13.39 -44.83
N HIS L 47 13.22 -14.65 -44.46
CA HIS L 47 13.48 -15.74 -45.38
C HIS L 47 12.39 -15.83 -46.45
N CYS L 48 11.15 -16.03 -46.01
CA CYS L 48 9.88 -16.09 -46.75
C CYS L 48 9.75 -17.36 -47.60
N SER L 49 10.82 -18.13 -47.74
CA SER L 49 10.92 -19.38 -48.49
C SER L 49 12.30 -19.96 -48.28
N PRO L 50 12.46 -21.28 -48.29
CA PRO L 50 13.82 -21.85 -48.29
C PRO L 50 14.53 -21.68 -49.61
N HIS L 51 13.83 -21.33 -50.69
CA HIS L 51 14.51 -21.04 -51.94
C HIS L 51 15.23 -19.69 -51.89
N HIS L 52 14.70 -18.74 -51.12
CA HIS L 52 15.34 -17.44 -51.01
C HIS L 52 16.64 -17.54 -50.23
N THR L 53 16.68 -18.39 -49.21
CA THR L 53 17.91 -18.61 -48.47
C THR L 53 18.96 -19.31 -49.33
N ALA L 54 18.52 -20.22 -50.20
CA ALA L 54 19.45 -20.87 -51.12
C ALA L 54 19.87 -19.95 -52.26
N LEU L 55 19.00 -19.03 -52.67
CA LEU L 55 19.34 -18.16 -53.78
C LEU L 55 20.26 -17.02 -53.36
N ARG L 56 20.21 -16.60 -52.10
CA ARG L 56 21.08 -15.52 -51.64
C ARG L 56 22.53 -15.98 -51.60
N GLN L 57 22.78 -17.24 -51.27
CA GLN L 57 24.14 -17.73 -51.27
C GLN L 57 24.59 -18.16 -52.66
N ALA L 58 23.65 -18.49 -53.54
CA ALA L 58 24.03 -18.87 -54.89
C ALA L 58 24.47 -17.66 -55.71
N ILE L 59 23.90 -16.48 -55.41
CA ILE L 59 24.36 -15.26 -56.04
C ILE L 59 25.68 -14.81 -55.43
N LEU L 60 25.80 -14.92 -54.11
CA LEU L 60 27.01 -14.46 -53.42
C LEU L 60 28.20 -15.36 -53.72
N CYS L 61 27.98 -16.64 -53.94
CA CYS L 61 29.09 -17.52 -54.30
C CYS L 61 29.58 -17.24 -55.71
N TRP L 62 28.69 -16.77 -56.59
CA TRP L 62 29.14 -16.39 -57.92
C TRP L 62 29.91 -15.10 -57.88
N GLY L 63 29.60 -14.21 -56.94
CA GLY L 63 30.41 -13.02 -56.74
C GLY L 63 31.79 -13.34 -56.23
N GLU L 64 31.93 -14.44 -55.49
CA GLU L 64 33.26 -14.83 -55.00
C GLU L 64 34.10 -15.42 -56.12
N LEU L 65 33.48 -16.09 -57.08
CA LEU L 65 34.23 -16.60 -58.22
C LEU L 65 34.58 -15.49 -59.19
N MET L 66 33.74 -14.47 -59.29
CA MET L 66 34.04 -13.34 -60.17
C MET L 66 34.83 -12.24 -59.47
N THR L 67 35.31 -12.50 -58.26
CA THR L 67 36.37 -11.69 -57.67
C THR L 67 37.71 -12.42 -57.67
N LEU L 68 37.69 -13.74 -57.84
CA LEU L 68 38.91 -14.52 -57.97
C LEU L 68 39.34 -14.67 -59.42
N ALA L 69 38.39 -14.84 -60.33
CA ALA L 69 38.73 -14.96 -61.75
C ALA L 69 39.29 -13.66 -62.30
N THR L 70 38.83 -12.52 -61.79
CA THR L 70 39.42 -11.25 -62.18
C THR L 70 40.81 -11.09 -61.60
N TRP L 71 41.08 -11.71 -60.45
CA TRP L 71 42.40 -11.58 -59.84
C TRP L 71 43.42 -12.48 -60.51
N VAL L 72 43.05 -13.72 -60.82
CA VAL L 72 44.00 -14.65 -61.43
C VAL L 72 44.27 -14.32 -62.89
N GLY L 73 43.41 -13.53 -63.53
CA GLY L 73 43.70 -13.06 -64.86
C GLY L 73 44.59 -11.85 -64.82
N ASN L 74 44.39 -11.00 -63.81
CA ASN L 74 45.21 -9.80 -63.67
C ASN L 74 46.60 -10.15 -63.16
N ASN L 75 46.67 -10.87 -62.04
CA ASN L 75 47.94 -11.35 -61.49
C ASN L 75 48.11 -12.80 -61.92
N LEU L 76 49.01 -13.03 -62.88
CA LEU L 76 49.22 -14.37 -63.42
C LEU L 76 49.95 -15.25 -62.42
N ASN L 199 37.31 -18.29 -68.46
CA ASN L 199 37.77 -19.23 -69.48
C ASN L 199 37.64 -20.66 -68.98
N TYR L 200 38.11 -20.90 -67.75
CA TYR L 200 37.97 -22.18 -67.08
C TYR L 200 36.73 -22.22 -66.20
N VAL L 201 36.25 -21.06 -65.77
CA VAL L 201 35.14 -21.00 -64.81
C VAL L 201 33.83 -21.39 -65.49
N ASN L 202 33.58 -20.85 -66.69
CA ASN L 202 32.31 -21.09 -67.37
C ASN L 202 32.15 -22.53 -67.84
N THR L 203 33.25 -23.26 -68.00
CA THR L 203 33.16 -24.66 -68.39
C THR L 203 32.71 -25.53 -67.22
N ASN L 204 33.45 -25.48 -66.12
CA ASN L 204 33.19 -26.34 -64.97
C ASN L 204 32.33 -25.67 -63.91
N MET L 205 32.80 -24.56 -63.35
CA MET L 205 32.05 -23.87 -62.30
C MET L 205 30.87 -23.09 -62.84
N GLY L 206 30.87 -22.76 -64.13
CA GLY L 206 29.78 -22.00 -64.69
C GLY L 206 28.53 -22.81 -64.95
N LEU L 207 28.69 -24.10 -65.26
CA LEU L 207 27.50 -24.93 -65.46
C LEU L 207 26.83 -25.23 -64.13
N LYS L 208 27.61 -25.39 -63.07
CA LYS L 208 27.02 -25.69 -61.77
C LYS L 208 26.33 -24.48 -61.15
N ILE L 209 26.71 -23.27 -61.56
CA ILE L 209 26.06 -22.08 -61.02
C ILE L 209 24.88 -21.65 -61.90
N ARG L 210 24.85 -22.07 -63.17
CA ARG L 210 23.69 -21.80 -64.01
C ARG L 210 22.50 -22.65 -63.59
N GLN L 211 22.76 -23.82 -63.03
CA GLN L 211 21.67 -24.71 -62.63
C GLN L 211 21.04 -24.26 -61.32
N LEU L 212 21.84 -23.74 -60.38
CA LEU L 212 21.29 -23.24 -59.13
C LEU L 212 20.44 -22.00 -59.35
N LEU L 213 20.82 -21.16 -60.29
CA LEU L 213 20.02 -19.97 -60.56
C LEU L 213 18.76 -20.33 -61.34
N TRP L 214 18.85 -21.31 -62.25
CA TRP L 214 17.67 -21.69 -63.03
C TRP L 214 16.65 -22.42 -62.17
N PHE L 215 17.11 -23.31 -61.31
CA PHE L 215 16.19 -24.14 -60.54
C PHE L 215 15.48 -23.34 -59.47
N HIS L 216 16.19 -22.41 -58.83
CA HIS L 216 15.61 -21.68 -57.72
C HIS L 216 14.70 -20.55 -58.18
N ILE L 217 14.98 -19.97 -59.34
CA ILE L 217 14.07 -18.97 -59.90
C ILE L 217 12.78 -19.62 -60.34
N SER L 218 12.89 -20.75 -61.03
CA SER L 218 11.71 -21.46 -61.52
C SER L 218 10.94 -22.15 -60.40
N CYS L 219 11.54 -22.33 -59.22
CA CYS L 219 10.76 -22.77 -58.08
C CYS L 219 9.93 -21.64 -57.50
N LEU L 220 10.47 -20.43 -57.47
CA LEU L 220 9.73 -19.31 -56.92
C LEU L 220 8.68 -18.79 -57.89
N THR L 221 8.94 -18.90 -59.18
CA THR L 221 8.01 -18.38 -60.18
C THR L 221 6.88 -19.36 -60.46
N PHE L 222 7.22 -20.60 -60.78
CA PHE L 222 6.25 -21.59 -61.22
C PHE L 222 5.93 -22.64 -60.17
N GLY L 223 6.40 -22.46 -58.94
CA GLY L 223 6.11 -23.48 -57.97
C GLY L 223 7.19 -24.54 -57.93
N ARG L 224 7.36 -25.14 -56.76
CA ARG L 224 8.40 -26.15 -56.59
C ARG L 224 8.00 -27.49 -57.19
N GLU L 225 6.71 -27.82 -57.17
CA GLU L 225 6.27 -29.11 -57.67
C GLU L 225 6.16 -29.14 -59.18
N THR L 226 5.90 -28.00 -59.82
CA THR L 226 5.73 -27.97 -61.26
C THR L 226 7.07 -28.12 -61.97
N VAL L 227 8.13 -27.51 -61.44
CA VAL L 227 9.44 -27.62 -62.07
C VAL L 227 10.02 -29.02 -61.86
N LEU L 228 9.60 -29.72 -60.81
CA LEU L 228 10.06 -31.09 -60.62
C LEU L 228 9.37 -32.05 -61.59
N GLU L 229 8.12 -31.76 -61.94
CA GLU L 229 7.47 -32.50 -63.03
C GLU L 229 7.84 -31.95 -64.40
N TYR L 230 8.57 -30.85 -64.46
CA TYR L 230 9.05 -30.32 -65.73
C TYR L 230 10.38 -30.91 -66.12
N LEU L 231 11.26 -31.15 -65.15
CA LEU L 231 12.55 -31.77 -65.44
C LEU L 231 12.37 -33.21 -65.90
N VAL L 232 11.32 -33.88 -65.45
CA VAL L 232 11.03 -35.24 -65.90
C VAL L 232 10.42 -35.23 -67.30
N SER L 233 9.48 -34.33 -67.56
CA SER L 233 8.76 -34.35 -68.82
C SER L 233 9.63 -33.83 -69.96
N PHE L 234 10.37 -32.75 -69.73
CA PHE L 234 11.26 -32.25 -70.76
C PHE L 234 12.47 -33.15 -70.94
N GLY L 235 12.88 -33.85 -69.88
CA GLY L 235 14.04 -34.71 -69.97
C GLY L 235 13.84 -35.92 -70.85
N VAL L 236 12.63 -36.47 -70.86
CA VAL L 236 12.33 -37.57 -71.79
C VAL L 236 12.00 -37.06 -73.18
N TRP L 237 11.80 -35.74 -73.34
CA TRP L 237 11.44 -35.22 -74.64
C TRP L 237 12.62 -35.19 -75.60
N ILE L 238 13.82 -34.91 -75.10
CA ILE L 238 15.00 -35.04 -75.94
C ILE L 238 15.27 -36.51 -76.22
N ARG L 239 14.99 -37.37 -75.24
CA ARG L 239 15.32 -38.79 -75.35
C ARG L 239 14.48 -39.52 -76.38
N THR L 240 13.23 -39.12 -76.56
CA THR L 240 12.38 -39.71 -77.59
C THR L 240 12.90 -39.33 -78.97
N PRO L 241 12.65 -40.16 -80.00
CA PRO L 241 13.08 -39.80 -81.35
C PRO L 241 12.23 -38.66 -81.87
N PRO L 242 12.76 -37.86 -82.80
CA PRO L 242 12.08 -36.63 -83.21
C PRO L 242 10.89 -36.83 -84.13
N ALA L 243 10.43 -38.05 -84.37
CA ALA L 243 9.25 -38.28 -85.18
C ALA L 243 8.04 -38.72 -84.37
N TYR L 244 8.24 -39.25 -83.17
CA TYR L 244 7.17 -39.76 -82.33
C TYR L 244 7.03 -38.98 -81.04
N ARG L 245 7.59 -37.78 -81.00
CA ARG L 245 7.55 -36.87 -79.87
C ARG L 245 6.72 -35.64 -80.23
N PRO L 246 6.26 -34.87 -79.25
CA PRO L 246 5.52 -33.65 -79.57
C PRO L 246 6.41 -32.66 -80.30
N PRO L 247 5.83 -31.82 -81.16
CA PRO L 247 6.66 -31.07 -82.11
C PRO L 247 7.47 -29.96 -81.48
N ASN L 248 6.97 -29.34 -80.42
CA ASN L 248 7.65 -28.27 -79.73
C ASN L 248 8.04 -28.71 -78.32
N ALA L 249 9.13 -28.14 -77.82
CA ALA L 249 9.59 -28.47 -76.48
C ALA L 249 8.62 -27.91 -75.45
N PRO L 250 8.24 -28.67 -74.44
CA PRO L 250 7.15 -28.23 -73.55
C PRO L 250 7.62 -27.20 -72.53
N ILE L 251 7.70 -25.95 -72.97
CA ILE L 251 8.18 -24.86 -72.11
C ILE L 251 7.17 -24.60 -71.01
N LEU L 252 7.65 -24.06 -69.90
CA LEU L 252 6.83 -23.94 -68.70
C LEU L 252 6.37 -22.50 -68.53
N SER L 253 5.05 -22.33 -68.38
CA SER L 253 4.44 -21.02 -68.15
C SER L 253 3.05 -21.23 -67.58
N THR L 254 2.83 -20.76 -66.37
CA THR L 254 1.50 -20.78 -65.76
C THR L 254 0.70 -19.63 -66.37
N LEU L 255 0.04 -19.92 -67.49
CA LEU L 255 -0.68 -18.90 -68.24
C LEU L 255 -1.99 -19.44 -68.80
N MET L 285 22.04 -5.52 -57.95
CA MET L 285 21.46 -6.07 -56.73
C MET L 285 22.55 -6.53 -55.77
N ASP L 286 22.53 -6.01 -54.55
CA ASP L 286 23.50 -6.36 -53.52
C ASP L 286 22.75 -6.93 -52.33
N ILE L 287 23.11 -8.15 -51.93
CA ILE L 287 22.42 -8.86 -50.88
C ILE L 287 23.38 -9.07 -49.71
N ASP L 288 22.81 -9.47 -48.57
CA ASP L 288 23.53 -9.55 -47.31
C ASP L 288 23.25 -10.93 -46.73
N PRO L 289 24.26 -11.76 -46.49
CA PRO L 289 24.00 -13.15 -46.09
C PRO L 289 23.52 -13.30 -44.66
N TYR L 290 23.62 -12.29 -43.82
CA TYR L 290 23.15 -12.38 -42.45
C TYR L 290 21.89 -11.58 -42.18
N LYS L 291 21.43 -10.79 -43.15
CA LYS L 291 20.34 -9.83 -42.89
C LYS L 291 19.03 -10.53 -42.59
N GLU L 292 18.82 -11.72 -43.16
CA GLU L 292 17.65 -12.50 -42.80
C GLU L 292 17.79 -13.20 -41.45
N PHE L 293 18.99 -13.20 -40.87
CA PHE L 293 19.23 -13.88 -39.61
C PHE L 293 19.32 -12.94 -38.42
N GLY L 294 19.50 -11.65 -38.66
CA GLY L 294 19.57 -10.66 -37.61
C GLY L 294 20.84 -9.86 -37.59
N ALA L 295 21.97 -10.45 -37.98
CA ALA L 295 23.23 -9.74 -38.00
C ALA L 295 23.44 -9.10 -39.37
N THR L 296 24.55 -8.37 -39.50
CA THR L 296 24.97 -7.85 -40.80
C THR L 296 26.40 -8.27 -41.05
N VAL L 297 27.03 -7.71 -42.09
CA VAL L 297 28.47 -7.89 -42.25
C VAL L 297 29.21 -7.05 -41.23
N GLU L 298 28.61 -5.93 -40.82
CA GLU L 298 29.29 -4.99 -39.92
C GLU L 298 29.39 -5.55 -38.51
N LEU L 299 28.36 -6.25 -38.06
CA LEU L 299 28.39 -6.84 -36.72
C LEU L 299 29.35 -8.02 -36.66
N LEU L 300 29.50 -8.75 -37.76
CA LEU L 300 30.46 -9.85 -37.79
C LEU L 300 31.88 -9.34 -37.96
N SER L 301 32.06 -8.18 -38.59
CA SER L 301 33.37 -7.56 -38.66
C SER L 301 33.70 -6.75 -37.42
N PHE L 302 32.76 -6.62 -36.50
CA PHE L 302 33.02 -5.94 -35.24
C PHE L 302 33.94 -6.77 -34.36
N LEU L 303 33.85 -8.09 -34.46
CA LEU L 303 34.79 -8.99 -33.84
C LEU L 303 36.12 -8.94 -34.60
N PRO L 304 37.23 -9.34 -33.98
CA PRO L 304 38.52 -9.27 -34.67
C PRO L 304 38.61 -10.26 -35.82
N SER L 305 39.51 -9.95 -36.76
CA SER L 305 39.62 -10.74 -37.97
C SER L 305 40.25 -12.10 -37.70
N ASP L 306 41.23 -12.16 -36.80
CA ASP L 306 41.84 -13.42 -36.42
C ASP L 306 41.22 -14.02 -35.17
N PHE L 307 39.93 -13.77 -34.93
CA PHE L 307 39.22 -14.49 -33.89
C PHE L 307 38.65 -15.79 -34.43
N PHE L 308 38.22 -15.79 -35.69
CA PHE L 308 37.56 -16.95 -36.26
C PHE L 308 38.59 -18.02 -36.56
N PRO L 309 38.26 -19.30 -36.33
CA PRO L 309 39.26 -20.37 -36.48
C PRO L 309 39.66 -20.66 -37.91
N SER L 310 40.53 -21.65 -38.09
CA SER L 310 40.95 -22.03 -39.42
C SER L 310 39.80 -22.72 -40.17
N VAL L 311 39.92 -22.75 -41.49
CA VAL L 311 38.86 -23.31 -42.31
C VAL L 311 38.83 -24.83 -42.17
N ARG L 312 39.99 -25.44 -41.97
CA ARG L 312 40.02 -26.88 -41.70
C ARG L 312 39.49 -27.20 -40.32
N ASP L 313 39.56 -26.25 -39.38
CA ASP L 313 39.02 -26.46 -38.05
C ASP L 313 37.51 -26.33 -38.00
N LEU L 314 36.90 -25.69 -38.99
CA LEU L 314 35.47 -25.45 -38.98
C LEU L 314 34.69 -26.40 -39.85
N LEU L 315 35.31 -26.97 -40.89
CA LEU L 315 34.61 -27.91 -41.74
C LEU L 315 34.35 -29.23 -41.02
N ASP L 316 35.34 -29.70 -40.26
CA ASP L 316 35.19 -30.96 -39.55
C ASP L 316 34.36 -30.83 -38.28
N THR L 317 34.08 -29.60 -37.84
CA THR L 317 33.14 -29.43 -36.74
C THR L 317 31.72 -29.72 -37.20
N ALA L 318 31.37 -29.27 -38.41
CA ALA L 318 30.07 -29.62 -38.98
C ALA L 318 30.00 -31.10 -39.30
N SER L 319 31.11 -31.70 -39.73
CA SER L 319 31.15 -33.12 -40.01
C SER L 319 31.15 -33.97 -38.75
N ALA L 320 31.46 -33.39 -37.60
CA ALA L 320 31.41 -34.13 -36.34
C ALA L 320 30.17 -33.82 -35.52
N LEU L 321 29.36 -32.85 -35.94
CA LEU L 321 28.15 -32.50 -35.22
C LEU L 321 26.89 -32.64 -36.06
N TYR L 322 26.93 -32.30 -37.35
CA TYR L 322 25.72 -32.30 -38.15
C TYR L 322 25.91 -32.96 -39.51
N ARG L 323 26.79 -33.96 -39.60
CA ARG L 323 26.98 -34.64 -40.87
C ARG L 323 25.74 -35.43 -41.27
N GLU L 324 25.08 -36.03 -40.29
CA GLU L 324 23.84 -36.77 -40.53
C GLU L 324 22.62 -35.86 -40.66
N ALA L 325 22.78 -34.55 -40.54
CA ALA L 325 21.69 -33.61 -40.72
C ALA L 325 21.91 -32.64 -41.86
N LEU L 326 23.15 -32.41 -42.27
CA LEU L 326 23.39 -31.60 -43.46
C LEU L 326 23.09 -32.38 -44.74
N GLU L 327 23.33 -33.68 -44.73
CA GLU L 327 23.02 -34.53 -45.87
C GLU L 327 21.61 -35.11 -45.79
N SER L 328 20.77 -34.58 -44.93
CA SER L 328 19.39 -35.02 -44.83
C SER L 328 18.59 -34.52 -46.04
N PRO L 329 17.53 -35.24 -46.44
CA PRO L 329 16.68 -34.74 -47.53
C PRO L 329 15.63 -33.74 -47.07
N GLU L 330 15.81 -33.17 -45.88
CA GLU L 330 14.88 -32.19 -45.33
C GLU L 330 15.65 -31.02 -44.78
N HIS L 331 15.26 -29.80 -45.17
CA HIS L 331 15.84 -28.60 -44.59
C HIS L 331 15.29 -28.44 -43.18
N CYS L 332 16.12 -28.80 -42.20
CA CYS L 332 15.69 -28.77 -40.82
C CYS L 332 15.56 -27.36 -40.27
N SER L 333 16.28 -26.40 -40.86
CA SER L 333 16.30 -25.03 -40.39
C SER L 333 16.83 -24.15 -41.50
N PRO L 334 16.49 -22.86 -41.53
CA PRO L 334 17.16 -21.95 -42.47
C PRO L 334 18.64 -21.78 -42.19
N HIS L 335 19.11 -22.09 -40.99
CA HIS L 335 20.55 -22.17 -40.76
C HIS L 335 21.16 -23.35 -41.49
N HIS L 336 20.42 -24.45 -41.62
CA HIS L 336 20.95 -25.61 -42.33
C HIS L 336 21.03 -25.36 -43.83
N THR L 337 20.03 -24.67 -44.39
CA THR L 337 20.02 -24.39 -45.82
C THR L 337 21.14 -23.42 -46.18
N ALA L 338 21.36 -22.40 -45.35
CA ALA L 338 22.46 -21.47 -45.59
C ALA L 338 23.81 -22.10 -45.32
N LEU L 339 23.86 -23.19 -44.56
CA LEU L 339 25.13 -23.86 -44.30
C LEU L 339 25.48 -24.90 -45.34
N ARG L 340 24.46 -25.54 -45.97
CA ARG L 340 24.73 -26.48 -47.04
C ARG L 340 25.35 -25.78 -48.25
N GLN L 341 24.99 -24.53 -48.49
CA GLN L 341 25.60 -23.78 -49.59
C GLN L 341 27.02 -23.37 -49.27
N ALA L 342 27.34 -23.13 -48.00
CA ALA L 342 28.66 -22.61 -47.66
C ALA L 342 29.73 -23.67 -47.77
N ILE L 343 29.40 -24.93 -47.48
CA ILE L 343 30.38 -26.00 -47.66
C ILE L 343 30.65 -26.23 -49.14
N LEU L 344 29.60 -26.16 -49.96
CA LEU L 344 29.76 -26.32 -51.40
C LEU L 344 30.35 -25.09 -52.06
N CYS L 345 30.18 -23.90 -51.47
CA CYS L 345 30.80 -22.72 -52.04
C CYS L 345 32.31 -22.74 -51.85
N TRP L 346 32.76 -23.17 -50.66
CA TRP L 346 34.19 -23.31 -50.43
C TRP L 346 34.76 -24.50 -51.19
N GLY L 347 33.92 -25.50 -51.47
CA GLY L 347 34.39 -26.65 -52.23
C GLY L 347 34.75 -26.31 -53.66
N GLU L 348 33.92 -25.51 -54.33
CA GLU L 348 34.25 -25.06 -55.67
C GLU L 348 35.19 -23.88 -55.66
N LEU L 349 35.35 -23.21 -54.52
CA LEU L 349 36.36 -22.16 -54.44
C LEU L 349 37.75 -22.76 -54.32
N MET L 350 37.90 -23.82 -53.55
CA MET L 350 39.20 -24.48 -53.46
C MET L 350 39.51 -25.29 -54.70
N THR L 351 38.48 -25.78 -55.40
CA THR L 351 38.70 -26.54 -56.62
C THR L 351 39.29 -25.66 -57.72
N LEU L 352 38.83 -24.41 -57.80
CA LEU L 352 39.44 -23.46 -58.72
C LEU L 352 40.86 -23.11 -58.29
N ALA L 353 41.13 -23.10 -56.99
CA ALA L 353 42.44 -22.70 -56.50
C ALA L 353 43.50 -23.77 -56.79
N THR L 354 43.12 -25.05 -56.80
CA THR L 354 44.10 -26.07 -57.16
C THR L 354 44.37 -26.08 -58.65
N TRP L 355 43.39 -25.69 -59.48
CA TRP L 355 43.61 -25.70 -60.93
C TRP L 355 44.58 -24.60 -61.34
N VAL L 356 44.43 -23.40 -60.78
CA VAL L 356 45.37 -22.33 -61.08
C VAL L 356 46.71 -22.60 -60.40
N GLY L 357 46.73 -23.41 -59.34
CA GLY L 357 48.00 -23.85 -58.78
C GLY L 357 48.75 -24.80 -59.68
N ASN L 358 48.03 -25.57 -60.49
CA ASN L 358 48.67 -26.40 -61.50
C ASN L 358 48.86 -25.68 -62.82
N ASN L 359 48.16 -24.56 -63.04
CA ASN L 359 48.27 -23.84 -64.29
C ASN L 359 49.50 -22.92 -64.30
N LEU L 360 49.53 -21.95 -63.39
CA LEU L 360 50.62 -21.00 -63.34
C LEU L 360 51.26 -20.95 -61.96
N ASP L 372 52.94 -20.61 -53.48
CA ASP L 372 51.66 -20.48 -54.17
C ASP L 372 50.99 -19.18 -53.74
N LEU L 373 50.98 -18.18 -54.63
CA LEU L 373 50.45 -16.88 -54.28
C LEU L 373 48.93 -16.89 -54.18
N VAL L 374 48.27 -17.74 -54.97
CA VAL L 374 46.80 -17.70 -55.05
C VAL L 374 46.17 -18.21 -53.74
N VAL L 375 46.74 -19.25 -53.14
CA VAL L 375 46.20 -19.75 -51.88
C VAL L 375 46.55 -18.80 -50.74
N ASN L 376 47.57 -17.97 -50.90
CA ASN L 376 47.78 -16.87 -49.97
C ASN L 376 46.82 -15.74 -50.23
N TYR L 377 46.33 -15.62 -51.47
CA TYR L 377 45.37 -14.57 -51.80
C TYR L 377 43.96 -14.94 -51.35
N VAL L 378 43.60 -16.22 -51.48
CA VAL L 378 42.25 -16.66 -51.13
C VAL L 378 42.01 -16.55 -49.63
N ASN L 379 43.01 -16.90 -48.82
CA ASN L 379 42.84 -16.87 -47.38
C ASN L 379 42.80 -15.47 -46.80
N THR L 380 43.23 -14.46 -47.58
CA THR L 380 43.21 -13.10 -47.06
C THR L 380 41.81 -12.51 -47.09
N ASN L 381 41.17 -12.48 -48.27
CA ASN L 381 39.90 -11.79 -48.42
C ASN L 381 38.74 -12.68 -48.82
N MET L 382 38.98 -13.92 -49.21
CA MET L 382 37.88 -14.84 -49.45
C MET L 382 37.80 -15.93 -48.40
N GLY L 383 38.96 -16.41 -47.94
CA GLY L 383 38.95 -17.38 -46.85
C GLY L 383 38.51 -16.79 -45.54
N LEU L 384 38.78 -15.50 -45.33
CA LEU L 384 38.28 -14.82 -44.14
C LEU L 384 36.76 -14.67 -44.21
N LYS L 385 36.23 -14.37 -45.39
CA LYS L 385 34.78 -14.20 -45.54
C LYS L 385 34.04 -15.52 -45.37
N ILE L 386 34.69 -16.64 -45.66
CA ILE L 386 34.06 -17.94 -45.45
C ILE L 386 34.04 -18.28 -43.97
N ARG L 387 35.12 -17.97 -43.26
CA ARG L 387 35.22 -18.27 -41.82
C ARG L 387 34.21 -17.48 -40.99
N GLN L 388 33.67 -16.39 -41.51
CA GLN L 388 32.65 -15.64 -40.79
C GLN L 388 31.37 -16.47 -40.67
N LEU L 389 30.75 -16.80 -41.81
CA LEU L 389 29.46 -17.48 -41.78
C LEU L 389 29.59 -18.97 -41.51
N LEU L 390 30.80 -19.55 -41.61
CA LEU L 390 30.98 -20.91 -41.15
C LEU L 390 30.98 -20.96 -39.63
N TRP L 391 31.65 -20.01 -38.98
CA TRP L 391 31.57 -19.92 -37.52
C TRP L 391 30.19 -19.51 -37.07
N PHE L 392 29.53 -18.64 -37.84
CA PHE L 392 28.27 -18.07 -37.41
C PHE L 392 27.15 -19.09 -37.46
N HIS L 393 27.08 -19.88 -38.54
CA HIS L 393 25.98 -20.82 -38.67
C HIS L 393 26.19 -22.06 -37.82
N ILE L 394 27.45 -22.43 -37.54
CA ILE L 394 27.69 -23.55 -36.64
C ILE L 394 27.31 -23.17 -35.22
N SER L 395 27.66 -21.96 -34.80
CA SER L 395 27.34 -21.50 -33.44
C SER L 395 25.85 -21.24 -33.27
N CYS L 396 25.17 -20.81 -34.33
CA CYS L 396 23.73 -20.62 -34.22
C CYS L 396 22.97 -21.93 -34.18
N LEU L 397 23.53 -23.01 -34.72
CA LEU L 397 22.89 -24.30 -34.60
C LEU L 397 23.15 -24.91 -33.23
N THR L 398 24.35 -24.69 -32.69
CA THR L 398 24.70 -25.28 -31.41
C THR L 398 24.09 -24.50 -30.25
N PHE L 399 24.21 -23.17 -30.27
CA PHE L 399 23.85 -22.35 -29.13
C PHE L 399 22.60 -21.50 -29.35
N GLY L 400 21.97 -21.59 -30.50
CA GLY L 400 20.79 -20.77 -30.73
C GLY L 400 21.12 -19.46 -31.40
N ARG L 401 20.20 -18.99 -32.23
CA ARG L 401 20.40 -17.72 -32.93
C ARG L 401 20.29 -16.54 -31.98
N GLU L 402 19.50 -16.67 -30.93
CA GLU L 402 19.29 -15.61 -29.95
C GLU L 402 20.40 -15.51 -28.92
N THR L 403 21.48 -16.24 -29.07
CA THR L 403 22.60 -16.22 -28.15
C THR L 403 23.89 -15.77 -28.81
N VAL L 404 24.10 -16.16 -30.07
CA VAL L 404 25.29 -15.72 -30.80
C VAL L 404 25.24 -14.22 -31.06
N LEU L 405 24.03 -13.68 -31.27
CA LEU L 405 23.90 -12.24 -31.51
C LEU L 405 24.23 -11.43 -30.25
N GLU L 406 23.95 -11.99 -29.07
CA GLU L 406 24.43 -11.35 -27.85
C GLU L 406 25.90 -11.63 -27.59
N TYR L 407 26.45 -12.69 -28.17
CA TYR L 407 27.88 -12.94 -28.00
C TYR L 407 28.71 -11.96 -28.80
N LEU L 408 28.23 -11.60 -30.00
CA LEU L 408 28.95 -10.62 -30.81
C LEU L 408 28.94 -9.24 -30.17
N VAL L 409 27.87 -8.92 -29.47
CA VAL L 409 27.80 -7.65 -28.75
C VAL L 409 28.67 -7.70 -27.51
N SER L 410 28.65 -8.82 -26.77
CA SER L 410 29.40 -8.91 -25.53
C SER L 410 30.89 -8.97 -25.78
N PHE L 411 31.32 -9.78 -26.75
CA PHE L 411 32.74 -9.88 -27.04
C PHE L 411 33.25 -8.65 -27.77
N GLY L 412 32.39 -7.96 -28.52
CA GLY L 412 32.85 -6.81 -29.27
C GLY L 412 33.17 -5.62 -28.37
N VAL L 413 32.38 -5.42 -27.32
CA VAL L 413 32.69 -4.39 -26.35
C VAL L 413 33.92 -4.78 -25.54
N TRP L 414 34.10 -6.08 -25.27
CA TRP L 414 35.18 -6.54 -24.41
C TRP L 414 36.55 -6.29 -25.02
N ILE L 415 36.68 -6.44 -26.33
CA ILE L 415 37.96 -6.19 -26.97
C ILE L 415 38.24 -4.70 -27.08
N ARG L 416 37.22 -3.85 -26.98
CA ARG L 416 37.42 -2.42 -27.11
C ARG L 416 37.82 -1.75 -25.81
N THR L 417 37.35 -2.25 -24.67
CA THR L 417 37.64 -1.64 -23.38
C THR L 417 39.12 -1.79 -23.03
N PRO L 418 39.68 -0.87 -22.23
CA PRO L 418 41.07 -1.01 -21.82
C PRO L 418 41.25 -2.20 -20.89
N PRO L 419 42.44 -2.80 -20.86
CA PRO L 419 42.60 -4.08 -20.15
C PRO L 419 42.53 -3.98 -18.64
N ALA L 420 42.57 -2.79 -18.07
CA ALA L 420 42.53 -2.68 -16.61
C ALA L 420 41.11 -2.62 -16.06
N TYR L 421 40.11 -2.51 -16.93
CA TYR L 421 38.73 -2.33 -16.49
C TYR L 421 37.78 -3.29 -17.17
N ARG L 422 38.29 -4.29 -17.89
CA ARG L 422 37.56 -5.38 -18.50
C ARG L 422 37.58 -6.58 -17.56
N PRO L 423 36.67 -7.55 -17.75
CA PRO L 423 36.82 -8.82 -17.05
C PRO L 423 38.10 -9.51 -17.50
N PRO L 424 38.72 -10.30 -16.63
CA PRO L 424 40.09 -10.76 -16.90
C PRO L 424 40.17 -11.79 -18.00
N ASN L 425 39.17 -12.65 -18.14
CA ASN L 425 39.13 -13.62 -19.22
C ASN L 425 38.09 -13.20 -20.26
N ALA L 426 38.38 -13.53 -21.51
CA ALA L 426 37.51 -13.17 -22.62
C ALA L 426 36.18 -13.91 -22.51
N PRO L 427 35.08 -13.29 -22.91
CA PRO L 427 33.79 -13.97 -22.87
C PRO L 427 33.74 -15.06 -23.94
N ILE L 428 33.25 -16.22 -23.54
CA ILE L 428 33.19 -17.38 -24.42
C ILE L 428 31.81 -17.99 -24.27
N LEU L 429 31.33 -18.59 -25.34
CA LEU L 429 30.03 -19.25 -25.34
C LEU L 429 30.18 -20.73 -25.03
N SER L 430 29.27 -21.24 -24.22
CA SER L 430 29.27 -22.64 -23.80
C SER L 430 27.85 -23.00 -23.40
N THR L 431 27.66 -24.26 -23.04
CA THR L 431 26.34 -24.76 -22.68
C THR L 431 26.22 -24.90 -21.17
N MET M 1 -4.48 14.19 -82.64
CA MET M 1 -5.13 14.10 -81.35
C MET M 1 -4.64 15.21 -80.42
N ASP M 2 -5.46 16.23 -80.25
CA ASP M 2 -5.13 17.38 -79.41
C ASP M 2 -5.42 17.03 -77.95
N ILE M 3 -4.36 16.72 -77.20
CA ILE M 3 -4.49 16.19 -75.84
C ILE M 3 -3.87 17.19 -74.88
N ASP M 4 -4.57 17.45 -73.78
CA ASP M 4 -4.16 18.42 -72.78
C ASP M 4 -3.56 17.73 -71.56
N PRO M 5 -2.44 18.22 -71.03
CA PRO M 5 -1.82 17.54 -69.89
C PRO M 5 -2.40 17.97 -68.55
N TYR M 6 -2.97 19.16 -68.46
CA TYR M 6 -3.52 19.66 -67.21
C TYR M 6 -5.02 19.49 -67.10
N LYS M 7 -5.66 18.90 -68.12
CA LYS M 7 -7.12 18.89 -68.19
C LYS M 7 -7.74 18.03 -67.09
N GLU M 8 -7.09 16.92 -66.76
CA GLU M 8 -7.63 16.02 -65.75
C GLU M 8 -7.46 16.54 -64.33
N PHE M 9 -6.70 17.61 -64.13
CA PHE M 9 -6.48 18.16 -62.81
C PHE M 9 -7.37 19.35 -62.50
N GLY M 10 -7.93 19.99 -63.51
CA GLY M 10 -8.82 21.11 -63.30
C GLY M 10 -8.46 22.30 -64.16
N ALA M 11 -7.17 22.50 -64.37
CA ALA M 11 -6.72 23.61 -65.19
C ALA M 11 -6.79 23.25 -66.66
N THR M 12 -6.52 24.23 -67.50
CA THR M 12 -6.25 24.04 -68.91
C THR M 12 -4.93 24.71 -69.26
N VAL M 13 -4.49 24.50 -70.51
CA VAL M 13 -3.31 25.21 -70.96
C VAL M 13 -3.64 26.69 -71.22
N GLU M 14 -4.92 27.02 -71.41
CA GLU M 14 -5.32 28.42 -71.48
C GLU M 14 -5.21 29.07 -70.11
N LEU M 15 -5.70 28.40 -69.07
CA LEU M 15 -5.71 28.94 -67.72
C LEU M 15 -4.31 29.07 -67.14
N LEU M 16 -3.36 28.28 -67.62
CA LEU M 16 -1.99 28.35 -67.15
C LEU M 16 -1.15 29.30 -67.98
N SER M 17 -1.69 29.82 -69.07
CA SER M 17 -1.01 30.87 -69.82
C SER M 17 -1.26 32.26 -69.26
N PHE M 18 -1.96 32.36 -68.13
CA PHE M 18 -2.07 33.62 -67.42
C PHE M 18 -0.71 34.08 -66.92
N LEU M 19 0.07 33.15 -66.38
CA LEU M 19 1.41 33.45 -65.93
C LEU M 19 2.31 33.75 -67.13
N PRO M 20 3.30 34.61 -66.96
CA PRO M 20 4.18 34.93 -68.09
C PRO M 20 5.15 33.80 -68.41
N SER M 21 5.98 34.01 -69.44
CA SER M 21 6.96 33.00 -69.80
C SER M 21 8.10 32.95 -68.79
N ASP M 22 8.55 34.11 -68.32
CA ASP M 22 9.68 34.22 -67.42
C ASP M 22 9.28 34.11 -65.96
N PHE M 23 8.12 33.54 -65.66
CA PHE M 23 7.71 33.36 -64.27
C PHE M 23 8.27 32.09 -63.65
N PHE M 24 8.41 31.06 -64.42
CA PHE M 24 8.72 29.76 -63.86
C PHE M 24 10.19 29.64 -63.51
N PRO M 25 10.52 28.86 -62.48
CA PRO M 25 11.94 28.59 -62.19
C PRO M 25 12.55 27.70 -63.26
N SER M 26 13.88 27.62 -63.22
CA SER M 26 14.58 26.82 -64.21
C SER M 26 14.38 25.34 -63.93
N VAL M 27 14.76 24.51 -64.90
CA VAL M 27 14.55 23.08 -64.78
C VAL M 27 15.46 22.49 -63.72
N ARG M 28 16.69 23.01 -63.62
CA ARG M 28 17.57 22.63 -62.52
C ARG M 28 17.03 23.12 -61.18
N ASP M 29 16.30 24.21 -61.18
CA ASP M 29 15.77 24.79 -59.95
C ASP M 29 14.53 24.05 -59.46
N LEU M 30 13.83 23.36 -60.36
CA LEU M 30 12.64 22.61 -59.99
C LEU M 30 12.90 21.14 -59.74
N LEU M 31 13.93 20.56 -60.36
CA LEU M 31 14.18 19.13 -60.23
C LEU M 31 14.69 18.79 -58.84
N ASP M 32 15.58 19.63 -58.30
CA ASP M 32 16.07 19.39 -56.94
C ASP M 32 15.03 19.72 -55.88
N THR M 33 14.02 20.51 -56.23
CA THR M 33 12.89 20.71 -55.32
C THR M 33 12.10 19.41 -55.14
N ALA M 34 11.89 18.67 -56.22
CA ALA M 34 11.27 17.35 -56.09
C ALA M 34 12.22 16.39 -55.41
N SER M 35 13.53 16.53 -55.67
CA SER M 35 14.51 15.66 -55.04
C SER M 35 14.69 15.95 -53.57
N ALA M 36 14.30 17.13 -53.10
CA ALA M 36 14.41 17.45 -51.68
C ALA M 36 13.16 17.07 -50.91
N LEU M 37 11.99 17.35 -51.47
CA LEU M 37 10.76 17.20 -50.71
C LEU M 37 10.28 15.76 -50.67
N TYR M 38 10.03 15.16 -51.83
CA TYR M 38 9.50 13.81 -51.90
C TYR M 38 10.17 12.98 -52.98
N ARG M 39 11.50 12.96 -52.98
CA ARG M 39 12.23 11.99 -53.79
C ARG M 39 11.95 10.57 -53.31
N GLU M 40 11.83 10.39 -52.00
CA GLU M 40 11.56 9.08 -51.42
C GLU M 40 10.16 8.57 -51.71
N ALA M 41 9.24 9.43 -52.15
CA ALA M 41 7.90 9.01 -52.54
C ALA M 41 7.74 8.81 -54.03
N LEU M 42 8.53 9.53 -54.84
CA LEU M 42 8.50 9.31 -56.28
C LEU M 42 9.10 7.96 -56.64
N GLU M 43 10.24 7.62 -56.02
CA GLU M 43 10.89 6.33 -56.25
C GLU M 43 10.29 5.28 -55.33
N SER M 44 9.04 4.91 -55.62
CA SER M 44 8.37 3.93 -54.80
C SER M 44 7.31 3.25 -55.65
N PRO M 45 7.11 1.95 -55.51
CA PRO M 45 6.04 1.28 -56.27
C PRO M 45 4.66 1.58 -55.71
N GLU M 46 4.17 2.80 -55.92
CA GLU M 46 2.93 3.20 -55.31
C GLU M 46 2.21 4.21 -56.19
N HIS M 47 0.88 4.19 -56.11
CA HIS M 47 -0.02 5.09 -56.83
C HIS M 47 -0.55 6.17 -55.92
N CYS M 48 0.31 6.78 -55.12
CA CYS M 48 -0.11 7.60 -53.98
C CYS M 48 -0.85 8.87 -54.40
N SER M 49 -0.60 9.38 -55.61
CA SER M 49 -1.37 10.50 -56.12
C SER M 49 -1.31 10.47 -57.64
N PRO M 50 -2.34 10.97 -58.32
CA PRO M 50 -2.21 11.17 -59.77
C PRO M 50 -1.28 12.31 -60.14
N HIS M 51 -0.98 13.21 -59.20
CA HIS M 51 0.07 14.18 -59.45
C HIS M 51 1.44 13.53 -59.46
N HIS M 52 1.59 12.44 -58.71
CA HIS M 52 2.86 11.72 -58.72
C HIS M 52 3.10 11.04 -60.06
N THR M 53 2.07 10.35 -60.58
CA THR M 53 2.21 9.64 -61.85
C THR M 53 2.43 10.58 -63.02
N ALA M 54 1.91 11.80 -62.93
CA ALA M 54 2.23 12.81 -63.93
C ALA M 54 3.61 13.39 -63.72
N LEU M 55 4.19 13.24 -62.54
CA LEU M 55 5.53 13.75 -62.27
C LEU M 55 6.63 12.72 -62.53
N ARG M 56 6.30 11.43 -62.49
CA ARG M 56 7.24 10.41 -62.94
C ARG M 56 7.56 10.59 -64.42
N GLN M 57 6.52 10.72 -65.25
CA GLN M 57 6.75 10.85 -66.69
C GLN M 57 7.20 12.25 -67.08
N ALA M 58 7.09 13.23 -66.19
CA ALA M 58 7.56 14.57 -66.53
C ALA M 58 9.08 14.67 -66.40
N ILE M 59 9.64 14.06 -65.36
CA ILE M 59 11.08 14.09 -65.16
C ILE M 59 11.78 13.22 -66.19
N LEU M 60 11.23 12.03 -66.45
CA LEU M 60 11.83 11.13 -67.41
C LEU M 60 11.66 11.61 -68.84
N CYS M 61 10.70 12.49 -69.11
CA CYS M 61 10.63 13.13 -70.41
C CYS M 61 11.78 14.10 -70.59
N TRP M 62 12.15 14.81 -69.54
CA TRP M 62 13.27 15.75 -69.63
C TRP M 62 14.60 15.03 -69.75
N GLY M 63 14.73 13.87 -69.10
CA GLY M 63 15.95 13.09 -69.24
C GLY M 63 16.11 12.49 -70.62
N GLU M 64 15.00 12.09 -71.24
CA GLU M 64 15.04 11.61 -72.61
C GLU M 64 15.16 12.75 -73.61
N LEU M 65 15.00 13.99 -73.18
CA LEU M 65 15.07 15.11 -74.09
C LEU M 65 16.39 15.85 -74.02
N MET M 66 17.02 15.89 -72.85
CA MET M 66 18.37 16.45 -72.77
C MET M 66 19.40 15.50 -73.36
N THR M 67 19.11 14.20 -73.34
CA THR M 67 20.00 13.24 -74.00
C THR M 67 19.97 13.42 -75.52
N LEU M 68 18.82 13.84 -76.06
CA LEU M 68 18.76 14.19 -77.46
C LEU M 68 19.54 15.47 -77.75
N ALA M 69 19.50 16.42 -76.83
CA ALA M 69 20.22 17.68 -77.02
C ALA M 69 21.71 17.53 -76.79
N THR M 70 22.12 16.64 -75.89
CA THR M 70 23.55 16.41 -75.66
C THR M 70 24.18 15.74 -76.87
N TRP M 71 23.43 14.85 -77.53
CA TRP M 71 23.96 14.15 -78.69
C TRP M 71 24.15 15.09 -79.87
N VAL M 72 23.16 15.94 -80.16
CA VAL M 72 23.26 16.83 -81.31
C VAL M 72 24.28 17.93 -81.04
N GLY M 73 24.51 18.25 -79.76
CA GLY M 73 25.56 19.20 -79.40
C GLY M 73 26.96 18.69 -79.68
N ASN M 74 27.13 17.39 -79.82
CA ASN M 74 28.40 16.81 -80.24
C ASN M 74 28.44 16.48 -81.72
N ASN M 75 27.34 16.69 -82.44
CA ASN M 75 27.24 16.32 -83.85
C ASN M 75 26.60 17.44 -84.65
N LEU M 76 27.08 18.67 -84.46
CA LEU M 76 26.63 19.82 -85.26
C LEU M 76 27.02 19.65 -86.73
N ASP M 195 25.51 24.87 -80.04
CA ASP M 195 25.16 26.15 -79.41
C ASP M 195 23.73 26.53 -79.72
N LEU M 196 23.31 26.31 -80.97
CA LEU M 196 21.96 26.64 -81.40
C LEU M 196 20.94 25.62 -80.91
N VAL M 197 21.38 24.40 -80.58
CA VAL M 197 20.46 23.37 -80.10
C VAL M 197 20.25 23.43 -78.59
N VAL M 198 21.06 24.19 -77.87
CA VAL M 198 20.87 24.31 -76.43
C VAL M 198 19.80 25.35 -76.12
N ASN M 199 19.94 26.55 -76.69
CA ASN M 199 18.98 27.61 -76.42
C ASN M 199 17.65 27.40 -77.12
N TYR M 200 17.59 26.54 -78.14
CA TYR M 200 16.30 26.26 -78.76
C TYR M 200 15.43 25.40 -77.86
N VAL M 201 16.04 24.50 -77.09
CA VAL M 201 15.27 23.74 -76.09
C VAL M 201 14.72 24.68 -75.03
N ASN M 202 15.53 25.64 -74.59
CA ASN M 202 15.14 26.49 -73.47
C ASN M 202 14.19 27.61 -73.85
N THR M 203 13.76 27.72 -75.10
CA THR M 203 12.78 28.75 -75.45
C THR M 203 11.39 28.22 -75.73
N ASN M 204 11.25 27.03 -76.33
CA ASN M 204 9.91 26.48 -76.53
C ASN M 204 9.80 24.99 -76.24
N MET M 205 10.90 24.27 -76.02
CA MET M 205 10.81 22.88 -75.62
C MET M 205 10.86 22.76 -74.10
N GLY M 206 11.88 23.33 -73.47
CA GLY M 206 11.99 23.30 -72.03
C GLY M 206 10.99 24.19 -71.33
N LEU M 207 10.41 25.16 -72.05
CA LEU M 207 9.39 26.01 -71.45
C LEU M 207 8.11 25.22 -71.19
N LYS M 208 7.84 24.18 -71.98
CA LYS M 208 6.73 23.28 -71.71
C LYS M 208 7.05 22.28 -70.61
N ILE M 209 8.33 22.13 -70.25
CA ILE M 209 8.69 21.25 -69.15
C ILE M 209 8.73 22.02 -67.83
N ARG M 210 9.11 23.30 -67.86
CA ARG M 210 9.07 24.10 -66.65
C ARG M 210 7.64 24.33 -66.16
N GLN M 211 6.68 24.36 -67.09
CA GLN M 211 5.28 24.51 -66.68
C GLN M 211 4.79 23.24 -66.00
N LEU M 212 5.11 22.07 -66.57
CA LEU M 212 4.66 20.82 -65.97
C LEU M 212 5.38 20.51 -64.67
N LEU M 213 6.64 20.92 -64.55
CA LEU M 213 7.34 20.68 -63.30
C LEU M 213 6.84 21.61 -62.19
N TRP M 214 6.58 22.88 -62.52
CA TRP M 214 6.10 23.82 -61.52
C TRP M 214 4.68 23.49 -61.08
N PHE M 215 3.86 22.96 -61.99
CA PHE M 215 2.46 22.73 -61.66
C PHE M 215 2.31 21.57 -60.68
N HIS M 216 2.93 20.44 -60.97
CA HIS M 216 2.72 19.26 -60.14
C HIS M 216 3.48 19.33 -58.83
N ILE M 217 4.58 20.08 -58.77
CA ILE M 217 5.27 20.29 -57.51
C ILE M 217 4.43 21.15 -56.58
N SER M 218 3.86 22.23 -57.12
CA SER M 218 3.02 23.09 -56.31
C SER M 218 1.68 22.45 -55.98
N CYS M 219 1.20 21.54 -56.84
CA CYS M 219 -0.03 20.82 -56.51
C CYS M 219 0.22 19.70 -55.51
N LEU M 220 1.42 19.13 -55.50
CA LEU M 220 1.73 18.16 -54.46
C LEU M 220 2.03 18.83 -53.14
N THR M 221 2.64 20.01 -53.17
CA THR M 221 2.98 20.69 -51.94
C THR M 221 1.76 21.37 -51.32
N PHE M 222 1.18 22.31 -52.04
CA PHE M 222 0.13 23.17 -51.51
C PHE M 222 -1.27 22.68 -51.84
N GLY M 223 -1.41 21.44 -52.27
CA GLY M 223 -2.71 20.94 -52.65
C GLY M 223 -3.09 21.33 -54.07
N ARG M 224 -4.06 20.61 -54.62
CA ARG M 224 -4.45 20.86 -56.00
C ARG M 224 -5.31 22.11 -56.11
N GLU M 225 -6.21 22.32 -55.15
CA GLU M 225 -7.17 23.40 -55.26
C GLU M 225 -6.52 24.77 -55.07
N THR M 226 -5.49 24.85 -54.23
CA THR M 226 -4.87 26.13 -53.96
C THR M 226 -4.09 26.65 -55.17
N VAL M 227 -3.51 25.76 -55.96
CA VAL M 227 -2.86 26.20 -57.19
C VAL M 227 -3.89 26.68 -58.20
N LEU M 228 -5.03 26.00 -58.28
CA LEU M 228 -6.09 26.44 -59.18
C LEU M 228 -6.73 27.75 -58.72
N GLU M 229 -6.67 28.03 -57.42
CA GLU M 229 -7.05 29.34 -56.93
C GLU M 229 -5.86 30.31 -56.89
N TYR M 230 -4.70 29.90 -57.37
CA TYR M 230 -3.55 30.79 -57.47
C TYR M 230 -3.35 31.30 -58.88
N LEU M 231 -3.55 30.45 -59.89
CA LEU M 231 -3.43 30.88 -61.27
C LEU M 231 -4.50 31.91 -61.62
N VAL M 232 -5.66 31.81 -60.98
CA VAL M 232 -6.70 32.82 -61.13
C VAL M 232 -6.31 34.10 -60.40
N SER M 233 -5.80 33.97 -59.17
CA SER M 233 -5.40 35.13 -58.38
C SER M 233 -4.14 35.79 -58.93
N PHE M 234 -3.31 35.06 -59.67
CA PHE M 234 -2.26 35.71 -60.43
C PHE M 234 -2.82 36.33 -61.70
N GLY M 235 -3.91 35.77 -62.23
CA GLY M 235 -4.51 36.27 -63.44
C GLY M 235 -5.11 37.65 -63.31
N VAL M 236 -5.45 38.07 -62.09
CA VAL M 236 -5.86 39.46 -61.87
C VAL M 236 -4.69 40.35 -61.50
N TRP M 237 -3.54 39.79 -61.19
CA TRP M 237 -2.38 40.61 -60.85
C TRP M 237 -1.63 41.06 -62.08
N ILE M 238 -1.48 40.16 -63.06
CA ILE M 238 -0.81 40.54 -64.29
C ILE M 238 -1.72 41.35 -65.19
N ARG M 239 -3.01 41.37 -64.92
CA ARG M 239 -3.97 42.02 -65.80
C ARG M 239 -4.17 43.50 -65.49
N THR M 240 -4.11 43.88 -64.21
CA THR M 240 -4.29 45.27 -63.84
C THR M 240 -3.12 46.11 -64.33
N PRO M 241 -3.36 47.38 -64.69
CA PRO M 241 -2.29 48.19 -65.26
C PRO M 241 -1.26 48.54 -64.21
N PRO M 242 0.00 48.79 -64.61
CA PRO M 242 1.05 49.03 -63.61
C PRO M 242 1.02 50.41 -62.99
N ALA M 243 -0.14 50.83 -62.49
CA ALA M 243 -0.25 51.97 -61.60
C ALA M 243 -1.19 51.69 -60.45
N TYR M 244 -1.84 50.53 -60.44
CA TYR M 244 -2.75 50.15 -59.37
C TYR M 244 -2.52 48.73 -58.89
N ARG M 245 -1.53 48.02 -59.43
CA ARG M 245 -1.31 46.73 -58.81
C ARG M 245 -0.25 46.84 -57.73
N PRO M 246 -0.38 46.04 -56.68
CA PRO M 246 0.68 45.98 -55.68
C PRO M 246 1.94 45.40 -56.29
N PRO M 247 3.11 45.91 -55.89
CA PRO M 247 4.36 45.46 -56.52
C PRO M 247 4.86 44.12 -56.04
N ASN M 248 4.12 43.43 -55.18
CA ASN M 248 4.45 42.05 -54.81
C ASN M 248 3.44 41.11 -55.46
N ALA M 249 3.93 40.27 -56.37
CA ALA M 249 3.10 39.27 -57.00
C ALA M 249 2.69 38.23 -55.96
N PRO M 250 1.51 37.62 -56.10
CA PRO M 250 1.08 36.61 -55.12
C PRO M 250 1.95 35.38 -55.17
N ILE M 251 2.15 34.78 -53.99
CA ILE M 251 3.06 33.68 -53.77
C ILE M 251 2.28 32.59 -53.05
N LEU M 252 2.57 31.33 -53.40
CA LEU M 252 1.93 30.19 -52.74
C LEU M 252 2.23 30.18 -51.25
N SER M 253 1.17 30.10 -50.46
CA SER M 253 1.25 30.31 -49.01
C SER M 253 1.76 29.07 -48.28
N THR M 254 1.58 29.05 -46.97
CA THR M 254 1.93 27.91 -46.16
C THR M 254 1.07 26.70 -46.52
N LEU M 255 1.58 25.52 -46.22
CA LEU M 255 0.94 24.26 -46.59
C LEU M 255 -0.37 24.00 -45.85
N MET M 285 18.67 11.50 -58.85
CA MET M 285 17.36 10.89 -58.73
C MET M 285 16.89 10.31 -60.05
N ASP M 286 16.73 8.99 -60.09
CA ASP M 286 16.24 8.29 -61.26
C ASP M 286 15.03 7.45 -60.87
N ILE M 287 14.00 7.51 -61.70
CA ILE M 287 12.75 6.80 -61.45
C ILE M 287 12.51 5.80 -62.55
N ASP M 288 12.08 4.61 -62.20
CA ASP M 288 11.57 3.69 -63.18
C ASP M 288 10.14 4.08 -63.55
N PRO M 289 9.81 4.19 -64.84
CA PRO M 289 8.44 4.58 -65.19
C PRO M 289 7.42 3.50 -64.91
N TYR M 290 7.84 2.23 -64.95
CA TYR M 290 6.95 1.10 -64.78
C TYR M 290 6.89 0.60 -63.35
N LYS M 291 7.60 1.25 -62.42
CA LYS M 291 7.80 0.71 -61.08
C LYS M 291 6.51 0.67 -60.29
N GLU M 292 5.65 1.67 -60.47
CA GLU M 292 4.39 1.72 -59.74
C GLU M 292 3.34 0.78 -60.32
N PHE M 293 3.57 0.22 -61.50
CA PHE M 293 2.61 -0.69 -62.11
C PHE M 293 2.96 -2.15 -61.86
N GLY M 294 4.04 -2.43 -61.15
CA GLY M 294 4.47 -3.77 -60.84
C GLY M 294 5.63 -4.25 -61.67
N ALA M 295 5.83 -3.69 -62.86
CA ALA M 295 6.93 -4.08 -63.71
C ALA M 295 8.17 -3.25 -63.40
N THR M 296 9.27 -3.57 -64.07
CA THR M 296 10.50 -2.79 -64.01
C THR M 296 10.96 -2.49 -65.42
N VAL M 297 11.98 -1.64 -65.53
CA VAL M 297 12.53 -1.32 -66.84
C VAL M 297 13.34 -2.50 -67.38
N GLU M 298 13.83 -3.36 -66.50
CA GLU M 298 14.58 -4.53 -66.92
C GLU M 298 13.72 -5.78 -67.04
N LEU M 299 12.45 -5.73 -66.62
CA LEU M 299 11.55 -6.84 -66.86
C LEU M 299 11.17 -6.92 -68.33
N LEU M 300 10.93 -5.77 -68.96
CA LEU M 300 10.61 -5.71 -70.38
C LEU M 300 11.79 -5.24 -71.22
N SER M 301 13.00 -5.42 -70.72
CA SER M 301 14.17 -5.41 -71.59
C SER M 301 14.35 -6.73 -72.31
N PHE M 302 13.67 -7.78 -71.84
CA PHE M 302 13.76 -9.08 -72.47
C PHE M 302 13.06 -9.11 -73.82
N LEU M 303 12.06 -8.26 -74.01
CA LEU M 303 11.40 -8.15 -75.30
C LEU M 303 12.39 -7.57 -76.31
N PRO M 304 12.54 -8.16 -77.48
CA PRO M 304 13.56 -7.70 -78.42
C PRO M 304 13.20 -6.39 -79.10
N SER M 305 14.09 -5.87 -79.92
CA SER M 305 13.91 -4.56 -80.52
C SER M 305 12.88 -4.53 -81.63
N ASP M 306 12.41 -5.68 -82.08
CA ASP M 306 11.39 -5.76 -83.12
C ASP M 306 10.06 -6.31 -82.61
N PHE M 307 9.90 -6.41 -81.29
CA PHE M 307 8.64 -6.89 -80.74
C PHE M 307 7.55 -5.84 -80.83
N PHE M 308 7.91 -4.57 -80.75
CA PHE M 308 6.86 -3.58 -80.60
C PHE M 308 6.38 -3.09 -81.96
N PRO M 309 5.09 -2.79 -82.07
CA PRO M 309 4.60 -2.07 -83.25
C PRO M 309 5.16 -0.66 -83.29
N SER M 310 5.08 -0.05 -84.48
CA SER M 310 5.71 1.24 -84.67
C SER M 310 4.96 2.33 -83.92
N VAL M 311 5.58 3.52 -83.85
CA VAL M 311 5.08 4.59 -83.01
C VAL M 311 3.80 5.17 -83.60
N ARG M 312 3.68 5.17 -84.92
CA ARG M 312 2.42 5.60 -85.54
C ARG M 312 1.33 4.58 -85.28
N ASP M 313 1.65 3.30 -85.32
CA ASP M 313 0.65 2.27 -85.09
C ASP M 313 0.29 2.10 -83.62
N LEU M 314 1.03 2.74 -82.71
CA LEU M 314 0.65 2.77 -81.31
C LEU M 314 -0.06 4.05 -80.94
N LEU M 315 0.19 5.15 -81.65
CA LEU M 315 -0.60 6.35 -81.46
C LEU M 315 -1.97 6.20 -82.10
N ASP M 316 -2.04 5.53 -83.25
CA ASP M 316 -3.32 5.26 -83.87
C ASP M 316 -4.13 4.23 -83.10
N THR M 317 -3.46 3.33 -82.36
CA THR M 317 -4.17 2.37 -81.54
C THR M 317 -4.77 3.04 -80.30
N ALA M 318 -4.01 3.94 -79.66
CA ALA M 318 -4.54 4.65 -78.51
C ALA M 318 -5.63 5.63 -78.91
N SER M 319 -5.52 6.22 -80.09
CA SER M 319 -6.56 7.12 -80.57
C SER M 319 -7.75 6.38 -81.16
N ALA M 320 -7.65 5.07 -81.39
CA ALA M 320 -8.76 4.33 -81.94
C ALA M 320 -9.84 4.10 -80.91
N LEU M 321 -9.51 3.39 -79.84
CA LEU M 321 -10.50 3.00 -78.85
C LEU M 321 -10.41 3.75 -77.54
N TYR M 322 -9.39 4.58 -77.34
CA TYR M 322 -9.24 5.34 -76.11
C TYR M 322 -9.18 6.85 -76.36
N ARG M 323 -9.76 7.34 -77.45
CA ARG M 323 -9.67 8.76 -77.74
C ARG M 323 -10.58 9.57 -76.82
N GLU M 324 -11.75 9.03 -76.47
CA GLU M 324 -12.65 9.74 -75.58
C GLU M 324 -12.17 9.70 -74.14
N ALA M 325 -11.30 8.76 -73.79
CA ALA M 325 -10.81 8.66 -72.42
C ALA M 325 -9.56 9.49 -72.19
N LEU M 326 -8.68 9.54 -73.18
CA LEU M 326 -7.45 10.32 -73.04
C LEU M 326 -7.69 11.81 -73.17
N GLU M 327 -8.82 12.21 -73.73
CA GLU M 327 -9.19 13.62 -73.82
C GLU M 327 -10.30 13.99 -72.84
N SER M 328 -10.59 13.13 -71.88
CA SER M 328 -11.62 13.38 -70.89
C SER M 328 -11.04 14.15 -69.71
N PRO M 329 -11.86 14.95 -69.02
CA PRO M 329 -11.38 15.65 -67.82
C PRO M 329 -11.22 14.76 -66.59
N GLU M 330 -11.55 13.47 -66.68
CA GLU M 330 -11.23 12.57 -65.58
C GLU M 330 -9.87 11.94 -65.80
N HIS M 331 -9.34 11.38 -64.70
CA HIS M 331 -8.15 10.55 -64.75
C HIS M 331 -8.42 9.14 -64.27
N CYS M 332 -9.43 8.49 -64.83
CA CYS M 332 -10.11 7.25 -64.39
C CYS M 332 -9.10 6.15 -64.04
N SER M 333 -8.13 5.87 -64.88
CA SER M 333 -7.15 4.88 -64.46
C SER M 333 -5.76 5.49 -64.44
N PRO M 334 -4.85 4.97 -63.60
CA PRO M 334 -3.48 5.49 -63.60
C PRO M 334 -2.71 5.16 -64.86
N HIS M 335 -3.18 4.20 -65.64
CA HIS M 335 -2.63 3.99 -66.97
C HIS M 335 -3.00 5.14 -67.89
N HIS M 336 -4.19 5.72 -67.71
CA HIS M 336 -4.57 6.87 -68.54
C HIS M 336 -3.75 8.10 -68.19
N THR M 337 -3.34 8.25 -66.93
CA THR M 337 -2.48 9.36 -66.56
C THR M 337 -1.11 9.21 -67.17
N ALA M 338 -0.55 8.00 -67.15
CA ALA M 338 0.76 7.77 -67.75
C ALA M 338 0.71 7.74 -69.27
N LEU M 339 -0.45 7.45 -69.86
CA LEU M 339 -0.55 7.45 -71.31
C LEU M 339 -0.76 8.85 -71.88
N ARG M 340 -1.30 9.77 -71.09
CA ARG M 340 -1.44 11.14 -71.57
C ARG M 340 -0.09 11.84 -71.68
N GLN M 341 0.78 11.62 -70.70
CA GLN M 341 2.09 12.27 -70.74
C GLN M 341 3.00 11.63 -71.76
N ALA M 342 2.84 10.34 -72.03
CA ALA M 342 3.74 9.66 -72.96
C ALA M 342 3.50 10.09 -74.40
N ILE M 343 2.27 10.51 -74.72
CA ILE M 343 1.98 10.98 -76.06
C ILE M 343 2.52 12.39 -76.26
N LEU M 344 2.35 13.25 -75.26
CA LEU M 344 2.86 14.61 -75.35
C LEU M 344 4.38 14.65 -75.29
N CYS M 345 5.00 13.71 -74.59
CA CYS M 345 6.45 13.62 -74.59
C CYS M 345 6.98 13.21 -75.95
N TRP M 346 6.23 12.37 -76.67
CA TRP M 346 6.57 12.12 -78.06
C TRP M 346 6.27 13.33 -78.93
N GLY M 347 5.35 14.20 -78.49
CA GLY M 347 5.09 15.42 -79.24
C GLY M 347 6.26 16.38 -79.22
N GLU M 348 6.87 16.56 -78.05
CA GLU M 348 8.02 17.45 -77.95
C GLU M 348 9.26 16.84 -78.60
N LEU M 349 9.35 15.52 -78.63
CA LEU M 349 10.52 14.89 -79.24
C LEU M 349 10.48 14.98 -80.76
N MET M 350 9.29 14.95 -81.36
CA MET M 350 9.22 15.02 -82.82
C MET M 350 9.46 16.43 -83.33
N THR M 351 8.98 17.45 -82.62
CA THR M 351 9.25 18.82 -83.06
C THR M 351 10.72 19.18 -82.89
N LEU M 352 11.40 18.57 -81.92
CA LEU M 352 12.84 18.74 -81.85
C LEU M 352 13.54 17.98 -82.95
N ALA M 353 12.99 16.84 -83.37
CA ALA M 353 13.62 16.04 -84.41
C ALA M 353 13.49 16.68 -85.78
N THR M 354 12.45 17.48 -86.01
CA THR M 354 12.37 18.21 -87.26
C THR M 354 13.12 19.53 -87.22
N TRP M 355 13.45 20.03 -86.03
CA TRP M 355 14.19 21.29 -85.97
C TRP M 355 15.66 21.10 -86.28
N VAL M 356 16.23 19.94 -85.96
CA VAL M 356 17.62 19.72 -86.29
C VAL M 356 17.80 19.47 -87.78
N GLY M 357 16.73 19.07 -88.48
CA GLY M 357 16.77 18.93 -89.91
C GLY M 357 16.55 20.20 -90.69
N ASN M 358 16.44 21.33 -90.00
CA ASN M 358 16.24 22.61 -90.65
C ASN M 358 17.23 23.66 -90.14
N VAL M 375 19.96 12.01 -90.45
CA VAL M 375 20.39 11.10 -89.39
C VAL M 375 19.23 10.81 -88.45
N ASN M 376 18.57 9.68 -88.64
CA ASN M 376 17.37 9.33 -87.86
C ASN M 376 17.71 8.16 -86.94
N TYR M 377 18.24 8.48 -85.77
CA TYR M 377 18.55 7.50 -84.74
C TYR M 377 17.61 7.58 -83.56
N VAL M 378 16.75 8.60 -83.50
CA VAL M 378 15.89 8.82 -82.35
C VAL M 378 14.86 7.71 -82.22
N ASN M 379 14.46 7.11 -83.34
CA ASN M 379 13.58 5.94 -83.30
C ASN M 379 14.32 4.67 -82.89
N THR M 380 15.64 4.71 -82.79
CA THR M 380 16.40 3.57 -82.29
C THR M 380 16.80 3.71 -80.83
N ASN M 381 17.07 4.93 -80.36
CA ASN M 381 17.46 5.17 -78.98
C ASN M 381 16.29 5.66 -78.14
N MET M 382 15.69 6.78 -78.52
CA MET M 382 14.57 7.32 -77.76
C MET M 382 13.24 6.71 -78.17
N GLY M 383 13.09 6.36 -79.45
CA GLY M 383 11.83 5.83 -79.93
C GLY M 383 11.53 4.44 -79.43
N LEU M 384 12.56 3.66 -79.12
CA LEU M 384 12.35 2.37 -78.49
C LEU M 384 11.94 2.54 -77.03
N LYS M 385 12.37 3.65 -76.40
CA LYS M 385 11.95 3.91 -75.02
C LYS M 385 10.49 4.31 -74.97
N ILE M 386 10.01 5.05 -75.97
CA ILE M 386 8.62 5.44 -76.01
C ILE M 386 7.75 4.26 -76.39
N ARG M 387 8.22 3.42 -77.33
CA ARG M 387 7.46 2.27 -77.77
C ARG M 387 7.27 1.24 -76.67
N GLN M 388 8.22 1.12 -75.75
CA GLN M 388 7.99 0.31 -74.56
C GLN M 388 6.92 0.96 -73.68
N LEU M 389 7.00 2.28 -73.51
CA LEU M 389 6.04 2.99 -72.67
C LEU M 389 4.68 3.11 -73.34
N LEU M 390 4.63 3.05 -74.67
CA LEU M 390 3.34 3.10 -75.34
C LEU M 390 2.68 1.73 -75.39
N TRP M 391 3.46 0.68 -75.64
CA TRP M 391 2.88 -0.66 -75.73
C TRP M 391 2.41 -1.15 -74.36
N PHE M 392 3.10 -0.78 -73.30
CA PHE M 392 2.80 -1.34 -71.99
C PHE M 392 1.47 -0.83 -71.44
N HIS M 393 1.13 0.42 -71.72
CA HIS M 393 -0.10 0.98 -71.15
C HIS M 393 -1.33 0.69 -71.98
N ILE M 394 -1.21 0.59 -73.30
CA ILE M 394 -2.34 0.19 -74.12
C ILE M 394 -2.67 -1.28 -73.84
N SER M 395 -1.65 -2.11 -73.63
CA SER M 395 -1.88 -3.49 -73.26
C SER M 395 -2.34 -3.63 -71.81
N CYS M 396 -2.03 -2.65 -70.95
CA CYS M 396 -2.55 -2.69 -69.59
C CYS M 396 -4.03 -2.40 -69.55
N LEU M 397 -4.54 -1.61 -70.49
CA LEU M 397 -5.95 -1.27 -70.52
C LEU M 397 -6.77 -2.27 -71.33
N THR M 398 -6.16 -2.87 -72.35
CA THR M 398 -6.91 -3.77 -73.22
C THR M 398 -7.05 -5.15 -72.59
N PHE M 399 -6.00 -5.64 -71.95
CA PHE M 399 -6.00 -7.00 -71.41
C PHE M 399 -5.88 -7.06 -69.90
N GLY M 400 -5.91 -5.92 -69.21
CA GLY M 400 -5.72 -5.90 -67.78
C GLY M 400 -4.24 -5.83 -67.40
N ARG M 401 -4.00 -5.36 -66.18
CA ARG M 401 -2.63 -5.19 -65.72
C ARG M 401 -1.98 -6.52 -65.37
N GLU M 402 -2.75 -7.45 -64.80
CA GLU M 402 -2.17 -8.71 -64.35
C GLU M 402 -1.80 -9.62 -65.52
N THR M 403 -2.53 -9.52 -66.64
CA THR M 403 -2.25 -10.41 -67.76
C THR M 403 -0.98 -10.00 -68.49
N VAL M 404 -0.78 -8.70 -68.69
CA VAL M 404 0.41 -8.23 -69.38
C VAL M 404 1.65 -8.38 -68.49
N LEU M 405 1.47 -8.40 -67.17
CA LEU M 405 2.60 -8.64 -66.28
C LEU M 405 3.06 -10.09 -66.36
N GLU M 406 2.12 -11.03 -66.33
CA GLU M 406 2.47 -12.43 -66.45
C GLU M 406 2.86 -12.80 -67.88
N TYR M 407 2.49 -11.99 -68.86
CA TYR M 407 2.96 -12.21 -70.22
C TYR M 407 4.45 -11.91 -70.34
N LEU M 408 4.94 -10.91 -69.61
CA LEU M 408 6.37 -10.63 -69.64
C LEU M 408 7.16 -11.69 -68.90
N VAL M 409 6.57 -12.29 -67.86
CA VAL M 409 7.19 -13.41 -67.19
C VAL M 409 7.19 -14.64 -68.09
N SER M 410 6.10 -14.85 -68.83
CA SER M 410 6.04 -15.96 -69.77
C SER M 410 6.96 -15.73 -70.96
N PHE M 411 7.07 -14.48 -71.42
CA PHE M 411 8.00 -14.20 -72.50
C PHE M 411 9.43 -14.24 -72.02
N GLY M 412 9.66 -14.00 -70.72
CA GLY M 412 11.01 -14.02 -70.20
C GLY M 412 11.64 -15.40 -70.24
N VAL M 413 10.86 -16.43 -69.88
CA VAL M 413 11.37 -17.80 -69.96
C VAL M 413 11.43 -18.31 -71.39
N TRP M 414 10.82 -17.60 -72.34
CA TRP M 414 10.82 -18.01 -73.74
C TRP M 414 12.08 -17.55 -74.46
N ILE M 415 12.44 -16.28 -74.30
CA ILE M 415 13.62 -15.76 -74.97
C ILE M 415 14.91 -16.10 -74.23
N ARG M 416 14.82 -16.54 -72.98
CA ARG M 416 16.03 -16.93 -72.28
C ARG M 416 16.54 -18.27 -72.75
N THR M 417 15.64 -19.21 -73.02
CA THR M 417 16.04 -20.52 -73.51
C THR M 417 16.57 -20.40 -74.94
N PRO M 418 17.65 -21.10 -75.25
CA PRO M 418 18.24 -21.00 -76.59
C PRO M 418 17.37 -21.67 -77.64
N PRO M 419 17.63 -21.46 -78.92
CA PRO M 419 16.90 -22.19 -79.95
C PRO M 419 17.23 -23.68 -79.91
N ALA M 420 16.33 -24.45 -80.55
CA ALA M 420 16.19 -25.90 -80.52
C ALA M 420 15.79 -26.44 -79.15
N TYR M 421 15.42 -25.58 -78.21
CA TYR M 421 14.78 -25.98 -76.98
C TYR M 421 13.59 -25.12 -76.64
N ARG M 422 13.27 -24.13 -77.46
CA ARG M 422 12.07 -23.36 -77.24
C ARG M 422 11.06 -23.73 -78.32
N PRO M 423 9.77 -23.57 -78.05
CA PRO M 423 8.78 -23.65 -79.10
C PRO M 423 9.01 -22.54 -80.11
N PRO M 424 8.76 -22.79 -81.40
CA PRO M 424 9.24 -21.86 -82.43
C PRO M 424 8.47 -20.56 -82.49
N ASN M 425 7.26 -20.52 -81.97
CA ASN M 425 6.43 -19.33 -81.99
C ASN M 425 6.39 -18.70 -80.60
N ALA M 426 6.32 -17.37 -80.57
CA ALA M 426 6.31 -16.64 -79.32
C ALA M 426 4.97 -16.81 -78.61
N PRO M 427 4.93 -16.71 -77.28
CA PRO M 427 3.65 -16.68 -76.58
C PRO M 427 2.90 -15.41 -76.92
N ILE M 428 1.57 -15.52 -76.91
CA ILE M 428 0.69 -14.47 -77.42
C ILE M 428 -0.09 -13.89 -76.26
N LEU M 429 -0.03 -12.57 -76.11
CA LEU M 429 -0.80 -11.86 -75.12
C LEU M 429 -2.24 -11.72 -75.60
N SER M 430 -3.17 -12.35 -74.87
CA SER M 430 -4.59 -12.25 -75.15
C SER M 430 -5.36 -12.57 -73.88
N THR M 431 -6.68 -12.73 -74.05
CA THR M 431 -7.72 -12.96 -73.02
C THR M 431 -7.58 -12.21 -71.68
N MET N 1 -33.59 -5.73 -105.50
CA MET N 1 -34.31 -5.47 -104.26
C MET N 1 -34.67 -3.99 -104.14
N ASP N 2 -35.96 -3.70 -104.01
CA ASP N 2 -36.44 -2.34 -103.92
C ASP N 2 -36.95 -2.03 -102.52
N ILE N 3 -36.70 -0.80 -102.06
CA ILE N 3 -37.09 -0.35 -100.73
C ILE N 3 -37.58 1.09 -100.88
N ASP N 4 -38.81 1.34 -100.49
CA ASP N 4 -39.13 2.75 -100.29
C ASP N 4 -38.83 3.14 -98.86
N PRO N 5 -38.21 4.30 -98.62
CA PRO N 5 -37.75 4.61 -97.28
C PRO N 5 -38.85 5.05 -96.31
N TYR N 6 -40.09 5.19 -96.78
CA TYR N 6 -41.20 5.56 -95.92
C TYR N 6 -42.05 4.37 -95.51
N LYS N 7 -41.63 3.15 -95.84
CA LYS N 7 -42.48 1.98 -95.66
C LYS N 7 -42.69 1.65 -94.20
N GLU N 8 -41.64 1.77 -93.38
CA GLU N 8 -41.77 1.53 -91.96
C GLU N 8 -42.55 2.63 -91.27
N PHE N 9 -42.58 3.83 -91.83
CA PHE N 9 -43.24 4.97 -91.21
C PHE N 9 -44.70 5.09 -91.61
N GLY N 10 -45.24 4.12 -92.33
CA GLY N 10 -46.64 4.11 -92.67
C GLY N 10 -46.96 4.70 -94.04
N ALA N 11 -46.11 5.59 -94.53
CA ALA N 11 -46.36 6.23 -95.83
C ALA N 11 -45.73 5.40 -96.94
N THR N 12 -45.65 5.98 -98.13
CA THR N 12 -45.01 5.36 -99.27
C THR N 12 -44.60 6.46 -100.25
N VAL N 13 -43.86 6.08 -101.27
CA VAL N 13 -43.35 7.07 -102.22
C VAL N 13 -44.49 7.60 -103.09
N GLU N 14 -45.52 6.79 -103.34
CA GLU N 14 -46.65 7.26 -104.12
C GLU N 14 -47.67 8.03 -103.29
N LEU N 15 -47.45 8.14 -101.98
CA LEU N 15 -48.28 9.05 -101.18
C LEU N 15 -47.62 10.41 -101.04
N LEU N 16 -46.30 10.48 -101.12
CA LEU N 16 -45.64 11.77 -101.11
C LEU N 16 -45.57 12.39 -102.48
N SER N 17 -45.99 11.67 -103.52
CA SER N 17 -46.22 12.25 -104.83
C SER N 17 -47.67 12.68 -105.01
N PHE N 18 -48.51 12.42 -104.02
CA PHE N 18 -49.87 12.97 -104.00
C PHE N 18 -49.82 14.48 -103.89
N LEU N 19 -48.87 14.99 -103.11
CA LEU N 19 -48.61 16.42 -103.09
C LEU N 19 -47.91 16.82 -104.40
N PRO N 20 -47.94 18.10 -104.78
CA PRO N 20 -47.22 18.52 -105.98
C PRO N 20 -45.72 18.53 -105.77
N SER N 21 -45.00 18.80 -106.87
CA SER N 21 -43.55 18.81 -106.78
C SER N 21 -43.02 20.02 -106.03
N ASP N 22 -43.55 21.20 -106.29
CA ASP N 22 -43.02 22.44 -105.74
C ASP N 22 -43.64 22.81 -104.40
N PHE N 23 -44.35 21.89 -103.76
CA PHE N 23 -44.88 22.19 -102.44
C PHE N 23 -43.80 22.18 -101.39
N PHE N 24 -42.88 21.22 -101.49
CA PHE N 24 -41.84 21.04 -100.49
C PHE N 24 -40.86 22.21 -100.54
N PRO N 25 -40.31 22.61 -99.38
CA PRO N 25 -39.36 23.73 -99.37
C PRO N 25 -38.05 23.43 -100.07
N SER N 26 -37.17 24.42 -100.13
CA SER N 26 -35.86 24.21 -100.71
C SER N 26 -35.02 23.31 -99.81
N VAL N 27 -33.96 22.76 -100.39
CA VAL N 27 -33.08 21.88 -99.61
C VAL N 27 -32.22 22.70 -98.66
N ARG N 28 -32.08 24.01 -98.90
CA ARG N 28 -31.36 24.87 -97.98
C ARG N 28 -32.18 25.14 -96.73
N ASP N 29 -33.50 25.25 -96.85
CA ASP N 29 -34.34 25.59 -95.71
C ASP N 29 -34.51 24.42 -94.76
N LEU N 30 -34.58 23.21 -95.28
CA LEU N 30 -34.83 22.05 -94.44
C LEU N 30 -33.60 21.65 -93.63
N LEU N 31 -32.41 21.81 -94.20
CA LEU N 31 -31.20 21.59 -93.42
C LEU N 31 -31.00 22.68 -92.38
N ASP N 32 -31.41 23.90 -92.69
CA ASP N 32 -31.40 24.98 -91.71
C ASP N 32 -32.50 24.84 -90.66
N THR N 33 -33.48 23.98 -90.90
CA THR N 33 -34.51 23.70 -89.91
C THR N 33 -34.10 22.59 -88.95
N ALA N 34 -33.55 21.49 -89.49
CA ALA N 34 -33.15 20.37 -88.64
C ALA N 34 -31.96 20.73 -87.77
N SER N 35 -31.09 21.62 -88.24
CA SER N 35 -29.98 22.11 -87.44
C SER N 35 -30.38 23.22 -86.48
N ALA N 36 -31.65 23.60 -86.46
CA ALA N 36 -32.11 24.66 -85.57
C ALA N 36 -32.91 24.14 -84.39
N LEU N 37 -33.50 22.96 -84.50
CA LEU N 37 -34.27 22.38 -83.41
C LEU N 37 -33.86 20.97 -83.04
N TYR N 38 -33.03 20.30 -83.85
CA TYR N 38 -32.65 18.92 -83.58
C TYR N 38 -31.15 18.70 -83.68
N ARG N 39 -30.36 19.76 -83.77
CA ARG N 39 -28.90 19.64 -83.80
C ARG N 39 -28.37 19.02 -82.51
N GLU N 40 -29.00 19.32 -81.38
CA GLU N 40 -28.61 18.71 -80.12
C GLU N 40 -29.04 17.26 -79.99
N ALA N 41 -29.86 16.74 -80.91
CA ALA N 41 -30.32 15.37 -80.86
C ALA N 41 -29.91 14.54 -82.06
N LEU N 42 -29.68 15.16 -83.22
CA LEU N 42 -29.17 14.40 -84.36
C LEU N 42 -27.70 14.06 -84.17
N GLU N 43 -26.95 14.93 -83.50
CA GLU N 43 -25.53 14.69 -83.24
C GLU N 43 -25.29 13.72 -82.09
N SER N 44 -26.29 13.47 -81.26
CA SER N 44 -26.11 12.75 -80.01
C SER N 44 -25.87 11.27 -80.27
N PRO N 45 -25.15 10.58 -79.37
CA PRO N 45 -24.96 9.13 -79.50
C PRO N 45 -26.13 8.32 -78.95
N GLU N 46 -27.31 8.56 -79.50
CA GLU N 46 -28.51 7.86 -79.07
C GLU N 46 -29.49 7.90 -80.23
N HIS N 47 -30.24 6.80 -80.40
CA HIS N 47 -31.21 6.75 -81.49
C HIS N 47 -32.38 7.70 -81.24
N CYS N 48 -33.04 7.53 -80.08
CA CYS N 48 -34.05 8.40 -79.49
C CYS N 48 -35.39 8.39 -80.23
N SER N 49 -35.42 7.81 -81.44
CA SER N 49 -36.56 7.64 -82.32
C SER N 49 -36.09 6.86 -83.54
N PRO N 50 -36.99 6.22 -84.30
CA PRO N 50 -36.59 5.78 -85.64
C PRO N 50 -36.50 6.90 -86.64
N HIS N 51 -37.04 8.07 -86.32
CA HIS N 51 -36.99 9.19 -87.26
C HIS N 51 -35.61 9.81 -87.29
N HIS N 52 -34.93 9.88 -86.15
CA HIS N 52 -33.59 10.44 -86.10
C HIS N 52 -32.59 9.58 -86.84
N THR N 53 -32.79 8.25 -86.84
CA THR N 53 -31.89 7.36 -87.54
C THR N 53 -31.99 7.54 -89.04
N ALA N 54 -33.21 7.67 -89.57
CA ALA N 54 -33.37 7.93 -90.99
C ALA N 54 -32.91 9.33 -91.35
N LEU N 55 -33.11 10.30 -90.45
CA LEU N 55 -32.71 11.68 -90.72
C LEU N 55 -31.21 11.87 -90.65
N ARG N 56 -30.49 11.01 -89.93
CA ARG N 56 -29.04 11.13 -89.90
C ARG N 56 -28.43 10.72 -91.24
N GLN N 57 -28.88 9.61 -91.80
CA GLN N 57 -28.37 9.21 -93.11
C GLN N 57 -29.01 9.98 -94.25
N ALA N 58 -30.12 10.66 -94.03
CA ALA N 58 -30.68 11.51 -95.07
C ALA N 58 -29.92 12.81 -95.22
N ILE N 59 -29.12 13.19 -94.24
CA ILE N 59 -28.33 14.40 -94.30
C ILE N 59 -26.97 14.13 -94.93
N LEU N 60 -26.32 13.05 -94.48
CA LEU N 60 -25.02 12.68 -95.02
C LEU N 60 -25.10 12.20 -96.46
N CYS N 61 -26.26 11.70 -96.90
CA CYS N 61 -26.43 11.36 -98.29
C CYS N 61 -26.45 12.59 -99.17
N TRP N 62 -27.15 13.64 -98.72
CA TRP N 62 -27.14 14.90 -99.47
C TRP N 62 -25.77 15.56 -99.39
N GLY N 63 -25.03 15.34 -98.31
CA GLY N 63 -23.67 15.82 -98.23
C GLY N 63 -22.69 15.09 -99.13
N GLU N 64 -23.10 13.99 -99.74
CA GLU N 64 -22.25 13.26 -100.68
C GLU N 64 -22.56 13.60 -102.12
N LEU N 65 -23.84 13.79 -102.46
CA LEU N 65 -24.18 14.27 -103.79
C LEU N 65 -23.70 15.70 -104.00
N MET N 66 -23.77 16.53 -102.95
CA MET N 66 -23.22 17.87 -103.02
C MET N 66 -21.71 17.91 -102.81
N THR N 67 -21.07 16.76 -102.67
CA THR N 67 -19.63 16.64 -102.79
C THR N 67 -19.21 16.14 -104.17
N LEU N 68 -20.00 15.23 -104.73
CA LEU N 68 -19.70 14.69 -106.05
C LEU N 68 -20.03 15.67 -107.17
N ALA N 69 -21.17 16.36 -107.07
CA ALA N 69 -21.62 17.23 -108.16
C ALA N 69 -20.76 18.47 -108.29
N THR N 70 -20.19 18.95 -107.18
CA THR N 70 -19.22 20.03 -107.29
C THR N 70 -17.89 19.54 -107.86
N TRP N 71 -17.59 18.26 -107.73
CA TRP N 71 -16.38 17.73 -108.35
C TRP N 71 -16.58 17.54 -109.85
N VAL N 72 -17.78 17.13 -110.26
CA VAL N 72 -18.05 16.86 -111.66
C VAL N 72 -18.11 18.16 -112.46
N GLY N 73 -18.81 19.17 -111.92
CA GLY N 73 -18.89 20.46 -112.59
C GLY N 73 -17.59 21.22 -112.65
N ASN N 74 -16.65 20.92 -111.76
CA ASN N 74 -15.35 21.56 -111.82
C ASN N 74 -14.40 20.82 -112.75
N ASN N 75 -14.39 19.50 -112.68
CA ASN N 75 -13.48 18.67 -113.46
C ASN N 75 -14.30 17.80 -114.40
N LEU N 76 -14.22 18.06 -115.70
CA LEU N 76 -14.95 17.31 -116.71
C LEU N 76 -14.44 15.88 -116.82
N ASP N 195 -22.06 23.40 -114.03
CA ASP N 195 -22.98 24.07 -114.95
C ASP N 195 -24.36 23.43 -114.91
N LEU N 196 -24.51 22.33 -115.64
CA LEU N 196 -25.78 21.62 -115.74
C LEU N 196 -25.88 20.47 -114.74
N VAL N 197 -24.76 20.10 -114.10
CA VAL N 197 -24.81 18.98 -113.17
C VAL N 197 -25.57 19.36 -111.90
N VAL N 198 -25.54 20.63 -111.51
CA VAL N 198 -26.38 21.07 -110.40
C VAL N 198 -27.83 21.25 -110.84
N ASN N 199 -28.07 21.41 -112.14
CA ASN N 199 -29.44 21.37 -112.64
C ASN N 199 -29.99 19.96 -112.59
N TYR N 200 -29.20 18.97 -112.99
CA TYR N 200 -29.68 17.60 -113.04
C TYR N 200 -29.91 17.03 -111.65
N VAL N 201 -29.07 17.42 -110.67
CA VAL N 201 -29.25 16.96 -109.30
C VAL N 201 -30.54 17.51 -108.71
N ASN N 202 -30.80 18.79 -108.92
CA ASN N 202 -31.98 19.42 -108.34
C ASN N 202 -33.24 19.19 -109.16
N THR N 203 -33.19 18.42 -110.23
CA THR N 203 -34.43 18.04 -110.92
C THR N 203 -35.10 16.85 -110.23
N ASN N 204 -34.39 15.73 -110.11
CA ASN N 204 -34.96 14.51 -109.58
C ASN N 204 -34.38 14.10 -108.24
N MET N 205 -33.06 14.04 -108.12
CA MET N 205 -32.45 13.66 -106.85
C MET N 205 -32.52 14.76 -105.81
N GLY N 206 -32.74 16.01 -106.24
CA GLY N 206 -32.99 17.06 -105.27
C GLY N 206 -34.36 16.94 -104.65
N LEU N 207 -35.33 16.41 -105.39
CA LEU N 207 -36.69 16.31 -104.88
C LEU N 207 -36.84 15.18 -103.88
N LYS N 208 -36.21 14.03 -104.15
CA LYS N 208 -36.35 12.87 -103.28
C LYS N 208 -35.69 13.09 -101.92
N ILE N 209 -34.69 13.97 -101.84
CA ILE N 209 -34.19 14.37 -100.53
C ILE N 209 -35.10 15.43 -99.92
N ARG N 210 -35.70 16.29 -100.76
CA ARG N 210 -36.60 17.31 -100.27
C ARG N 210 -37.87 16.71 -99.68
N GLN N 211 -38.29 15.56 -100.19
CA GLN N 211 -39.40 14.85 -99.55
C GLN N 211 -38.91 14.11 -98.31
N LEU N 212 -37.68 13.58 -98.35
CA LEU N 212 -37.17 12.81 -97.23
C LEU N 212 -36.81 13.70 -96.05
N LEU N 213 -36.36 14.91 -96.31
CA LEU N 213 -36.10 15.84 -95.22
C LEU N 213 -37.39 16.42 -94.67
N TRP N 214 -38.37 16.69 -95.54
CA TRP N 214 -39.63 17.28 -95.08
C TRP N 214 -40.43 16.29 -94.27
N PHE N 215 -40.38 15.01 -94.62
CA PHE N 215 -41.23 14.04 -93.95
C PHE N 215 -40.75 13.75 -92.54
N HIS N 216 -39.45 13.80 -92.29
CA HIS N 216 -38.94 13.42 -90.98
C HIS N 216 -38.82 14.60 -90.03
N ILE N 217 -38.64 15.81 -90.54
CA ILE N 217 -38.72 16.98 -89.69
C ILE N 217 -40.15 17.19 -89.22
N SER N 218 -41.12 17.01 -90.13
CA SER N 218 -42.52 17.20 -89.76
C SER N 218 -43.03 16.06 -88.91
N CYS N 219 -42.43 14.87 -89.02
CA CYS N 219 -42.78 13.79 -88.11
C CYS N 219 -42.26 14.07 -86.70
N LEU N 220 -41.06 14.64 -86.60
CA LEU N 220 -40.46 14.90 -85.31
C LEU N 220 -41.09 16.09 -84.61
N THR N 221 -41.69 17.00 -85.35
CA THR N 221 -42.27 18.20 -84.75
C THR N 221 -43.72 17.99 -84.34
N PHE N 222 -44.56 17.60 -85.29
CA PHE N 222 -46.00 17.53 -85.10
C PHE N 222 -46.51 16.13 -84.83
N GLY N 223 -45.63 15.15 -84.71
CA GLY N 223 -46.05 13.77 -84.63
C GLY N 223 -46.30 13.18 -86.01
N ARG N 224 -46.26 11.85 -86.07
CA ARG N 224 -46.42 11.19 -87.36
C ARG N 224 -47.87 10.87 -87.69
N GLU N 225 -48.74 10.73 -86.68
CA GLU N 225 -50.15 10.53 -86.98
C GLU N 225 -50.79 11.81 -87.50
N THR N 226 -50.20 12.97 -87.21
CA THR N 226 -50.75 14.24 -87.68
C THR N 226 -50.31 14.50 -89.11
N VAL N 227 -49.03 14.27 -89.42
CA VAL N 227 -48.54 14.53 -90.76
C VAL N 227 -49.03 13.48 -91.76
N LEU N 228 -49.40 12.28 -91.30
CA LEU N 228 -49.89 11.28 -92.23
C LEU N 228 -51.30 11.57 -92.69
N GLU N 229 -52.13 12.14 -91.82
CA GLU N 229 -53.43 12.64 -92.25
C GLU N 229 -53.36 14.06 -92.79
N TYR N 230 -52.16 14.66 -92.80
CA TYR N 230 -51.98 15.92 -93.51
C TYR N 230 -51.78 15.66 -94.99
N LEU N 231 -51.10 14.57 -95.34
CA LEU N 231 -50.96 14.16 -96.74
C LEU N 231 -52.32 13.80 -97.34
N VAL N 232 -53.19 13.20 -96.54
CA VAL N 232 -54.55 12.92 -96.96
C VAL N 232 -55.34 14.21 -97.16
N SER N 233 -55.20 15.15 -96.23
CA SER N 233 -56.03 16.34 -96.26
C SER N 233 -55.58 17.31 -97.34
N PHE N 234 -54.29 17.64 -97.37
CA PHE N 234 -53.80 18.59 -98.35
C PHE N 234 -53.71 17.98 -99.74
N GLY N 235 -53.60 16.65 -99.84
CA GLY N 235 -53.57 16.03 -101.14
C GLY N 235 -54.91 16.12 -101.84
N VAL N 236 -56.00 15.90 -101.11
CA VAL N 236 -57.33 16.03 -101.69
C VAL N 236 -57.78 17.48 -101.75
N TRP N 237 -57.07 18.39 -101.06
CA TRP N 237 -57.48 19.79 -101.07
C TRP N 237 -57.18 20.44 -102.41
N ILE N 238 -56.06 20.10 -103.03
CA ILE N 238 -55.74 20.66 -104.34
C ILE N 238 -56.61 20.03 -105.41
N ARG N 239 -57.00 18.77 -105.23
CA ARG N 239 -57.80 18.08 -106.23
C ARG N 239 -59.21 18.63 -106.36
N THR N 240 -59.74 19.25 -105.30
CA THR N 240 -61.03 19.90 -105.37
C THR N 240 -60.94 21.12 -106.28
N PRO N 241 -61.96 21.40 -107.09
CA PRO N 241 -62.01 22.68 -107.78
C PRO N 241 -62.12 23.81 -106.78
N PRO N 242 -61.55 24.98 -107.09
CA PRO N 242 -61.29 25.98 -106.03
C PRO N 242 -62.53 26.64 -105.48
N ALA N 243 -63.68 26.51 -106.13
CA ALA N 243 -64.88 27.17 -105.64
C ALA N 243 -65.52 26.44 -104.47
N TYR N 244 -65.23 25.15 -104.29
CA TYR N 244 -65.95 24.33 -103.33
C TYR N 244 -65.06 23.78 -102.23
N ARG N 245 -63.81 24.17 -102.17
CA ARG N 245 -62.90 23.85 -101.09
C ARG N 245 -62.77 25.03 -100.15
N PRO N 246 -62.27 24.83 -98.93
CA PRO N 246 -61.95 25.96 -98.05
C PRO N 246 -60.91 26.87 -98.69
N PRO N 247 -61.00 28.19 -98.45
CA PRO N 247 -60.22 29.15 -99.24
C PRO N 247 -58.72 29.09 -99.00
N ASN N 248 -58.32 29.10 -97.74
CA ASN N 248 -56.93 28.99 -97.37
C ASN N 248 -56.51 27.54 -97.23
N ALA N 249 -55.28 27.25 -97.62
CA ALA N 249 -54.81 25.87 -97.68
C ALA N 249 -54.60 25.31 -96.28
N PRO N 250 -54.73 23.99 -96.11
CA PRO N 250 -54.44 23.39 -94.80
C PRO N 250 -52.95 23.47 -94.50
N ILE N 251 -52.62 24.06 -93.35
CA ILE N 251 -51.26 24.08 -92.85
C ILE N 251 -51.25 23.25 -91.58
N LEU N 252 -50.07 22.76 -91.23
CA LEU N 252 -49.88 21.97 -90.03
C LEU N 252 -49.14 22.82 -89.01
N SER N 253 -49.74 22.99 -87.83
CA SER N 253 -49.18 23.88 -86.82
C SER N 253 -49.53 23.33 -85.44
N THR N 254 -49.04 24.03 -84.42
CA THR N 254 -49.23 23.62 -83.03
C THR N 254 -50.03 24.63 -82.22
N LEU N 255 -50.69 25.59 -82.88
CA LEU N 255 -51.52 26.55 -82.18
C LEU N 255 -52.89 25.97 -81.86
N MET N 285 -23.52 21.56 -89.15
CA MET N 285 -23.89 20.28 -88.57
C MET N 285 -23.10 19.16 -89.22
N ASP N 286 -22.36 18.40 -88.41
CA ASP N 286 -21.45 17.37 -88.91
C ASP N 286 -21.72 16.10 -88.11
N ILE N 287 -22.57 15.23 -88.67
CA ILE N 287 -23.06 14.06 -87.98
C ILE N 287 -22.11 12.89 -88.20
N ASP N 288 -22.03 12.01 -87.22
CA ASP N 288 -21.32 10.75 -87.32
C ASP N 288 -22.33 9.63 -87.48
N PRO N 289 -22.23 8.81 -88.53
CA PRO N 289 -23.29 7.83 -88.80
C PRO N 289 -23.27 6.65 -87.83
N TYR N 290 -22.09 6.24 -87.40
CA TYR N 290 -21.95 5.08 -86.53
C TYR N 290 -22.06 5.43 -85.06
N LYS N 291 -22.26 6.72 -84.73
CA LYS N 291 -22.10 7.20 -83.36
C LYS N 291 -23.17 6.65 -82.43
N GLU N 292 -24.39 6.49 -82.93
CA GLU N 292 -25.44 5.87 -82.13
C GLU N 292 -25.24 4.38 -81.96
N PHE N 293 -24.36 3.76 -82.75
CA PHE N 293 -24.09 2.34 -82.67
C PHE N 293 -22.77 2.03 -81.96
N GLY N 294 -22.24 3.01 -81.22
CA GLY N 294 -21.08 2.77 -80.38
C GLY N 294 -19.74 3.00 -81.04
N ALA N 295 -19.67 2.99 -82.37
CA ALA N 295 -18.42 3.18 -83.08
C ALA N 295 -18.32 4.59 -83.64
N THR N 296 -17.14 4.93 -84.14
CA THR N 296 -16.89 6.19 -84.81
C THR N 296 -16.41 5.93 -86.23
N VAL N 297 -16.11 7.01 -86.95
CA VAL N 297 -15.52 6.86 -88.28
C VAL N 297 -14.06 6.44 -88.16
N GLU N 298 -13.40 6.85 -87.08
CA GLU N 298 -11.99 6.49 -86.91
C GLU N 298 -11.83 5.02 -86.56
N LEU N 299 -12.79 4.46 -85.82
CA LEU N 299 -12.75 3.04 -85.52
C LEU N 299 -13.04 2.19 -86.75
N LEU N 300 -13.82 2.71 -87.70
CA LEU N 300 -14.05 2.00 -88.95
C LEU N 300 -12.96 2.24 -89.97
N SER N 301 -12.10 3.24 -89.76
CA SER N 301 -10.88 3.40 -90.54
C SER N 301 -9.67 2.90 -89.78
N PHE N 302 -9.87 2.37 -88.58
CA PHE N 302 -8.82 1.66 -87.86
C PHE N 302 -8.43 0.39 -88.61
N LEU N 303 -9.41 -0.28 -89.18
CA LEU N 303 -9.21 -1.39 -90.09
C LEU N 303 -8.63 -0.86 -91.40
N PRO N 304 -8.05 -1.72 -92.24
CA PRO N 304 -7.53 -1.24 -93.53
C PRO N 304 -8.64 -0.79 -94.47
N SER N 305 -8.23 -0.12 -95.53
CA SER N 305 -9.19 0.39 -96.50
C SER N 305 -9.70 -0.70 -97.41
N ASP N 306 -8.89 -1.71 -97.69
CA ASP N 306 -9.24 -2.76 -98.63
C ASP N 306 -9.78 -4.00 -97.95
N PHE N 307 -10.01 -3.96 -96.64
CA PHE N 307 -10.51 -5.13 -95.94
C PHE N 307 -11.96 -5.40 -96.28
N PHE N 308 -12.76 -4.35 -96.39
CA PHE N 308 -14.19 -4.51 -96.60
C PHE N 308 -14.46 -4.99 -98.01
N PRO N 309 -15.38 -5.94 -98.19
CA PRO N 309 -15.63 -6.49 -99.53
C PRO N 309 -16.34 -5.47 -100.40
N SER N 310 -16.41 -5.79 -101.69
CA SER N 310 -16.97 -4.89 -102.69
C SER N 310 -18.45 -4.67 -102.45
N VAL N 311 -18.98 -3.61 -103.07
CA VAL N 311 -20.38 -3.24 -102.86
C VAL N 311 -21.30 -4.29 -103.45
N ARG N 312 -20.89 -4.92 -104.55
CA ARG N 312 -21.69 -5.99 -105.13
C ARG N 312 -21.67 -7.24 -104.25
N ASP N 313 -20.62 -7.43 -103.47
CA ASP N 313 -20.58 -8.57 -102.56
C ASP N 313 -21.37 -8.33 -101.30
N LEU N 314 -21.66 -7.07 -100.96
CA LEU N 314 -22.46 -6.75 -99.78
C LEU N 314 -23.90 -6.45 -100.11
N LEU N 315 -24.21 -6.05 -101.34
CA LEU N 315 -25.60 -5.87 -101.71
C LEU N 315 -26.32 -7.20 -101.81
N ASP N 316 -25.68 -8.21 -102.42
CA ASP N 316 -26.29 -9.52 -102.52
C ASP N 316 -26.24 -10.27 -101.20
N THR N 317 -25.31 -9.91 -100.32
CA THR N 317 -25.31 -10.50 -98.98
C THR N 317 -26.50 -10.01 -98.18
N ALA N 318 -26.81 -8.72 -98.28
CA ALA N 318 -28.00 -8.18 -97.63
C ALA N 318 -29.27 -8.74 -98.26
N SER N 319 -29.27 -8.91 -99.58
CA SER N 319 -30.42 -9.49 -100.27
C SER N 319 -30.55 -10.98 -100.02
N ALA N 320 -29.49 -11.64 -99.54
CA ALA N 320 -29.57 -13.06 -99.24
C ALA N 320 -30.35 -13.30 -97.95
N LEU N 321 -29.93 -12.64 -96.87
CA LEU N 321 -30.53 -12.91 -95.57
C LEU N 321 -31.66 -11.94 -95.25
N TYR N 322 -31.40 -10.63 -95.37
CA TYR N 322 -32.35 -9.60 -94.97
C TYR N 322 -33.03 -9.03 -96.21
N ARG N 323 -33.98 -9.77 -96.76
CA ARG N 323 -34.83 -9.23 -97.81
C ARG N 323 -36.27 -9.09 -97.36
N GLU N 324 -36.80 -10.08 -96.65
CA GLU N 324 -38.12 -9.92 -96.05
C GLU N 324 -38.09 -9.05 -94.80
N ALA N 325 -36.91 -8.77 -94.25
CA ALA N 325 -36.80 -7.90 -93.10
C ALA N 325 -36.56 -6.45 -93.51
N LEU N 326 -35.80 -6.23 -94.58
CA LEU N 326 -35.57 -4.87 -95.05
C LEU N 326 -36.82 -4.29 -95.72
N GLU N 327 -37.56 -5.13 -96.44
CA GLU N 327 -38.76 -4.70 -97.14
C GLU N 327 -40.02 -4.79 -96.28
N SER N 328 -39.89 -5.14 -95.01
CA SER N 328 -41.04 -5.25 -94.13
C SER N 328 -41.55 -3.86 -93.75
N PRO N 329 -42.84 -3.74 -93.40
CA PRO N 329 -43.35 -2.47 -92.90
C PRO N 329 -43.02 -2.17 -91.44
N GLU N 330 -42.20 -2.99 -90.78
CA GLU N 330 -41.75 -2.71 -89.44
C GLU N 330 -40.27 -2.32 -89.47
N HIS N 331 -39.84 -1.56 -88.46
CA HIS N 331 -38.42 -1.22 -88.36
C HIS N 331 -37.60 -2.45 -87.99
N CYS N 332 -38.03 -3.15 -86.94
CA CYS N 332 -37.52 -4.42 -86.39
C CYS N 332 -36.17 -4.31 -85.69
N SER N 333 -35.49 -3.17 -85.83
CA SER N 333 -34.16 -2.87 -85.30
C SER N 333 -33.79 -1.44 -85.62
N PRO N 334 -32.86 -0.82 -84.89
CA PRO N 334 -32.26 0.43 -85.37
C PRO N 334 -31.27 0.22 -86.49
N HIS N 335 -30.84 -1.02 -86.75
CA HIS N 335 -29.88 -1.26 -87.82
C HIS N 335 -30.56 -1.28 -89.17
N HIS N 336 -31.79 -1.77 -89.25
CA HIS N 336 -32.47 -1.90 -90.53
C HIS N 336 -32.82 -0.54 -91.11
N THR N 337 -33.21 0.40 -90.26
CA THR N 337 -33.50 1.75 -90.72
C THR N 337 -32.25 2.42 -91.28
N ALA N 338 -31.11 2.22 -90.62
CA ALA N 338 -29.85 2.71 -91.15
C ALA N 338 -29.41 1.91 -92.35
N LEU N 339 -29.87 0.67 -92.50
CA LEU N 339 -29.50 -0.13 -93.65
C LEU N 339 -30.38 0.13 -94.85
N ARG N 340 -31.65 0.47 -94.64
CA ARG N 340 -32.53 0.80 -95.77
C ARG N 340 -32.08 2.07 -96.48
N GLN N 341 -31.51 3.03 -95.76
CA GLN N 341 -30.99 4.22 -96.42
C GLN N 341 -29.69 3.94 -97.14
N ALA N 342 -28.89 2.99 -96.64
CA ALA N 342 -27.59 2.73 -97.23
C ALA N 342 -27.70 2.05 -98.59
N ILE N 343 -28.72 1.20 -98.78
CA ILE N 343 -29.02 0.69 -100.11
C ILE N 343 -29.54 1.82 -100.98
N LEU N 344 -30.31 2.73 -100.40
CA LEU N 344 -30.93 3.80 -101.16
C LEU N 344 -29.92 4.86 -101.55
N CYS N 345 -29.03 5.24 -100.63
CA CYS N 345 -28.08 6.31 -100.90
C CYS N 345 -27.05 5.91 -101.95
N TRP N 346 -26.74 4.63 -102.05
CA TRP N 346 -25.87 4.19 -103.13
C TRP N 346 -26.61 4.08 -104.44
N GLY N 347 -27.95 4.01 -104.40
CA GLY N 347 -28.71 3.99 -105.63
C GLY N 347 -28.68 5.32 -106.36
N GLU N 348 -28.90 6.42 -105.61
CA GLU N 348 -28.80 7.74 -106.21
C GLU N 348 -27.37 8.15 -106.52
N LEU N 349 -26.38 7.53 -105.88
CA LEU N 349 -25.01 7.79 -106.30
C LEU N 349 -24.68 7.08 -107.60
N MET N 350 -25.16 5.84 -107.76
CA MET N 350 -24.90 5.12 -109.00
C MET N 350 -25.84 5.51 -110.12
N THR N 351 -26.97 6.15 -109.81
CA THR N 351 -27.77 6.73 -110.87
C THR N 351 -27.11 7.99 -111.40
N LEU N 352 -26.53 8.79 -110.51
CA LEU N 352 -25.84 10.01 -110.92
C LEU N 352 -24.56 9.70 -111.67
N ALA N 353 -23.84 8.65 -111.26
CA ALA N 353 -22.52 8.39 -111.81
C ALA N 353 -22.60 7.88 -113.24
N THR N 354 -23.55 6.98 -113.53
CA THR N 354 -23.74 6.55 -114.91
C THR N 354 -24.39 7.62 -115.77
N TRP N 355 -25.07 8.59 -115.15
CA TRP N 355 -25.61 9.69 -115.93
C TRP N 355 -24.52 10.64 -116.41
N VAL N 356 -23.44 10.77 -115.65
CA VAL N 356 -22.34 11.62 -116.07
C VAL N 356 -21.55 10.93 -117.19
N GLY N 357 -21.36 9.62 -117.08
CA GLY N 357 -20.53 8.86 -118.00
C GLY N 357 -21.04 8.77 -119.42
N ASN N 358 -22.30 9.13 -119.66
CA ASN N 358 -22.84 9.17 -121.02
C ASN N 358 -23.36 10.55 -121.40
N ASN N 359 -23.12 11.57 -120.57
CA ASN N 359 -23.52 12.93 -120.89
C ASN N 359 -22.40 13.94 -120.71
N LEU N 360 -21.34 13.63 -119.99
CA LEU N 360 -20.20 14.55 -119.83
C LEU N 360 -18.91 13.77 -119.57
N LEU N 373 -13.48 7.30 -115.58
CA LEU N 373 -12.85 8.19 -114.61
C LEU N 373 -13.85 8.62 -113.54
N VAL N 374 -15.09 8.89 -113.98
CA VAL N 374 -16.12 9.33 -113.05
C VAL N 374 -16.52 8.18 -112.12
N VAL N 375 -16.50 6.95 -112.62
CA VAL N 375 -16.72 5.80 -111.74
C VAL N 375 -15.49 5.57 -110.88
N ASN N 376 -14.30 5.86 -111.41
CA ASN N 376 -13.07 5.73 -110.63
C ASN N 376 -13.02 6.77 -109.51
N TYR N 377 -13.58 7.96 -109.74
CA TYR N 377 -13.64 8.95 -108.66
C TYR N 377 -14.62 8.52 -107.58
N VAL N 378 -15.72 7.90 -107.98
CA VAL N 378 -16.74 7.48 -107.03
C VAL N 378 -16.23 6.31 -106.19
N ASN N 379 -15.58 5.35 -106.82
CA ASN N 379 -15.21 4.12 -106.14
C ASN N 379 -13.96 4.22 -105.29
N THR N 380 -13.49 5.42 -104.93
CA THR N 380 -12.43 5.55 -103.95
C THR N 380 -12.70 6.57 -102.86
N ASN N 381 -13.54 7.57 -103.09
CA ASN N 381 -13.87 8.56 -102.07
C ASN N 381 -15.21 8.24 -101.41
N MET N 382 -16.26 8.11 -102.20
CA MET N 382 -17.58 7.81 -101.70
C MET N 382 -17.95 6.35 -101.85
N GLY N 383 -17.21 5.58 -102.65
CA GLY N 383 -17.46 4.16 -102.72
C GLY N 383 -17.04 3.44 -101.46
N LEU N 384 -15.94 3.87 -100.85
CA LEU N 384 -15.44 3.23 -99.64
C LEU N 384 -16.37 3.47 -98.46
N LYS N 385 -16.98 4.65 -98.39
CA LYS N 385 -17.86 4.97 -97.28
C LYS N 385 -19.15 4.18 -97.30
N ILE N 386 -19.56 3.66 -98.45
CA ILE N 386 -20.71 2.76 -98.48
C ILE N 386 -20.27 1.34 -98.15
N ARG N 387 -19.04 0.97 -98.51
CA ARG N 387 -18.51 -0.35 -98.12
C ARG N 387 -18.36 -0.45 -96.62
N GLN N 388 -17.95 0.62 -95.96
CA GLN N 388 -17.84 0.60 -94.51
C GLN N 388 -19.21 0.61 -93.83
N LEU N 389 -20.18 1.27 -94.45
CA LEU N 389 -21.51 1.32 -93.85
C LEU N 389 -22.28 0.03 -94.08
N LEU N 390 -22.10 -0.61 -95.24
CA LEU N 390 -22.81 -1.85 -95.52
C LEU N 390 -22.20 -3.02 -94.75
N TRP N 391 -20.87 -3.07 -94.64
CA TRP N 391 -20.23 -4.15 -93.90
C TRP N 391 -20.57 -4.08 -92.42
N PHE N 392 -20.72 -2.87 -91.89
CA PHE N 392 -20.94 -2.69 -90.47
C PHE N 392 -22.31 -3.21 -90.07
N HIS N 393 -23.36 -2.74 -90.74
CA HIS N 393 -24.72 -3.09 -90.33
C HIS N 393 -25.09 -4.52 -90.68
N ILE N 394 -24.51 -5.07 -91.74
CA ILE N 394 -24.75 -6.48 -92.06
C ILE N 394 -24.11 -7.37 -91.00
N SER N 395 -22.87 -7.06 -90.61
CA SER N 395 -22.25 -7.81 -89.54
C SER N 395 -22.88 -7.51 -88.19
N CYS N 396 -23.38 -6.29 -87.99
CA CYS N 396 -24.07 -5.98 -86.75
C CYS N 396 -25.44 -6.62 -86.66
N LEU N 397 -26.02 -7.05 -87.78
CA LEU N 397 -27.28 -7.77 -87.74
C LEU N 397 -27.09 -9.27 -87.62
N THR N 398 -26.01 -9.80 -88.18
CA THR N 398 -25.77 -11.24 -88.12
C THR N 398 -25.10 -11.65 -86.80
N PHE N 399 -23.87 -11.17 -86.58
CA PHE N 399 -23.06 -11.65 -85.46
C PHE N 399 -23.23 -10.78 -84.22
N GLY N 400 -24.45 -10.46 -83.83
CA GLY N 400 -24.65 -9.54 -82.70
C GLY N 400 -24.14 -8.14 -83.02
N ARG N 401 -24.08 -7.32 -81.99
CA ARG N 401 -23.51 -5.99 -82.18
C ARG N 401 -22.18 -5.80 -81.47
N GLU N 402 -22.08 -6.29 -80.23
CA GLU N 402 -20.85 -6.09 -79.46
C GLU N 402 -19.68 -6.88 -80.03
N THR N 403 -19.95 -8.02 -80.67
CA THR N 403 -18.87 -8.78 -81.26
C THR N 403 -18.34 -8.14 -82.53
N VAL N 404 -19.09 -7.21 -83.14
CA VAL N 404 -18.51 -6.40 -84.20
C VAL N 404 -17.66 -5.29 -83.60
N LEU N 405 -18.13 -4.66 -82.53
CA LEU N 405 -17.34 -3.65 -81.85
C LEU N 405 -16.12 -4.25 -81.16
N GLU N 406 -16.16 -5.53 -80.81
CA GLU N 406 -14.97 -6.24 -80.37
C GLU N 406 -14.15 -6.80 -81.52
N TYR N 407 -14.69 -6.79 -82.74
CA TYR N 407 -13.90 -7.22 -83.88
C TYR N 407 -13.01 -6.12 -84.41
N LEU N 408 -13.46 -4.86 -84.34
CA LEU N 408 -12.61 -3.76 -84.78
C LEU N 408 -11.45 -3.55 -83.82
N VAL N 409 -11.65 -3.85 -82.54
CA VAL N 409 -10.56 -3.75 -81.58
C VAL N 409 -9.59 -4.92 -81.76
N SER N 410 -10.11 -6.12 -82.01
CA SER N 410 -9.26 -7.29 -82.15
C SER N 410 -8.49 -7.27 -83.46
N PHE N 411 -9.19 -7.07 -84.58
CA PHE N 411 -8.51 -7.04 -85.87
C PHE N 411 -7.69 -5.77 -86.06
N GLY N 412 -8.03 -4.69 -85.34
CA GLY N 412 -7.27 -3.47 -85.48
C GLY N 412 -5.87 -3.59 -84.90
N VAL N 413 -5.77 -4.10 -83.68
CA VAL N 413 -4.46 -4.27 -83.07
C VAL N 413 -3.72 -5.47 -83.64
N TRP N 414 -4.41 -6.37 -84.35
CA TRP N 414 -3.76 -7.56 -84.88
C TRP N 414 -2.85 -7.20 -86.04
N ILE N 415 -3.31 -6.33 -86.93
CA ILE N 415 -2.49 -5.96 -88.09
C ILE N 415 -1.37 -5.01 -87.70
N ARG N 416 -1.46 -4.36 -86.55
CA ARG N 416 -0.39 -3.45 -86.15
C ARG N 416 0.82 -4.18 -85.59
N THR N 417 0.62 -5.35 -84.98
CA THR N 417 1.71 -6.11 -84.41
C THR N 417 2.64 -6.63 -85.50
N PRO N 418 3.93 -6.83 -85.19
CA PRO N 418 4.81 -7.47 -86.16
C PRO N 418 4.40 -8.92 -86.39
N PRO N 419 4.68 -9.48 -87.57
CA PRO N 419 4.10 -10.80 -87.92
C PRO N 419 4.65 -11.97 -87.13
N ALA N 420 5.70 -11.78 -86.33
CA ALA N 420 6.29 -12.89 -85.60
C ALA N 420 5.73 -13.08 -84.21
N TYR N 421 5.09 -12.06 -83.64
CA TYR N 421 4.67 -12.06 -82.25
C TYR N 421 3.16 -11.93 -82.11
N ARG N 422 2.43 -12.09 -83.21
CA ARG N 422 1.11 -12.10 -83.81
C ARG N 422 0.57 -13.52 -83.85
N PRO N 423 -0.73 -13.71 -83.64
CA PRO N 423 -1.32 -15.02 -83.91
C PRO N 423 -1.24 -15.34 -85.39
N PRO N 424 -1.15 -16.62 -85.74
CA PRO N 424 -0.85 -16.95 -87.15
C PRO N 424 -2.00 -16.70 -88.09
N ASN N 425 -3.23 -16.98 -87.67
CA ASN N 425 -4.41 -16.75 -88.49
C ASN N 425 -5.11 -15.49 -88.05
N ALA N 426 -5.66 -14.77 -89.02
CA ALA N 426 -6.31 -13.51 -88.74
C ALA N 426 -7.62 -13.73 -87.99
N PRO N 427 -8.05 -12.79 -87.17
CA PRO N 427 -9.35 -12.92 -86.50
C PRO N 427 -10.47 -12.79 -87.50
N ILE N 428 -11.49 -13.63 -87.33
CA ILE N 428 -12.61 -13.66 -88.26
C ILE N 428 -13.90 -13.76 -87.45
N LEU N 429 -14.99 -13.31 -88.06
CA LEU N 429 -16.31 -13.42 -87.46
C LEU N 429 -16.88 -14.78 -87.81
N SER N 430 -17.41 -15.48 -86.81
CA SER N 430 -17.91 -16.83 -87.01
C SER N 430 -19.18 -16.99 -86.19
N THR N 431 -19.61 -18.24 -86.05
CA THR N 431 -20.82 -18.56 -85.32
C THR N 431 -20.68 -18.32 -83.82
N MET O 1 -20.44 75.28 -21.15
CA MET O 1 -20.95 73.95 -21.47
C MET O 1 -20.27 73.37 -22.71
N ASP O 2 -19.64 72.21 -22.54
CA ASP O 2 -19.12 71.46 -23.68
C ASP O 2 -20.04 70.28 -23.97
N ILE O 3 -19.78 69.61 -25.10
CA ILE O 3 -20.61 68.48 -25.50
C ILE O 3 -19.74 67.24 -25.75
N ASP O 4 -18.60 67.44 -26.47
CA ASP O 4 -17.67 66.41 -26.91
C ASP O 4 -18.42 65.40 -27.78
N PRO O 5 -18.66 65.71 -29.06
CA PRO O 5 -19.68 64.99 -29.84
C PRO O 5 -19.37 63.52 -30.14
N TYR O 6 -18.18 63.04 -29.81
CA TYR O 6 -17.84 61.64 -30.06
C TYR O 6 -18.11 60.79 -28.83
N LYS O 7 -18.42 61.44 -27.70
CA LYS O 7 -18.39 60.76 -26.40
C LYS O 7 -19.51 59.74 -26.25
N GLU O 8 -20.64 59.96 -26.92
CA GLU O 8 -21.71 58.98 -26.84
C GLU O 8 -21.46 57.77 -27.74
N PHE O 9 -20.51 57.87 -28.67
CA PHE O 9 -20.28 56.78 -29.60
C PHE O 9 -19.11 55.88 -29.19
N GLY O 10 -18.31 56.29 -28.21
CA GLY O 10 -17.22 55.46 -27.75
C GLY O 10 -15.89 56.17 -27.77
N ALA O 11 -15.69 57.04 -28.75
CA ALA O 11 -14.46 57.79 -28.86
C ALA O 11 -14.55 59.08 -28.05
N THR O 12 -13.46 59.82 -28.01
CA THR O 12 -13.47 61.18 -27.51
C THR O 12 -12.90 62.07 -28.61
N VAL O 13 -12.66 63.34 -28.31
CA VAL O 13 -11.89 64.15 -29.26
C VAL O 13 -10.43 63.73 -29.21
N GLU O 14 -9.97 63.27 -28.04
CA GLU O 14 -8.56 62.91 -27.88
C GLU O 14 -8.22 61.60 -28.56
N LEU O 15 -9.20 60.76 -28.87
CA LEU O 15 -8.93 59.61 -29.72
C LEU O 15 -8.60 60.06 -31.14
N LEU O 16 -9.29 61.08 -31.62
CA LEU O 16 -9.07 61.58 -32.97
C LEU O 16 -7.89 62.55 -33.07
N SER O 17 -7.23 62.84 -31.96
CA SER O 17 -5.95 63.55 -32.02
C SER O 17 -4.83 62.63 -32.48
N PHE O 18 -5.04 61.31 -32.46
CA PHE O 18 -4.06 60.38 -33.01
C PHE O 18 -3.92 60.58 -34.52
N LEU O 19 -5.03 60.75 -35.22
CA LEU O 19 -4.98 61.01 -36.64
C LEU O 19 -4.51 62.43 -36.87
N PRO O 20 -3.59 62.65 -37.80
CA PRO O 20 -3.13 64.01 -38.10
C PRO O 20 -4.20 64.78 -38.88
N SER O 21 -3.94 66.07 -39.05
CA SER O 21 -4.91 66.93 -39.72
C SER O 21 -4.97 66.64 -41.21
N ASP O 22 -3.84 66.34 -41.82
CA ASP O 22 -3.80 66.03 -43.25
C ASP O 22 -3.93 64.54 -43.52
N PHE O 23 -4.91 63.92 -42.89
CA PHE O 23 -5.25 62.53 -43.16
C PHE O 23 -6.69 62.37 -43.61
N PHE O 24 -7.59 63.20 -43.10
CA PHE O 24 -8.98 63.10 -43.49
C PHE O 24 -9.16 63.59 -44.93
N PRO O 25 -9.95 62.89 -45.73
CA PRO O 25 -10.17 63.32 -47.11
C PRO O 25 -10.99 64.60 -47.17
N SER O 26 -11.01 65.20 -48.35
CA SER O 26 -11.66 66.49 -48.53
C SER O 26 -13.17 66.35 -48.36
N VAL O 27 -13.83 67.48 -48.10
CA VAL O 27 -15.24 67.48 -47.78
C VAL O 27 -16.06 67.06 -48.99
N ARG O 28 -15.58 67.35 -50.19
CA ARG O 28 -16.24 66.88 -51.39
C ARG O 28 -16.17 65.36 -51.51
N ASP O 29 -15.03 64.77 -51.17
CA ASP O 29 -14.86 63.33 -51.32
C ASP O 29 -15.63 62.54 -50.28
N LEU O 30 -15.93 63.13 -49.14
CA LEU O 30 -16.71 62.42 -48.13
C LEU O 30 -18.19 62.50 -48.39
N LEU O 31 -18.68 63.61 -48.95
CA LEU O 31 -20.11 63.70 -49.25
C LEU O 31 -20.49 62.85 -50.45
N ASP O 32 -19.58 62.68 -51.41
CA ASP O 32 -19.86 61.78 -52.52
C ASP O 32 -19.78 60.32 -52.09
N THR O 33 -19.02 60.01 -51.05
CA THR O 33 -19.00 58.65 -50.53
C THR O 33 -20.28 58.35 -49.77
N ALA O 34 -20.78 59.32 -49.00
CA ALA O 34 -22.02 59.10 -48.26
C ALA O 34 -23.21 59.02 -49.19
N SER O 35 -23.21 59.82 -50.26
CA SER O 35 -24.29 59.78 -51.23
C SER O 35 -24.25 58.54 -52.10
N ALA O 36 -23.08 57.93 -52.27
CA ALA O 36 -22.99 56.72 -53.08
C ALA O 36 -23.53 55.51 -52.35
N LEU O 37 -23.38 55.48 -51.02
CA LEU O 37 -23.75 54.32 -50.24
C LEU O 37 -25.02 54.52 -49.43
N TYR O 38 -25.17 55.68 -48.79
CA TYR O 38 -26.30 55.94 -47.90
C TYR O 38 -27.02 57.19 -48.38
N ARG O 39 -27.91 57.00 -49.34
CA ARG O 39 -28.77 58.08 -49.81
C ARG O 39 -30.24 57.75 -49.67
N GLU O 40 -30.60 56.48 -49.86
CA GLU O 40 -31.94 56.01 -49.53
C GLU O 40 -32.09 55.71 -48.05
N ALA O 41 -31.05 55.89 -47.25
CA ALA O 41 -31.12 55.70 -45.81
C ALA O 41 -31.10 57.01 -45.03
N LEU O 42 -30.39 58.02 -45.53
CA LEU O 42 -30.41 59.32 -44.86
C LEU O 42 -31.72 60.05 -45.14
N GLU O 43 -32.20 60.00 -46.37
CA GLU O 43 -33.51 60.60 -46.70
C GLU O 43 -34.60 59.57 -46.46
N SER O 44 -34.81 59.27 -45.19
CA SER O 44 -35.75 58.25 -44.77
C SER O 44 -36.48 58.73 -43.51
N PRO O 45 -37.74 58.36 -43.35
CA PRO O 45 -38.51 58.84 -42.18
C PRO O 45 -38.27 58.07 -40.89
N GLU O 46 -37.18 57.32 -40.78
CA GLU O 46 -36.88 56.60 -39.56
C GLU O 46 -35.48 56.95 -39.06
N HIS O 47 -35.19 56.52 -37.84
CA HIS O 47 -33.94 56.80 -37.14
C HIS O 47 -32.96 55.64 -37.25
N CYS O 48 -32.86 55.01 -38.43
CA CYS O 48 -32.40 53.63 -38.62
C CYS O 48 -31.03 53.29 -38.02
N SER O 49 -30.23 54.29 -37.67
CA SER O 49 -29.03 54.08 -36.87
C SER O 49 -28.76 55.36 -36.11
N PRO O 50 -28.14 55.28 -34.92
CA PRO O 50 -27.75 56.52 -34.22
C PRO O 50 -26.67 57.29 -34.93
N HIS O 51 -25.92 56.66 -35.82
CA HIS O 51 -24.99 57.41 -36.65
C HIS O 51 -25.72 58.18 -37.74
N HIS O 52 -26.85 57.65 -38.20
CA HIS O 52 -27.61 58.32 -39.26
C HIS O 52 -28.20 59.63 -38.76
N THR O 53 -28.69 59.65 -37.52
CA THR O 53 -29.17 60.89 -36.93
C THR O 53 -28.03 61.87 -36.69
N ALA O 54 -26.85 61.36 -36.35
CA ALA O 54 -25.70 62.23 -36.17
C ALA O 54 -25.09 62.67 -37.49
N LEU O 55 -25.40 61.99 -38.59
CA LEU O 55 -24.84 62.35 -39.88
C LEU O 55 -25.71 63.31 -40.66
N ARG O 56 -27.03 63.24 -40.48
CA ARG O 56 -27.93 64.16 -41.18
C ARG O 56 -27.72 65.59 -40.70
N GLN O 57 -27.40 65.76 -39.42
CA GLN O 57 -27.02 67.09 -38.94
C GLN O 57 -25.59 67.43 -39.28
N ALA O 58 -24.75 66.42 -39.55
CA ALA O 58 -23.35 66.70 -39.89
C ALA O 58 -23.20 67.23 -41.30
N ILE O 59 -24.13 66.92 -42.20
CA ILE O 59 -24.11 67.48 -43.54
C ILE O 59 -24.82 68.82 -43.58
N LEU O 60 -25.96 68.91 -42.90
CA LEU O 60 -26.76 70.13 -42.91
C LEU O 60 -26.11 71.25 -42.11
N CYS O 61 -25.23 70.92 -41.16
CA CYS O 61 -24.45 71.98 -40.53
C CYS O 61 -23.44 72.55 -41.51
N TRP O 62 -22.78 71.69 -42.28
CA TRP O 62 -21.84 72.15 -43.30
C TRP O 62 -22.54 72.90 -44.41
N GLY O 63 -23.81 72.57 -44.68
CA GLY O 63 -24.58 73.36 -45.62
C GLY O 63 -24.88 74.75 -45.10
N GLU O 64 -25.26 74.84 -43.82
CA GLU O 64 -25.52 76.13 -43.20
C GLU O 64 -24.24 76.88 -42.85
N LEU O 65 -23.08 76.23 -42.91
CA LEU O 65 -21.81 76.87 -42.64
C LEU O 65 -21.10 77.29 -43.92
N MET O 66 -21.29 76.55 -45.01
CA MET O 66 -20.72 76.99 -46.28
C MET O 66 -21.50 78.16 -46.87
N THR O 67 -22.77 78.29 -46.50
CA THR O 67 -23.57 79.42 -46.98
C THR O 67 -23.10 80.73 -46.35
N LEU O 68 -22.66 80.68 -45.10
CA LEU O 68 -22.07 81.86 -44.48
C LEU O 68 -20.74 82.24 -45.11
N ALA O 69 -19.95 81.23 -45.52
CA ALA O 69 -18.67 81.51 -46.16
C ALA O 69 -18.84 81.97 -47.60
N THR O 70 -19.88 81.48 -48.28
CA THR O 70 -20.16 81.95 -49.64
C THR O 70 -20.64 83.40 -49.63
N TRP O 71 -21.43 83.76 -48.61
CA TRP O 71 -22.02 85.09 -48.55
C TRP O 71 -20.99 86.15 -48.21
N VAL O 72 -20.10 85.85 -47.27
CA VAL O 72 -19.14 86.86 -46.81
C VAL O 72 -18.08 87.13 -47.88
N GLY O 73 -17.85 86.19 -48.79
CA GLY O 73 -16.97 86.45 -49.91
C GLY O 73 -17.54 87.42 -50.93
N ASN O 74 -18.86 87.55 -50.97
CA ASN O 74 -19.51 88.47 -51.89
C ASN O 74 -19.67 89.87 -51.33
N ASN O 75 -19.54 90.04 -50.01
CA ASN O 75 -19.64 91.35 -49.35
C ASN O 75 -18.40 91.52 -48.47
N LEU O 76 -17.32 92.00 -49.07
CA LEU O 76 -16.03 92.05 -48.38
C LEU O 76 -15.78 93.44 -47.78
N ASP O 195 -12.46 86.22 -50.02
CA ASP O 195 -11.33 85.52 -50.60
C ASP O 195 -10.38 84.96 -49.52
N LEU O 196 -10.19 85.73 -48.44
CA LEU O 196 -9.44 85.25 -47.28
C LEU O 196 -10.32 84.48 -46.30
N VAL O 197 -11.60 84.28 -46.63
CA VAL O 197 -12.47 83.49 -45.78
C VAL O 197 -12.51 82.02 -46.17
N VAL O 198 -12.03 81.67 -47.36
CA VAL O 198 -12.15 80.30 -47.85
C VAL O 198 -11.05 79.40 -47.31
N ASN O 199 -9.92 79.96 -46.89
CA ASN O 199 -8.87 79.15 -46.31
C ASN O 199 -8.94 79.07 -44.80
N TYR O 200 -9.59 80.05 -44.15
CA TYR O 200 -9.75 80.00 -42.71
C TYR O 200 -10.79 78.97 -42.29
N VAL O 201 -11.85 78.81 -43.10
CA VAL O 201 -12.86 77.81 -42.79
C VAL O 201 -12.30 76.41 -42.99
N ASN O 202 -11.38 76.23 -43.93
CA ASN O 202 -10.87 74.90 -44.22
C ASN O 202 -9.79 74.46 -43.25
N THR O 203 -9.16 75.40 -42.53
CA THR O 203 -8.14 75.03 -41.56
C THR O 203 -8.68 74.97 -40.14
N ASN O 204 -9.86 75.52 -39.87
CA ASN O 204 -10.42 75.54 -38.53
C ASN O 204 -11.75 74.81 -38.43
N MET O 205 -12.69 75.09 -39.32
CA MET O 205 -14.03 74.53 -39.23
C MET O 205 -14.31 73.46 -40.25
N GLY O 206 -13.63 73.48 -41.40
CA GLY O 206 -13.74 72.37 -42.33
C GLY O 206 -13.04 71.13 -41.80
N LEU O 207 -12.04 71.31 -40.95
CA LEU O 207 -11.36 70.18 -40.33
C LEU O 207 -12.26 69.49 -39.33
N LYS O 208 -13.06 70.26 -38.58
CA LYS O 208 -13.96 69.66 -37.61
C LYS O 208 -15.10 68.93 -38.28
N ILE O 209 -15.49 69.35 -39.49
CA ILE O 209 -16.50 68.61 -40.22
C ILE O 209 -15.90 67.38 -40.89
N ARG O 210 -14.65 67.51 -41.38
CA ARG O 210 -13.97 66.38 -41.99
C ARG O 210 -13.68 65.27 -40.99
N GLN O 211 -13.49 65.61 -39.73
CA GLN O 211 -13.39 64.57 -38.70
C GLN O 211 -14.75 63.94 -38.45
N LEU O 212 -15.79 64.78 -38.38
CA LEU O 212 -17.13 64.30 -38.06
C LEU O 212 -17.80 63.62 -39.24
N LEU O 213 -17.34 63.89 -40.47
CA LEU O 213 -17.85 63.16 -41.62
C LEU O 213 -17.11 61.84 -41.80
N TRP O 214 -15.80 61.82 -41.58
CA TRP O 214 -15.03 60.59 -41.74
C TRP O 214 -15.42 59.56 -40.68
N PHE O 215 -15.75 60.03 -39.47
CA PHE O 215 -16.02 59.11 -38.39
C PHE O 215 -17.34 58.38 -38.59
N HIS O 216 -18.42 59.11 -38.85
CA HIS O 216 -19.71 58.47 -38.95
C HIS O 216 -19.91 57.72 -40.25
N ILE O 217 -19.18 58.07 -41.31
CA ILE O 217 -19.21 57.25 -42.52
C ILE O 217 -18.53 55.92 -42.26
N SER O 218 -17.37 55.95 -41.61
CA SER O 218 -16.61 54.72 -41.39
C SER O 218 -17.25 53.85 -40.32
N CYS O 219 -17.94 54.44 -39.34
CA CYS O 219 -18.67 53.60 -38.41
C CYS O 219 -19.96 53.05 -39.01
N LEU O 220 -20.49 53.68 -40.05
CA LEU O 220 -21.65 53.10 -40.71
C LEU O 220 -21.25 51.99 -41.67
N THR O 221 -20.02 52.03 -42.18
CA THR O 221 -19.60 51.08 -43.21
C THR O 221 -18.91 49.87 -42.59
N PHE O 222 -17.84 50.08 -41.84
CA PHE O 222 -17.05 48.99 -41.27
C PHE O 222 -17.45 48.68 -39.83
N GLY O 223 -18.60 49.14 -39.39
CA GLY O 223 -19.00 48.96 -38.01
C GLY O 223 -18.30 49.95 -37.09
N ARG O 224 -18.72 49.95 -35.83
CA ARG O 224 -18.20 50.94 -34.91
C ARG O 224 -16.96 50.47 -34.18
N GLU O 225 -16.93 49.21 -33.74
CA GLU O 225 -15.80 48.74 -32.95
C GLU O 225 -14.57 48.53 -33.82
N THR O 226 -14.75 48.28 -35.12
CA THR O 226 -13.60 48.18 -36.01
C THR O 226 -13.07 49.54 -36.43
N VAL O 227 -13.75 50.62 -36.08
CA VAL O 227 -13.19 51.96 -36.20
C VAL O 227 -12.56 52.41 -34.89
N LEU O 228 -13.20 52.07 -33.76
CA LEU O 228 -12.61 52.34 -32.45
C LEU O 228 -11.34 51.53 -32.20
N GLU O 229 -11.19 50.38 -32.86
CA GLU O 229 -9.92 49.68 -32.85
C GLU O 229 -9.00 50.14 -33.95
N TYR O 230 -9.51 50.89 -34.94
CA TYR O 230 -8.64 51.44 -35.97
C TYR O 230 -7.91 52.67 -35.47
N LEU O 231 -8.57 53.46 -34.62
CA LEU O 231 -7.95 54.66 -34.06
C LEU O 231 -6.78 54.30 -33.16
N VAL O 232 -6.89 53.18 -32.44
CA VAL O 232 -5.78 52.72 -31.62
C VAL O 232 -4.69 52.13 -32.49
N SER O 233 -5.08 51.42 -33.56
CA SER O 233 -4.10 50.81 -34.45
C SER O 233 -3.35 51.87 -35.26
N PHE O 234 -4.00 53.00 -35.54
CA PHE O 234 -3.27 54.15 -36.06
C PHE O 234 -2.52 54.86 -34.96
N GLY O 235 -2.96 54.70 -33.71
CA GLY O 235 -2.32 55.39 -32.61
C GLY O 235 -0.93 54.86 -32.30
N VAL O 236 -0.65 53.62 -32.68
CA VAL O 236 0.71 53.10 -32.52
C VAL O 236 1.53 53.25 -33.79
N TRP O 237 0.89 53.54 -34.93
CA TRP O 237 1.64 53.72 -36.16
C TRP O 237 2.23 55.13 -36.25
N ILE O 238 1.42 56.14 -35.93
CA ILE O 238 1.90 57.51 -36.00
C ILE O 238 2.85 57.81 -34.84
N ARG O 239 2.79 57.02 -33.76
CA ARG O 239 3.65 57.23 -32.61
C ARG O 239 5.03 56.63 -32.77
N THR O 240 5.16 55.63 -33.63
CA THR O 240 6.41 54.90 -33.78
C THR O 240 7.46 55.78 -34.45
N PRO O 241 8.72 55.70 -34.03
CA PRO O 241 9.78 56.41 -34.74
C PRO O 241 9.90 55.90 -36.16
N PRO O 242 10.29 56.77 -37.10
CA PRO O 242 10.19 56.43 -38.52
C PRO O 242 11.17 55.38 -39.00
N ALA O 243 12.22 55.08 -38.22
CA ALA O 243 13.14 54.03 -38.63
C ALA O 243 12.51 52.66 -38.54
N TYR O 244 11.71 52.42 -37.49
CA TYR O 244 11.04 51.15 -37.30
C TYR O 244 9.54 51.25 -37.61
N ARG O 245 9.15 52.22 -38.41
CA ARG O 245 7.75 52.38 -38.81
C ARG O 245 7.53 51.75 -40.15
N PRO O 246 6.53 50.88 -40.31
CA PRO O 246 6.24 50.31 -41.62
C PRO O 246 5.72 51.37 -42.57
N PRO O 247 6.06 51.30 -43.86
CA PRO O 247 5.69 52.37 -44.78
C PRO O 247 4.22 52.40 -45.15
N ASN O 248 3.45 51.35 -44.85
CA ASN O 248 2.02 51.35 -45.09
C ASN O 248 1.30 51.76 -43.81
N ALA O 249 0.49 52.79 -43.90
CA ALA O 249 -0.39 53.14 -42.80
C ALA O 249 -1.48 52.08 -42.68
N PRO O 250 -2.00 51.86 -41.46
CA PRO O 250 -3.15 50.96 -41.34
C PRO O 250 -4.37 51.56 -41.97
N ILE O 251 -5.20 50.70 -42.57
CA ILE O 251 -6.32 51.14 -43.39
C ILE O 251 -7.50 50.25 -43.05
N LEU O 252 -8.70 50.74 -43.38
CA LEU O 252 -9.93 50.01 -43.14
C LEU O 252 -10.20 49.09 -44.32
N SER O 253 -10.17 47.78 -44.08
CA SER O 253 -10.39 46.77 -45.10
C SER O 253 -11.89 46.47 -45.19
N THR O 254 -12.26 45.36 -45.80
CA THR O 254 -13.65 44.96 -45.92
C THR O 254 -14.27 44.65 -44.54
N LEU O 255 -15.59 44.54 -44.52
CA LEU O 255 -16.34 44.33 -43.29
C LEU O 255 -16.05 42.96 -42.68
N MET O 285 -27.64 66.35 -52.90
CA MET O 285 -28.26 65.62 -51.80
C MET O 285 -29.28 66.48 -51.08
N ASP O 286 -30.45 65.91 -50.80
CA ASP O 286 -31.54 66.64 -50.16
C ASP O 286 -32.01 65.85 -48.95
N ILE O 287 -31.38 66.11 -47.81
CA ILE O 287 -31.77 65.49 -46.55
C ILE O 287 -32.57 66.49 -45.74
N ASP O 288 -33.52 65.97 -44.97
CA ASP O 288 -34.41 66.78 -44.16
C ASP O 288 -34.13 66.48 -42.70
N PRO O 289 -33.86 67.48 -41.86
CA PRO O 289 -33.41 67.20 -40.49
C PRO O 289 -34.52 66.76 -39.56
N TYR O 290 -35.79 66.98 -39.91
CA TYR O 290 -36.90 66.57 -39.07
C TYR O 290 -37.66 65.36 -39.60
N LYS O 291 -37.35 64.90 -40.82
CA LYS O 291 -38.19 63.90 -41.49
C LYS O 291 -38.16 62.56 -40.78
N GLU O 292 -37.08 62.24 -40.08
CA GLU O 292 -37.05 61.04 -39.26
C GLU O 292 -37.89 61.19 -38.00
N PHE O 293 -38.22 62.40 -37.59
CA PHE O 293 -39.01 62.65 -36.40
C PHE O 293 -40.49 62.81 -36.70
N GLY O 294 -40.88 62.81 -37.97
CA GLY O 294 -42.28 62.94 -38.33
C GLY O 294 -42.58 64.29 -38.95
N ALA O 295 -42.00 65.34 -38.39
CA ALA O 295 -42.22 66.68 -38.92
C ALA O 295 -41.41 66.87 -40.20
N THR O 296 -41.73 67.95 -40.91
CA THR O 296 -40.97 68.36 -42.08
C THR O 296 -40.41 69.75 -41.82
N VAL O 297 -39.62 70.26 -42.76
CA VAL O 297 -39.15 71.63 -42.67
C VAL O 297 -40.30 72.60 -42.91
N GLU O 298 -41.16 72.29 -43.88
CA GLU O 298 -42.26 73.19 -44.19
C GLU O 298 -43.38 73.11 -43.17
N LEU O 299 -43.43 72.08 -42.33
CA LEU O 299 -44.40 72.04 -41.25
C LEU O 299 -44.06 73.06 -40.17
N LEU O 300 -42.78 73.28 -39.93
CA LEU O 300 -42.35 74.31 -38.99
C LEU O 300 -42.17 75.66 -39.64
N SER O 301 -42.50 75.79 -40.92
CA SER O 301 -42.48 77.10 -41.57
C SER O 301 -43.75 77.88 -41.29
N PHE O 302 -44.79 77.24 -40.76
CA PHE O 302 -46.00 77.95 -40.42
C PHE O 302 -45.82 78.81 -39.18
N LEU O 303 -44.91 78.41 -38.29
CA LEU O 303 -44.62 79.20 -37.11
C LEU O 303 -43.94 80.49 -37.51
N PRO O 304 -44.34 81.63 -36.95
CA PRO O 304 -43.77 82.91 -37.39
C PRO O 304 -42.34 83.09 -36.91
N SER O 305 -41.74 84.18 -37.39
CA SER O 305 -40.32 84.41 -37.18
C SER O 305 -39.99 84.88 -35.77
N ASP O 306 -40.99 85.20 -34.96
CA ASP O 306 -40.78 85.67 -33.60
C ASP O 306 -41.43 84.76 -32.57
N PHE O 307 -41.75 83.53 -32.94
CA PHE O 307 -42.37 82.59 -32.02
C PHE O 307 -41.32 81.87 -31.18
N PHE O 308 -40.13 81.69 -31.71
CA PHE O 308 -39.09 80.99 -31.00
C PHE O 308 -38.34 81.93 -30.06
N PRO O 309 -37.79 81.41 -28.98
CA PRO O 309 -36.91 82.23 -28.13
C PRO O 309 -35.58 82.56 -28.81
N SER O 310 -34.74 83.32 -28.12
CA SER O 310 -33.41 83.59 -28.64
C SER O 310 -32.56 82.33 -28.57
N VAL O 311 -31.42 82.35 -29.27
CA VAL O 311 -30.53 81.20 -29.25
C VAL O 311 -29.89 81.06 -27.89
N ARG O 312 -29.41 82.17 -27.32
CA ARG O 312 -28.81 82.14 -25.99
C ARG O 312 -29.83 81.91 -24.90
N ASP O 313 -31.12 82.12 -25.19
CA ASP O 313 -32.19 81.72 -24.28
C ASP O 313 -32.63 80.30 -24.50
N LEU O 314 -32.17 79.66 -25.57
CA LEU O 314 -32.46 78.26 -25.82
C LEU O 314 -31.29 77.34 -25.51
N LEU O 315 -30.07 77.88 -25.49
CA LEU O 315 -28.92 77.07 -25.10
C LEU O 315 -28.95 76.77 -23.62
N ASP O 316 -29.17 77.80 -22.79
CA ASP O 316 -29.24 77.57 -21.35
C ASP O 316 -30.55 76.93 -20.93
N THR O 317 -31.56 76.90 -21.78
CA THR O 317 -32.72 76.08 -21.52
C THR O 317 -32.36 74.60 -21.57
N ALA O 318 -31.53 74.21 -22.54
CA ALA O 318 -31.05 72.84 -22.58
C ALA O 318 -29.97 72.60 -21.54
N SER O 319 -29.16 73.60 -21.22
CA SER O 319 -28.08 73.42 -20.27
C SER O 319 -28.55 73.49 -18.82
N ALA O 320 -29.83 73.75 -18.58
CA ALA O 320 -30.37 73.71 -17.23
C ALA O 320 -31.33 72.57 -17.00
N LEU O 321 -32.04 72.13 -18.04
CA LEU O 321 -32.95 71.01 -17.88
C LEU O 321 -32.18 69.69 -17.84
N TYR O 322 -31.50 69.37 -18.93
CA TYR O 322 -30.79 68.10 -19.04
C TYR O 322 -29.40 68.27 -19.65
N ARG O 323 -28.59 69.16 -19.08
CA ARG O 323 -27.16 69.14 -19.41
C ARG O 323 -26.47 67.90 -18.86
N GLU O 324 -27.05 67.22 -17.88
CA GLU O 324 -26.48 65.98 -17.39
C GLU O 324 -26.66 64.87 -18.43
N ALA O 325 -27.81 64.85 -19.11
CA ALA O 325 -28.05 63.84 -20.12
C ALA O 325 -27.28 64.11 -21.40
N LEU O 326 -27.02 65.38 -21.71
CA LEU O 326 -26.24 65.69 -22.91
C LEU O 326 -24.75 65.47 -22.69
N GLU O 327 -24.30 65.28 -21.46
CA GLU O 327 -22.93 64.88 -21.19
C GLU O 327 -22.77 63.39 -20.94
N SER O 328 -23.87 62.66 -20.98
CA SER O 328 -23.83 61.23 -20.74
C SER O 328 -23.14 60.53 -21.91
N PRO O 329 -22.48 59.39 -21.66
CA PRO O 329 -21.95 58.59 -22.76
C PRO O 329 -22.99 57.73 -23.47
N GLU O 330 -24.26 57.83 -23.11
CA GLU O 330 -25.31 57.10 -23.79
C GLU O 330 -26.12 58.06 -24.65
N HIS O 331 -26.92 57.47 -25.54
CA HIS O 331 -27.77 58.28 -26.40
C HIS O 331 -29.05 58.68 -25.68
N CYS O 332 -29.78 57.69 -25.16
CA CYS O 332 -31.00 57.76 -24.35
C CYS O 332 -32.24 58.20 -25.13
N SER O 333 -32.05 58.70 -26.37
CA SER O 333 -33.10 59.16 -27.27
C SER O 333 -32.48 59.52 -28.61
N PRO O 334 -33.25 59.45 -29.70
CA PRO O 334 -32.77 60.06 -30.95
C PRO O 334 -32.71 61.57 -30.88
N HIS O 335 -33.42 62.20 -29.96
CA HIS O 335 -33.39 63.66 -29.86
C HIS O 335 -32.07 64.14 -29.28
N HIS O 336 -31.52 63.41 -28.30
CA HIS O 336 -30.29 63.83 -27.66
C HIS O 336 -29.10 63.79 -28.61
N THR O 337 -29.07 62.78 -29.49
CA THR O 337 -28.03 62.71 -30.49
C THR O 337 -28.14 63.86 -31.49
N ALA O 338 -29.36 64.19 -31.90
CA ALA O 338 -29.56 65.33 -32.79
C ALA O 338 -29.43 66.66 -32.08
N LEU O 339 -29.59 66.68 -30.75
CA LEU O 339 -29.41 67.92 -30.00
C LEU O 339 -27.96 68.18 -29.65
N ARG O 340 -27.14 67.13 -29.53
CA ARG O 340 -25.72 67.33 -29.28
C ARG O 340 -25.02 67.94 -30.48
N GLN O 341 -25.54 67.69 -31.69
CA GLN O 341 -24.95 68.30 -32.87
C GLN O 341 -25.33 69.78 -32.99
N ALA O 342 -26.59 70.10 -32.68
CA ALA O 342 -27.08 71.45 -32.89
C ALA O 342 -26.51 72.45 -31.90
N ILE O 343 -26.06 72.00 -30.73
CA ILE O 343 -25.34 72.88 -29.83
C ILE O 343 -24.01 73.28 -30.44
N LEU O 344 -23.27 72.30 -30.96
CA LEU O 344 -21.97 72.57 -31.55
C LEU O 344 -22.07 73.13 -32.96
N CYS O 345 -23.17 72.87 -33.66
CA CYS O 345 -23.38 73.51 -34.95
C CYS O 345 -23.52 75.02 -34.79
N TRP O 346 -24.09 75.47 -33.67
CA TRP O 346 -24.07 76.88 -33.36
C TRP O 346 -22.69 77.31 -32.88
N GLY O 347 -21.89 76.39 -32.37
CA GLY O 347 -20.59 76.75 -31.82
C GLY O 347 -19.61 77.21 -32.87
N GLU O 348 -19.43 76.42 -33.93
CA GLU O 348 -18.56 76.82 -35.01
C GLU O 348 -19.17 77.92 -35.87
N LEU O 349 -20.50 78.01 -35.90
CA LEU O 349 -21.12 79.08 -36.66
C LEU O 349 -20.99 80.42 -35.96
N MET O 350 -20.94 80.42 -34.63
CA MET O 350 -20.79 81.67 -33.89
C MET O 350 -19.36 82.19 -33.97
N THR O 351 -18.38 81.29 -33.89
CA THR O 351 -16.99 81.72 -33.96
C THR O 351 -16.53 82.03 -35.37
N LEU O 352 -17.32 81.70 -36.39
CA LEU O 352 -17.03 82.20 -37.72
C LEU O 352 -17.47 83.64 -37.86
N ALA O 353 -18.62 83.99 -37.30
CA ALA O 353 -19.10 85.37 -37.36
C ALA O 353 -18.28 86.27 -36.46
N THR O 354 -17.63 85.71 -35.43
CA THR O 354 -16.71 86.48 -34.62
C THR O 354 -15.44 86.80 -35.40
N TRP O 355 -14.90 85.81 -36.11
CA TRP O 355 -13.68 86.03 -36.89
C TRP O 355 -13.92 86.94 -38.07
N VAL O 356 -15.12 86.89 -38.67
CA VAL O 356 -15.50 87.85 -39.70
C VAL O 356 -15.54 89.27 -39.12
N GLY O 357 -15.94 89.39 -37.85
CA GLY O 357 -15.83 90.65 -37.14
C GLY O 357 -14.40 91.12 -36.90
N ASN O 358 -13.41 90.23 -37.06
CA ASN O 358 -12.01 90.62 -36.96
C ASN O 358 -11.26 90.31 -38.24
N VAL O 375 -21.87 93.43 -39.24
CA VAL O 375 -23.30 93.22 -39.23
C VAL O 375 -23.57 91.73 -38.98
N ASN O 376 -24.70 91.43 -38.32
CA ASN O 376 -25.08 90.06 -38.00
C ASN O 376 -26.45 89.79 -38.60
N TYR O 377 -26.44 89.36 -39.87
CA TYR O 377 -27.58 88.73 -40.50
C TYR O 377 -27.66 87.25 -40.17
N VAL O 378 -26.67 86.72 -39.45
CA VAL O 378 -26.67 85.34 -39.02
C VAL O 378 -27.81 85.08 -38.04
N ASN O 379 -28.20 86.11 -37.29
CA ASN O 379 -29.40 86.02 -36.45
C ASN O 379 -30.68 86.09 -37.27
N THR O 380 -30.60 86.40 -38.56
CA THR O 380 -31.77 86.43 -39.43
C THR O 380 -31.90 85.19 -40.30
N ASN O 381 -30.82 84.81 -40.98
CA ASN O 381 -30.88 83.76 -42.00
C ASN O 381 -30.34 82.42 -41.55
N MET O 382 -29.49 82.39 -40.53
CA MET O 382 -29.01 81.13 -39.97
C MET O 382 -29.48 80.88 -38.55
N GLY O 383 -29.64 81.93 -37.74
CA GLY O 383 -30.10 81.74 -36.38
C GLY O 383 -31.56 81.33 -36.30
N LEU O 384 -32.36 81.74 -37.27
CA LEU O 384 -33.75 81.27 -37.32
C LEU O 384 -33.81 79.80 -37.69
N LYS O 385 -32.90 79.33 -38.53
CA LYS O 385 -32.88 77.92 -38.90
C LYS O 385 -32.33 77.03 -37.80
N ILE O 386 -31.64 77.60 -36.81
CA ILE O 386 -31.16 76.81 -35.69
C ILE O 386 -32.00 77.02 -34.44
N ARG O 387 -32.80 78.09 -34.38
CA ARG O 387 -33.78 78.20 -33.31
C ARG O 387 -34.88 77.18 -33.48
N GLN O 388 -35.16 76.76 -34.72
CA GLN O 388 -36.14 75.71 -34.94
C GLN O 388 -35.60 74.35 -34.54
N LEU O 389 -34.30 74.10 -34.73
CA LEU O 389 -33.71 72.84 -34.28
C LEU O 389 -33.68 72.77 -32.76
N LEU O 390 -33.40 73.89 -32.11
CA LEU O 390 -33.32 73.87 -30.66
C LEU O 390 -34.71 73.82 -30.03
N TRP O 391 -35.68 74.53 -30.59
CA TRP O 391 -37.01 74.52 -30.00
C TRP O 391 -37.70 73.19 -30.20
N PHE O 392 -37.52 72.57 -31.36
CA PHE O 392 -38.23 71.34 -31.66
C PHE O 392 -37.74 70.17 -30.83
N HIS O 393 -36.43 70.11 -30.59
CA HIS O 393 -35.88 69.00 -29.84
C HIS O 393 -36.02 69.18 -28.34
N ILE O 394 -36.06 70.42 -27.85
CA ILE O 394 -36.35 70.63 -26.44
C ILE O 394 -37.82 70.35 -26.15
N SER O 395 -38.71 70.83 -27.03
CA SER O 395 -40.13 70.56 -26.84
C SER O 395 -40.50 69.11 -27.15
N CYS O 396 -39.67 68.39 -27.90
CA CYS O 396 -39.89 66.96 -28.03
C CYS O 396 -39.56 66.24 -26.73
N LEU O 397 -38.65 66.78 -25.94
CA LEU O 397 -38.22 66.10 -24.74
C LEU O 397 -39.04 66.50 -23.52
N THR O 398 -39.32 67.79 -23.37
CA THR O 398 -40.08 68.24 -22.21
C THR O 398 -41.56 67.92 -22.32
N PHE O 399 -42.08 67.73 -23.53
CA PHE O 399 -43.51 67.56 -23.73
C PHE O 399 -43.88 66.27 -24.44
N GLY O 400 -42.91 65.47 -24.86
CA GLY O 400 -43.22 64.31 -25.66
C GLY O 400 -43.23 64.62 -27.15
N ARG O 401 -42.97 63.60 -27.95
CA ARG O 401 -42.79 63.83 -29.37
C ARG O 401 -44.12 63.99 -30.10
N GLU O 402 -45.09 63.11 -29.81
CA GLU O 402 -46.37 63.20 -30.51
C GLU O 402 -47.19 64.40 -30.05
N THR O 403 -46.88 64.97 -28.89
CA THR O 403 -47.59 66.15 -28.44
C THR O 403 -47.17 67.38 -29.22
N VAL O 404 -45.88 67.53 -29.49
CA VAL O 404 -45.43 68.67 -30.28
C VAL O 404 -45.75 68.48 -31.75
N LEU O 405 -45.98 67.24 -32.20
CA LEU O 405 -46.35 67.04 -33.60
C LEU O 405 -47.80 67.40 -33.83
N GLU O 406 -48.68 67.10 -32.87
CA GLU O 406 -50.06 67.53 -32.96
C GLU O 406 -50.25 68.97 -32.51
N TYR O 407 -49.21 69.58 -31.95
CA TYR O 407 -49.28 71.01 -31.66
C TYR O 407 -49.04 71.83 -32.91
N LEU O 408 -48.18 71.36 -33.79
CA LEU O 408 -47.90 72.09 -35.03
C LEU O 408 -49.07 72.05 -35.98
N VAL O 409 -49.81 70.94 -36.02
CA VAL O 409 -50.99 70.88 -36.87
C VAL O 409 -52.17 71.63 -36.27
N SER O 410 -52.11 71.96 -34.98
CA SER O 410 -53.10 72.81 -34.35
C SER O 410 -52.67 74.26 -34.33
N PHE O 411 -51.37 74.54 -34.43
CA PHE O 411 -50.92 75.88 -34.73
C PHE O 411 -51.13 76.21 -36.19
N GLY O 412 -51.05 75.20 -37.06
CA GLY O 412 -51.14 75.43 -38.49
C GLY O 412 -52.51 75.91 -38.91
N VAL O 413 -53.56 75.34 -38.33
CA VAL O 413 -54.92 75.82 -38.60
C VAL O 413 -55.21 77.14 -37.91
N TRP O 414 -54.39 77.55 -36.95
CA TRP O 414 -54.54 78.85 -36.31
C TRP O 414 -53.84 79.94 -37.10
N ILE O 415 -52.64 79.67 -37.60
CA ILE O 415 -51.92 80.68 -38.34
C ILE O 415 -52.52 80.88 -39.73
N ARG O 416 -53.22 79.87 -40.25
CA ARG O 416 -53.78 79.98 -41.60
C ARG O 416 -55.02 80.85 -41.63
N THR O 417 -55.81 80.82 -40.57
CA THR O 417 -57.05 81.59 -40.52
C THR O 417 -56.75 83.07 -40.45
N PRO O 418 -57.47 83.89 -41.21
CA PRO O 418 -57.19 85.33 -41.23
C PRO O 418 -57.61 85.99 -39.93
N PRO O 419 -57.17 87.22 -39.67
CA PRO O 419 -57.63 87.94 -38.49
C PRO O 419 -59.13 88.20 -38.53
N ALA O 420 -59.69 88.40 -37.33
CA ALA O 420 -61.12 88.45 -37.03
C ALA O 420 -61.85 87.16 -37.41
N TYR O 421 -61.12 86.05 -37.49
CA TYR O 421 -61.73 84.73 -37.60
C TYR O 421 -61.06 83.70 -36.71
N ARG O 422 -59.92 84.00 -36.13
CA ARG O 422 -59.24 83.16 -35.17
C ARG O 422 -59.35 83.76 -33.78
N PRO O 423 -59.18 82.96 -32.73
CA PRO O 423 -59.07 83.54 -31.39
C PRO O 423 -57.85 84.42 -31.29
N PRO O 424 -57.87 85.42 -30.40
CA PRO O 424 -56.74 86.36 -30.33
C PRO O 424 -55.51 85.79 -29.67
N ASN O 425 -55.59 84.60 -29.09
CA ASN O 425 -54.44 83.93 -28.49
C ASN O 425 -53.99 82.81 -29.41
N ALA O 426 -52.71 82.53 -29.40
CA ALA O 426 -52.21 81.37 -30.12
C ALA O 426 -52.33 80.13 -29.25
N PRO O 427 -52.39 78.93 -29.85
CA PRO O 427 -52.40 77.70 -29.03
C PRO O 427 -51.10 77.52 -28.26
N ILE O 428 -51.22 77.07 -27.02
CA ILE O 428 -50.09 77.00 -26.11
C ILE O 428 -49.54 75.58 -26.09
N LEU O 429 -48.30 75.45 -25.61
CA LEU O 429 -47.68 74.15 -25.42
C LEU O 429 -47.59 73.86 -23.94
N SER O 430 -48.22 72.76 -23.50
CA SER O 430 -48.28 72.41 -22.10
C SER O 430 -48.52 70.92 -21.98
N THR O 431 -48.88 70.49 -20.77
CA THR O 431 -49.19 69.10 -20.38
C THR O 431 -48.05 68.13 -20.68
N MET P 1 -36.62 56.57 -70.51
CA MET P 1 -36.46 55.59 -69.43
C MET P 1 -35.00 55.41 -69.08
N ASP P 2 -34.68 55.56 -67.80
CA ASP P 2 -33.33 55.34 -67.31
C ASP P 2 -33.18 53.94 -66.73
N ILE P 3 -32.06 53.30 -67.04
CA ILE P 3 -31.73 51.99 -66.50
C ILE P 3 -30.25 51.99 -66.16
N ASP P 4 -29.93 51.74 -64.90
CA ASP P 4 -28.51 51.46 -64.69
C ASP P 4 -28.27 49.96 -64.75
N PRO P 5 -27.18 49.51 -65.39
CA PRO P 5 -27.10 48.11 -65.80
C PRO P 5 -26.89 47.12 -64.69
N TYR P 6 -26.43 47.54 -63.51
CA TYR P 6 -26.16 46.59 -62.44
C TYR P 6 -26.83 46.98 -61.12
N LYS P 7 -27.93 47.71 -61.17
CA LYS P 7 -28.68 48.00 -59.95
C LYS P 7 -29.33 46.74 -59.40
N GLU P 8 -29.62 45.76 -60.26
CA GLU P 8 -30.20 44.51 -59.79
C GLU P 8 -29.17 43.65 -59.07
N PHE P 9 -27.87 43.93 -59.23
CA PHE P 9 -26.83 43.16 -58.59
C PHE P 9 -26.34 43.78 -57.29
N GLY P 10 -26.60 45.06 -57.07
CA GLY P 10 -26.27 45.67 -55.80
C GLY P 10 -25.61 47.03 -55.90
N ALA P 11 -24.83 47.25 -56.94
CA ALA P 11 -24.06 48.48 -57.07
C ALA P 11 -24.72 49.41 -58.09
N THR P 12 -24.54 50.71 -57.88
CA THR P 12 -25.03 51.69 -58.83
C THR P 12 -23.88 52.13 -59.72
N VAL P 13 -24.18 53.01 -60.68
CA VAL P 13 -23.13 53.54 -61.55
C VAL P 13 -22.21 54.46 -60.74
N GLU P 14 -22.76 55.18 -59.77
CA GLU P 14 -21.93 56.07 -58.95
C GLU P 14 -21.05 55.29 -58.00
N LEU P 15 -21.40 54.04 -57.69
CA LEU P 15 -20.56 53.24 -56.81
C LEU P 15 -19.38 52.64 -57.55
N LEU P 16 -19.48 52.47 -58.87
CA LEU P 16 -18.30 52.15 -59.67
C LEU P 16 -17.53 53.37 -60.09
N SER P 17 -17.92 54.56 -59.66
CA SER P 17 -17.14 55.76 -59.92
C SER P 17 -16.04 55.95 -58.91
N PHE P 18 -15.93 55.05 -57.92
CA PHE P 18 -14.76 55.04 -57.05
C PHE P 18 -13.51 54.68 -57.81
N LEU P 19 -13.63 53.73 -58.73
CA LEU P 19 -12.49 53.29 -59.51
C LEU P 19 -12.14 54.33 -60.55
N PRO P 20 -10.86 54.66 -60.73
CA PRO P 20 -10.49 55.88 -61.46
C PRO P 20 -10.51 55.76 -62.97
N SER P 21 -11.19 54.77 -63.52
CA SER P 21 -11.52 54.57 -64.94
C SER P 21 -10.32 54.23 -65.82
N ASP P 22 -9.10 54.21 -65.29
CA ASP P 22 -7.98 53.55 -65.94
C ASP P 22 -7.54 52.33 -65.14
N PHE P 23 -8.22 52.03 -64.05
CA PHE P 23 -7.96 50.84 -63.27
C PHE P 23 -8.34 49.58 -64.03
N PHE P 24 -9.31 49.68 -64.90
CA PHE P 24 -9.82 48.50 -65.59
C PHE P 24 -8.83 48.04 -66.67
N PRO P 25 -8.64 46.73 -66.82
CA PRO P 25 -7.79 46.23 -67.90
C PRO P 25 -8.44 46.42 -69.25
N SER P 26 -7.69 46.05 -70.29
CA SER P 26 -8.17 46.23 -71.66
C SER P 26 -9.36 45.32 -71.94
N VAL P 27 -10.13 45.71 -72.95
CA VAL P 27 -11.35 44.97 -73.26
C VAL P 27 -11.01 43.62 -73.87
N ARG P 28 -9.97 43.56 -74.71
CA ARG P 28 -9.50 42.27 -75.20
C ARG P 28 -8.78 41.49 -74.13
N ASP P 29 -8.25 42.16 -73.11
CA ASP P 29 -7.63 41.49 -72.00
C ASP P 29 -8.68 40.86 -71.08
N LEU P 30 -9.89 41.41 -71.06
CA LEU P 30 -10.94 40.88 -70.21
C LEU P 30 -11.71 39.76 -70.88
N LEU P 31 -11.77 39.75 -72.22
CA LEU P 31 -12.47 38.67 -72.91
C LEU P 31 -11.71 37.36 -72.80
N ASP P 32 -10.38 37.42 -72.67
CA ASP P 32 -9.60 36.21 -72.48
C ASP P 32 -9.86 35.59 -71.12
N THR P 33 -10.00 36.42 -70.08
CA THR P 33 -10.31 35.91 -68.76
C THR P 33 -11.69 35.27 -68.71
N ALA P 34 -12.64 35.81 -69.49
CA ALA P 34 -13.92 35.13 -69.63
C ALA P 34 -13.77 33.86 -70.44
N SER P 35 -12.91 33.87 -71.46
CA SER P 35 -12.74 32.70 -72.31
C SER P 35 -11.90 31.62 -71.65
N ALA P 36 -10.90 32.00 -70.86
CA ALA P 36 -10.04 30.98 -70.25
C ALA P 36 -10.72 30.35 -69.05
N LEU P 37 -11.38 31.14 -68.22
CA LEU P 37 -11.97 30.59 -67.01
C LEU P 37 -13.25 29.82 -67.29
N TYR P 38 -14.18 30.41 -68.02
CA TYR P 38 -15.44 29.73 -68.32
C TYR P 38 -15.93 30.09 -69.73
N ARG P 39 -15.52 29.27 -70.70
CA ARG P 39 -16.03 29.32 -72.05
C ARG P 39 -17.20 28.37 -72.22
N GLU P 40 -17.12 27.19 -71.60
CA GLU P 40 -18.20 26.21 -71.71
C GLU P 40 -19.44 26.62 -70.91
N ALA P 41 -19.30 27.55 -69.97
CA ALA P 41 -20.45 28.03 -69.23
C ALA P 41 -21.19 29.16 -69.93
N LEU P 42 -20.46 30.01 -70.68
CA LEU P 42 -21.12 31.07 -71.42
C LEU P 42 -21.84 30.52 -72.64
N GLU P 43 -21.27 29.52 -73.30
CA GLU P 43 -21.90 28.86 -74.44
C GLU P 43 -22.79 27.70 -74.02
N SER P 44 -23.12 27.61 -72.76
CA SER P 44 -24.04 26.60 -72.26
C SER P 44 -25.49 27.03 -72.49
N PRO P 45 -26.39 26.09 -72.69
CA PRO P 45 -27.81 26.46 -72.87
C PRO P 45 -28.56 26.65 -71.56
N GLU P 46 -27.86 26.81 -70.45
CA GLU P 46 -28.50 27.00 -69.16
C GLU P 46 -28.46 28.46 -68.75
N HIS P 47 -29.25 28.77 -67.72
CA HIS P 47 -29.40 30.10 -67.18
C HIS P 47 -28.54 30.32 -65.94
N CYS P 48 -27.32 29.76 -65.95
CA CYS P 48 -26.47 29.43 -64.80
C CYS P 48 -26.40 30.48 -63.69
N SER P 49 -26.40 31.76 -64.06
CA SER P 49 -26.36 32.85 -63.08
C SER P 49 -26.88 34.11 -63.75
N PRO P 50 -27.44 35.05 -63.00
CA PRO P 50 -27.80 36.34 -63.59
C PRO P 50 -26.60 37.19 -63.99
N HIS P 51 -25.40 36.83 -63.56
CA HIS P 51 -24.21 37.42 -64.13
C HIS P 51 -23.87 36.78 -65.46
N HIS P 52 -24.20 35.50 -65.63
CA HIS P 52 -23.93 34.83 -66.90
C HIS P 52 -24.81 35.39 -68.00
N THR P 53 -26.08 35.66 -67.69
CA THR P 53 -26.98 36.26 -68.67
C THR P 53 -26.58 37.69 -68.98
N ALA P 54 -26.13 38.43 -67.96
CA ALA P 54 -25.67 39.78 -68.20
C ALA P 54 -24.32 39.83 -68.91
N LEU P 55 -23.55 38.74 -68.87
CA LEU P 55 -22.27 38.73 -69.54
C LEU P 55 -22.37 38.31 -70.99
N ARG P 56 -23.34 37.45 -71.33
CA ARG P 56 -23.53 37.04 -72.71
C ARG P 56 -23.97 38.20 -73.59
N GLN P 57 -24.76 39.12 -73.05
CA GLN P 57 -25.17 40.29 -73.81
C GLN P 57 -24.21 41.46 -73.65
N ALA P 58 -23.13 41.28 -72.93
CA ALA P 58 -22.07 42.28 -72.86
C ALA P 58 -20.92 41.98 -73.79
N ILE P 59 -20.69 40.72 -74.10
CA ILE P 59 -19.68 40.36 -75.09
C ILE P 59 -20.22 40.56 -76.49
N LEU P 60 -21.50 40.25 -76.70
CA LEU P 60 -22.10 40.44 -78.01
C LEU P 60 -22.35 41.91 -78.29
N CYS P 61 -22.58 42.72 -77.26
CA CYS P 61 -22.73 44.16 -77.47
C CYS P 61 -21.41 44.80 -77.86
N TRP P 62 -20.29 44.24 -77.41
CA TRP P 62 -19.00 44.79 -77.81
C TRP P 62 -18.70 44.47 -79.26
N GLY P 63 -19.20 43.34 -79.77
CA GLY P 63 -18.95 43.00 -81.16
C GLY P 63 -19.68 43.92 -82.12
N GLU P 64 -20.97 44.15 -81.87
CA GLU P 64 -21.76 45.06 -82.70
C GLU P 64 -21.32 46.51 -82.55
N LEU P 65 -20.73 46.86 -81.41
CA LEU P 65 -20.16 48.20 -81.26
C LEU P 65 -18.86 48.35 -82.01
N MET P 66 -18.08 47.27 -82.13
CA MET P 66 -16.81 47.31 -82.82
C MET P 66 -16.96 47.06 -84.32
N THR P 67 -17.95 46.26 -84.72
CA THR P 67 -18.22 46.06 -86.14
C THR P 67 -18.71 47.35 -86.79
N LEU P 68 -19.45 48.17 -86.04
CA LEU P 68 -19.79 49.51 -86.53
C LEU P 68 -18.54 50.37 -86.63
N ALA P 69 -17.62 50.23 -85.68
CA ALA P 69 -16.35 50.97 -85.74
C ALA P 69 -15.45 50.41 -86.82
N THR P 70 -15.62 49.14 -87.18
CA THR P 70 -14.87 48.58 -88.31
C THR P 70 -15.40 49.12 -89.63
N TRP P 71 -16.72 49.22 -89.75
CA TRP P 71 -17.34 49.67 -91.00
C TRP P 71 -17.05 51.14 -91.29
N VAL P 72 -16.86 51.95 -90.25
CA VAL P 72 -16.48 53.35 -90.47
C VAL P 72 -14.97 53.50 -90.58
N GLY P 73 -14.22 52.41 -90.51
CA GLY P 73 -12.78 52.47 -90.68
C GLY P 73 -12.32 52.70 -92.11
N ASN P 74 -13.25 52.65 -93.07
CA ASN P 74 -12.91 52.88 -94.47
C ASN P 74 -13.95 53.75 -95.16
N ASN P 75 -14.68 54.58 -94.40
CA ASN P 75 -15.70 55.46 -94.95
C ASN P 75 -15.65 56.79 -94.23
N LEU P 76 -15.83 57.88 -94.97
CA LEU P 76 -15.80 59.22 -94.38
C LEU P 76 -16.63 60.20 -95.20
N ASP P 195 -9.25 55.86 -87.79
CA ASP P 195 -8.60 57.15 -87.62
C ASP P 195 -8.99 57.78 -86.27
N LEU P 196 -9.88 58.76 -86.30
CA LEU P 196 -10.34 59.44 -85.10
C LEU P 196 -11.52 58.74 -84.45
N VAL P 197 -11.88 57.54 -84.91
CA VAL P 197 -12.99 56.81 -84.35
C VAL P 197 -12.53 55.66 -83.45
N VAL P 198 -11.33 55.11 -83.68
CA VAL P 198 -10.83 54.03 -82.84
C VAL P 198 -10.43 54.55 -81.47
N ASN P 199 -10.05 55.82 -81.37
CA ASN P 199 -9.78 56.44 -80.08
C ASN P 199 -11.00 57.12 -79.49
N TYR P 200 -12.16 56.98 -80.14
CA TYR P 200 -13.41 57.46 -79.57
C TYR P 200 -14.23 56.35 -78.95
N VAL P 201 -14.14 55.13 -79.50
CA VAL P 201 -14.90 54.01 -78.98
C VAL P 201 -14.41 53.62 -77.59
N ASN P 202 -13.11 53.35 -77.47
CA ASN P 202 -12.54 52.91 -76.21
C ASN P 202 -12.40 54.03 -75.19
N THR P 203 -12.57 55.28 -75.60
CA THR P 203 -12.56 56.39 -74.66
C THR P 203 -13.94 56.64 -74.05
N ASN P 204 -14.99 56.51 -74.85
CA ASN P 204 -16.33 56.88 -74.44
C ASN P 204 -17.24 55.69 -74.19
N MET P 205 -17.33 54.76 -75.15
CA MET P 205 -18.15 53.58 -74.98
C MET P 205 -17.37 52.36 -74.55
N GLY P 206 -16.07 52.30 -74.84
CA GLY P 206 -15.28 51.16 -74.41
C GLY P 206 -15.09 51.11 -72.92
N LEU P 207 -15.06 52.27 -72.27
CA LEU P 207 -15.00 52.30 -70.81
C LEU P 207 -16.29 51.78 -70.19
N LYS P 208 -17.43 52.06 -70.82
CA LYS P 208 -18.70 51.53 -70.34
C LYS P 208 -18.85 50.04 -70.61
N ILE P 209 -18.00 49.46 -71.46
CA ILE P 209 -18.00 48.02 -71.67
C ILE P 209 -17.00 47.34 -70.75
N ARG P 210 -15.83 47.94 -70.56
CA ARG P 210 -14.83 47.41 -69.65
C ARG P 210 -15.29 47.42 -68.20
N GLN P 211 -16.20 48.32 -67.84
CA GLN P 211 -16.80 48.26 -66.52
C GLN P 211 -17.70 47.05 -66.38
N LEU P 212 -18.52 46.77 -67.40
CA LEU P 212 -19.44 45.65 -67.32
C LEU P 212 -18.73 44.32 -67.49
N LEU P 213 -17.62 44.30 -68.21
CA LEU P 213 -16.84 43.08 -68.29
C LEU P 213 -16.08 42.81 -67.01
N TRP P 214 -15.55 43.87 -66.38
CA TRP P 214 -14.83 43.68 -65.12
C TRP P 214 -15.78 43.29 -64.00
N PHE P 215 -16.97 43.90 -63.96
CA PHE P 215 -17.86 43.68 -62.84
C PHE P 215 -18.44 42.27 -62.85
N HIS P 216 -18.74 41.74 -64.03
CA HIS P 216 -19.40 40.44 -64.10
C HIS P 216 -18.42 39.29 -64.07
N ILE P 217 -17.19 39.49 -64.53
CA ILE P 217 -16.19 38.44 -64.38
C ILE P 217 -15.77 38.31 -62.93
N SER P 218 -15.57 39.44 -62.26
CA SER P 218 -15.22 39.41 -60.84
C SER P 218 -16.40 39.05 -59.95
N CYS P 219 -17.64 39.16 -60.45
CA CYS P 219 -18.78 38.65 -59.69
C CYS P 219 -18.81 37.13 -59.70
N LEU P 220 -18.55 36.53 -60.86
CA LEU P 220 -18.61 35.07 -60.94
C LEU P 220 -17.36 34.42 -60.37
N THR P 221 -16.22 35.09 -60.45
CA THR P 221 -14.98 34.48 -59.97
C THR P 221 -14.89 34.53 -58.45
N PHE P 222 -15.05 35.72 -57.88
CA PHE P 222 -14.80 35.93 -56.46
C PHE P 222 -16.06 36.01 -55.61
N GLY P 223 -17.23 36.05 -56.23
CA GLY P 223 -18.45 36.21 -55.47
C GLY P 223 -18.97 37.63 -55.55
N ARG P 224 -20.29 37.76 -55.51
CA ARG P 224 -20.90 39.08 -55.62
C ARG P 224 -20.73 39.87 -54.33
N GLU P 225 -20.85 39.21 -53.19
CA GLU P 225 -20.68 39.92 -51.92
C GLU P 225 -19.23 40.30 -51.68
N THR P 226 -18.29 39.55 -52.24
CA THR P 226 -16.88 39.91 -52.10
C THR P 226 -16.54 41.10 -52.98
N VAL P 227 -17.08 41.14 -54.20
CA VAL P 227 -16.76 42.25 -55.10
C VAL P 227 -17.57 43.49 -54.76
N LEU P 228 -18.64 43.37 -53.99
CA LEU P 228 -19.33 44.58 -53.53
C LEU P 228 -18.58 45.24 -52.40
N GLU P 229 -17.89 44.45 -51.57
CA GLU P 229 -17.04 45.01 -50.53
C GLU P 229 -15.70 45.47 -51.07
N TYR P 230 -15.34 45.07 -52.29
CA TYR P 230 -14.08 45.52 -52.86
C TYR P 230 -14.18 46.96 -53.34
N LEU P 231 -15.34 47.37 -53.86
CA LEU P 231 -15.49 48.72 -54.35
C LEU P 231 -15.56 49.73 -53.22
N VAL P 232 -15.98 49.30 -52.04
CA VAL P 232 -15.93 50.18 -50.88
C VAL P 232 -14.50 50.29 -50.37
N SER P 233 -13.78 49.17 -50.34
CA SER P 233 -12.40 49.18 -49.86
C SER P 233 -11.46 49.87 -50.84
N PHE P 234 -11.80 49.91 -52.13
CA PHE P 234 -11.08 50.80 -53.03
C PHE P 234 -11.54 52.24 -52.85
N GLY P 235 -12.78 52.43 -52.41
CA GLY P 235 -13.29 53.77 -52.20
C GLY P 235 -12.68 54.48 -51.00
N VAL P 236 -12.05 53.74 -50.09
CA VAL P 236 -11.30 54.34 -49.01
C VAL P 236 -9.81 54.42 -49.31
N TRP P 237 -9.33 53.71 -50.34
CA TRP P 237 -7.93 53.77 -50.68
C TRP P 237 -7.63 54.93 -51.63
N ILE P 238 -8.48 55.12 -52.64
CA ILE P 238 -8.28 56.24 -53.55
C ILE P 238 -8.64 57.57 -52.90
N ARG P 239 -9.38 57.53 -51.79
CA ARG P 239 -9.86 58.76 -51.18
C ARG P 239 -8.83 59.40 -50.28
N THR P 240 -8.04 58.59 -49.57
CA THR P 240 -7.08 59.09 -48.60
C THR P 240 -5.94 59.83 -49.31
N PRO P 241 -5.33 60.82 -48.65
CA PRO P 241 -4.21 61.51 -49.26
C PRO P 241 -3.02 60.59 -49.41
N PRO P 242 -2.17 60.83 -50.41
CA PRO P 242 -1.06 59.89 -50.69
C PRO P 242 0.01 59.86 -49.62
N ALA P 243 0.05 60.83 -48.71
CA ALA P 243 1.01 60.78 -47.62
C ALA P 243 0.64 59.73 -46.59
N TYR P 244 -0.63 59.32 -46.54
CA TYR P 244 -1.09 58.37 -45.53
C TYR P 244 -1.77 57.15 -46.14
N ARG P 245 -1.58 56.89 -47.43
CA ARG P 245 -2.20 55.69 -47.95
C ARG P 245 -1.14 54.66 -48.30
N PRO P 246 -1.45 53.37 -48.15
CA PRO P 246 -0.48 52.33 -48.47
C PRO P 246 -0.24 52.25 -49.97
N PRO P 247 0.99 51.98 -50.40
CA PRO P 247 1.28 51.95 -51.84
C PRO P 247 0.77 50.70 -52.54
N ASN P 248 0.36 49.68 -51.80
CA ASN P 248 -0.26 48.50 -52.39
C ASN P 248 -1.77 48.69 -52.36
N ALA P 249 -2.35 48.93 -53.53
CA ALA P 249 -3.78 49.08 -53.68
C ALA P 249 -4.48 47.76 -53.34
N PRO P 250 -5.72 47.81 -52.87
CA PRO P 250 -6.43 46.56 -52.59
C PRO P 250 -6.76 45.83 -53.88
N ILE P 251 -6.69 44.50 -53.80
CA ILE P 251 -6.84 43.63 -54.95
C ILE P 251 -7.61 42.39 -54.51
N LEU P 252 -8.15 41.66 -55.48
CA LEU P 252 -9.06 40.56 -55.18
C LEU P 252 -8.30 39.35 -54.66
N SER P 253 -8.88 38.70 -53.67
CA SER P 253 -8.21 37.68 -52.87
C SER P 253 -8.45 36.30 -53.49
N THR P 254 -8.20 35.25 -52.70
CA THR P 254 -8.57 33.90 -53.07
C THR P 254 -10.09 33.80 -53.20
N LEU P 255 -10.54 32.88 -54.07
CA LEU P 255 -11.94 32.80 -54.50
C LEU P 255 -12.92 32.41 -53.41
N MET P 285 -15.12 33.09 -79.23
CA MET P 285 -16.40 32.61 -78.71
C MET P 285 -17.54 32.92 -79.67
N ASP P 286 -18.53 32.03 -79.67
CA ASP P 286 -19.67 32.11 -80.58
C ASP P 286 -20.97 32.20 -79.81
N ILE P 287 -21.02 33.12 -78.84
CA ILE P 287 -22.13 33.23 -77.89
C ILE P 287 -23.44 33.53 -78.62
N ASP P 288 -24.41 32.66 -78.41
CA ASP P 288 -25.77 32.83 -78.94
C ASP P 288 -26.62 33.47 -77.86
N PRO P 289 -27.18 34.66 -78.08
CA PRO P 289 -27.91 35.34 -76.99
C PRO P 289 -29.26 34.74 -76.67
N TYR P 290 -29.81 33.89 -77.54
CA TYR P 290 -31.07 33.22 -77.25
C TYR P 290 -30.88 31.79 -76.78
N LYS P 291 -29.64 31.31 -76.70
CA LYS P 291 -29.35 29.89 -76.52
C LYS P 291 -29.86 29.36 -75.20
N GLU P 292 -29.78 30.16 -74.14
CA GLU P 292 -30.27 29.74 -72.84
C GLU P 292 -31.78 29.79 -72.75
N PHE P 293 -32.44 30.56 -73.61
CA PHE P 293 -33.88 30.70 -73.57
C PHE P 293 -34.61 29.60 -74.33
N GLY P 294 -33.93 28.87 -75.19
CA GLY P 294 -34.53 27.82 -75.97
C GLY P 294 -34.67 28.10 -77.46
N ALA P 295 -33.90 29.03 -78.00
CA ALA P 295 -33.98 29.34 -79.42
C ALA P 295 -32.60 29.68 -79.92
N THR P 296 -32.43 29.64 -81.23
CA THR P 296 -31.21 30.07 -81.88
C THR P 296 -31.51 31.25 -82.79
N VAL P 297 -30.46 31.80 -83.38
CA VAL P 297 -30.67 32.86 -84.38
C VAL P 297 -31.28 32.26 -85.63
N GLU P 298 -30.92 31.02 -85.96
CA GLU P 298 -31.48 30.36 -87.13
C GLU P 298 -32.95 30.01 -86.95
N LEU P 299 -33.42 29.89 -85.70
CA LEU P 299 -34.86 29.79 -85.48
C LEU P 299 -35.53 31.14 -85.69
N LEU P 300 -34.85 32.23 -85.34
CA LEU P 300 -35.34 33.57 -85.60
C LEU P 300 -34.89 34.12 -86.94
N SER P 301 -34.16 33.33 -87.72
CA SER P 301 -33.85 33.74 -89.08
C SER P 301 -35.04 33.58 -90.01
N PHE P 302 -36.02 32.76 -89.65
CA PHE P 302 -37.16 32.52 -90.51
C PHE P 302 -38.16 33.66 -90.48
N LEU P 303 -38.12 34.51 -89.47
CA LEU P 303 -38.94 35.71 -89.48
C LEU P 303 -38.38 36.70 -90.49
N PRO P 304 -39.22 37.37 -91.25
CA PRO P 304 -38.71 38.30 -92.28
C PRO P 304 -38.19 39.59 -91.67
N SER P 305 -37.63 40.47 -92.51
CA SER P 305 -37.05 41.71 -91.99
C SER P 305 -38.11 42.69 -91.55
N ASP P 306 -39.28 42.67 -92.19
CA ASP P 306 -40.35 43.61 -91.90
C ASP P 306 -41.33 43.06 -90.88
N PHE P 307 -40.97 42.03 -90.14
CA PHE P 307 -41.89 41.46 -89.16
C PHE P 307 -41.82 42.21 -87.84
N PHE P 308 -40.72 42.67 -87.50
CA PHE P 308 -40.52 43.34 -86.23
C PHE P 308 -40.91 44.81 -86.32
N PRO P 309 -41.39 45.40 -85.22
CA PRO P 309 -41.64 46.84 -85.22
C PRO P 309 -40.33 47.62 -85.21
N SER P 310 -40.46 48.93 -85.31
CA SER P 310 -39.28 49.78 -85.26
C SER P 310 -38.73 49.83 -83.84
N VAL P 311 -37.52 50.38 -83.72
CA VAL P 311 -36.83 50.39 -82.44
C VAL P 311 -37.50 51.34 -81.46
N ARG P 312 -38.03 52.45 -81.97
CA ARG P 312 -38.80 53.36 -81.13
C ARG P 312 -40.10 52.72 -80.67
N ASP P 313 -40.79 52.02 -81.59
CA ASP P 313 -42.02 51.33 -81.23
C ASP P 313 -41.77 50.08 -80.40
N LEU P 314 -40.53 49.58 -80.35
CA LEU P 314 -40.19 48.47 -79.48
C LEU P 314 -39.67 48.94 -78.13
N LEU P 315 -39.09 50.12 -78.07
CA LEU P 315 -38.69 50.70 -76.79
C LEU P 315 -39.86 51.32 -76.06
N ASP P 316 -40.88 51.77 -76.80
CA ASP P 316 -42.05 52.34 -76.17
C ASP P 316 -42.86 51.27 -75.45
N THR P 317 -43.04 50.11 -76.07
CA THR P 317 -43.81 49.05 -75.45
C THR P 317 -43.06 48.33 -74.35
N ALA P 318 -41.76 48.59 -74.20
CA ALA P 318 -41.04 48.10 -73.03
C ALA P 318 -41.16 49.07 -71.87
N SER P 319 -40.98 50.36 -72.14
CA SER P 319 -41.06 51.37 -71.09
C SER P 319 -42.48 51.67 -70.64
N ALA P 320 -43.48 51.13 -71.33
CA ALA P 320 -44.87 51.30 -70.91
C ALA P 320 -45.41 50.09 -70.17
N LEU P 321 -45.07 48.89 -70.61
CA LEU P 321 -45.51 47.69 -69.90
C LEU P 321 -44.62 47.40 -68.70
N TYR P 322 -43.30 47.47 -68.87
CA TYR P 322 -42.35 47.17 -67.80
C TYR P 322 -41.45 48.38 -67.60
N ARG P 323 -41.93 49.35 -66.84
CA ARG P 323 -41.11 50.49 -66.46
C ARG P 323 -40.53 50.32 -65.07
N GLU P 324 -41.37 50.03 -64.08
CA GLU P 324 -40.87 49.73 -62.75
C GLU P 324 -40.38 48.30 -62.63
N ALA P 325 -40.72 47.44 -63.58
CA ALA P 325 -40.20 46.08 -63.56
C ALA P 325 -38.77 46.00 -64.06
N LEU P 326 -38.34 46.95 -64.88
CA LEU P 326 -36.97 46.96 -65.37
C LEU P 326 -36.03 47.77 -64.50
N GLU P 327 -36.54 48.79 -63.80
CA GLU P 327 -35.71 49.62 -62.95
C GLU P 327 -35.66 49.14 -61.51
N SER P 328 -36.43 48.12 -61.16
CA SER P 328 -36.38 47.60 -59.80
C SER P 328 -35.08 46.83 -59.58
N PRO P 329 -34.57 46.80 -58.34
CA PRO P 329 -33.37 46.04 -58.06
C PRO P 329 -33.56 44.53 -57.96
N GLU P 330 -34.75 44.01 -58.25
CA GLU P 330 -34.92 42.58 -58.33
C GLU P 330 -34.73 42.11 -59.77
N HIS P 331 -34.40 40.83 -59.93
CA HIS P 331 -34.29 40.28 -61.27
C HIS P 331 -35.67 40.00 -61.85
N CYS P 332 -36.42 39.11 -61.20
CA CYS P 332 -37.79 38.65 -61.45
C CYS P 332 -37.93 37.75 -62.68
N SER P 333 -36.90 37.69 -63.54
CA SER P 333 -36.87 36.89 -64.75
C SER P 333 -35.50 36.96 -65.41
N PRO P 334 -35.05 35.90 -66.08
CA PRO P 334 -33.87 36.02 -66.93
C PRO P 334 -34.12 36.81 -68.20
N HIS P 335 -35.38 37.02 -68.59
CA HIS P 335 -35.66 37.93 -69.69
C HIS P 335 -35.47 39.37 -69.26
N HIS P 336 -35.78 39.69 -68.00
CA HIS P 336 -35.57 41.05 -67.49
C HIS P 336 -34.09 41.38 -67.43
N THR P 337 -33.26 40.40 -67.10
CA THR P 337 -31.82 40.64 -67.08
C THR P 337 -31.26 40.81 -68.48
N ALA P 338 -31.78 40.06 -69.44
CA ALA P 338 -31.35 40.20 -70.82
C ALA P 338 -31.88 41.46 -71.48
N LEU P 339 -32.97 42.03 -70.97
CA LEU P 339 -33.59 43.18 -71.61
C LEU P 339 -33.06 44.50 -71.08
N ARG P 340 -32.49 44.52 -69.87
CA ARG P 340 -31.85 45.74 -69.39
C ARG P 340 -30.55 46.00 -70.13
N GLN P 341 -29.82 44.94 -70.50
CA GLN P 341 -28.62 45.12 -71.28
C GLN P 341 -28.94 45.42 -72.74
N ALA P 342 -30.02 44.87 -73.26
CA ALA P 342 -30.36 45.07 -74.67
C ALA P 342 -30.86 46.49 -74.92
N ILE P 343 -31.41 47.14 -73.90
CA ILE P 343 -31.81 48.53 -74.03
C ILE P 343 -30.59 49.43 -73.97
N LEU P 344 -29.69 49.17 -73.02
CA LEU P 344 -28.51 50.02 -72.87
C LEU P 344 -27.49 49.77 -73.97
N CYS P 345 -27.54 48.62 -74.62
CA CYS P 345 -26.68 48.41 -75.77
C CYS P 345 -27.11 49.24 -76.95
N TRP P 346 -28.41 49.49 -77.08
CA TRP P 346 -28.88 50.39 -78.13
C TRP P 346 -28.57 51.84 -77.81
N GLY P 347 -28.44 52.18 -76.52
CA GLY P 347 -28.05 53.53 -76.17
C GLY P 347 -26.62 53.84 -76.56
N GLU P 348 -25.75 52.82 -76.55
CA GLU P 348 -24.38 53.02 -76.99
C GLU P 348 -24.28 53.11 -78.50
N LEU P 349 -25.13 52.37 -79.21
CA LEU P 349 -25.08 52.39 -80.67
C LEU P 349 -25.59 53.72 -81.22
N MET P 350 -26.68 54.24 -80.65
CA MET P 350 -27.18 55.53 -81.09
C MET P 350 -26.29 56.67 -80.64
N THR P 351 -25.46 56.47 -79.62
CA THR P 351 -24.46 57.47 -79.25
C THR P 351 -23.35 57.50 -80.27
N LEU P 352 -22.87 56.32 -80.69
CA LEU P 352 -21.80 56.25 -81.67
C LEU P 352 -22.29 56.66 -83.05
N ALA P 353 -23.54 56.34 -83.38
CA ALA P 353 -24.10 56.74 -84.66
C ALA P 353 -24.39 58.22 -84.73
N THR P 354 -24.60 58.88 -83.58
CA THR P 354 -24.77 60.32 -83.59
C THR P 354 -23.43 61.03 -83.75
N TRP P 355 -22.40 60.52 -83.08
CA TRP P 355 -21.09 61.16 -83.14
C TRP P 355 -20.42 60.96 -84.49
N VAL P 356 -20.73 59.87 -85.20
CA VAL P 356 -20.18 59.70 -86.54
C VAL P 356 -20.93 60.59 -87.53
N GLY P 357 -22.10 61.07 -87.18
CA GLY P 357 -22.79 62.06 -87.98
C GLY P 357 -22.30 63.48 -87.82
N ASN P 358 -21.34 63.70 -86.92
CA ASN P 358 -20.80 65.03 -86.70
C ASN P 358 -19.28 65.03 -86.89
N VAL P 375 -23.11 56.61 -91.50
CA VAL P 375 -24.46 56.96 -91.91
C VAL P 375 -25.41 56.09 -91.10
N ASN P 376 -26.71 56.42 -91.10
CA ASN P 376 -27.72 55.64 -90.38
C ASN P 376 -28.10 54.41 -91.20
N TYR P 377 -27.15 53.49 -91.30
CA TYR P 377 -27.35 52.22 -91.96
C TYR P 377 -27.57 51.08 -90.97
N VAL P 378 -27.51 51.39 -89.66
CA VAL P 378 -27.46 50.36 -88.64
C VAL P 378 -28.77 49.59 -88.52
N ASN P 379 -29.86 50.11 -89.09
CA ASN P 379 -31.11 49.37 -89.15
C ASN P 379 -31.00 48.13 -90.04
N THR P 380 -30.06 48.14 -90.98
CA THR P 380 -29.83 46.95 -91.81
C THR P 380 -29.09 45.87 -91.03
N ASN P 381 -28.11 46.26 -90.21
CA ASN P 381 -27.25 45.29 -89.54
C ASN P 381 -27.38 45.31 -88.02
N MET P 382 -27.13 46.44 -87.37
CA MET P 382 -27.12 46.45 -85.91
C MET P 382 -28.53 46.54 -85.35
N GLY P 383 -29.38 47.38 -85.94
CA GLY P 383 -30.71 47.60 -85.41
C GLY P 383 -31.64 46.42 -85.61
N LEU P 384 -31.45 45.67 -86.70
CA LEU P 384 -32.25 44.47 -86.91
C LEU P 384 -31.92 43.41 -85.88
N LYS P 385 -30.66 43.32 -85.46
CA LYS P 385 -30.30 42.40 -84.40
C LYS P 385 -30.71 42.90 -83.03
N ILE P 386 -30.95 44.20 -82.89
CA ILE P 386 -31.48 44.73 -81.64
C ILE P 386 -32.99 44.55 -81.58
N ARG P 387 -33.67 44.75 -82.72
CA ARG P 387 -35.11 44.56 -82.80
C ARG P 387 -35.51 43.10 -82.56
N GLN P 388 -34.63 42.15 -82.87
CA GLN P 388 -34.92 40.77 -82.54
C GLN P 388 -34.75 40.48 -81.06
N LEU P 389 -33.78 41.13 -80.41
CA LEU P 389 -33.64 41.00 -78.95
C LEU P 389 -34.81 41.63 -78.22
N LEU P 390 -35.26 42.78 -78.70
CA LEU P 390 -36.34 43.46 -78.01
C LEU P 390 -37.68 42.78 -78.25
N TRP P 391 -37.91 42.27 -79.47
CA TRP P 391 -39.18 41.60 -79.74
C TRP P 391 -39.27 40.27 -79.00
N PHE P 392 -38.15 39.56 -78.87
CA PHE P 392 -38.20 38.23 -78.29
C PHE P 392 -38.44 38.29 -76.78
N HIS P 393 -37.76 39.21 -76.10
CA HIS P 393 -37.89 39.25 -74.65
C HIS P 393 -39.18 39.92 -74.21
N ILE P 394 -39.70 40.86 -75.01
CA ILE P 394 -41.00 41.45 -74.68
C ILE P 394 -42.11 40.42 -74.89
N SER P 395 -42.03 39.65 -75.98
CA SER P 395 -43.02 38.61 -76.21
C SER P 395 -42.82 37.42 -75.27
N CYS P 396 -41.61 37.21 -74.77
CA CYS P 396 -41.42 36.19 -73.75
C CYS P 396 -42.06 36.59 -72.43
N LEU P 397 -42.12 37.89 -72.14
CA LEU P 397 -42.73 38.36 -70.91
C LEU P 397 -44.22 38.64 -71.06
N THR P 398 -44.68 38.87 -72.29
CA THR P 398 -46.10 39.15 -72.48
C THR P 398 -46.91 37.87 -72.59
N PHE P 399 -46.43 36.92 -73.37
CA PHE P 399 -47.17 35.72 -73.69
C PHE P 399 -46.58 34.45 -73.10
N GLY P 400 -45.44 34.54 -72.43
CA GLY P 400 -44.78 33.36 -71.90
C GLY P 400 -43.68 32.90 -72.83
N ARG P 401 -42.75 32.12 -72.26
CA ARG P 401 -41.62 31.64 -73.06
C ARG P 401 -42.05 30.52 -74.00
N GLU P 402 -42.89 29.61 -73.52
CA GLU P 402 -43.27 28.46 -74.33
C GLU P 402 -44.17 28.85 -75.49
N THR P 403 -44.97 29.90 -75.32
CA THR P 403 -45.90 30.30 -76.38
C THR P 403 -45.16 30.89 -77.57
N VAL P 404 -44.16 31.74 -77.32
CA VAL P 404 -43.40 32.28 -78.43
C VAL P 404 -42.45 31.22 -79.00
N LEU P 405 -41.98 30.29 -78.17
CA LEU P 405 -41.12 29.22 -78.66
C LEU P 405 -41.88 28.20 -79.49
N GLU P 406 -43.20 28.12 -79.34
CA GLU P 406 -44.01 27.33 -80.26
C GLU P 406 -44.59 28.18 -81.37
N TYR P 407 -44.51 29.50 -81.27
CA TYR P 407 -44.92 30.35 -82.38
C TYR P 407 -43.84 30.41 -83.46
N LEU P 408 -42.57 30.37 -83.06
CA LEU P 408 -41.49 30.39 -84.03
C LEU P 408 -41.37 29.08 -84.79
N VAL P 409 -41.86 27.99 -84.21
CA VAL P 409 -41.94 26.73 -84.96
C VAL P 409 -43.03 26.81 -86.00
N SER P 410 -44.19 27.36 -85.62
CA SER P 410 -45.31 27.43 -86.56
C SER P 410 -45.11 28.52 -87.60
N PHE P 411 -44.32 29.55 -87.29
CA PHE P 411 -43.96 30.50 -88.33
C PHE P 411 -42.97 29.90 -89.31
N GLY P 412 -42.14 28.96 -88.83
CA GLY P 412 -41.15 28.35 -89.69
C GLY P 412 -41.75 27.48 -90.79
N VAL P 413 -42.87 26.84 -90.50
CA VAL P 413 -43.55 26.08 -91.55
C VAL P 413 -44.44 26.98 -92.40
N TRP P 414 -44.69 28.22 -91.98
CA TRP P 414 -45.49 29.12 -92.79
C TRP P 414 -44.62 29.87 -93.78
N ILE P 415 -43.40 30.20 -93.39
CA ILE P 415 -42.53 31.00 -94.26
C ILE P 415 -41.75 30.11 -95.22
N ARG P 416 -41.60 28.83 -94.90
CA ARG P 416 -40.82 27.93 -95.76
C ARG P 416 -41.62 27.49 -96.98
N THR P 417 -42.91 27.26 -96.80
CA THR P 417 -43.74 26.82 -97.92
C THR P 417 -43.91 27.94 -98.94
N PRO P 418 -43.97 27.62 -100.22
CA PRO P 418 -44.04 28.66 -101.24
C PRO P 418 -45.40 29.34 -101.24
N PRO P 419 -45.53 30.50 -101.87
CA PRO P 419 -46.85 31.11 -102.03
C PRO P 419 -47.76 30.26 -102.91
N ALA P 420 -49.06 30.56 -102.80
CA ALA P 420 -50.19 29.80 -103.37
C ALA P 420 -50.28 28.38 -102.82
N TYR P 421 -49.61 28.11 -101.69
CA TYR P 421 -49.84 26.91 -100.91
C TYR P 421 -49.93 27.20 -99.43
N ARG P 422 -49.63 28.40 -99.01
CA ARG P 422 -49.81 28.79 -97.63
C ARG P 422 -51.05 29.66 -97.49
N PRO P 423 -51.72 29.60 -96.35
CA PRO P 423 -52.75 30.58 -96.04
C PRO P 423 -52.14 31.97 -96.01
N PRO P 424 -52.77 32.95 -96.68
CA PRO P 424 -52.07 34.21 -96.96
C PRO P 424 -51.85 35.08 -95.74
N ASN P 425 -52.54 34.84 -94.64
CA ASN P 425 -52.30 35.56 -93.40
C ASN P 425 -51.31 34.78 -92.55
N ALA P 426 -50.36 35.51 -91.96
CA ALA P 426 -49.34 34.89 -91.14
C ALA P 426 -49.93 34.47 -89.79
N PRO P 427 -49.28 33.55 -89.08
CA PRO P 427 -49.76 33.20 -87.74
C PRO P 427 -49.65 34.36 -86.77
N ILE P 428 -50.66 34.46 -85.90
CA ILE P 428 -50.78 35.57 -84.96
C ILE P 428 -50.35 35.08 -83.58
N LEU P 429 -49.52 35.87 -82.91
CA LEU P 429 -49.02 35.53 -81.58
C LEU P 429 -49.98 36.09 -80.54
N SER P 430 -50.65 35.20 -79.81
CA SER P 430 -51.57 35.61 -78.75
C SER P 430 -51.75 34.46 -77.77
N THR P 431 -52.14 34.83 -76.55
CA THR P 431 -52.57 33.93 -75.47
C THR P 431 -51.54 32.89 -75.02
N MET Q 1 -76.02 67.76 -66.73
CA MET Q 1 -75.83 67.04 -65.47
C MET Q 1 -75.38 67.98 -64.38
N ASP Q 2 -76.00 67.87 -63.21
CA ASP Q 2 -75.73 68.74 -62.07
C ASP Q 2 -75.10 67.91 -60.97
N ILE Q 3 -73.78 67.88 -60.92
CA ILE Q 3 -73.03 67.07 -59.98
C ILE Q 3 -72.58 67.94 -58.83
N ASP Q 4 -72.93 67.55 -57.63
CA ASP Q 4 -72.45 68.21 -56.43
C ASP Q 4 -71.18 67.52 -55.94
N PRO Q 5 -70.10 68.24 -55.71
CA PRO Q 5 -68.85 67.57 -55.34
C PRO Q 5 -68.85 67.07 -53.90
N TYR Q 6 -69.61 67.72 -53.03
CA TYR Q 6 -69.60 67.41 -51.61
C TYR Q 6 -70.71 66.46 -51.20
N LYS Q 7 -71.68 66.20 -52.07
CA LYS Q 7 -72.92 65.53 -51.69
C LYS Q 7 -72.68 64.09 -51.25
N GLU Q 8 -71.65 63.44 -51.78
CA GLU Q 8 -71.29 62.12 -51.30
C GLU Q 8 -70.67 62.17 -49.91
N PHE Q 9 -70.05 63.29 -49.56
CA PHE Q 9 -69.35 63.40 -48.29
C PHE Q 9 -70.24 63.87 -47.15
N GLY Q 10 -71.45 64.33 -47.43
CA GLY Q 10 -72.35 64.73 -46.37
C GLY Q 10 -72.71 66.19 -46.45
N ALA Q 11 -71.76 67.03 -46.81
CA ALA Q 11 -72.05 68.44 -46.95
C ALA Q 11 -72.61 68.73 -48.34
N THR Q 12 -73.07 69.96 -48.53
CA THR Q 12 -73.47 70.48 -49.84
C THR Q 12 -72.66 71.73 -50.13
N VAL Q 13 -72.98 72.39 -51.25
CA VAL Q 13 -72.28 73.62 -51.60
C VAL Q 13 -72.72 74.77 -50.70
N GLU Q 14 -74.02 74.88 -50.43
CA GLU Q 14 -74.53 75.98 -49.64
C GLU Q 14 -74.14 75.88 -48.17
N LEU Q 15 -73.75 74.69 -47.70
CA LEU Q 15 -73.18 74.58 -46.36
C LEU Q 15 -71.81 75.23 -46.29
N LEU Q 16 -71.07 75.22 -47.40
CA LEU Q 16 -69.79 75.89 -47.50
C LEU Q 16 -69.92 77.33 -47.96
N SER Q 17 -71.09 77.74 -48.43
CA SER Q 17 -71.40 79.14 -48.62
C SER Q 17 -71.98 79.77 -47.37
N PHE Q 18 -72.08 79.00 -46.28
CA PHE Q 18 -72.55 79.50 -45.00
C PHE Q 18 -71.43 80.25 -44.28
N LEU Q 19 -70.19 79.78 -44.42
CA LEU Q 19 -69.04 80.53 -44.00
C LEU Q 19 -68.79 81.67 -44.99
N PRO Q 20 -68.10 82.74 -44.58
CA PRO Q 20 -67.84 83.82 -45.54
C PRO Q 20 -66.76 83.43 -46.53
N SER Q 21 -66.69 84.20 -47.61
CA SER Q 21 -65.78 83.87 -48.69
C SER Q 21 -64.32 84.16 -48.35
N ASP Q 22 -64.06 84.99 -47.35
CA ASP Q 22 -62.70 85.34 -46.98
C ASP Q 22 -62.21 84.61 -45.74
N PHE Q 23 -62.95 83.60 -45.27
CA PHE Q 23 -62.45 82.81 -44.15
C PHE Q 23 -61.40 81.81 -44.63
N PHE Q 24 -61.59 81.26 -45.82
CA PHE Q 24 -60.74 80.17 -46.27
C PHE Q 24 -59.35 80.69 -46.64
N PRO Q 25 -58.29 79.92 -46.34
CA PRO Q 25 -56.92 80.41 -46.60
C PRO Q 25 -56.59 80.49 -48.07
N SER Q 26 -55.43 81.01 -48.41
CA SER Q 26 -55.04 81.10 -49.80
C SER Q 26 -54.69 79.73 -50.34
N VAL Q 27 -54.63 79.65 -51.68
CA VAL Q 27 -54.37 78.38 -52.34
C VAL Q 27 -52.94 77.94 -52.09
N ARG Q 28 -52.01 78.89 -52.02
CA ARG Q 28 -50.63 78.55 -51.74
C ARG Q 28 -50.43 78.14 -50.28
N ASP Q 29 -51.35 78.50 -49.39
CA ASP Q 29 -51.25 78.10 -48.00
C ASP Q 29 -51.93 76.76 -47.73
N LEU Q 30 -52.83 76.33 -48.60
CA LEU Q 30 -53.48 75.03 -48.46
C LEU Q 30 -52.74 73.93 -49.19
N LEU Q 31 -52.04 74.26 -50.28
CA LEU Q 31 -51.26 73.26 -50.99
C LEU Q 31 -49.99 72.90 -50.23
N ASP Q 32 -49.48 73.82 -49.42
CA ASP Q 32 -48.34 73.49 -48.57
C ASP Q 32 -48.76 72.61 -47.39
N THR Q 33 -50.02 72.71 -46.97
CA THR Q 33 -50.48 71.88 -45.87
C THR Q 33 -50.67 70.44 -46.32
N ALA Q 34 -51.15 70.24 -47.56
CA ALA Q 34 -51.24 68.90 -48.10
C ALA Q 34 -49.85 68.34 -48.39
N SER Q 35 -48.92 69.20 -48.80
CA SER Q 35 -47.54 68.79 -49.05
C SER Q 35 -46.75 68.56 -47.77
N ALA Q 36 -47.27 68.96 -46.62
CA ALA Q 36 -46.60 68.74 -45.35
C ALA Q 36 -47.13 67.55 -44.59
N LEU Q 37 -48.43 67.28 -44.69
CA LEU Q 37 -49.04 66.20 -43.92
C LEU Q 37 -49.22 64.93 -44.73
N TYR Q 38 -49.60 65.06 -46.00
CA TYR Q 38 -50.03 63.89 -46.77
C TYR Q 38 -49.33 63.80 -48.10
N ARG Q 39 -48.13 64.38 -48.24
CA ARG Q 39 -47.39 64.27 -49.49
C ARG Q 39 -46.96 62.83 -49.75
N GLU Q 40 -46.62 62.10 -48.70
CA GLU Q 40 -46.31 60.68 -48.84
C GLU Q 40 -47.55 59.81 -48.91
N ALA Q 41 -48.74 60.41 -48.79
CA ALA Q 41 -50.00 59.68 -48.87
C ALA Q 41 -50.78 59.93 -50.14
N LEU Q 42 -50.72 61.16 -50.68
CA LEU Q 42 -51.35 61.42 -51.97
C LEU Q 42 -50.60 60.79 -53.12
N GLU Q 43 -49.30 60.53 -52.97
CA GLU Q 43 -48.50 59.88 -54.00
C GLU Q 43 -48.35 58.39 -53.76
N SER Q 44 -49.34 57.76 -53.19
CA SER Q 44 -49.27 56.35 -52.90
C SER Q 44 -50.14 55.57 -53.88
N PRO Q 45 -49.75 54.35 -54.26
CA PRO Q 45 -50.52 53.57 -55.23
C PRO Q 45 -51.70 52.80 -54.63
N GLU Q 46 -52.45 53.46 -53.76
CA GLU Q 46 -53.68 52.93 -53.21
C GLU Q 46 -54.51 54.09 -52.69
N HIS Q 47 -55.80 54.07 -53.00
CA HIS Q 47 -56.72 55.07 -52.47
C HIS Q 47 -56.93 54.79 -50.99
N CYS Q 48 -56.34 55.63 -50.13
CA CYS Q 48 -56.45 55.40 -48.71
C CYS Q 48 -57.83 55.77 -48.16
N SER Q 49 -58.57 56.63 -48.86
CA SER Q 49 -59.85 57.12 -48.37
C SER Q 49 -60.59 57.71 -49.55
N PRO Q 50 -61.91 57.90 -49.42
CA PRO Q 50 -62.63 58.70 -50.43
C PRO Q 50 -62.22 60.16 -50.45
N HIS Q 51 -61.61 60.67 -49.38
CA HIS Q 51 -61.10 62.03 -49.41
C HIS Q 51 -59.81 62.13 -50.19
N HIS Q 52 -59.05 61.04 -50.30
CA HIS Q 52 -57.78 61.10 -50.99
C HIS Q 52 -57.96 61.18 -52.50
N THR Q 53 -58.91 60.41 -53.05
CA THR Q 53 -59.19 60.50 -54.46
C THR Q 53 -59.78 61.84 -54.84
N ALA Q 54 -60.55 62.46 -53.94
CA ALA Q 54 -61.06 63.78 -54.19
C ALA Q 54 -60.00 64.86 -54.04
N LEU Q 55 -58.93 64.57 -53.30
CA LEU Q 55 -57.87 65.55 -53.10
C LEU Q 55 -56.77 65.45 -54.14
N ARG Q 56 -56.50 64.25 -54.67
CA ARG Q 56 -55.57 64.13 -55.79
C ARG Q 56 -56.10 64.78 -57.05
N GLN Q 57 -57.43 64.92 -57.18
CA GLN Q 57 -58.01 65.54 -58.34
C GLN Q 57 -58.11 67.04 -58.23
N ALA Q 58 -58.30 67.58 -57.03
CA ALA Q 58 -58.42 69.02 -56.87
C ALA Q 58 -57.07 69.71 -57.04
N ILE Q 59 -55.99 69.03 -56.71
CA ILE Q 59 -54.67 69.61 -56.86
C ILE Q 59 -54.24 69.62 -58.32
N LEU Q 60 -54.53 68.53 -59.03
CA LEU Q 60 -54.21 68.47 -60.45
C LEU Q 60 -55.08 69.39 -61.27
N CYS Q 61 -56.35 69.57 -60.87
CA CYS Q 61 -57.22 70.49 -61.59
C CYS Q 61 -56.80 71.92 -61.38
N TRP Q 62 -56.28 72.25 -60.19
CA TRP Q 62 -55.76 73.59 -59.98
C TRP Q 62 -54.48 73.80 -60.77
N GLY Q 63 -53.71 72.73 -61.00
CA GLY Q 63 -52.57 72.83 -61.89
C GLY Q 63 -52.95 73.11 -63.32
N GLU Q 64 -54.11 72.60 -63.77
CA GLU Q 64 -54.54 72.87 -65.13
C GLU Q 64 -55.13 74.26 -65.28
N LEU Q 65 -55.62 74.86 -64.20
CA LEU Q 65 -56.10 76.24 -64.27
C LEU Q 65 -54.94 77.22 -64.36
N MET Q 66 -53.87 76.98 -63.61
CA MET Q 66 -52.76 77.93 -63.59
C MET Q 66 -51.97 77.89 -64.89
N THR Q 67 -51.71 76.69 -65.43
CA THR Q 67 -51.06 76.60 -66.72
C THR Q 67 -51.93 77.09 -67.87
N LEU Q 68 -53.23 77.20 -67.66
CA LEU Q 68 -54.06 77.97 -68.59
C LEU Q 68 -53.96 79.46 -68.28
N ALA Q 69 -53.85 79.82 -66.99
CA ALA Q 69 -53.82 81.23 -66.61
C ALA Q 69 -52.53 81.90 -67.02
N THR Q 70 -51.40 81.21 -66.93
CA THR Q 70 -50.16 81.79 -67.42
C THR Q 70 -50.07 81.75 -68.94
N TRP Q 71 -50.90 80.95 -69.61
CA TRP Q 71 -50.88 80.94 -71.06
C TRP Q 71 -51.56 82.19 -71.62
N VAL Q 72 -52.77 82.48 -71.16
CA VAL Q 72 -53.45 83.69 -71.61
C VAL Q 72 -52.82 84.94 -71.01
N GLY Q 73 -52.04 84.80 -69.94
CA GLY Q 73 -51.29 85.93 -69.45
C GLY Q 73 -50.09 86.25 -70.34
N ASN Q 74 -49.57 85.26 -71.04
CA ASN Q 74 -48.47 85.46 -71.97
C ASN Q 74 -48.90 85.57 -73.41
N ASN Q 75 -50.07 85.02 -73.76
CA ASN Q 75 -50.61 85.07 -75.12
C ASN Q 75 -52.01 85.64 -75.03
N LEU Q 76 -52.12 86.96 -75.19
CA LEU Q 76 -53.37 87.67 -74.98
C LEU Q 76 -54.29 87.53 -76.20
N ASP Q 195 -52.16 88.98 -66.76
CA ASP Q 195 -52.06 89.63 -65.46
C ASP Q 195 -53.41 90.12 -64.98
N LEU Q 196 -54.44 89.85 -65.79
CA LEU Q 196 -55.81 90.21 -65.45
C LEU Q 196 -56.68 89.03 -65.09
N VAL Q 197 -56.42 87.85 -65.66
CA VAL Q 197 -57.19 86.67 -65.29
C VAL Q 197 -56.83 86.19 -63.90
N VAL Q 198 -55.63 86.49 -63.40
CA VAL Q 198 -55.27 86.17 -62.03
C VAL Q 198 -55.98 87.08 -61.04
N ASN Q 199 -56.54 88.19 -61.50
CA ASN Q 199 -57.50 88.94 -60.71
C ASN Q 199 -58.91 88.34 -60.84
N TYR Q 200 -59.13 87.51 -61.86
CA TYR Q 200 -60.44 86.91 -62.10
C TYR Q 200 -60.54 85.47 -61.61
N VAL Q 201 -59.44 84.72 -61.63
CA VAL Q 201 -59.49 83.31 -61.24
C VAL Q 201 -59.74 83.18 -59.75
N ASN Q 202 -59.04 83.98 -58.93
CA ASN Q 202 -59.16 83.87 -57.49
C ASN Q 202 -60.52 84.31 -56.96
N THR Q 203 -61.24 85.14 -57.71
CA THR Q 203 -62.58 85.54 -57.30
C THR Q 203 -63.66 84.66 -57.87
N ASN Q 204 -63.38 83.88 -58.91
CA ASN Q 204 -64.39 82.99 -59.48
C ASN Q 204 -64.01 81.52 -59.34
N MET Q 205 -62.87 81.10 -59.87
CA MET Q 205 -62.45 79.71 -59.76
C MET Q 205 -61.70 79.44 -58.47
N GLY Q 206 -60.94 80.43 -57.99
CA GLY Q 206 -60.10 80.24 -56.82
C GLY Q 206 -60.86 80.06 -55.54
N LEU Q 207 -62.08 80.59 -55.46
CA LEU Q 207 -62.87 80.40 -54.25
C LEU Q 207 -63.39 78.98 -54.16
N LYS Q 208 -63.84 78.42 -55.28
CA LYS Q 208 -64.35 77.05 -55.28
C LYS Q 208 -63.26 76.02 -55.09
N ILE Q 209 -62.01 76.35 -55.41
CA ILE Q 209 -60.92 75.43 -55.14
C ILE Q 209 -60.35 75.65 -53.74
N ARG Q 210 -60.59 76.81 -53.14
CA ARG Q 210 -60.19 77.00 -51.75
C ARG Q 210 -61.12 76.28 -50.81
N GLN Q 211 -62.42 76.28 -51.11
CA GLN Q 211 -63.36 75.51 -50.31
C GLN Q 211 -63.16 74.02 -50.49
N LEU Q 212 -62.76 73.59 -51.68
CA LEU Q 212 -62.57 72.17 -51.94
C LEU Q 212 -61.30 71.67 -51.28
N LEU Q 213 -60.25 72.48 -51.25
CA LEU Q 213 -59.01 72.05 -50.63
C LEU Q 213 -59.10 72.12 -49.11
N TRP Q 214 -59.76 73.15 -48.57
CA TRP Q 214 -59.89 73.28 -47.13
C TRP Q 214 -60.77 72.18 -46.55
N PHE Q 215 -61.77 71.73 -47.30
CA PHE Q 215 -62.70 70.74 -46.76
C PHE Q 215 -62.03 69.38 -46.62
N HIS Q 216 -61.20 69.01 -47.60
CA HIS Q 216 -60.64 67.67 -47.59
C HIS Q 216 -59.41 67.55 -46.71
N ILE Q 217 -58.64 68.63 -46.54
CA ILE Q 217 -57.56 68.62 -45.57
C ILE Q 217 -58.13 68.52 -44.16
N SER Q 218 -59.21 69.24 -43.88
CA SER Q 218 -59.82 69.21 -42.56
C SER Q 218 -60.56 67.92 -42.29
N CYS Q 219 -61.01 67.21 -43.34
CA CYS Q 219 -61.58 65.89 -43.13
C CYS Q 219 -60.50 64.87 -42.77
N LEU Q 220 -59.32 65.01 -43.39
CA LEU Q 220 -58.26 64.04 -43.13
C LEU Q 220 -57.59 64.28 -41.79
N THR Q 221 -57.55 65.53 -41.34
CA THR Q 221 -56.91 65.85 -40.06
C THR Q 221 -57.84 65.55 -38.90
N PHE Q 222 -58.97 66.24 -38.83
CA PHE Q 222 -59.83 66.22 -37.66
C PHE Q 222 -61.02 65.29 -37.80
N GLY Q 223 -61.04 64.43 -38.81
CA GLY Q 223 -62.17 63.56 -39.02
C GLY Q 223 -63.30 64.25 -39.76
N ARG Q 224 -64.20 63.45 -40.31
CA ARG Q 224 -65.23 64.01 -41.18
C ARG Q 224 -66.40 64.55 -40.40
N GLU Q 225 -66.82 63.86 -39.34
CA GLU Q 225 -67.99 64.32 -38.58
C GLU Q 225 -67.70 65.58 -37.79
N THR Q 226 -66.43 65.85 -37.46
CA THR Q 226 -66.10 67.04 -36.71
C THR Q 226 -66.18 68.29 -37.56
N VAL Q 227 -65.70 68.22 -38.80
CA VAL Q 227 -65.74 69.38 -39.68
C VAL Q 227 -67.16 69.65 -40.17
N LEU Q 228 -68.02 68.63 -40.20
CA LEU Q 228 -69.42 68.87 -40.55
C LEU Q 228 -70.15 69.58 -39.41
N GLU Q 229 -69.81 69.25 -38.18
CA GLU Q 229 -70.37 69.95 -37.04
C GLU Q 229 -69.61 71.22 -36.71
N TYR Q 230 -68.55 71.52 -37.44
CA TYR Q 230 -67.87 72.80 -37.32
C TYR Q 230 -68.47 73.85 -38.23
N LEU Q 231 -68.90 73.45 -39.42
CA LEU Q 231 -69.55 74.37 -40.35
C LEU Q 231 -70.85 74.91 -39.79
N VAL Q 232 -71.60 74.07 -39.08
CA VAL Q 232 -72.82 74.50 -38.44
C VAL Q 232 -72.49 75.41 -37.25
N SER Q 233 -71.43 75.08 -36.52
CA SER Q 233 -71.07 75.85 -35.33
C SER Q 233 -70.49 77.20 -35.69
N PHE Q 234 -69.57 77.24 -36.65
CA PHE Q 234 -69.00 78.51 -37.06
C PHE Q 234 -69.96 79.29 -37.95
N GLY Q 235 -70.87 78.60 -38.62
CA GLY Q 235 -71.83 79.30 -39.46
C GLY Q 235 -72.89 80.01 -38.64
N VAL Q 236 -73.31 79.41 -37.53
CA VAL Q 236 -74.26 80.07 -36.64
C VAL Q 236 -73.57 81.05 -35.72
N TRP Q 237 -72.24 81.05 -35.68
CA TRP Q 237 -71.51 81.95 -34.80
C TRP Q 237 -71.50 83.37 -35.37
N ILE Q 238 -71.23 83.51 -36.66
CA ILE Q 238 -71.24 84.84 -37.28
C ILE Q 238 -72.68 85.33 -37.40
N ARG Q 239 -73.62 84.42 -37.51
CA ARG Q 239 -75.04 84.75 -37.60
C ARG Q 239 -75.66 84.98 -36.21
N THR Q 240 -75.00 85.81 -35.41
CA THR Q 240 -75.43 86.21 -34.08
C THR Q 240 -74.98 87.66 -33.90
N PRO Q 241 -75.65 88.42 -33.04
CA PRO Q 241 -75.08 89.70 -32.63
C PRO Q 241 -73.85 89.48 -31.77
N PRO Q 242 -72.90 90.42 -31.77
CA PRO Q 242 -71.60 90.14 -31.14
C PRO Q 242 -71.65 90.07 -29.62
N ALA Q 243 -72.64 90.71 -28.98
CA ALA Q 243 -72.66 90.78 -27.53
C ALA Q 243 -73.21 89.51 -26.86
N TYR Q 244 -73.71 88.55 -27.64
CA TYR Q 244 -74.42 87.41 -27.08
C TYR Q 244 -73.82 86.08 -27.51
N ARG Q 245 -72.67 86.12 -28.16
CA ARG Q 245 -71.93 84.95 -28.63
C ARG Q 245 -70.66 84.78 -27.79
N PRO Q 246 -69.97 83.64 -27.92
CA PRO Q 246 -68.65 83.53 -27.29
C PRO Q 246 -67.68 84.55 -27.85
N PRO Q 247 -66.69 84.96 -27.06
CA PRO Q 247 -65.82 86.06 -27.52
C PRO Q 247 -64.86 85.65 -28.62
N ASN Q 248 -64.36 84.43 -28.60
CA ASN Q 248 -63.48 83.91 -29.61
C ASN Q 248 -64.24 83.01 -30.59
N ALA Q 249 -63.80 83.02 -31.83
CA ALA Q 249 -64.41 82.18 -32.85
C ALA Q 249 -64.08 80.71 -32.57
N PRO Q 250 -64.99 79.78 -32.86
CA PRO Q 250 -64.76 78.39 -32.47
C PRO Q 250 -63.73 77.69 -33.34
N ILE Q 251 -62.45 77.83 -33.04
CA ILE Q 251 -61.40 77.27 -33.90
C ILE Q 251 -61.40 75.74 -33.80
N LEU Q 252 -60.83 75.10 -34.81
CA LEU Q 252 -60.95 73.67 -35.03
C LEU Q 252 -59.60 73.03 -34.81
N SER Q 253 -59.44 72.30 -33.70
CA SER Q 253 -58.18 71.65 -33.40
C SER Q 253 -58.41 70.45 -32.50
N THR Q 254 -57.44 69.54 -32.50
CA THR Q 254 -57.42 68.39 -31.62
C THR Q 254 -56.53 68.62 -30.40
N LEU Q 255 -56.44 69.87 -29.93
CA LEU Q 255 -55.61 70.21 -28.78
C LEU Q 255 -56.31 71.27 -27.93
N MET Q 285 -45.03 69.14 -55.23
CA MET Q 285 -45.20 67.70 -55.37
C MET Q 285 -45.80 67.35 -56.71
N ASP Q 286 -45.86 66.06 -57.02
CA ASP Q 286 -46.50 65.58 -58.22
C ASP Q 286 -47.30 64.33 -57.87
N ILE Q 287 -48.52 64.26 -58.40
CA ILE Q 287 -49.44 63.17 -58.11
C ILE Q 287 -49.95 62.61 -59.43
N ASP Q 288 -50.01 61.30 -59.51
CA ASP Q 288 -50.48 60.62 -60.70
C ASP Q 288 -51.98 60.38 -60.57
N PRO Q 289 -52.79 60.87 -61.52
CA PRO Q 289 -54.24 60.72 -61.41
C PRO Q 289 -54.75 59.31 -61.62
N TYR Q 290 -53.93 58.40 -62.16
CA TYR Q 290 -54.36 57.04 -62.43
C TYR Q 290 -53.70 55.99 -61.57
N LYS Q 291 -52.63 56.32 -60.83
CA LYS Q 291 -51.78 55.31 -60.23
C LYS Q 291 -52.46 54.57 -59.09
N GLU Q 292 -53.44 55.17 -58.43
CA GLU Q 292 -54.20 54.41 -57.45
C GLU Q 292 -55.12 53.40 -58.11
N PHE Q 293 -55.51 53.65 -59.36
CA PHE Q 293 -56.34 52.70 -60.10
C PHE Q 293 -55.50 51.62 -60.77
N GLY Q 294 -54.20 51.82 -60.89
CA GLY Q 294 -53.34 50.79 -61.44
C GLY Q 294 -52.54 51.25 -62.64
N ALA Q 295 -53.17 52.01 -63.54
CA ALA Q 295 -52.49 52.47 -64.73
C ALA Q 295 -51.69 53.71 -64.43
N THR Q 296 -50.86 54.10 -65.38
CA THR Q 296 -50.02 55.29 -65.28
C THR Q 296 -50.30 56.20 -66.46
N VAL Q 297 -49.65 57.37 -66.47
CA VAL Q 297 -49.84 58.31 -67.56
C VAL Q 297 -49.16 57.81 -68.83
N GLU Q 298 -48.02 57.13 -68.68
CA GLU Q 298 -47.37 56.58 -69.86
C GLU Q 298 -48.11 55.37 -70.42
N LEU Q 299 -48.91 54.69 -69.59
CA LEU Q 299 -49.79 53.66 -70.13
C LEU Q 299 -50.97 54.28 -70.86
N LEU Q 300 -51.41 55.46 -70.44
CA LEU Q 300 -52.50 56.15 -71.12
C LEU Q 300 -52.02 57.02 -72.26
N SER Q 301 -50.74 57.38 -72.29
CA SER Q 301 -50.15 58.01 -73.46
C SER Q 301 -49.54 56.98 -74.40
N PHE Q 302 -49.60 55.70 -74.03
CA PHE Q 302 -49.20 54.62 -74.92
C PHE Q 302 -50.12 54.56 -76.14
N LEU Q 303 -51.41 54.75 -75.93
CA LEU Q 303 -52.38 54.75 -77.00
C LEU Q 303 -52.19 56.01 -77.87
N PRO Q 304 -52.68 55.98 -79.11
CA PRO Q 304 -52.58 57.19 -79.94
C PRO Q 304 -53.44 58.32 -79.40
N SER Q 305 -53.07 59.54 -79.81
CA SER Q 305 -53.68 60.73 -79.24
C SER Q 305 -55.11 60.91 -79.68
N ASP Q 306 -55.45 60.45 -80.89
CA ASP Q 306 -56.76 60.64 -81.46
C ASP Q 306 -57.65 59.42 -81.33
N PHE Q 307 -57.23 58.41 -80.57
CA PHE Q 307 -58.09 57.27 -80.33
C PHE Q 307 -59.24 57.65 -79.41
N PHE Q 308 -58.97 58.49 -78.42
CA PHE Q 308 -59.96 58.83 -77.42
C PHE Q 308 -61.05 59.70 -78.04
N PRO Q 309 -62.31 59.48 -77.69
CA PRO Q 309 -63.40 60.24 -78.29
C PRO Q 309 -63.41 61.69 -77.82
N SER Q 310 -64.31 62.47 -78.41
CA SER Q 310 -64.41 63.87 -78.04
C SER Q 310 -65.04 64.01 -76.67
N VAL Q 311 -64.82 65.17 -76.06
CA VAL Q 311 -65.34 65.41 -74.71
C VAL Q 311 -66.84 65.63 -74.74
N ARG Q 312 -67.41 65.95 -75.90
CA ARG Q 312 -68.86 65.99 -76.03
C ARG Q 312 -69.45 64.60 -76.03
N ASP Q 313 -68.72 63.62 -76.54
CA ASP Q 313 -69.25 62.26 -76.61
C ASP Q 313 -69.15 61.55 -75.26
N LEU Q 314 -68.06 61.80 -74.53
CA LEU Q 314 -67.86 61.10 -73.27
C LEU Q 314 -68.74 61.66 -72.16
N LEU Q 315 -69.00 62.97 -72.18
CA LEU Q 315 -69.91 63.54 -71.20
C LEU Q 315 -71.34 63.09 -71.44
N ASP Q 316 -71.72 62.92 -72.71
CA ASP Q 316 -73.03 62.39 -73.03
C ASP Q 316 -73.12 60.89 -72.77
N THR Q 317 -71.98 60.21 -72.71
CA THR Q 317 -72.00 58.79 -72.36
C THR Q 317 -72.24 58.60 -70.86
N ALA Q 318 -71.55 59.38 -70.03
CA ALA Q 318 -71.74 59.28 -68.59
C ALA Q 318 -73.09 59.84 -68.16
N SER Q 319 -73.64 60.79 -68.92
CA SER Q 319 -74.97 61.29 -68.66
C SER Q 319 -76.06 60.33 -69.08
N ALA Q 320 -75.72 59.25 -69.77
CA ALA Q 320 -76.69 58.27 -70.25
C ALA Q 320 -76.76 57.04 -69.39
N LEU Q 321 -75.63 56.54 -68.90
CA LEU Q 321 -75.65 55.26 -68.23
C LEU Q 321 -75.84 55.37 -66.72
N TYR Q 322 -75.11 56.25 -66.07
CA TYR Q 322 -75.10 56.31 -64.61
C TYR Q 322 -75.17 57.76 -64.11
N ARG Q 323 -76.11 58.52 -64.67
CA ARG Q 323 -76.44 59.84 -64.12
C ARG Q 323 -76.97 59.72 -62.70
N GLU Q 324 -77.78 58.71 -62.43
CA GLU Q 324 -78.34 58.50 -61.10
C GLU Q 324 -77.32 57.97 -60.09
N ALA Q 325 -76.15 57.53 -60.55
CA ALA Q 325 -75.10 57.11 -59.63
C ALA Q 325 -74.03 58.18 -59.42
N LEU Q 326 -73.87 59.10 -60.37
CA LEU Q 326 -72.93 60.19 -60.16
C LEU Q 326 -73.51 61.24 -59.23
N GLU Q 327 -74.80 61.53 -59.33
CA GLU Q 327 -75.46 62.45 -58.42
C GLU Q 327 -76.00 61.78 -57.18
N SER Q 328 -75.64 60.53 -56.94
CA SER Q 328 -76.08 59.82 -55.75
C SER Q 328 -75.29 60.30 -54.54
N PRO Q 329 -75.88 60.28 -53.34
CA PRO Q 329 -75.15 60.74 -52.16
C PRO Q 329 -74.23 59.70 -51.54
N GLU Q 330 -73.90 58.64 -52.27
CA GLU Q 330 -72.90 57.67 -51.84
C GLU Q 330 -71.73 57.66 -52.82
N HIS Q 331 -70.56 57.27 -52.32
CA HIS Q 331 -69.40 57.14 -53.18
C HIS Q 331 -69.54 55.96 -54.13
N CYS Q 332 -69.84 54.78 -53.56
CA CYS Q 332 -70.21 53.51 -54.19
C CYS Q 332 -69.17 52.91 -55.14
N SER Q 333 -68.03 53.57 -55.31
CA SER Q 333 -66.85 53.07 -56.01
C SER Q 333 -65.71 54.03 -55.77
N PRO Q 334 -64.47 53.60 -55.98
CA PRO Q 334 -63.36 54.55 -56.09
C PRO Q 334 -63.32 55.24 -57.44
N HIS Q 335 -64.11 54.80 -58.42
CA HIS Q 335 -64.10 55.41 -59.74
C HIS Q 335 -65.06 56.57 -59.87
N HIS Q 336 -66.18 56.53 -59.14
CA HIS Q 336 -67.17 57.60 -59.23
C HIS Q 336 -66.62 58.90 -58.66
N THR Q 337 -65.88 58.82 -57.56
CA THR Q 337 -65.36 59.99 -56.89
C THR Q 337 -64.34 60.72 -57.75
N ALA Q 338 -63.52 59.98 -58.48
CA ALA Q 338 -62.63 60.61 -59.45
C ALA Q 338 -63.36 61.04 -60.71
N LEU Q 339 -64.56 60.51 -60.94
CA LEU Q 339 -65.31 60.91 -62.12
C LEU Q 339 -66.20 62.11 -61.85
N ARG Q 340 -66.72 62.24 -60.64
CA ARG Q 340 -67.43 63.46 -60.25
C ARG Q 340 -66.50 64.66 -60.26
N GLN Q 341 -65.24 64.48 -59.90
CA GLN Q 341 -64.31 65.60 -59.86
C GLN Q 341 -63.81 65.96 -61.25
N ALA Q 342 -63.68 65.00 -62.15
CA ALA Q 342 -63.17 65.30 -63.47
C ALA Q 342 -64.21 66.00 -64.34
N ILE Q 343 -65.50 65.78 -64.05
CA ILE Q 343 -66.55 66.47 -64.78
C ILE Q 343 -66.60 67.92 -64.35
N LEU Q 344 -66.54 68.16 -63.03
CA LEU Q 344 -66.55 69.53 -62.52
C LEU Q 344 -65.25 70.26 -62.83
N CYS Q 345 -64.16 69.53 -63.00
CA CYS Q 345 -62.91 70.16 -63.43
C CYS Q 345 -63.01 70.64 -64.87
N TRP Q 346 -63.74 69.92 -65.70
CA TRP Q 346 -63.88 70.34 -67.09
C TRP Q 346 -64.85 71.50 -67.24
N GLY Q 347 -65.85 71.59 -66.36
CA GLY Q 347 -66.73 72.74 -66.37
C GLY Q 347 -66.02 74.00 -65.91
N GLU Q 348 -65.14 73.88 -64.94
CA GLU Q 348 -64.38 75.03 -64.46
C GLU Q 348 -63.28 75.44 -65.43
N LEU Q 349 -62.91 74.57 -66.38
CA LEU Q 349 -61.96 74.95 -67.40
C LEU Q 349 -62.64 75.52 -68.64
N MET Q 350 -63.82 75.01 -68.98
CA MET Q 350 -64.55 75.57 -70.11
C MET Q 350 -65.14 76.93 -69.78
N THR Q 351 -65.45 77.18 -68.50
CA THR Q 351 -65.99 78.48 -68.11
C THR Q 351 -64.94 79.57 -68.25
N LEU Q 352 -63.70 79.27 -67.85
CA LEU Q 352 -62.60 80.21 -68.05
C LEU Q 352 -62.24 80.35 -69.52
N ALA Q 353 -62.46 79.28 -70.30
CA ALA Q 353 -62.05 79.31 -71.71
C ALA Q 353 -62.94 80.23 -72.53
N THR Q 354 -64.23 80.24 -72.26
CA THR Q 354 -65.10 81.19 -72.96
C THR Q 354 -64.96 82.60 -72.42
N TRP Q 355 -64.57 82.73 -71.14
CA TRP Q 355 -64.47 84.06 -70.54
C TRP Q 355 -63.33 84.87 -71.13
N VAL Q 356 -62.25 84.22 -71.56
CA VAL Q 356 -61.21 84.92 -72.29
C VAL Q 356 -61.54 85.08 -73.77
N GLY Q 357 -62.65 84.50 -74.22
CA GLY Q 357 -63.14 84.73 -75.56
C GLY Q 357 -64.28 85.72 -75.56
N ASN Q 358 -64.99 85.81 -74.44
CA ASN Q 358 -66.12 86.72 -74.35
C ASN Q 358 -65.67 88.15 -74.07
N ASN Q 359 -64.58 88.31 -73.32
CA ASN Q 359 -64.06 89.63 -72.98
C ASN Q 359 -62.70 89.90 -73.59
N LEU Q 360 -62.17 88.96 -74.37
CA LEU Q 360 -60.90 89.16 -75.06
C LEU Q 360 -60.82 88.30 -76.31
N ASP Q 372 -61.12 84.74 -80.01
CA ASP Q 372 -61.55 83.44 -79.53
C ASP Q 372 -60.66 82.34 -80.10
N LEU Q 373 -59.35 82.53 -79.97
CA LEU Q 373 -58.35 81.59 -80.44
C LEU Q 373 -57.71 80.80 -79.30
N VAL Q 374 -58.47 80.57 -78.23
CA VAL Q 374 -57.98 79.79 -77.10
C VAL Q 374 -58.41 78.33 -77.20
N VAL Q 375 -59.41 78.01 -78.02
CA VAL Q 375 -59.90 76.64 -78.10
C VAL Q 375 -58.92 75.75 -78.85
N ASN Q 376 -58.08 76.33 -79.70
CA ASN Q 376 -57.04 75.56 -80.36
C ASN Q 376 -55.93 75.16 -79.41
N TYR Q 377 -55.75 75.90 -78.32
CA TYR Q 377 -54.75 75.57 -77.32
C TYR Q 377 -55.30 74.59 -76.29
N VAL Q 378 -56.50 74.86 -75.79
CA VAL Q 378 -57.05 74.10 -74.67
C VAL Q 378 -57.46 72.70 -75.10
N ASN Q 379 -57.69 72.47 -76.39
CA ASN Q 379 -58.02 71.15 -76.88
C ASN Q 379 -56.80 70.38 -77.38
N THR Q 380 -55.61 70.75 -76.92
CA THR Q 380 -54.39 70.06 -77.30
C THR Q 380 -53.59 69.55 -76.12
N ASN Q 381 -53.63 70.23 -74.98
CA ASN Q 381 -52.98 69.74 -73.78
C ASN Q 381 -53.86 69.77 -72.53
N MET Q 382 -54.95 70.51 -72.53
CA MET Q 382 -55.95 70.37 -71.47
C MET Q 382 -57.13 69.51 -71.90
N GLY Q 383 -57.47 69.51 -73.18
CA GLY Q 383 -58.58 68.69 -73.64
C GLY Q 383 -58.22 67.22 -73.70
N LEU Q 384 -57.03 66.92 -74.24
CA LEU Q 384 -56.57 65.54 -74.35
C LEU Q 384 -56.32 64.93 -72.98
N LYS Q 385 -55.92 65.73 -72.00
CA LYS Q 385 -55.74 65.23 -70.65
C LYS Q 385 -57.08 64.88 -70.00
N ILE Q 386 -58.15 65.57 -70.38
CA ILE Q 386 -59.48 65.26 -69.85
C ILE Q 386 -60.13 64.13 -70.64
N ARG Q 387 -59.91 64.10 -71.95
CA ARG Q 387 -60.52 63.09 -72.82
C ARG Q 387 -60.07 61.69 -72.46
N GLN Q 388 -58.82 61.52 -72.06
CA GLN Q 388 -58.37 60.21 -71.62
C GLN Q 388 -58.62 59.96 -70.15
N LEU Q 389 -58.96 60.99 -69.39
CA LEU Q 389 -59.35 60.78 -68.01
C LEU Q 389 -60.81 60.38 -67.89
N LEU Q 390 -61.68 60.95 -68.73
CA LEU Q 390 -63.07 60.52 -68.75
C LEU Q 390 -63.19 59.13 -69.36
N TRP Q 391 -62.43 58.85 -70.43
CA TRP Q 391 -62.49 57.56 -71.10
C TRP Q 391 -62.03 56.44 -70.18
N PHE Q 392 -61.02 56.71 -69.35
CA PHE Q 392 -60.49 55.68 -68.46
C PHE Q 392 -61.49 55.32 -67.38
N HIS Q 393 -62.31 56.29 -66.97
CA HIS Q 393 -63.26 56.03 -65.89
C HIS Q 393 -64.62 55.58 -66.39
N ILE Q 394 -65.01 55.98 -67.60
CA ILE Q 394 -66.23 55.46 -68.18
C ILE Q 394 -66.08 53.98 -68.48
N SER Q 395 -64.97 53.59 -69.10
CA SER Q 395 -64.77 52.21 -69.50
C SER Q 395 -64.44 51.30 -68.33
N CYS Q 396 -63.86 51.83 -67.26
CA CYS Q 396 -63.61 51.01 -66.08
C CYS Q 396 -64.87 50.77 -65.26
N LEU Q 397 -65.96 51.45 -65.57
CA LEU Q 397 -67.20 51.25 -64.84
C LEU Q 397 -68.11 50.27 -65.55
N THR Q 398 -68.26 50.41 -66.87
CA THR Q 398 -69.07 49.47 -67.64
C THR Q 398 -68.37 48.12 -67.74
N PHE Q 399 -67.20 48.09 -68.37
CA PHE Q 399 -66.35 46.92 -68.34
C PHE Q 399 -65.53 46.93 -67.06
N GLY Q 400 -64.77 45.88 -66.82
CA GLY Q 400 -64.01 45.78 -65.60
C GLY Q 400 -62.83 46.73 -65.58
N ARG Q 401 -62.30 46.97 -64.38
CA ARG Q 401 -61.14 47.85 -64.25
C ARG Q 401 -59.90 47.18 -64.82
N GLU Q 402 -59.67 45.92 -64.45
CA GLU Q 402 -58.53 45.19 -65.01
C GLU Q 402 -58.74 44.86 -66.48
N THR Q 403 -59.99 44.77 -66.92
CA THR Q 403 -60.28 44.54 -68.33
C THR Q 403 -59.84 45.72 -69.19
N VAL Q 404 -59.97 46.93 -68.67
CA VAL Q 404 -59.37 48.08 -69.33
C VAL Q 404 -57.85 48.00 -69.26
N LEU Q 405 -57.32 47.52 -68.13
CA LEU Q 405 -55.88 47.49 -67.93
C LEU Q 405 -55.21 46.46 -68.84
N GLU Q 406 -55.89 45.36 -69.16
CA GLU Q 406 -55.38 44.49 -70.21
C GLU Q 406 -55.68 45.02 -71.60
N TYR Q 407 -56.66 45.91 -71.74
CA TYR Q 407 -56.95 46.47 -73.04
C TYR Q 407 -55.91 47.52 -73.44
N LEU Q 408 -55.40 48.25 -72.46
CA LEU Q 408 -54.39 49.28 -72.76
C LEU Q 408 -53.07 48.67 -73.20
N VAL Q 409 -52.72 47.50 -72.67
CA VAL Q 409 -51.47 46.85 -73.05
C VAL Q 409 -51.63 45.93 -74.25
N SER Q 410 -52.86 45.68 -74.70
CA SER Q 410 -53.08 44.85 -75.89
C SER Q 410 -53.39 45.68 -77.11
N PHE Q 411 -54.11 46.79 -76.95
CA PHE Q 411 -54.25 47.73 -78.05
C PHE Q 411 -52.93 48.45 -78.31
N GLY Q 412 -52.10 48.57 -77.27
CA GLY Q 412 -50.82 49.23 -77.44
C GLY Q 412 -49.86 48.42 -78.29
N VAL Q 413 -49.76 47.12 -78.03
CA VAL Q 413 -48.90 46.26 -78.85
C VAL Q 413 -49.52 45.95 -80.20
N TRP Q 414 -50.82 46.21 -80.37
CA TRP Q 414 -51.43 46.01 -81.68
C TRP Q 414 -51.02 47.09 -82.65
N ILE Q 415 -50.94 48.34 -82.20
CA ILE Q 415 -50.63 49.45 -83.08
C ILE Q 415 -49.16 49.51 -83.44
N ARG Q 416 -48.29 48.76 -82.76
CA ARG Q 416 -46.88 48.74 -83.13
C ARG Q 416 -46.56 47.72 -84.21
N THR Q 417 -47.30 46.61 -84.24
CA THR Q 417 -46.98 45.52 -85.16
C THR Q 417 -47.26 45.94 -86.60
N PRO Q 418 -46.50 45.40 -87.56
CA PRO Q 418 -46.75 45.73 -88.96
C PRO Q 418 -48.08 45.13 -89.40
N PRO Q 419 -48.73 45.71 -90.43
CA PRO Q 419 -50.11 45.32 -90.72
C PRO Q 419 -50.28 43.93 -91.26
N ALA Q 420 -49.23 43.31 -91.79
CA ALA Q 420 -49.35 41.97 -92.33
C ALA Q 420 -49.33 40.90 -91.25
N TYR Q 421 -48.90 41.24 -90.03
CA TYR Q 421 -48.66 40.23 -89.00
C TYR Q 421 -49.46 40.50 -87.73
N ARG Q 422 -50.43 41.40 -87.78
CA ARG Q 422 -51.33 41.73 -86.68
C ARG Q 422 -52.68 41.08 -86.90
N PRO Q 423 -53.54 41.06 -85.89
CA PRO Q 423 -54.95 40.80 -86.14
C PRO Q 423 -55.52 41.86 -87.05
N PRO Q 424 -56.49 41.49 -87.91
CA PRO Q 424 -56.87 42.40 -88.99
C PRO Q 424 -57.67 43.61 -88.53
N ASN Q 425 -58.56 43.42 -87.57
CA ASN Q 425 -59.31 44.53 -86.99
C ASN Q 425 -58.78 44.83 -85.60
N ALA Q 426 -58.94 46.08 -85.18
CA ALA Q 426 -58.41 46.53 -83.90
C ALA Q 426 -59.17 45.87 -82.75
N PRO Q 427 -58.48 45.46 -81.69
CA PRO Q 427 -59.13 44.63 -80.65
C PRO Q 427 -59.99 45.46 -79.71
N ILE Q 428 -61.16 45.90 -80.19
CA ILE Q 428 -62.02 46.78 -79.41
C ILE Q 428 -62.65 46.00 -78.26
N LEU Q 429 -63.02 46.73 -77.22
CA LEU Q 429 -63.53 46.13 -75.99
C LEU Q 429 -65.04 46.26 -75.94
N SER Q 430 -65.70 45.17 -75.56
CA SER Q 430 -67.15 45.10 -75.56
C SER Q 430 -67.58 43.93 -74.70
N THR Q 431 -68.88 43.71 -74.63
CA THR Q 431 -69.45 42.59 -73.89
C THR Q 431 -69.96 41.53 -74.85
N MET R 1 -103.30 44.71 -89.87
CA MET R 1 -103.36 44.54 -88.42
C MET R 1 -104.04 45.72 -87.75
N ASP R 2 -105.08 45.44 -86.97
CA ASP R 2 -105.82 46.46 -86.24
C ASP R 2 -105.74 46.17 -84.75
N ILE R 3 -104.90 46.93 -84.06
CA ILE R 3 -104.82 46.83 -82.61
C ILE R 3 -105.92 47.72 -82.01
N ASP R 4 -106.78 47.13 -81.21
CA ASP R 4 -107.70 47.93 -80.43
C ASP R 4 -106.92 48.63 -79.33
N PRO R 5 -107.05 49.95 -79.18
CA PRO R 5 -106.23 50.67 -78.19
C PRO R 5 -106.56 50.31 -76.76
N TYR R 6 -107.78 49.86 -76.49
CA TYR R 6 -108.22 49.60 -75.13
C TYR R 6 -108.55 48.14 -74.90
N LYS R 7 -108.06 47.23 -75.74
CA LYS R 7 -108.49 45.83 -75.67
C LYS R 7 -107.99 45.15 -74.41
N GLU R 8 -106.80 45.53 -73.97
CA GLU R 8 -106.21 44.94 -72.77
C GLU R 8 -106.85 45.46 -71.48
N PHE R 9 -107.64 46.52 -71.55
CA PHE R 9 -108.31 47.07 -70.37
C PHE R 9 -109.77 46.68 -70.33
N GLY R 10 -110.19 45.73 -71.15
CA GLY R 10 -111.53 45.18 -71.05
C GLY R 10 -112.65 46.08 -71.51
N ALA R 11 -112.36 47.12 -72.29
CA ALA R 11 -113.42 48.03 -72.70
C ALA R 11 -113.07 48.63 -74.05
N THR R 12 -113.54 47.99 -75.12
CA THR R 12 -113.17 48.34 -76.48
C THR R 12 -113.73 49.71 -76.88
N VAL R 13 -113.31 50.16 -78.07
CA VAL R 13 -113.66 51.50 -78.53
C VAL R 13 -115.14 51.61 -78.88
N GLU R 14 -115.81 50.49 -79.15
CA GLU R 14 -117.25 50.52 -79.37
C GLU R 14 -117.99 50.85 -78.08
N LEU R 15 -117.53 50.32 -76.95
CA LEU R 15 -118.13 50.64 -75.66
C LEU R 15 -117.79 52.06 -75.24
N LEU R 16 -116.57 52.52 -75.56
CA LEU R 16 -116.13 53.82 -75.12
C LEU R 16 -116.74 54.95 -75.94
N SER R 17 -117.38 54.65 -77.05
CA SER R 17 -118.10 55.65 -77.81
C SER R 17 -119.52 55.87 -77.29
N PHE R 18 -119.86 55.31 -76.13
CA PHE R 18 -121.09 55.70 -75.45
C PHE R 18 -121.03 57.15 -75.03
N LEU R 19 -119.88 57.57 -74.52
CA LEU R 19 -119.63 58.97 -74.24
C LEU R 19 -119.62 59.74 -75.55
N PRO R 20 -120.19 60.94 -75.59
CA PRO R 20 -120.24 61.70 -76.85
C PRO R 20 -118.90 62.28 -77.24
N SER R 21 -118.90 63.11 -78.28
CA SER R 21 -117.66 63.73 -78.74
C SER R 21 -117.15 64.75 -77.73
N ASP R 22 -118.02 65.64 -77.27
CA ASP R 22 -117.61 66.75 -76.42
C ASP R 22 -117.87 66.51 -74.95
N PHE R 23 -117.84 65.25 -74.49
CA PHE R 23 -117.89 65.03 -73.05
C PHE R 23 -116.49 65.17 -72.45
N PHE R 24 -115.46 64.85 -73.21
CA PHE R 24 -114.11 64.86 -72.69
C PHE R 24 -113.59 66.29 -72.58
N PRO R 25 -112.79 66.56 -71.55
CA PRO R 25 -112.18 67.89 -71.42
C PRO R 25 -111.12 68.11 -72.48
N SER R 26 -110.58 69.32 -72.48
CA SER R 26 -109.54 69.67 -73.44
C SER R 26 -108.25 68.93 -73.10
N VAL R 27 -107.32 68.93 -74.06
CA VAL R 27 -106.04 68.26 -73.86
C VAL R 27 -105.21 68.99 -72.82
N ARG R 28 -105.38 70.32 -72.74
CA ARG R 28 -104.68 71.10 -71.72
C ARG R 28 -105.17 70.75 -70.32
N ASP R 29 -106.49 70.59 -70.16
CA ASP R 29 -107.01 70.24 -68.84
C ASP R 29 -106.72 68.80 -68.46
N LEU R 30 -106.43 67.95 -69.43
CA LEU R 30 -106.09 66.57 -69.12
C LEU R 30 -104.61 66.39 -68.84
N LEU R 31 -103.74 67.21 -69.45
CA LEU R 31 -102.33 67.17 -69.08
C LEU R 31 -102.13 67.76 -67.69
N ASP R 32 -102.86 68.84 -67.37
CA ASP R 32 -102.70 69.48 -66.07
C ASP R 32 -103.32 68.64 -64.97
N THR R 33 -104.33 67.83 -65.28
CA THR R 33 -104.84 66.89 -64.28
C THR R 33 -103.87 65.73 -64.08
N ALA R 34 -103.05 65.44 -65.08
CA ALA R 34 -102.06 64.37 -64.94
C ALA R 34 -100.77 64.88 -64.32
N SER R 35 -100.32 66.07 -64.74
CA SER R 35 -99.07 66.62 -64.25
C SER R 35 -99.17 67.14 -62.83
N ALA R 36 -100.37 67.26 -62.26
CA ALA R 36 -100.53 67.68 -60.88
C ALA R 36 -100.73 66.51 -59.93
N LEU R 37 -100.91 65.32 -60.44
CA LEU R 37 -101.08 64.18 -59.55
C LEU R 37 -100.05 63.09 -59.78
N TYR R 38 -99.71 62.81 -61.04
CA TYR R 38 -98.85 61.69 -61.37
C TYR R 38 -97.60 62.15 -62.12
N ARG R 39 -97.09 63.33 -61.80
CA ARG R 39 -95.87 63.79 -62.46
C ARG R 39 -94.68 62.97 -62.02
N GLU R 40 -94.40 62.96 -60.72
CA GLU R 40 -93.22 62.26 -60.21
C GLU R 40 -93.36 60.75 -60.22
N ALA R 41 -94.52 60.21 -60.56
CA ALA R 41 -94.65 58.78 -60.79
C ALA R 41 -94.54 58.43 -62.26
N LEU R 42 -94.79 59.37 -63.18
CA LEU R 42 -94.52 59.13 -64.59
C LEU R 42 -93.04 59.30 -64.92
N GLU R 43 -92.32 60.13 -64.15
CA GLU R 43 -90.89 60.27 -64.34
C GLU R 43 -90.11 59.03 -63.95
N SER R 44 -90.67 58.19 -63.09
CA SER R 44 -89.91 57.13 -62.44
C SER R 44 -89.51 56.05 -63.44
N PRO R 45 -88.36 55.40 -63.22
CA PRO R 45 -87.94 54.30 -64.08
C PRO R 45 -88.60 52.96 -63.79
N GLU R 46 -89.67 52.93 -63.00
CA GLU R 46 -90.45 51.73 -62.80
C GLU R 46 -91.76 51.85 -63.58
N HIS R 47 -92.31 50.69 -63.95
CA HIS R 47 -93.57 50.70 -64.69
C HIS R 47 -94.74 51.06 -63.78
N CYS R 48 -94.87 50.35 -62.65
CA CYS R 48 -95.79 50.56 -61.53
C CYS R 48 -97.24 50.23 -61.85
N SER R 49 -97.57 50.03 -63.13
CA SER R 49 -98.90 49.75 -63.66
C SER R 49 -98.80 49.53 -65.17
N PRO R 50 -99.77 48.86 -65.78
CA PRO R 50 -99.89 48.90 -67.23
C PRO R 50 -100.55 50.16 -67.74
N HIS R 51 -101.00 51.04 -66.85
CA HIS R 51 -101.58 52.32 -67.25
C HIS R 51 -100.52 53.39 -67.43
N HIS R 52 -99.51 53.41 -66.55
CA HIS R 52 -98.44 54.39 -66.67
C HIS R 52 -97.64 54.17 -67.95
N THR R 53 -97.47 52.90 -68.34
CA THR R 53 -96.82 52.59 -69.60
C THR R 53 -97.65 53.09 -70.78
N ALA R 54 -98.95 52.86 -70.75
CA ALA R 54 -99.82 53.32 -71.81
C ALA R 54 -100.13 54.81 -71.73
N LEU R 55 -99.81 55.46 -70.62
CA LEU R 55 -100.01 56.90 -70.54
C LEU R 55 -98.78 57.67 -70.99
N ARG R 56 -97.58 57.13 -70.76
CA ARG R 56 -96.36 57.82 -71.17
C ARG R 56 -96.25 57.93 -72.68
N GLN R 57 -96.82 56.98 -73.42
CA GLN R 57 -96.84 57.12 -74.87
C GLN R 57 -97.87 58.16 -75.31
N ALA R 58 -98.95 58.32 -74.55
CA ALA R 58 -100.00 59.24 -74.95
C ALA R 58 -99.59 60.70 -74.75
N ILE R 59 -98.75 60.97 -73.75
CA ILE R 59 -98.20 62.31 -73.60
C ILE R 59 -97.27 62.63 -74.75
N LEU R 60 -96.47 61.65 -75.17
CA LEU R 60 -95.49 61.85 -76.22
C LEU R 60 -96.06 61.76 -77.61
N CYS R 61 -97.15 61.01 -77.80
CA CYS R 61 -97.81 60.99 -79.10
C CYS R 61 -98.45 62.33 -79.39
N TRP R 62 -99.01 62.98 -78.37
CA TRP R 62 -99.52 64.33 -78.54
C TRP R 62 -98.40 65.34 -78.66
N GLY R 63 -97.24 65.03 -78.07
CA GLY R 63 -96.11 65.94 -78.17
C GLY R 63 -95.54 66.01 -79.57
N GLU R 64 -95.40 64.87 -80.24
CA GLU R 64 -94.95 64.83 -81.62
C GLU R 64 -96.10 64.85 -82.61
N LEU R 65 -97.28 65.28 -82.18
CA LEU R 65 -98.39 65.59 -83.07
C LEU R 65 -98.64 67.09 -83.16
N MET R 66 -98.48 67.80 -82.04
CA MET R 66 -98.47 69.26 -82.10
C MET R 66 -97.21 69.78 -82.76
N THR R 67 -96.12 69.02 -82.70
CA THR R 67 -94.89 69.41 -83.36
C THR R 67 -95.07 69.44 -84.87
N LEU R 68 -95.80 68.48 -85.42
CA LEU R 68 -96.17 68.54 -86.82
C LEU R 68 -97.16 69.66 -87.07
N ALA R 69 -98.03 69.96 -86.11
CA ALA R 69 -99.10 70.92 -86.33
C ALA R 69 -98.60 72.34 -86.37
N THR R 70 -97.67 72.70 -85.49
CA THR R 70 -97.10 74.05 -85.55
C THR R 70 -96.17 74.21 -86.74
N TRP R 71 -95.53 73.12 -87.18
CA TRP R 71 -94.64 73.22 -88.33
C TRP R 71 -95.42 73.40 -89.62
N VAL R 72 -96.58 72.75 -89.75
CA VAL R 72 -97.31 72.79 -91.00
C VAL R 72 -98.16 74.05 -91.12
N GLY R 73 -98.33 74.80 -90.03
CA GLY R 73 -99.06 76.04 -90.10
C GLY R 73 -98.31 77.11 -90.88
N ASN R 74 -97.00 77.24 -90.62
CA ASN R 74 -96.17 78.22 -91.30
C ASN R 74 -95.37 77.60 -92.44
N ASN R 75 -95.92 76.58 -93.08
CA ASN R 75 -95.28 75.96 -94.25
C ASN R 75 -96.38 75.53 -95.21
N LEU R 76 -96.54 76.26 -96.30
CA LEU R 76 -97.55 75.95 -97.30
C LEU R 76 -96.91 75.28 -98.52
N ASP R 195 -103.50 77.38 -89.35
CA ASP R 195 -104.80 78.04 -89.38
C ASP R 195 -105.94 77.02 -89.40
N LEU R 196 -106.04 76.28 -90.50
CA LEU R 196 -107.00 75.17 -90.56
C LEU R 196 -106.40 73.90 -89.98
N VAL R 197 -105.08 73.77 -90.02
CA VAL R 197 -104.41 72.59 -89.50
C VAL R 197 -104.46 72.50 -87.98
N VAL R 198 -104.63 73.63 -87.29
CA VAL R 198 -104.88 73.58 -85.85
C VAL R 198 -106.35 73.32 -85.55
N ASN R 199 -107.20 73.28 -86.58
CA ASN R 199 -108.60 72.96 -86.43
C ASN R 199 -108.94 71.57 -86.93
N TYR R 200 -108.11 71.00 -87.81
CA TYR R 200 -108.31 69.63 -88.25
C TYR R 200 -107.89 68.64 -87.18
N VAL R 201 -106.91 69.00 -86.35
CA VAL R 201 -106.42 68.09 -85.33
C VAL R 201 -107.47 67.92 -84.23
N ASN R 202 -108.00 69.03 -83.71
CA ASN R 202 -108.97 68.98 -82.62
C ASN R 202 -110.32 68.41 -83.03
N THR R 203 -110.56 68.19 -84.33
CA THR R 203 -111.77 67.52 -84.78
C THR R 203 -111.54 66.01 -84.93
N ASN R 204 -110.48 65.63 -85.65
CA ASN R 204 -110.24 64.22 -85.97
C ASN R 204 -109.29 63.55 -84.98
N MET R 205 -108.07 64.05 -84.85
CA MET R 205 -107.09 63.40 -83.99
C MET R 205 -107.12 63.87 -82.55
N GLY R 206 -107.65 65.06 -82.29
CA GLY R 206 -107.78 65.51 -80.90
C GLY R 206 -108.82 64.73 -80.13
N LEU R 207 -109.81 64.17 -80.84
CA LEU R 207 -110.80 63.32 -80.19
C LEU R 207 -110.17 62.03 -79.68
N LYS R 208 -109.21 61.49 -80.41
CA LYS R 208 -108.60 60.24 -79.99
C LYS R 208 -107.61 60.43 -78.86
N ILE R 209 -106.89 61.55 -78.84
CA ILE R 209 -105.95 61.79 -77.76
C ILE R 209 -106.69 62.15 -76.48
N ARG R 210 -107.80 62.88 -76.61
CA ARG R 210 -108.62 63.19 -75.43
C ARG R 210 -109.26 61.94 -74.84
N GLN R 211 -109.53 60.93 -75.67
CA GLN R 211 -110.07 59.69 -75.14
C GLN R 211 -109.00 58.86 -74.44
N LEU R 212 -107.77 58.87 -74.96
CA LEU R 212 -106.67 58.15 -74.32
C LEU R 212 -106.31 58.79 -72.99
N LEU R 213 -106.30 60.11 -72.93
CA LEU R 213 -105.90 60.77 -71.70
C LEU R 213 -107.01 60.70 -70.65
N TRP R 214 -108.27 60.77 -71.07
CA TRP R 214 -109.35 60.69 -70.10
C TRP R 214 -109.47 59.31 -69.50
N PHE R 215 -109.26 58.27 -70.33
CA PHE R 215 -109.48 56.91 -69.85
C PHE R 215 -108.40 56.50 -68.86
N HIS R 216 -107.15 56.83 -69.17
CA HIS R 216 -106.05 56.33 -68.36
C HIS R 216 -105.86 57.11 -67.08
N ILE R 217 -106.22 58.39 -67.07
CA ILE R 217 -106.18 59.15 -65.83
C ILE R 217 -107.29 58.67 -64.89
N SER R 218 -108.48 58.43 -65.45
CA SER R 218 -109.59 57.98 -64.62
C SER R 218 -109.40 56.55 -64.13
N CYS R 219 -108.69 55.71 -64.89
CA CYS R 219 -108.37 54.39 -64.37
C CYS R 219 -107.25 54.42 -63.34
N LEU R 220 -106.37 55.41 -63.43
CA LEU R 220 -105.31 55.51 -62.44
C LEU R 220 -105.84 56.10 -61.14
N THR R 221 -106.87 56.92 -61.22
CA THR R 221 -107.41 57.60 -60.04
C THR R 221 -108.50 56.77 -59.36
N PHE R 222 -109.54 56.41 -60.10
CA PHE R 222 -110.70 55.76 -59.52
C PHE R 222 -110.64 54.24 -59.61
N GLY R 223 -109.56 53.67 -60.11
CA GLY R 223 -109.49 52.26 -60.35
C GLY R 223 -110.09 51.91 -61.70
N ARG R 224 -109.67 50.74 -62.22
CA ARG R 224 -110.09 50.36 -63.56
C ARG R 224 -111.55 49.95 -63.60
N GLU R 225 -111.99 49.13 -62.64
CA GLU R 225 -113.34 48.60 -62.67
C GLU R 225 -114.40 49.65 -62.40
N THR R 226 -114.04 50.78 -61.81
CA THR R 226 -115.01 51.87 -61.65
C THR R 226 -115.24 52.59 -62.96
N VAL R 227 -114.21 52.71 -63.79
CA VAL R 227 -114.40 53.35 -65.09
C VAL R 227 -115.21 52.47 -66.01
N LEU R 228 -115.02 51.15 -65.94
CA LEU R 228 -115.77 50.25 -66.82
C LEU R 228 -117.23 50.18 -66.41
N GLU R 229 -117.53 50.40 -65.13
CA GLU R 229 -118.91 50.60 -64.73
C GLU R 229 -119.41 51.99 -65.07
N TYR R 230 -118.50 52.95 -65.26
CA TYR R 230 -118.93 54.31 -65.59
C TYR R 230 -119.30 54.44 -67.06
N LEU R 231 -118.67 53.66 -67.94
CA LEU R 231 -119.02 53.73 -69.35
C LEU R 231 -120.39 53.12 -69.62
N VAL R 232 -120.83 52.20 -68.77
CA VAL R 232 -122.17 51.64 -68.91
C VAL R 232 -123.19 52.53 -68.22
N SER R 233 -122.82 53.11 -67.07
CA SER R 233 -123.73 53.99 -66.36
C SER R 233 -123.95 55.30 -67.10
N PHE R 234 -123.05 55.70 -67.97
CA PHE R 234 -123.34 56.79 -68.88
C PHE R 234 -124.12 56.32 -70.08
N GLY R 235 -124.03 55.02 -70.40
CA GLY R 235 -124.82 54.48 -71.49
C GLY R 235 -126.30 54.47 -71.17
N VAL R 236 -126.67 54.01 -69.97
CA VAL R 236 -128.06 54.06 -69.57
C VAL R 236 -128.52 55.48 -69.25
N TRP R 237 -127.59 56.42 -69.07
CA TRP R 237 -128.00 57.80 -68.85
C TRP R 237 -128.40 58.50 -70.13
N ILE R 238 -127.65 58.27 -71.21
CA ILE R 238 -127.89 58.99 -72.45
C ILE R 238 -128.84 58.25 -73.38
N ARG R 239 -129.13 56.99 -73.10
CA ARG R 239 -130.03 56.24 -73.97
C ARG R 239 -131.48 56.64 -73.73
N THR R 240 -131.79 57.04 -72.50
CA THR R 240 -133.15 57.41 -72.15
C THR R 240 -133.54 58.71 -72.85
N PRO R 241 -134.82 58.87 -73.20
CA PRO R 241 -135.27 60.13 -73.75
C PRO R 241 -135.24 61.21 -72.69
N PRO R 242 -135.11 62.49 -73.08
CA PRO R 242 -134.84 63.53 -72.09
C PRO R 242 -136.00 63.86 -71.17
N ALA R 243 -137.19 63.30 -71.40
CA ALA R 243 -138.29 63.49 -70.47
C ALA R 243 -138.04 62.73 -69.18
N TYR R 244 -137.32 61.61 -69.25
CA TYR R 244 -137.05 60.78 -68.09
C TYR R 244 -135.56 60.74 -67.75
N ARG R 245 -134.77 61.59 -68.35
CA ARG R 245 -133.35 61.68 -68.05
C ARG R 245 -133.13 62.64 -66.88
N PRO R 246 -132.35 62.26 -65.87
CA PRO R 246 -132.07 63.17 -64.76
C PRO R 246 -131.20 64.33 -65.20
N PRO R 247 -131.22 65.45 -64.49
CA PRO R 247 -130.41 66.59 -64.93
C PRO R 247 -128.93 66.40 -64.71
N ASN R 248 -128.55 65.64 -63.69
CA ASN R 248 -127.15 65.42 -63.39
C ASN R 248 -126.63 64.19 -64.14
N ALA R 249 -125.73 64.41 -65.09
CA ALA R 249 -125.00 63.31 -65.69
C ALA R 249 -124.13 62.66 -64.61
N PRO R 250 -123.93 61.34 -64.66
CA PRO R 250 -123.11 60.69 -63.63
C PRO R 250 -121.65 61.10 -63.73
N ILE R 251 -121.00 61.20 -62.58
CA ILE R 251 -119.65 61.71 -62.45
C ILE R 251 -118.89 60.78 -61.51
N LEU R 252 -117.64 60.45 -61.87
CA LEU R 252 -116.78 59.63 -61.03
C LEU R 252 -116.49 60.33 -59.72
N SER R 253 -117.11 59.85 -58.64
CA SER R 253 -117.20 60.62 -57.40
C SER R 253 -115.96 60.49 -56.52
N THR R 254 -115.67 59.29 -56.02
CA THR R 254 -114.63 59.12 -55.02
C THR R 254 -113.73 57.96 -55.41
N LEU R 255 -112.57 57.91 -54.75
CA LEU R 255 -111.48 57.04 -55.15
C LEU R 255 -111.58 55.65 -54.52
N MET R 285 -93.72 69.21 -68.20
CA MET R 285 -93.36 67.85 -67.83
C MET R 285 -92.66 67.13 -68.97
N ASP R 286 -91.39 66.79 -68.78
CA ASP R 286 -90.65 66.00 -69.74
C ASP R 286 -90.79 64.51 -69.43
N ILE R 287 -90.70 63.69 -70.46
CA ILE R 287 -90.75 62.24 -70.28
C ILE R 287 -90.07 61.57 -71.48
N ASP R 288 -89.19 60.61 -71.20
CA ASP R 288 -88.69 59.75 -72.26
C ASP R 288 -89.33 58.38 -72.15
N PRO R 289 -89.74 57.77 -73.27
CA PRO R 289 -90.54 56.55 -73.19
C PRO R 289 -89.75 55.31 -72.84
N TYR R 290 -88.42 55.37 -72.87
CA TYR R 290 -87.59 54.21 -72.59
C TYR R 290 -87.17 54.11 -71.14
N LYS R 291 -87.44 55.14 -70.34
CA LYS R 291 -86.82 55.27 -69.02
C LYS R 291 -87.27 54.19 -68.05
N GLU R 292 -88.48 53.67 -68.24
CA GLU R 292 -88.92 52.53 -67.44
C GLU R 292 -88.35 51.21 -67.92
N PHE R 293 -87.73 51.17 -69.10
CA PHE R 293 -87.23 49.94 -69.66
C PHE R 293 -85.75 49.72 -69.40
N GLY R 294 -85.06 50.70 -68.83
CA GLY R 294 -83.65 50.60 -68.59
C GLY R 294 -82.77 51.25 -69.63
N ALA R 295 -83.30 52.17 -70.41
CA ALA R 295 -82.51 52.92 -71.38
C ALA R 295 -83.04 54.34 -71.40
N THR R 296 -82.24 55.24 -71.95
CA THR R 296 -82.62 56.63 -72.06
C THR R 296 -82.82 57.00 -73.52
N VAL R 297 -83.16 58.27 -73.75
CA VAL R 297 -83.28 58.76 -75.11
C VAL R 297 -81.90 59.14 -75.66
N GLU R 298 -80.91 59.37 -74.81
CA GLU R 298 -79.58 59.70 -75.27
C GLU R 298 -78.65 58.48 -75.30
N LEU R 299 -78.95 57.45 -74.51
CA LEU R 299 -78.20 56.19 -74.62
C LEU R 299 -78.47 55.53 -75.96
N LEU R 300 -79.67 55.70 -76.48
CA LEU R 300 -80.08 55.08 -77.73
C LEU R 300 -79.91 56.02 -78.92
N SER R 301 -79.57 57.28 -78.68
CA SER R 301 -79.35 58.20 -79.79
C SER R 301 -77.96 58.10 -80.37
N PHE R 302 -77.12 57.19 -79.86
CA PHE R 302 -75.81 56.97 -80.45
C PHE R 302 -75.92 56.25 -81.78
N LEU R 303 -76.97 55.45 -81.97
CA LEU R 303 -77.17 54.74 -83.21
C LEU R 303 -77.46 55.74 -84.34
N PRO R 304 -76.91 55.53 -85.52
CA PRO R 304 -77.11 56.49 -86.61
C PRO R 304 -78.51 56.36 -87.19
N SER R 305 -78.85 57.34 -88.04
CA SER R 305 -80.17 57.37 -88.66
C SER R 305 -80.36 56.26 -89.68
N ASP R 306 -79.28 55.71 -90.23
CA ASP R 306 -79.36 54.64 -91.21
C ASP R 306 -79.30 53.27 -90.58
N PHE R 307 -79.49 53.17 -89.27
CA PHE R 307 -79.43 51.88 -88.60
C PHE R 307 -80.82 51.28 -88.43
N PHE R 308 -81.82 52.10 -88.28
CA PHE R 308 -83.16 51.56 -88.14
C PHE R 308 -83.78 51.30 -89.51
N PRO R 309 -84.53 50.22 -89.64
CA PRO R 309 -85.27 49.98 -90.88
C PRO R 309 -86.42 50.96 -91.03
N SER R 310 -87.07 50.90 -92.19
CA SER R 310 -88.19 51.79 -92.47
C SER R 310 -89.40 51.40 -91.62
N VAL R 311 -90.36 52.32 -91.55
CA VAL R 311 -91.57 52.07 -90.76
C VAL R 311 -92.41 50.96 -91.37
N ARG R 312 -92.32 50.75 -92.69
CA ARG R 312 -93.02 49.63 -93.29
C ARG R 312 -92.38 48.31 -92.89
N ASP R 313 -91.07 48.29 -92.77
CA ASP R 313 -90.34 47.09 -92.41
C ASP R 313 -90.46 46.74 -90.94
N LEU R 314 -90.82 47.70 -90.09
CA LEU R 314 -90.99 47.43 -88.66
C LEU R 314 -92.43 47.16 -88.27
N LEU R 315 -93.40 47.69 -89.01
CA LEU R 315 -94.77 47.26 -88.81
C LEU R 315 -94.96 45.84 -89.30
N ASP R 316 -94.35 45.49 -90.44
CA ASP R 316 -94.47 44.14 -90.97
C ASP R 316 -93.73 43.12 -90.12
N THR R 317 -92.66 43.54 -89.45
CA THR R 317 -91.99 42.65 -88.51
C THR R 317 -92.86 42.38 -87.29
N ALA R 318 -93.55 43.40 -86.80
CA ALA R 318 -94.46 43.19 -85.67
C ALA R 318 -95.73 42.49 -86.11
N SER R 319 -96.21 42.76 -87.33
CA SER R 319 -97.43 42.11 -87.81
C SER R 319 -97.21 40.64 -88.08
N ALA R 320 -95.99 40.23 -88.42
CA ALA R 320 -95.73 38.83 -88.70
C ALA R 320 -95.29 38.07 -87.45
N LEU R 321 -94.50 38.69 -86.59
CA LEU R 321 -94.04 38.00 -85.39
C LEU R 321 -95.12 37.95 -84.33
N TYR R 322 -95.70 39.11 -83.98
CA TYR R 322 -96.66 39.22 -82.89
C TYR R 322 -97.92 39.89 -83.39
N ARG R 323 -98.83 39.10 -83.98
CA ARG R 323 -100.15 39.63 -84.30
C ARG R 323 -101.20 39.17 -83.31
N GLU R 324 -101.24 37.87 -83.02
CA GLU R 324 -102.18 37.36 -82.04
C GLU R 324 -101.79 37.69 -80.61
N ALA R 325 -100.58 38.21 -80.39
CA ALA R 325 -100.19 38.68 -79.07
C ALA R 325 -100.46 40.16 -78.89
N LEU R 326 -100.32 40.95 -79.96
CA LEU R 326 -100.63 42.37 -79.86
C LEU R 326 -102.13 42.61 -79.85
N GLU R 327 -102.88 41.87 -80.65
CA GLU R 327 -104.33 41.96 -80.66
C GLU R 327 -104.98 41.13 -79.57
N SER R 328 -104.20 40.51 -78.71
CA SER R 328 -104.74 39.76 -77.59
C SER R 328 -105.33 40.72 -76.56
N PRO R 329 -106.32 40.29 -75.79
CA PRO R 329 -106.89 41.18 -74.77
C PRO R 329 -106.11 41.21 -73.46
N GLU R 330 -104.87 40.72 -73.46
CA GLU R 330 -104.04 40.74 -72.27
C GLU R 330 -102.72 41.42 -72.57
N HIS R 331 -102.30 42.33 -71.70
CA HIS R 331 -100.96 42.89 -71.78
C HIS R 331 -99.97 41.82 -71.33
N CYS R 332 -99.34 41.21 -72.33
CA CYS R 332 -98.42 40.10 -72.06
C CYS R 332 -97.11 40.59 -71.45
N SER R 333 -96.74 41.84 -71.67
CA SER R 333 -95.49 42.41 -71.21
C SER R 333 -95.61 43.91 -71.27
N PRO R 334 -94.78 44.66 -70.52
CA PRO R 334 -94.75 46.11 -70.70
C PRO R 334 -94.25 46.55 -72.06
N HIS R 335 -93.50 45.69 -72.76
CA HIS R 335 -93.11 46.01 -74.13
C HIS R 335 -94.31 45.95 -75.07
N HIS R 336 -95.26 45.05 -74.79
CA HIS R 336 -96.43 44.93 -75.66
C HIS R 336 -97.31 46.17 -75.57
N THR R 337 -97.50 46.70 -74.37
CA THR R 337 -98.32 47.88 -74.20
C THR R 337 -97.66 49.10 -74.83
N ALA R 338 -96.35 49.21 -74.74
CA ALA R 338 -95.64 50.30 -75.40
C ALA R 338 -95.64 50.13 -76.91
N LEU R 339 -95.75 48.89 -77.40
CA LEU R 339 -95.73 48.65 -78.83
C LEU R 339 -97.12 48.78 -79.44
N ARG R 340 -98.17 48.58 -78.64
CA ARG R 340 -99.52 48.80 -79.14
C ARG R 340 -99.80 50.28 -79.40
N GLN R 341 -99.18 51.17 -78.62
CA GLN R 341 -99.42 52.59 -78.83
C GLN R 341 -98.62 53.16 -79.98
N ALA R 342 -97.40 52.65 -80.20
CA ALA R 342 -96.54 53.21 -81.23
C ALA R 342 -97.07 52.92 -82.63
N ILE R 343 -97.80 51.82 -82.80
CA ILE R 343 -98.41 51.54 -84.09
C ILE R 343 -99.63 52.43 -84.29
N LEU R 344 -100.41 52.66 -83.23
CA LEU R 344 -101.57 53.51 -83.34
C LEU R 344 -101.21 54.98 -83.39
N CYS R 345 -100.13 55.38 -82.70
CA CYS R 345 -99.66 56.76 -82.82
C CYS R 345 -99.16 57.05 -84.22
N TRP R 346 -98.53 56.06 -84.87
CA TRP R 346 -98.19 56.22 -86.27
C TRP R 346 -99.42 56.21 -87.15
N GLY R 347 -100.45 55.45 -86.76
CA GLY R 347 -101.67 55.41 -87.55
C GLY R 347 -102.48 56.68 -87.47
N GLU R 348 -102.36 57.41 -86.37
CA GLU R 348 -102.99 58.73 -86.26
C GLU R 348 -102.03 59.85 -86.63
N LEU R 349 -100.94 59.53 -87.32
CA LEU R 349 -99.99 60.53 -87.76
C LEU R 349 -99.72 60.48 -89.24
N MET R 350 -99.91 59.32 -89.88
CA MET R 350 -99.87 59.28 -91.34
C MET R 350 -101.15 59.85 -91.93
N THR R 351 -102.27 59.73 -91.22
CA THR R 351 -103.51 60.31 -91.70
C THR R 351 -103.45 61.83 -91.70
N LEU R 352 -102.70 62.41 -90.77
CA LEU R 352 -102.46 63.84 -90.81
C LEU R 352 -101.58 64.21 -92.00
N ALA R 353 -100.55 63.40 -92.27
CA ALA R 353 -99.68 63.70 -93.40
C ALA R 353 -100.36 63.42 -94.73
N THR R 354 -101.33 62.51 -94.75
CA THR R 354 -102.10 62.30 -95.97
C THR R 354 -103.06 63.47 -96.21
N TRP R 355 -103.69 63.97 -95.14
CA TRP R 355 -104.66 65.06 -95.28
C TRP R 355 -103.98 66.37 -95.65
N VAL R 356 -102.76 66.60 -95.17
CA VAL R 356 -102.00 67.79 -95.56
C VAL R 356 -101.64 67.72 -97.03
N GLY R 357 -101.32 66.53 -97.54
CA GLY R 357 -100.98 66.34 -98.93
C GLY R 357 -102.12 66.51 -99.92
N ASN R 358 -103.33 66.82 -99.47
CA ASN R 358 -104.42 67.11 -100.37
C ASN R 358 -104.80 68.58 -100.28
N VAL R 375 -91.57 68.63 -98.17
CA VAL R 375 -92.93 68.22 -97.86
C VAL R 375 -92.93 67.08 -96.84
N ASN R 376 -91.96 66.17 -96.95
CA ASN R 376 -91.85 65.04 -96.04
C ASN R 376 -90.82 65.33 -94.94
N TYR R 377 -91.17 66.33 -94.12
CA TYR R 377 -90.44 66.58 -92.89
C TYR R 377 -90.70 65.50 -91.86
N VAL R 378 -91.83 64.80 -91.99
CA VAL R 378 -92.24 63.79 -91.01
C VAL R 378 -91.26 62.63 -90.95
N ASN R 379 -90.71 62.23 -92.10
CA ASN R 379 -89.77 61.12 -92.11
C ASN R 379 -88.40 61.53 -91.57
N THR R 380 -88.13 62.83 -91.48
CA THR R 380 -86.84 63.27 -91.00
C THR R 380 -86.75 63.22 -89.47
N ASN R 381 -87.79 63.69 -88.78
CA ASN R 381 -87.74 63.79 -87.33
C ASN R 381 -88.87 63.08 -86.60
N MET R 382 -90.09 63.04 -87.15
CA MET R 382 -91.13 62.25 -86.50
C MET R 382 -91.04 60.78 -86.87
N GLY R 383 -90.70 60.49 -88.14
CA GLY R 383 -90.53 59.11 -88.55
C GLY R 383 -89.32 58.46 -87.92
N LEU R 384 -88.26 59.23 -87.69
CA LEU R 384 -87.09 58.68 -87.00
C LEU R 384 -87.38 58.44 -85.53
N LYS R 385 -88.20 59.30 -84.91
CA LYS R 385 -88.54 59.10 -83.51
C LYS R 385 -89.47 57.92 -83.31
N ILE R 386 -90.23 57.53 -84.33
CA ILE R 386 -91.12 56.37 -84.23
C ILE R 386 -90.46 55.11 -84.78
N ARG R 387 -89.36 55.23 -85.50
CA ARG R 387 -88.64 54.03 -85.91
C ARG R 387 -87.92 53.40 -84.74
N GLN R 388 -87.37 54.21 -83.85
CA GLN R 388 -86.65 53.66 -82.72
C GLN R 388 -87.56 53.15 -81.62
N LEU R 389 -88.81 53.61 -81.54
CA LEU R 389 -89.77 52.96 -80.66
C LEU R 389 -90.13 51.58 -81.17
N LEU R 390 -90.32 51.45 -82.48
CA LEU R 390 -90.65 50.15 -83.04
C LEU R 390 -89.44 49.23 -83.04
N TRP R 391 -88.23 49.78 -83.19
CA TRP R 391 -87.05 48.93 -83.19
C TRP R 391 -86.75 48.41 -81.79
N PHE R 392 -86.92 49.27 -80.78
CA PHE R 392 -86.48 48.90 -79.44
C PHE R 392 -87.40 47.85 -78.82
N HIS R 393 -88.69 47.93 -79.09
CA HIS R 393 -89.61 47.01 -78.43
C HIS R 393 -89.74 45.70 -79.18
N ILE R 394 -89.48 45.69 -80.49
CA ILE R 394 -89.43 44.43 -81.23
C ILE R 394 -88.19 43.65 -80.81
N SER R 395 -87.05 44.34 -80.70
CA SER R 395 -85.82 43.66 -80.35
C SER R 395 -85.78 43.23 -78.89
N CYS R 396 -86.49 43.94 -78.01
CA CYS R 396 -86.62 43.47 -76.64
C CYS R 396 -87.60 42.33 -76.48
N LEU R 397 -88.40 42.03 -77.50
CA LEU R 397 -89.28 40.88 -77.46
C LEU R 397 -88.69 39.69 -78.21
N THR R 398 -88.03 39.92 -79.35
CA THR R 398 -87.34 38.87 -80.06
C THR R 398 -86.18 38.34 -79.21
N PHE R 399 -85.20 39.20 -78.97
CA PHE R 399 -84.13 38.90 -78.04
C PHE R 399 -84.58 39.32 -76.64
N GLY R 400 -83.73 39.10 -75.65
CA GLY R 400 -84.08 39.50 -74.30
C GLY R 400 -84.04 41.00 -74.12
N ARG R 401 -84.60 41.47 -73.00
CA ARG R 401 -84.50 42.89 -72.69
C ARG R 401 -83.06 43.24 -72.31
N GLU R 402 -82.39 42.34 -71.60
CA GLU R 402 -81.02 42.57 -71.20
C GLU R 402 -80.06 42.58 -72.38
N THR R 403 -80.26 41.68 -73.34
CA THR R 403 -79.31 41.55 -74.45
C THR R 403 -79.34 42.76 -75.38
N VAL R 404 -80.47 43.46 -75.46
CA VAL R 404 -80.46 44.73 -76.17
C VAL R 404 -79.78 45.80 -75.34
N LEU R 405 -79.95 45.76 -74.01
CA LEU R 405 -79.38 46.77 -73.15
C LEU R 405 -77.88 46.65 -73.04
N GLU R 406 -77.33 45.45 -73.27
CA GLU R 406 -75.89 45.32 -73.47
C GLU R 406 -75.47 45.53 -74.92
N TYR R 407 -76.41 45.55 -75.85
CA TYR R 407 -76.04 45.83 -77.23
C TYR R 407 -75.88 47.31 -77.50
N LEU R 408 -76.70 48.13 -76.84
CA LEU R 408 -76.62 49.57 -77.06
C LEU R 408 -75.34 50.16 -76.48
N VAL R 409 -74.85 49.60 -75.37
CA VAL R 409 -73.56 50.03 -74.85
C VAL R 409 -72.44 49.57 -75.75
N SER R 410 -72.53 48.34 -76.25
CA SER R 410 -71.48 47.81 -77.12
C SER R 410 -71.47 48.49 -78.48
N PHE R 411 -72.61 49.00 -78.93
CA PHE R 411 -72.61 49.87 -80.08
C PHE R 411 -72.01 51.23 -79.72
N GLY R 412 -72.21 51.66 -78.48
CA GLY R 412 -71.73 52.98 -78.07
C GLY R 412 -70.22 53.08 -78.05
N VAL R 413 -69.54 51.99 -77.68
CA VAL R 413 -68.07 52.00 -77.72
C VAL R 413 -67.54 51.81 -79.12
N TRP R 414 -68.38 51.41 -80.06
CA TRP R 414 -67.96 51.22 -81.45
C TRP R 414 -68.20 52.47 -82.28
N ILE R 415 -69.34 53.13 -82.08
CA ILE R 415 -69.66 54.32 -82.84
C ILE R 415 -68.83 55.51 -82.35
N ARG R 416 -68.27 55.46 -81.15
CA ARG R 416 -67.52 56.58 -80.61
C ARG R 416 -66.10 56.61 -81.15
N THR R 417 -65.50 55.44 -81.35
CA THR R 417 -64.12 55.38 -81.79
C THR R 417 -64.02 55.85 -83.25
N PRO R 418 -62.95 56.54 -83.60
CA PRO R 418 -62.81 57.05 -84.97
C PRO R 418 -62.54 55.91 -85.95
N PRO R 419 -62.67 56.16 -87.26
CA PRO R 419 -62.30 55.13 -88.23
C PRO R 419 -60.81 54.83 -88.18
N ALA R 420 -60.48 53.62 -88.68
CA ALA R 420 -59.17 52.98 -88.57
C ALA R 420 -58.73 52.80 -87.13
N TYR R 421 -59.68 52.69 -86.21
CA TYR R 421 -59.41 52.21 -84.87
C TYR R 421 -60.49 51.28 -84.35
N ARG R 422 -61.55 51.05 -85.12
CA ARG R 422 -62.62 50.14 -84.80
C ARG R 422 -62.65 49.01 -85.81
N PRO R 423 -63.25 47.87 -85.46
CA PRO R 423 -63.49 46.84 -86.46
C PRO R 423 -64.38 47.36 -87.58
N PRO R 424 -64.12 46.95 -88.82
CA PRO R 424 -64.78 47.59 -89.97
C PRO R 424 -66.26 47.26 -90.07
N ASN R 425 -66.67 46.15 -89.46
CA ASN R 425 -68.07 45.79 -89.39
C ASN R 425 -68.67 46.34 -88.12
N ALA R 426 -69.98 46.56 -88.16
CA ALA R 426 -70.72 47.01 -87.01
C ALA R 426 -70.95 45.86 -86.03
N PRO R 427 -71.22 46.16 -84.75
CA PRO R 427 -71.59 45.08 -83.82
C PRO R 427 -72.95 44.49 -84.15
N ILE R 428 -73.02 43.16 -84.17
CA ILE R 428 -74.22 42.48 -84.60
C ILE R 428 -75.03 42.04 -83.39
N LEU R 429 -76.35 42.22 -83.48
CA LEU R 429 -77.28 41.81 -82.43
C LEU R 429 -77.90 40.48 -82.82
N SER R 430 -77.64 39.46 -82.01
CA SER R 430 -78.24 38.14 -82.22
C SER R 430 -78.23 37.39 -80.89
N THR R 431 -78.84 36.20 -80.91
CA THR R 431 -78.94 35.25 -79.79
C THR R 431 -79.62 35.78 -78.54
#